data_7JZW
#
_entry.id   7JZW
#
_cell.length_a   1.00
_cell.length_b   1.00
_cell.length_c   1.00
_cell.angle_alpha   90.00
_cell.angle_beta   90.00
_cell.angle_gamma   90.00
#
_symmetry.space_group_name_H-M   'P 1'
#
loop_
_entity.id
_entity.type
_entity.pdbx_description
1 polymer 'CRISPR type I-F/YPEST-associated protein Csy1'
2 polymer 'CRISPR-associated endonuclease Cas6/Csy4'
3 polymer 'CRISPR type I-F/YPEST-associated protein Csy2'
4 polymer 'CRISPR type I-F/YPEST-associated protein Csy3'
5 polymer 'Type I-F anti-CRISPR protein'
6 polymer 'CRISPR repeat sequence'
#
loop_
_entity_poly.entity_id
_entity_poly.type
_entity_poly.pdbx_seq_one_letter_code
_entity_poly.pdbx_strand_id
1 'polypeptide(L)'
;MTSPLPTPTWQELRQFIESFIQERLQGKLDKLQPDEDDKRQTLLATHRREAWLADAARRVGQLQLVTHTLKPIHPDARGS
NLHSLPQAPGQPGLAGSHELGDRLVSDVVGNAAALDVFKFLSLQYQGKNLLNWLTEDSAEALQALSDNAEQAREWRQAFI
GITTVKGAPASHSLAKQLYFPLPGSGYHLLAPLFPTSLVHHVHALLREARFGDAAKAAREARSRQESWPHGFSEYPNLAI
QKFGGTKPQNISQLNNERRGENWLLPSLPPNWQRQNVNAPMRHSSVFAHDFGRTPEVSRLTRTLQRFLAKTVHNNLAIRQ
RRAQLVAQICDEALQYAARLRELEPGWSATPGCQLHDAEQLWLDPLRAQTDETFLQRRLRGDWPAEVGNRFANWLNRAVS
SDSQILGSPEAAQWSQELSKELTMFKEILEDERD
;
A
2 'polypeptide(L)'
;MDHYLDIRLRPDPEFPPAQLMSVLFGKLHQALVAQGGDRIGVSFPDLDESRSRLGERLRIHASADDLRALLARPWLEGLR
DHLQFGEPAVVPHPTPYRQVSRVQAKSNPERLRRRLMRRHDLSEEEARKRIPDTVARALDLPFVTLRSQSTGQHFRLFIR
HGPLQVTAEEGGFTCYGLSKGGFVPWF
;
C
3 'polypeptide(L)'
;MAMSVTDPEALLLLPRLSIQNANAISSPLTWGFPSPGAFTGFVHALQRRVGISLDIELDGVGIVCHRFEAQISQPAGKRT
KVFNLTRNPLNRDGSTAAIVEEGRAHLEVSLLLGVHGDGLDDHPAQEIARQVQEQAGAMRLAGGSILPWCNERFPAPNAE
LLMLGGSDEQRRKNQRRLTRRLLPGFALVSREALLQQHLETLRTTLPEATTLDALLDLCRINFEPPATSSEEEASPPDAA
WQVRDKPGWLVPIPAGYNALSPLYLPGEVRNARDRETPLRFVENLFGLGEWLSPHRVAALSDLLWYHHAEPDKGLYRWST
PRFVEHAIA
;
B
4 'polypeptide(L)'
;MAMSKPILSTASVLAFERKLDPSDALMSAGAWAQRDASQEWPAVTVREKSVRGTISNRLKTKDRDPAKLDASIQSPNLQT
VDVANLPSDADTLKVRFTLRVLGGAGTPSACNDAAYRDKLLQTVATYVNDQGFAELARRYAHNLANARFLWRNRVGAEAV
EVRINHIRQGEVARAWRFDALAIGLRDFKADAELDALAELIASGLSGSGHVLLEVVAFARIGDGQEVFPSQELILDKGDK
KGQKSKTLYSVRDAAAIHSQKIGNALRTIDTWYPDEDGLGPIAVEPYGSVTSQGKAYRQPKQKLDFYTLLDNWVLRDEAP
AVEQQHYVIANLIRGGVFGEAEEK
;
E,D,F,G,H,I
5 'polypeptide(L)'
;MMTISKTDIDCYLQTYVVIDPVSNGWQWGIDENGVGGALHHGRVEMVEGENGYFGLRGATHPTEKEAMAAALGYLWKCRQ
DLVAIARNDAIEAEKYRAKA
;
J
6 'polyribonucleotide' CUAAGAAAUUCACGGCGGGCUUGAUGUCCGCGUCUACCUGAUUCACUGCCGUAUAGGCAGC M
#
loop_
_chem_comp.id
_chem_comp.type
_chem_comp.name
_chem_comp.formula
A RNA linking ADENOSINE-5'-MONOPHOSPHATE 'C10 H14 N5 O7 P'
C RNA linking CYTIDINE-5'-MONOPHOSPHATE 'C9 H14 N3 O8 P'
G RNA linking GUANOSINE-5'-MONOPHOSPHATE 'C10 H14 N5 O8 P'
U RNA linking URIDINE-5'-MONOPHOSPHATE 'C9 H13 N2 O9 P'
#
# COMPACT_ATOMS: atom_id res chain seq x y z
N PRO A 8 0.64 -73.91 13.26
CA PRO A 8 2.03 -74.37 13.35
C PRO A 8 2.19 -75.84 13.01
N THR A 9 1.12 -76.47 12.52
CA THR A 9 1.22 -77.83 12.01
C THR A 9 1.54 -77.77 10.52
N TRP A 10 2.37 -78.71 10.04
CA TRP A 10 2.81 -78.68 8.65
C TRP A 10 1.69 -79.00 7.67
N GLN A 11 0.64 -79.67 8.15
CA GLN A 11 -0.49 -80.02 7.27
C GLN A 11 -1.30 -78.78 6.90
N GLU A 12 -1.54 -77.89 7.86
CA GLU A 12 -2.33 -76.69 7.56
C GLU A 12 -1.51 -75.70 6.73
N LEU A 13 -0.19 -75.69 6.90
CA LEU A 13 0.65 -74.85 6.05
C LEU A 13 0.73 -75.41 4.63
N ARG A 14 0.71 -76.75 4.50
CA ARG A 14 0.61 -77.38 3.19
C ARG A 14 -0.72 -77.05 2.52
N GLN A 15 -1.80 -77.05 3.31
CA GLN A 15 -3.10 -76.64 2.81
C GLN A 15 -3.10 -75.19 2.35
N PHE A 16 -2.39 -74.33 3.08
CA PHE A 16 -2.33 -72.91 2.72
C PHE A 16 -1.53 -72.67 1.45
N ILE A 17 -0.43 -73.38 1.25
CA ILE A 17 0.38 -73.15 0.05
C ILE A 17 -0.32 -73.73 -1.19
N GLU A 18 -0.96 -74.91 -1.06
CA GLU A 18 -1.73 -75.43 -2.20
C GLU A 18 -2.97 -74.59 -2.47
N SER A 19 -3.55 -73.99 -1.42
CA SER A 19 -4.69 -73.10 -1.62
C SER A 19 -4.28 -71.83 -2.33
N PHE A 20 -3.09 -71.30 -2.01
CA PHE A 20 -2.62 -70.08 -2.68
C PHE A 20 -2.30 -70.34 -4.15
N ILE A 21 -1.66 -71.48 -4.46
CA ILE A 21 -1.34 -71.74 -5.86
C ILE A 21 -2.61 -72.12 -6.63
N GLN A 22 -3.62 -72.66 -5.94
CA GLN A 22 -4.89 -72.93 -6.60
C GLN A 22 -5.68 -71.65 -6.81
N GLU A 23 -5.52 -70.67 -5.92
CA GLU A 23 -6.10 -69.35 -6.16
C GLU A 23 -5.44 -68.66 -7.33
N ARG A 24 -4.13 -68.84 -7.50
CA ARG A 24 -3.47 -68.28 -8.68
C ARG A 24 -3.88 -69.04 -9.95
N LEU A 25 -4.18 -70.33 -9.82
CA LEU A 25 -4.74 -71.10 -10.93
C LEU A 25 -6.09 -70.56 -11.36
N GLN A 26 -7.00 -70.35 -10.41
CA GLN A 26 -8.32 -69.85 -10.79
C GLN A 26 -8.24 -68.40 -11.23
N GLY A 27 -7.23 -67.66 -10.75
CA GLY A 27 -7.02 -66.30 -11.22
C GLY A 27 -6.57 -66.25 -12.67
N LYS A 28 -5.63 -67.11 -13.06
CA LYS A 28 -5.20 -67.12 -14.46
C LYS A 28 -6.27 -67.72 -15.38
N LEU A 29 -7.03 -68.71 -14.88
CA LEU A 29 -8.09 -69.27 -15.71
C LEU A 29 -9.32 -68.36 -15.75
N ASP A 30 -9.40 -67.39 -14.84
CA ASP A 30 -10.45 -66.37 -14.96
C ASP A 30 -10.01 -65.24 -15.88
N LYS A 31 -8.83 -64.68 -15.65
CA LYS A 31 -8.26 -63.67 -16.54
C LYS A 31 -7.33 -64.30 -17.59
N LEU A 32 -7.82 -65.34 -18.24
CA LEU A 32 -7.15 -65.92 -19.41
C LEU A 32 -7.97 -65.83 -20.68
N GLN A 33 -9.29 -66.04 -20.60
CA GLN A 33 -10.27 -66.02 -21.68
C GLN A 33 -9.88 -66.98 -22.80
N PRO A 34 -9.44 -68.20 -22.47
CA PRO A 34 -9.07 -69.16 -23.51
C PRO A 34 -10.22 -70.07 -23.91
N ASP A 35 -10.29 -70.35 -25.20
CA ASP A 35 -11.26 -71.30 -25.75
C ASP A 35 -10.62 -72.39 -26.59
N GLU A 36 -9.41 -72.20 -27.08
CA GLU A 36 -8.71 -73.21 -27.87
C GLU A 36 -7.24 -73.19 -27.43
N ASP A 37 -6.39 -73.85 -28.24
CA ASP A 37 -4.93 -73.94 -28.16
C ASP A 37 -4.43 -74.73 -26.95
N ASP A 38 -5.31 -75.21 -26.07
CA ASP A 38 -4.98 -76.10 -24.94
C ASP A 38 -3.96 -75.48 -23.99
N LYS A 39 -4.28 -74.30 -23.47
CA LYS A 39 -3.42 -73.65 -22.50
C LYS A 39 -3.59 -74.21 -21.09
N ARG A 40 -4.67 -74.96 -20.85
CA ARG A 40 -4.93 -75.53 -19.53
C ARG A 40 -3.91 -76.60 -19.15
N GLN A 41 -3.37 -77.32 -20.15
CA GLN A 41 -2.40 -78.39 -19.86
C GLN A 41 -1.07 -77.81 -19.37
N THR A 42 -0.50 -76.85 -20.11
CA THR A 42 0.74 -76.22 -19.66
C THR A 42 0.51 -75.34 -18.44
N LEU A 43 -0.69 -74.79 -18.31
CA LEU A 43 -1.04 -73.99 -17.13
C LEU A 43 -1.09 -74.82 -15.86
N LEU A 44 -1.71 -76.01 -15.90
CA LEU A 44 -1.73 -76.91 -14.76
C LEU A 44 -0.44 -77.73 -14.63
N ALA A 45 0.42 -77.71 -15.64
CA ALA A 45 1.73 -78.33 -15.52
C ALA A 45 2.75 -77.38 -14.90
N THR A 46 2.56 -76.07 -15.07
CA THR A 46 3.52 -75.10 -14.56
C THR A 46 3.14 -74.57 -13.18
N HIS A 47 1.91 -74.10 -13.02
CA HIS A 47 1.50 -73.39 -11.81
C HIS A 47 0.55 -74.19 -10.93
N ARG A 48 0.50 -75.50 -11.06
CA ARG A 48 -0.38 -76.28 -10.18
C ARG A 48 0.34 -77.35 -9.39
N ARG A 49 1.47 -77.85 -9.90
CA ARG A 49 2.24 -78.86 -9.19
C ARG A 49 3.23 -78.17 -8.25
N GLU A 50 4.15 -78.95 -7.68
CA GLU A 50 5.19 -78.40 -6.81
C GLU A 50 6.40 -77.90 -7.60
N ALA A 51 6.35 -77.94 -8.92
CA ALA A 51 7.36 -77.31 -9.76
C ALA A 51 7.24 -75.79 -9.78
N TRP A 52 6.10 -75.25 -9.34
CA TRP A 52 5.98 -73.81 -9.14
C TRP A 52 6.91 -73.34 -8.04
N LEU A 53 7.15 -74.18 -7.03
CA LEU A 53 8.14 -73.82 -6.01
C LEU A 53 9.57 -73.92 -6.55
N ALA A 54 9.82 -74.80 -7.53
CA ALA A 54 11.12 -74.83 -8.17
C ALA A 54 11.33 -73.58 -9.04
N ASP A 55 10.26 -73.13 -9.70
CA ASP A 55 10.34 -71.89 -10.45
C ASP A 55 10.45 -70.68 -9.52
N ALA A 56 9.89 -70.78 -8.32
CA ALA A 56 10.07 -69.71 -7.33
C ALA A 56 11.48 -69.71 -6.78
N ALA A 57 12.09 -70.90 -6.65
CA ALA A 57 13.49 -70.98 -6.24
C ALA A 57 14.42 -70.53 -7.37
N ARG A 58 13.90 -70.50 -8.60
CA ARG A 58 14.62 -69.82 -9.68
C ARG A 58 14.42 -68.30 -9.60
N ARG A 59 13.20 -67.86 -9.26
CA ARG A 59 12.85 -66.46 -9.36
C ARG A 59 13.23 -65.64 -8.13
N VAL A 60 13.68 -66.28 -7.05
CA VAL A 60 14.15 -65.52 -5.88
C VAL A 60 15.40 -64.69 -6.20
N GLY A 61 16.20 -65.10 -7.17
CA GLY A 61 17.41 -64.37 -7.48
C GLY A 61 17.15 -63.05 -8.20
N GLN A 62 15.99 -62.95 -8.84
CA GLN A 62 15.67 -61.71 -9.55
C GLN A 62 15.14 -60.64 -8.61
N LEU A 63 14.40 -61.03 -7.57
CA LEU A 63 13.86 -60.10 -6.59
C LEU A 63 14.83 -59.92 -5.44
N GLN A 64 14.59 -58.88 -4.64
CA GLN A 64 15.37 -58.61 -3.45
C GLN A 64 14.60 -57.72 -2.48
N LEU A 65 14.43 -58.19 -1.24
CA LEU A 65 13.92 -57.33 -0.19
C LEU A 65 14.92 -56.22 0.11
N VAL A 66 14.52 -54.98 -0.14
CA VAL A 66 15.41 -53.85 0.04
C VAL A 66 14.77 -52.83 0.97
N THR A 67 15.62 -52.11 1.69
CA THR A 67 15.22 -51.03 2.56
C THR A 67 15.76 -49.69 2.07
N HIS A 68 16.95 -49.69 1.46
CA HIS A 68 17.55 -48.52 0.83
C HIS A 68 17.97 -48.90 -0.59
N THR A 69 17.14 -48.54 -1.56
CA THR A 69 17.47 -48.86 -2.95
C THR A 69 18.12 -47.68 -3.64
N LEU A 70 18.74 -47.92 -4.80
CA LEU A 70 19.50 -46.82 -5.49
C LEU A 70 18.72 -46.27 -6.69
N LYS A 71 17.73 -47.03 -7.17
CA LYS A 71 16.92 -46.64 -8.32
C LYS A 71 16.23 -45.27 -8.30
N PRO A 72 15.90 -44.66 -7.14
CA PRO A 72 15.43 -43.27 -7.20
C PRO A 72 16.48 -42.27 -7.64
N ILE A 73 17.74 -42.44 -7.22
CA ILE A 73 18.82 -41.80 -7.96
C ILE A 73 18.85 -42.43 -9.34
N HIS A 74 19.33 -41.66 -10.35
CA HIS A 74 19.06 -41.73 -11.80
C HIS A 74 18.86 -43.15 -12.32
N PRO A 75 17.69 -43.48 -12.88
CA PRO A 75 17.28 -44.89 -12.97
C PRO A 75 18.05 -45.76 -13.96
N ASP A 76 19.06 -45.22 -14.66
CA ASP A 76 20.04 -46.07 -15.33
C ASP A 76 21.29 -46.18 -14.45
N ALA A 77 21.05 -46.59 -13.20
CA ALA A 77 22.16 -46.81 -12.26
C ALA A 77 22.02 -48.21 -11.70
N ARG A 78 22.96 -49.08 -12.07
CA ARG A 78 22.94 -50.48 -11.63
C ARG A 78 23.99 -50.66 -10.54
N GLY A 79 23.56 -50.38 -9.32
CA GLY A 79 24.41 -50.48 -8.15
C GLY A 79 23.98 -51.59 -7.22
N SER A 80 24.27 -51.41 -5.94
CA SER A 80 23.90 -52.37 -4.93
C SER A 80 22.87 -51.75 -3.99
N ASN A 81 21.77 -52.46 -3.80
CA ASN A 81 20.70 -52.05 -2.91
C ASN A 81 20.83 -52.82 -1.61
N LEU A 82 20.36 -52.21 -0.52
CA LEU A 82 20.62 -52.75 0.81
C LEU A 82 19.32 -52.93 1.57
N HIS A 83 19.18 -54.08 2.23
CA HIS A 83 18.26 -54.21 3.35
C HIS A 83 19.06 -54.10 4.63
N SER A 84 19.45 -52.87 4.94
CA SER A 84 20.25 -52.60 6.11
C SER A 84 19.48 -51.67 7.03
N LEU A 85 19.46 -52.00 8.32
CA LEU A 85 18.90 -51.12 9.31
C LEU A 85 20.04 -50.46 10.05
N PRO A 86 20.14 -49.14 10.04
CA PRO A 86 21.25 -48.46 10.70
C PRO A 86 21.12 -48.52 12.21
N GLN A 87 22.26 -48.41 12.89
CA GLN A 87 22.25 -48.30 14.34
C GLN A 87 21.83 -46.89 14.73
N ALA A 88 21.31 -46.76 15.94
CA ALA A 88 20.81 -45.46 16.37
C ALA A 88 21.97 -44.58 16.82
N PRO A 89 21.94 -43.28 16.53
CA PRO A 89 22.90 -42.36 17.13
C PRO A 89 22.67 -42.22 18.64
N GLY A 90 23.78 -42.17 19.37
CA GLY A 90 23.70 -41.88 20.78
C GLY A 90 23.46 -40.41 21.04
N GLN A 91 23.78 -39.56 20.07
CA GLN A 91 23.62 -38.13 20.24
C GLN A 91 22.15 -37.74 20.11
N PRO A 92 21.67 -36.77 20.88
CA PRO A 92 20.23 -36.51 20.93
C PRO A 92 19.75 -35.73 19.73
N GLY A 93 18.44 -35.75 19.53
CA GLY A 93 17.85 -34.96 18.48
C GLY A 93 17.52 -35.74 17.23
N LEU A 94 18.44 -35.68 16.28
CA LEU A 94 18.23 -36.17 14.93
C LEU A 94 18.04 -37.68 14.87
N ALA A 95 17.25 -38.12 13.89
CA ALA A 95 17.14 -39.52 13.48
C ALA A 95 16.39 -39.65 12.17
N GLY A 96 16.63 -40.77 11.48
CA GLY A 96 15.83 -41.22 10.36
C GLY A 96 16.13 -42.65 9.97
N SER A 97 15.09 -43.42 9.66
CA SER A 97 15.05 -44.76 9.07
C SER A 97 15.55 -45.88 9.98
N HIS A 98 16.04 -45.60 11.17
CA HIS A 98 16.22 -46.62 12.18
C HIS A 98 15.14 -46.55 13.24
N GLU A 99 14.21 -45.60 13.11
CA GLU A 99 13.08 -45.51 14.02
C GLU A 99 12.04 -46.57 13.71
N LEU A 100 12.10 -47.16 12.52
CA LEU A 100 11.18 -48.21 12.11
C LEU A 100 11.51 -49.52 12.82
N GLY A 101 10.79 -49.83 13.91
CA GLY A 101 11.06 -51.04 14.65
C GLY A 101 10.23 -52.23 14.19
N ASP A 102 8.91 -52.08 14.19
CA ASP A 102 8.01 -53.07 13.64
C ASP A 102 7.31 -52.60 12.37
N ARG A 103 7.49 -51.33 12.01
CA ARG A 103 6.75 -50.69 10.93
C ARG A 103 7.53 -50.67 9.62
N LEU A 104 8.49 -51.57 9.44
CA LEU A 104 9.17 -51.69 8.16
C LEU A 104 8.23 -52.22 7.09
N VAL A 105 8.37 -51.70 5.88
CA VAL A 105 7.50 -52.13 4.79
C VAL A 105 8.24 -53.07 3.83
N SER A 106 9.57 -53.01 3.82
CA SER A 106 10.46 -53.96 3.12
C SER A 106 10.19 -53.98 1.61
N ASP A 107 10.57 -52.87 0.97
CA ASP A 107 10.52 -52.71 -0.47
C ASP A 107 11.19 -53.83 -1.25
N VAL A 108 10.71 -54.08 -2.48
CA VAL A 108 11.20 -55.14 -3.35
C VAL A 108 11.53 -54.51 -4.69
N VAL A 109 12.76 -54.71 -5.15
CA VAL A 109 13.14 -54.31 -6.50
C VAL A 109 13.38 -55.57 -7.33
N GLY A 110 13.31 -55.41 -8.65
CA GLY A 110 13.48 -56.49 -9.59
C GLY A 110 12.37 -56.49 -10.60
N ASN A 111 12.08 -57.68 -11.14
CA ASN A 111 11.07 -57.82 -12.19
C ASN A 111 9.67 -57.70 -11.58
N ALA A 112 8.79 -56.99 -12.29
CA ALA A 112 7.41 -56.84 -11.85
C ALA A 112 6.60 -58.11 -12.08
N ALA A 113 6.96 -58.92 -13.08
CA ALA A 113 6.27 -60.18 -13.29
C ALA A 113 6.80 -61.29 -12.39
N ALA A 114 7.81 -61.00 -11.57
CA ALA A 114 8.39 -61.99 -10.66
C ALA A 114 7.92 -61.78 -9.23
N LEU A 115 7.02 -60.83 -8.99
CA LEU A 115 6.57 -60.51 -7.64
C LEU A 115 5.63 -61.54 -7.04
N ASP A 116 5.32 -62.63 -7.76
CA ASP A 116 4.54 -63.72 -7.18
C ASP A 116 5.27 -64.37 -6.02
N VAL A 117 6.60 -64.41 -6.07
CA VAL A 117 7.38 -64.94 -4.95
C VAL A 117 7.23 -64.03 -3.74
N PHE A 118 7.14 -62.71 -3.95
CA PHE A 118 6.99 -61.81 -2.81
C PHE A 118 5.57 -61.86 -2.25
N LYS A 119 4.57 -62.03 -3.11
CA LYS A 119 3.21 -62.24 -2.61
C LYS A 119 3.11 -63.57 -1.86
N PHE A 120 3.91 -64.57 -2.25
CA PHE A 120 3.94 -65.81 -1.51
C PHE A 120 4.68 -65.67 -0.18
N LEU A 121 5.68 -64.80 -0.13
CA LEU A 121 6.43 -64.63 1.12
C LEU A 121 5.72 -63.68 2.07
N SER A 122 4.75 -62.91 1.57
CA SER A 122 4.11 -61.93 2.45
C SER A 122 2.92 -62.50 3.21
N LEU A 123 2.77 -63.82 3.28
CA LEU A 123 1.63 -64.40 3.99
C LEU A 123 1.89 -64.45 5.49
N GLN A 124 0.82 -64.22 6.25
CA GLN A 124 0.91 -64.18 7.71
C GLN A 124 0.29 -65.42 8.34
N TYR A 125 0.62 -66.60 7.79
CA TYR A 125 -0.10 -67.89 7.94
C TYR A 125 -0.35 -68.25 9.40
N GLN A 126 0.69 -68.43 10.23
CA GLN A 126 0.42 -68.85 11.61
C GLN A 126 0.32 -67.66 12.56
N GLY A 127 1.42 -66.94 12.75
CA GLY A 127 1.40 -65.73 13.55
C GLY A 127 2.38 -64.70 13.04
N LYS A 128 3.06 -65.03 11.95
CA LYS A 128 4.20 -64.28 11.48
C LYS A 128 4.37 -64.54 9.99
N ASN A 129 5.36 -63.89 9.39
CA ASN A 129 5.65 -64.12 7.99
C ASN A 129 6.35 -65.47 7.83
N LEU A 130 6.26 -66.02 6.61
CA LEU A 130 6.93 -67.28 6.33
C LEU A 130 8.44 -67.06 6.16
N LEU A 131 8.82 -65.82 5.86
CA LEU A 131 10.23 -65.41 5.80
C LEU A 131 10.93 -65.61 7.15
N ASN A 132 10.37 -65.03 8.21
CA ASN A 132 10.97 -65.16 9.54
C ASN A 132 10.83 -66.57 10.08
N TRP A 133 9.84 -67.32 9.58
CA TRP A 133 9.76 -68.75 9.89
C TRP A 133 10.87 -69.51 9.18
N LEU A 134 11.34 -68.98 8.06
CA LEU A 134 12.42 -69.64 7.32
C LEU A 134 13.79 -69.23 7.83
N THR A 135 13.86 -68.10 8.56
CA THR A 135 15.13 -67.71 9.17
C THR A 135 15.53 -68.67 10.29
N GLU A 136 14.65 -68.90 11.25
CA GLU A 136 14.98 -69.69 12.43
C GLU A 136 14.79 -71.16 12.13
N ASP A 137 15.54 -72.02 12.83
CA ASP A 137 15.37 -73.45 12.69
C ASP A 137 14.11 -73.92 13.42
N SER A 138 13.21 -74.56 12.68
CA SER A 138 11.96 -75.03 13.27
C SER A 138 11.59 -76.35 12.61
N ALA A 139 10.82 -77.15 13.34
CA ALA A 139 10.39 -78.45 12.83
C ALA A 139 9.29 -78.29 11.79
N GLU A 140 8.35 -77.35 12.02
CA GLU A 140 7.29 -77.11 11.05
C GLU A 140 7.85 -76.45 9.79
N ALA A 141 8.89 -75.64 9.94
CA ALA A 141 9.63 -75.15 8.79
C ALA A 141 10.41 -76.28 8.16
N LEU A 142 10.70 -76.13 6.86
CA LEU A 142 11.53 -77.00 6.02
C LEU A 142 10.96 -78.39 5.80
N GLN A 143 9.74 -78.65 6.26
CA GLN A 143 9.12 -79.97 6.12
C GLN A 143 7.75 -79.90 5.46
N ALA A 144 7.05 -78.76 5.61
CA ALA A 144 5.71 -78.63 5.05
C ALA A 144 5.75 -78.52 3.54
N LEU A 145 6.79 -77.90 3.00
CA LEU A 145 6.84 -77.52 1.59
C LEU A 145 7.63 -78.55 0.80
N SER A 146 7.84 -79.73 1.37
CA SER A 146 8.65 -80.75 0.71
C SER A 146 8.38 -82.17 1.17
N ASP A 147 8.90 -83.13 0.42
CA ASP A 147 8.93 -84.53 0.81
C ASP A 147 10.34 -85.07 0.86
N ASN A 148 11.32 -84.29 0.38
CA ASN A 148 12.73 -84.65 0.44
C ASN A 148 13.45 -83.64 1.33
N ALA A 149 14.55 -84.08 1.95
CA ALA A 149 15.23 -83.24 2.92
C ALA A 149 16.18 -82.24 2.26
N GLU A 150 17.09 -82.75 1.42
CA GLU A 150 18.12 -81.91 0.81
C GLU A 150 17.52 -80.92 -0.18
N GLN A 151 16.42 -81.32 -0.86
CA GLN A 151 15.69 -80.40 -1.71
C GLN A 151 15.07 -79.28 -0.89
N ALA A 152 14.62 -79.59 0.33
CA ALA A 152 14.10 -78.53 1.19
C ALA A 152 15.21 -77.64 1.71
N ARG A 153 16.42 -78.19 1.90
CA ARG A 153 17.57 -77.37 2.28
C ARG A 153 17.94 -76.38 1.19
N GLU A 154 18.00 -76.84 -0.07
CA GLU A 154 18.37 -75.92 -1.14
C GLU A 154 17.23 -74.96 -1.47
N TRP A 155 15.98 -75.37 -1.23
CA TRP A 155 14.86 -74.44 -1.36
C TRP A 155 14.90 -73.37 -0.26
N ARG A 156 15.34 -73.74 0.94
CA ARG A 156 15.51 -72.75 2.00
C ARG A 156 16.63 -71.79 1.67
N GLN A 157 17.75 -72.30 1.13
CA GLN A 157 18.87 -71.44 0.78
C GLN A 157 18.56 -70.56 -0.42
N ALA A 158 17.58 -70.96 -1.24
CA ALA A 158 17.09 -70.06 -2.27
C ALA A 158 16.14 -69.02 -1.70
N PHE A 159 15.20 -69.44 -0.85
CA PHE A 159 14.10 -68.56 -0.44
C PHE A 159 14.56 -67.55 0.60
N ILE A 160 15.60 -67.87 1.36
CA ILE A 160 16.15 -66.94 2.34
C ILE A 160 17.05 -65.90 1.68
N GLY A 161 17.38 -66.07 0.40
CA GLY A 161 18.26 -65.15 -0.29
C GLY A 161 17.59 -63.90 -0.82
N ILE A 162 16.34 -63.64 -0.45
CA ILE A 162 15.65 -62.44 -0.91
C ILE A 162 16.04 -61.25 -0.04
N THR A 163 16.61 -61.51 1.13
CA THR A 163 17.09 -60.46 2.00
C THR A 163 18.61 -60.34 2.02
N THR A 164 19.28 -61.07 1.14
CA THR A 164 20.74 -61.03 1.03
C THR A 164 21.12 -60.27 -0.24
N VAL A 165 22.08 -59.36 -0.10
CA VAL A 165 22.52 -58.57 -1.25
C VAL A 165 23.29 -59.45 -2.22
N LYS A 166 22.96 -59.35 -3.49
CA LYS A 166 23.57 -60.17 -4.54
C LYS A 166 24.64 -59.37 -5.24
N GLY A 167 25.86 -59.92 -5.28
CA GLY A 167 26.97 -59.29 -5.96
C GLY A 167 27.91 -58.55 -5.02
N ALA A 168 29.01 -58.09 -5.61
CA ALA A 168 29.95 -57.24 -4.90
C ALA A 168 29.29 -55.88 -4.59
N PRO A 169 29.71 -55.19 -3.54
CA PRO A 169 29.11 -53.88 -3.24
C PRO A 169 29.51 -52.86 -4.31
N ALA A 170 28.51 -52.14 -4.81
CA ALA A 170 28.75 -51.24 -5.93
C ALA A 170 27.75 -50.10 -5.88
N SER A 171 28.25 -48.90 -6.14
CA SER A 171 27.42 -47.73 -6.39
C SER A 171 27.84 -47.16 -7.72
N HIS A 172 26.87 -46.97 -8.62
CA HIS A 172 27.14 -46.63 -10.01
C HIS A 172 27.73 -45.24 -10.15
N SER A 173 28.24 -44.96 -11.36
CA SER A 173 28.67 -43.60 -11.71
C SER A 173 27.51 -42.62 -11.65
N LEU A 174 26.30 -43.09 -11.95
CA LEU A 174 25.14 -42.21 -11.86
C LEU A 174 24.67 -42.06 -10.42
N ALA A 175 25.15 -42.92 -9.53
CA ALA A 175 24.80 -42.80 -8.12
C ALA A 175 25.59 -41.69 -7.46
N LYS A 176 25.11 -41.24 -6.31
CA LYS A 176 25.75 -40.15 -5.58
C LYS A 176 26.74 -40.73 -4.58
N GLN A 177 27.92 -40.11 -4.48
CA GLN A 177 28.90 -40.42 -3.46
C GLN A 177 29.72 -39.18 -3.19
N LEU A 178 29.92 -38.86 -1.92
CA LEU A 178 30.20 -37.52 -1.44
C LEU A 178 31.24 -37.58 -0.33
N TYR A 179 32.37 -36.91 -0.53
CA TYR A 179 33.45 -36.97 0.43
C TYR A 179 33.06 -36.32 1.76
N PHE A 180 33.48 -36.95 2.85
CA PHE A 180 33.22 -36.43 4.18
C PHE A 180 34.55 -36.35 4.92
N PRO A 181 34.98 -35.16 5.33
CA PRO A 181 36.29 -35.03 5.96
C PRO A 181 36.28 -35.57 7.39
N LEU A 182 37.25 -36.40 7.70
CA LEU A 182 37.43 -36.92 9.03
C LEU A 182 38.07 -35.83 9.90
N PRO A 183 38.05 -35.99 11.23
CA PRO A 183 38.74 -35.00 12.08
C PRO A 183 40.23 -34.89 11.83
N GLY A 184 40.91 -35.98 11.49
CA GLY A 184 42.26 -35.83 11.03
C GLY A 184 42.52 -36.24 9.59
N SER A 185 42.64 -35.25 8.70
CA SER A 185 43.32 -35.32 7.40
C SER A 185 42.69 -36.34 6.44
N GLY A 186 41.58 -36.99 6.77
CA GLY A 186 41.10 -38.07 5.94
C GLY A 186 39.77 -37.76 5.29
N TYR A 187 39.30 -38.71 4.48
CA TYR A 187 37.98 -38.65 3.87
C TYR A 187 37.37 -40.05 3.83
N HIS A 188 36.05 -40.10 3.86
CA HIS A 188 35.28 -41.28 3.56
C HIS A 188 34.36 -40.98 2.39
N LEU A 189 34.02 -42.01 1.60
CA LEU A 189 33.34 -41.73 0.35
C LEU A 189 31.85 -41.50 0.47
N LEU A 190 31.15 -42.22 1.38
CA LEU A 190 29.76 -41.92 1.76
C LEU A 190 28.79 -41.88 0.57
N ALA A 191 28.53 -43.04 0.01
CA ALA A 191 27.50 -43.09 -1.02
C ALA A 191 26.13 -43.27 -0.39
N PRO A 192 25.27 -42.25 -0.39
CA PRO A 192 23.96 -42.40 0.24
C PRO A 192 22.96 -43.06 -0.69
N LEU A 193 22.07 -43.83 -0.08
CA LEU A 193 21.03 -44.53 -0.82
C LEU A 193 19.68 -43.91 -0.47
N PHE A 194 18.68 -44.21 -1.29
CA PHE A 194 17.35 -43.65 -1.06
C PHE A 194 16.57 -44.53 -0.11
N PRO A 195 16.13 -44.03 1.03
CA PRO A 195 15.32 -44.87 1.91
C PRO A 195 13.89 -44.97 1.46
N THR A 196 13.52 -46.08 0.82
CA THR A 196 12.13 -46.23 0.40
C THR A 196 11.22 -46.64 1.53
N SER A 197 11.74 -47.32 2.54
CA SER A 197 10.91 -47.65 3.69
C SER A 197 10.62 -46.43 4.54
N LEU A 198 11.60 -45.53 4.69
CA LEU A 198 11.37 -44.31 5.45
C LEU A 198 10.45 -43.35 4.71
N VAL A 199 10.64 -43.24 3.40
CA VAL A 199 9.73 -42.45 2.57
C VAL A 199 8.33 -43.05 2.59
N HIS A 200 8.22 -44.38 2.61
CA HIS A 200 6.91 -45.00 2.67
C HIS A 200 6.26 -44.80 4.04
N HIS A 201 7.05 -44.78 5.11
CA HIS A 201 6.50 -44.50 6.43
C HIS A 201 6.08 -43.05 6.58
N VAL A 202 6.89 -42.11 6.10
CA VAL A 202 6.52 -40.70 6.16
C VAL A 202 5.34 -40.41 5.25
N HIS A 203 5.28 -41.09 4.09
CA HIS A 203 4.16 -40.92 3.17
C HIS A 203 2.86 -41.47 3.75
N ALA A 204 2.95 -42.60 4.45
CA ALA A 204 1.78 -43.14 5.12
C ALA A 204 1.34 -42.26 6.29
N LEU A 205 2.31 -41.69 7.01
CA LEU A 205 1.99 -40.78 8.11
C LEU A 205 1.30 -39.52 7.59
N LEU A 206 1.78 -39.00 6.46
CA LEU A 206 1.20 -37.78 5.89
C LEU A 206 -0.19 -38.03 5.32
N ARG A 207 -0.36 -39.15 4.61
CA ARG A 207 -1.70 -39.51 4.12
C ARG A 207 -2.66 -39.84 5.25
N GLU A 208 -2.17 -40.38 6.36
CA GLU A 208 -3.06 -40.65 7.49
C GLU A 208 -3.42 -39.37 8.24
N ALA A 209 -2.48 -38.44 8.36
CA ALA A 209 -2.76 -37.20 9.04
C ALA A 209 -3.58 -36.23 8.20
N ARG A 210 -3.56 -36.38 6.88
CA ARG A 210 -4.34 -35.50 6.01
C ARG A 210 -5.67 -36.11 5.61
N PHE A 211 -5.73 -37.41 5.36
CA PHE A 211 -6.90 -38.07 4.81
C PHE A 211 -7.51 -39.11 5.74
N GLY A 212 -7.02 -39.25 6.96
CA GLY A 212 -7.54 -40.27 7.84
C GLY A 212 -8.90 -39.93 8.39
N ASP A 213 -9.53 -40.94 8.99
CA ASP A 213 -10.87 -40.75 9.52
C ASP A 213 -10.86 -39.88 10.77
N ALA A 214 -9.87 -40.08 11.65
CA ALA A 214 -9.76 -39.25 12.85
C ALA A 214 -9.31 -37.84 12.55
N ALA A 215 -8.74 -37.60 11.37
CA ALA A 215 -8.41 -36.24 10.96
C ALA A 215 -9.55 -35.57 10.24
N LYS A 216 -10.29 -36.33 9.42
CA LYS A 216 -11.47 -35.78 8.75
C LYS A 216 -12.58 -35.46 9.74
N ALA A 217 -12.63 -36.17 10.87
CA ALA A 217 -13.60 -35.85 11.91
C ALA A 217 -13.31 -34.49 12.56
N ALA A 218 -12.05 -34.23 12.93
CA ALA A 218 -11.70 -32.93 13.47
C ALA A 218 -11.78 -31.84 12.42
N ARG A 219 -11.59 -32.21 11.16
CA ARG A 219 -11.81 -31.27 10.07
C ARG A 219 -13.27 -30.89 9.95
N GLU A 220 -14.18 -31.84 10.17
CA GLU A 220 -15.60 -31.49 10.28
C GLU A 220 -15.86 -30.63 11.49
N ALA A 221 -15.19 -30.91 12.61
CA ALA A 221 -15.47 -30.17 13.84
C ALA A 221 -14.95 -28.73 13.79
N ARG A 222 -13.96 -28.44 12.95
CA ARG A 222 -13.55 -27.04 12.80
C ARG A 222 -14.45 -26.31 11.80
N SER A 223 -14.93 -27.02 10.79
CA SER A 223 -15.82 -26.38 9.82
C SER A 223 -17.22 -26.18 10.39
N ARG A 224 -17.62 -27.01 11.35
CA ARG A 224 -18.87 -26.80 12.07
C ARG A 224 -18.69 -25.79 13.19
N GLN A 225 -17.44 -25.43 13.49
CA GLN A 225 -16.98 -24.62 14.61
C GLN A 225 -17.33 -25.24 15.97
N GLU A 226 -17.53 -26.54 16.02
CA GLU A 226 -17.83 -27.25 17.26
C GLU A 226 -16.55 -27.55 18.02
N SER A 227 -16.66 -28.47 18.98
CA SER A 227 -15.52 -28.92 19.77
C SER A 227 -15.24 -30.38 19.45
N TRP A 228 -13.99 -30.79 19.63
CA TRP A 228 -13.61 -32.17 19.39
C TRP A 228 -12.60 -32.63 20.44
N PRO A 229 -12.44 -33.94 20.65
CA PRO A 229 -11.35 -34.42 21.52
C PRO A 229 -9.95 -34.10 21.01
N HIS A 230 -9.65 -34.50 19.79
CA HIS A 230 -8.33 -34.30 19.21
C HIS A 230 -8.38 -33.27 18.09
N GLY A 231 -7.22 -32.96 17.55
CA GLY A 231 -7.15 -31.99 16.47
C GLY A 231 -6.75 -32.61 15.15
N PHE A 232 -6.14 -31.80 14.27
CA PHE A 232 -5.68 -32.28 12.99
C PHE A 232 -4.50 -31.42 12.56
N SER A 233 -3.92 -31.78 11.42
CA SER A 233 -2.67 -31.20 10.94
C SER A 233 -2.77 -30.90 9.46
N GLU A 234 -1.87 -30.07 8.96
CA GLU A 234 -1.99 -29.61 7.60
C GLU A 234 -0.80 -29.94 6.69
N TYR A 235 0.45 -29.76 7.14
CA TYR A 235 1.66 -29.88 6.33
C TYR A 235 1.63 -29.00 5.10
N PRO A 236 1.84 -27.70 5.23
CA PRO A 236 1.84 -26.82 4.05
C PRO A 236 3.07 -27.02 3.18
N ASN A 237 3.00 -26.45 1.98
CA ASN A 237 4.15 -26.24 1.09
C ASN A 237 4.84 -27.53 0.68
N LEU A 238 4.08 -28.61 0.55
CA LEU A 238 4.68 -29.87 0.15
C LEU A 238 5.02 -29.84 -1.33
N ALA A 239 6.00 -30.65 -1.71
CA ALA A 239 6.44 -30.72 -3.09
C ALA A 239 6.45 -32.17 -3.52
N ILE A 240 5.90 -32.44 -4.69
CA ILE A 240 5.78 -33.79 -5.21
C ILE A 240 6.95 -34.05 -6.15
N GLN A 241 7.72 -35.09 -5.86
CA GLN A 241 8.84 -35.50 -6.68
C GLN A 241 8.59 -36.92 -7.16
N LYS A 242 8.43 -37.10 -8.47
CA LYS A 242 8.12 -38.40 -9.03
C LYS A 242 9.37 -39.03 -9.61
N PHE A 243 9.48 -40.35 -9.47
CA PHE A 243 10.71 -41.06 -9.81
C PHE A 243 10.65 -41.77 -11.15
N GLY A 244 9.70 -42.69 -11.33
CA GLY A 244 9.39 -43.15 -12.66
C GLY A 244 8.54 -42.11 -13.37
N GLY A 245 8.89 -41.83 -14.62
CA GLY A 245 8.16 -40.81 -15.34
C GLY A 245 6.75 -41.21 -15.69
N THR A 246 6.61 -42.16 -16.61
CA THR A 246 5.31 -42.73 -16.94
C THR A 246 5.20 -44.18 -16.54
N LYS A 247 6.29 -44.78 -16.06
CA LYS A 247 6.33 -46.17 -15.61
C LYS A 247 7.01 -46.21 -14.25
N PRO A 248 6.26 -45.97 -13.17
CA PRO A 248 6.87 -45.99 -11.82
C PRO A 248 7.13 -47.39 -11.29
N GLN A 249 6.70 -48.43 -12.00
CA GLN A 249 6.90 -49.80 -11.54
C GLN A 249 8.37 -50.22 -11.64
N ASN A 250 9.15 -49.59 -12.51
CA ASN A 250 10.52 -49.98 -12.71
C ASN A 250 11.46 -49.45 -11.65
N ILE A 251 11.01 -48.55 -10.79
CA ILE A 251 11.85 -48.03 -9.73
C ILE A 251 11.87 -49.00 -8.55
N SER A 252 10.69 -49.33 -8.04
CA SER A 252 10.57 -50.23 -6.90
C SER A 252 9.14 -50.77 -6.86
N GLN A 253 8.85 -51.52 -5.81
CA GLN A 253 7.48 -51.99 -5.57
C GLN A 253 6.65 -50.93 -4.88
N LEU A 254 7.22 -50.28 -3.86
CA LEU A 254 6.52 -49.26 -3.12
C LEU A 254 6.27 -48.00 -3.93
N ASN A 255 7.01 -47.79 -5.02
CA ASN A 255 6.75 -46.66 -5.92
C ASN A 255 5.60 -46.95 -6.88
N ASN A 256 4.92 -48.08 -6.74
CA ASN A 256 3.62 -48.27 -7.35
C ASN A 256 2.49 -47.92 -6.40
N GLU A 257 2.71 -48.09 -5.09
CA GLU A 257 1.73 -47.66 -4.10
C GLU A 257 1.61 -46.14 -4.07
N ARG A 258 2.74 -45.46 -3.89
CA ARG A 258 2.83 -44.04 -4.16
C ARG A 258 3.38 -43.87 -5.58
N ARG A 259 2.53 -43.42 -6.50
CA ARG A 259 2.89 -43.36 -7.92
C ARG A 259 3.89 -42.22 -8.12
N GLY A 260 5.17 -42.53 -7.93
CA GLY A 260 6.14 -41.47 -7.75
C GLY A 260 5.94 -40.89 -6.36
N GLU A 261 5.73 -39.57 -6.32
CA GLU A 261 5.14 -38.85 -5.17
C GLU A 261 5.99 -39.01 -3.90
N ASN A 262 7.15 -38.36 -3.93
CA ASN A 262 8.04 -38.38 -2.78
C ASN A 262 7.48 -37.60 -1.59
N TRP A 263 6.67 -36.56 -1.84
CA TRP A 263 6.01 -35.73 -0.83
C TRP A 263 7.01 -35.08 0.12
N LEU A 264 7.81 -34.18 -0.46
CA LEU A 264 8.91 -33.55 0.26
C LEU A 264 8.40 -32.45 1.19
N LEU A 265 9.01 -32.35 2.36
CA LEU A 265 8.62 -31.35 3.35
C LEU A 265 9.37 -30.05 3.11
N PRO A 266 8.76 -28.91 3.42
CA PRO A 266 9.42 -27.63 3.14
C PRO A 266 10.49 -27.25 4.14
N SER A 267 11.74 -27.21 3.71
CA SER A 267 12.82 -26.63 4.51
C SER A 267 13.11 -25.22 3.99
N LEU A 268 12.15 -24.33 4.13
CA LEU A 268 12.25 -23.06 3.41
C LEU A 268 12.69 -21.94 4.32
N PRO A 269 13.51 -21.02 3.82
CA PRO A 269 13.85 -19.84 4.59
C PRO A 269 12.65 -18.91 4.69
N PRO A 270 12.61 -18.02 5.67
CA PRO A 270 11.43 -17.17 5.82
C PRO A 270 11.29 -16.14 4.74
N ASN A 271 12.38 -15.73 4.12
CA ASN A 271 12.31 -14.84 2.95
C ASN A 271 12.32 -15.65 1.66
N TRP A 272 11.44 -16.63 1.56
CA TRP A 272 11.27 -17.32 0.29
C TRP A 272 10.10 -16.77 -0.51
N GLN A 273 9.24 -15.98 0.12
CA GLN A 273 8.28 -15.14 -0.57
C GLN A 273 8.68 -13.70 -0.31
N ARG A 274 9.62 -13.19 -1.11
CA ARG A 274 10.11 -11.83 -0.99
C ARG A 274 9.45 -11.03 -2.10
N GLN A 275 8.55 -10.11 -1.72
CA GLN A 275 7.64 -9.56 -2.70
C GLN A 275 8.26 -8.46 -3.56
N ASN A 276 8.64 -7.32 -2.99
CA ASN A 276 9.39 -6.21 -3.56
C ASN A 276 9.56 -5.14 -2.48
N VAL A 277 10.37 -4.13 -2.76
CA VAL A 277 10.49 -2.99 -1.87
C VAL A 277 9.92 -1.76 -2.57
N ASN A 278 9.06 -1.05 -1.86
CA ASN A 278 8.43 0.17 -2.36
C ASN A 278 8.73 1.28 -1.36
N ALA A 279 9.30 2.38 -1.84
CA ALA A 279 9.70 3.47 -0.96
C ALA A 279 8.46 4.13 -0.37
N PRO A 280 8.36 4.26 0.95
CA PRO A 280 7.15 4.81 1.59
C PRO A 280 6.98 6.31 1.34
N MET A 281 6.53 6.64 0.13
CA MET A 281 6.48 8.04 -0.27
C MET A 281 5.29 8.75 0.36
N ARG A 282 4.07 8.35 0.01
CA ARG A 282 2.93 9.19 0.30
C ARG A 282 2.25 8.80 1.61
N HIS A 283 3.05 8.75 2.68
CA HIS A 283 2.52 8.53 4.03
C HIS A 283 3.51 9.11 5.04
N SER A 284 3.15 9.07 6.33
CA SER A 284 3.95 9.73 7.36
C SER A 284 4.20 8.90 8.60
N SER A 285 3.67 7.68 8.67
CA SER A 285 3.76 6.83 9.86
C SER A 285 4.11 5.40 9.49
N VAL A 286 5.23 5.18 8.79
CA VAL A 286 5.62 3.97 8.05
C VAL A 286 5.40 2.65 8.79
N PHE A 287 5.43 2.67 10.12
CA PHE A 287 5.05 1.54 10.94
C PHE A 287 3.59 1.12 10.78
N ALA A 288 2.72 2.02 10.33
CA ALA A 288 1.30 1.73 10.21
C ALA A 288 0.79 1.66 8.78
N HIS A 289 1.61 2.01 7.79
CA HIS A 289 1.14 2.08 6.40
C HIS A 289 1.87 1.12 5.47
N ASP A 290 3.21 1.08 5.52
CA ASP A 290 3.95 0.20 4.64
C ASP A 290 4.59 -0.96 5.39
N PHE A 291 5.01 -0.73 6.63
CA PHE A 291 5.52 -1.83 7.44
C PHE A 291 4.38 -2.68 7.98
N GLY A 292 3.35 -2.03 8.53
CA GLY A 292 2.26 -2.79 9.13
C GLY A 292 1.34 -3.44 8.11
N ARG A 293 1.47 -3.05 6.84
CA ARG A 293 0.71 -3.70 5.78
C ARG A 293 1.36 -4.99 5.29
N THR A 294 2.54 -5.32 5.80
CA THR A 294 3.21 -6.55 5.39
C THR A 294 2.46 -7.75 5.95
N PRO A 295 2.44 -8.89 5.25
CA PRO A 295 1.61 -10.02 5.72
C PRO A 295 2.16 -10.72 6.96
N GLU A 296 3.41 -10.45 7.36
CA GLU A 296 3.96 -11.11 8.53
C GLU A 296 3.60 -10.38 9.81
N VAL A 297 3.76 -9.05 9.83
CA VAL A 297 3.63 -8.34 11.10
C VAL A 297 2.17 -8.10 11.42
N SER A 298 1.28 -8.26 10.44
CA SER A 298 -0.15 -8.25 10.73
C SER A 298 -0.55 -9.47 11.53
N ARG A 299 -0.05 -10.66 11.13
CA ARG A 299 -0.26 -11.87 11.91
C ARG A 299 0.42 -11.77 13.27
N LEU A 300 1.59 -11.14 13.32
CA LEU A 300 2.30 -10.95 14.60
C LEU A 300 1.50 -10.07 15.56
N THR A 301 0.96 -8.95 15.06
CA THR A 301 0.20 -8.05 15.93
C THR A 301 -1.15 -8.64 16.30
N ARG A 302 -1.75 -9.45 15.42
CA ARG A 302 -2.99 -10.11 15.79
C ARG A 302 -2.75 -11.21 16.82
N THR A 303 -1.61 -11.88 16.75
CA THR A 303 -1.29 -12.88 17.76
C THR A 303 -0.98 -12.21 19.10
N LEU A 304 -0.36 -11.03 19.08
CA LEU A 304 -0.20 -10.26 20.32
C LEU A 304 -1.53 -9.79 20.88
N GLN A 305 -2.45 -9.36 20.00
CA GLN A 305 -3.78 -8.92 20.45
C GLN A 305 -4.56 -10.08 21.06
N ARG A 306 -4.35 -11.28 20.55
CA ARG A 306 -4.89 -12.46 21.22
C ARG A 306 -4.17 -12.71 22.54
N PHE A 307 -2.87 -12.44 22.60
CA PHE A 307 -2.06 -12.83 23.75
C PHE A 307 -1.99 -11.77 24.83
N LEU A 308 -2.52 -10.57 24.60
CA LEU A 308 -2.39 -9.51 25.59
C LEU A 308 -3.60 -9.39 26.52
N ALA A 309 -4.74 -9.99 26.15
CA ALA A 309 -5.93 -9.90 26.97
C ALA A 309 -6.38 -11.31 27.36
N LYS A 310 -5.80 -11.79 28.46
CA LYS A 310 -6.08 -13.13 28.97
C LYS A 310 -5.66 -13.23 30.44
N THR A 311 -5.76 -14.43 31.01
CA THR A 311 -5.31 -14.64 32.38
C THR A 311 -3.81 -14.86 32.42
N VAL A 312 -3.14 -14.16 33.33
CA VAL A 312 -1.69 -14.24 33.47
C VAL A 312 -1.27 -15.21 34.56
N HIS A 313 -2.14 -16.15 34.93
CA HIS A 313 -1.83 -17.19 35.91
C HIS A 313 -0.69 -18.07 35.41
N ASN A 314 -0.69 -18.37 34.11
CA ASN A 314 0.49 -18.94 33.45
C ASN A 314 1.43 -17.78 33.08
N ASN A 315 2.16 -17.30 34.09
CA ASN A 315 2.92 -16.07 33.95
C ASN A 315 4.14 -16.26 33.05
N LEU A 316 4.87 -17.36 33.26
CA LEU A 316 6.12 -17.57 32.53
C LEU A 316 5.86 -17.91 31.07
N ALA A 317 4.86 -18.77 30.82
CA ALA A 317 4.59 -19.23 29.46
C ALA A 317 4.02 -18.12 28.59
N ILE A 318 3.11 -17.32 29.15
CA ILE A 318 2.56 -16.19 28.40
C ILE A 318 3.58 -15.07 28.27
N ARG A 319 4.41 -14.88 29.32
CA ARG A 319 5.38 -13.79 29.31
C ARG A 319 6.50 -14.04 28.31
N GLN A 320 6.99 -15.28 28.23
CA GLN A 320 8.01 -15.63 27.25
C GLN A 320 7.47 -15.51 25.83
N ARG A 321 6.21 -15.89 25.64
CA ARG A 321 5.59 -15.81 24.32
C ARG A 321 5.43 -14.36 23.87
N ARG A 322 4.99 -13.48 24.77
CA ARG A 322 4.85 -12.08 24.42
C ARG A 322 6.21 -11.42 24.21
N ALA A 323 7.22 -11.82 24.98
CA ALA A 323 8.55 -11.27 24.80
C ALA A 323 9.15 -11.68 23.46
N GLN A 324 9.01 -12.95 23.07
CA GLN A 324 9.57 -13.38 21.80
C GLN A 324 8.73 -12.86 20.63
N LEU A 325 7.45 -12.57 20.85
CA LEU A 325 6.65 -11.95 19.80
C LEU A 325 7.04 -10.51 19.56
N VAL A 326 7.30 -9.75 20.63
CA VAL A 326 7.76 -8.38 20.47
C VAL A 326 9.16 -8.37 19.87
N ALA A 327 9.97 -9.37 20.22
CA ALA A 327 11.29 -9.54 19.59
C ALA A 327 11.16 -9.84 18.11
N GLN A 328 10.16 -10.63 17.73
CA GLN A 328 9.94 -10.91 16.32
C GLN A 328 9.43 -9.69 15.56
N ILE A 329 8.64 -8.84 16.22
CA ILE A 329 8.12 -7.65 15.54
C ILE A 329 9.23 -6.62 15.33
N CYS A 330 10.08 -6.42 16.33
CA CYS A 330 11.23 -5.53 16.15
C CYS A 330 12.24 -6.15 15.18
N ASP A 331 12.26 -7.48 15.10
CA ASP A 331 13.07 -8.17 14.12
C ASP A 331 12.61 -7.92 12.70
N GLU A 332 11.30 -8.03 12.45
CA GLU A 332 10.79 -7.75 11.11
C GLU A 332 10.90 -6.27 10.78
N ALA A 333 10.90 -5.41 11.80
CA ALA A 333 11.20 -3.99 11.56
C ALA A 333 12.63 -3.80 11.09
N LEU A 334 13.58 -4.50 11.70
CA LEU A 334 14.97 -4.37 11.28
C LEU A 334 15.21 -4.98 9.91
N GLN A 335 14.52 -6.08 9.60
CA GLN A 335 14.63 -6.66 8.27
C GLN A 335 13.96 -5.79 7.21
N TYR A 336 12.89 -5.07 7.59
CA TYR A 336 12.25 -4.14 6.66
C TYR A 336 13.15 -2.96 6.37
N ALA A 337 13.83 -2.43 7.39
CA ALA A 337 14.77 -1.34 7.15
C ALA A 337 15.99 -1.82 6.38
N ALA A 338 16.39 -3.08 6.57
CA ALA A 338 17.58 -3.59 5.91
C ALA A 338 17.31 -3.87 4.44
N ARG A 339 16.16 -4.45 4.11
CA ARG A 339 15.91 -4.79 2.72
C ARG A 339 15.44 -3.60 1.92
N LEU A 340 15.13 -2.49 2.57
CA LEU A 340 14.74 -1.26 1.90
C LEU A 340 15.94 -0.49 1.38
N ARG A 341 17.15 -0.94 1.69
CA ARG A 341 18.35 -0.24 1.27
C ARG A 341 18.77 -0.62 -0.15
N GLU A 342 18.02 -1.51 -0.81
CA GLU A 342 18.31 -1.88 -2.17
C GLU A 342 17.51 -1.07 -3.19
N LEU A 343 16.77 -0.06 -2.75
CA LEU A 343 15.89 0.67 -3.64
C LEU A 343 16.67 1.59 -4.58
N GLU A 344 17.30 2.60 -4.00
CA GLU A 344 18.02 3.68 -4.65
C GLU A 344 18.67 4.47 -3.52
N PRO A 345 19.81 5.11 -3.76
CA PRO A 345 20.44 5.87 -2.67
C PRO A 345 19.67 7.12 -2.27
N GLY A 346 18.91 7.71 -3.19
CA GLY A 346 18.09 8.83 -2.82
C GLY A 346 16.62 8.70 -3.19
N TRP A 347 15.76 8.57 -2.18
CA TRP A 347 14.33 8.66 -2.38
C TRP A 347 13.65 9.59 -1.38
N SER A 348 14.29 9.92 -0.27
CA SER A 348 13.80 11.02 0.56
C SER A 348 14.21 12.37 -0.03
N ALA A 349 15.13 12.36 -1.00
CA ALA A 349 15.45 13.58 -1.74
C ALA A 349 14.35 13.94 -2.73
N THR A 350 13.44 13.00 -3.01
CA THR A 350 12.27 13.30 -3.80
C THR A 350 11.36 14.24 -3.02
N PRO A 351 10.95 15.38 -3.60
CA PRO A 351 10.34 16.44 -2.79
C PRO A 351 8.89 16.17 -2.42
N GLY A 352 8.57 16.42 -1.15
CA GLY A 352 7.23 16.37 -0.62
C GLY A 352 7.10 17.30 0.57
N CYS A 353 5.99 17.13 1.29
CA CYS A 353 5.74 17.88 2.51
C CYS A 353 5.59 16.98 3.74
N GLN A 354 4.78 15.93 3.62
CA GLN A 354 4.56 14.98 4.70
C GLN A 354 5.01 13.61 4.22
N LEU A 355 6.25 13.24 4.58
CA LEU A 355 6.80 11.95 4.18
C LEU A 355 7.59 11.27 5.29
N HIS A 356 7.22 11.48 6.56
CA HIS A 356 7.86 10.89 7.75
C HIS A 356 9.34 11.27 7.83
N ASP A 357 9.57 12.56 8.01
CA ASP A 357 10.92 13.14 7.99
C ASP A 357 11.78 12.77 9.19
N ALA A 358 11.22 12.09 10.20
CA ALA A 358 12.00 11.54 11.31
C ALA A 358 12.33 10.06 11.10
N GLU A 359 11.45 9.34 10.38
CA GLU A 359 11.73 7.95 10.03
C GLU A 359 12.52 7.87 8.74
N GLN A 360 12.58 8.96 7.98
CA GLN A 360 13.37 8.97 6.75
C GLN A 360 14.85 9.15 7.05
N LEU A 361 15.20 9.45 8.30
CA LEU A 361 16.61 9.44 8.69
C LEU A 361 17.10 8.02 8.91
N TRP A 362 16.16 7.09 9.06
CA TRP A 362 16.46 5.70 9.38
C TRP A 362 16.46 4.85 8.12
N LEU A 363 15.42 4.96 7.31
CA LEU A 363 15.16 4.04 6.21
C LEU A 363 15.95 4.37 4.95
N ASP A 364 16.69 5.48 4.91
CA ASP A 364 17.51 5.83 3.75
C ASP A 364 18.83 6.42 4.20
N PRO A 365 19.83 5.58 4.51
CA PRO A 365 21.11 6.13 4.97
C PRO A 365 22.05 6.51 3.83
N LEU A 366 21.67 6.24 2.58
CA LEU A 366 22.59 6.47 1.48
C LEU A 366 22.42 7.83 0.83
N ARG A 367 21.62 8.72 1.43
CA ARG A 367 21.63 10.12 1.03
C ARG A 367 22.88 10.81 1.54
N ALA A 368 23.55 10.22 2.52
CA ALA A 368 24.82 10.76 3.01
C ALA A 368 25.93 10.62 1.98
N GLN A 369 25.80 9.67 1.07
CA GLN A 369 26.79 9.47 0.00
C GLN A 369 26.65 10.56 -1.06
N THR A 370 25.47 11.14 -1.18
CA THR A 370 25.21 12.24 -2.11
C THR A 370 25.38 13.61 -1.45
N ASP A 371 24.63 13.87 -0.38
CA ASP A 371 24.81 15.07 0.40
C ASP A 371 25.95 14.85 1.38
N GLU A 372 27.14 15.30 1.02
CA GLU A 372 28.37 15.00 1.75
C GLU A 372 28.45 15.74 3.09
N THR A 373 28.00 17.00 3.14
CA THR A 373 27.91 17.73 4.38
C THR A 373 26.50 18.13 4.76
N PHE A 374 25.57 18.12 3.80
CA PHE A 374 24.22 18.62 4.04
C PHE A 374 23.39 17.67 4.90
N LEU A 375 23.39 16.38 4.57
CA LEU A 375 22.53 15.42 5.22
C LEU A 375 23.29 14.33 5.95
N GLN A 376 24.60 14.21 5.73
CA GLN A 376 25.41 13.23 6.44
C GLN A 376 25.60 13.60 7.90
N ARG A 377 25.83 14.88 8.19
CA ARG A 377 26.13 15.31 9.55
C ARG A 377 24.87 15.50 10.39
N ARG A 378 23.69 15.35 9.81
CA ARG A 378 22.44 15.54 10.53
C ARG A 378 21.86 14.23 11.05
N LEU A 379 22.48 13.09 10.71
CA LEU A 379 22.10 11.79 11.24
C LEU A 379 23.19 11.15 12.09
N ARG A 380 24.43 11.66 12.02
CA ARG A 380 25.52 11.14 12.82
C ARG A 380 25.67 11.84 14.16
N GLY A 381 25.22 13.09 14.27
CA GLY A 381 25.26 13.82 15.53
C GLY A 381 23.96 13.66 16.29
N ASP A 382 22.85 13.66 15.55
CA ASP A 382 21.55 13.39 16.16
C ASP A 382 21.44 11.93 16.58
N TRP A 383 22.02 11.01 15.78
CA TRP A 383 21.94 9.56 15.88
C TRP A 383 20.48 9.14 15.94
N PRO A 384 19.74 9.18 14.82
CA PRO A 384 18.27 9.17 14.90
C PRO A 384 17.73 7.84 15.36
N ALA A 385 17.31 7.82 16.63
CA ALA A 385 16.92 6.61 17.34
C ALA A 385 15.74 6.87 18.26
N GLU A 386 15.02 7.96 18.05
CA GLU A 386 13.72 8.20 18.66
C GLU A 386 12.61 7.46 17.95
N VAL A 387 12.94 6.79 16.84
CA VAL A 387 12.02 5.95 16.08
C VAL A 387 11.46 4.82 16.94
N GLY A 388 12.23 4.34 17.93
CA GLY A 388 11.74 3.30 18.82
C GLY A 388 10.55 3.74 19.67
N ASN A 389 10.47 5.01 20.02
CA ASN A 389 9.30 5.50 20.76
C ASN A 389 8.05 5.48 19.89
N ARG A 390 8.16 5.91 18.63
CA ARG A 390 7.03 5.84 17.71
C ARG A 390 6.68 4.40 17.39
N PHE A 391 7.68 3.52 17.36
CA PHE A 391 7.45 2.09 17.20
C PHE A 391 6.68 1.52 18.39
N ALA A 392 6.97 2.02 19.59
CA ALA A 392 6.22 1.59 20.77
C ALA A 392 4.80 2.15 20.75
N ASN A 393 4.63 3.38 20.26
CA ASN A 393 3.26 3.93 20.16
C ASN A 393 2.44 3.19 19.12
N TRP A 394 3.09 2.68 18.07
CA TRP A 394 2.39 1.83 17.12
C TRP A 394 2.10 0.46 17.72
N LEU A 395 3.04 -0.09 18.48
CA LEU A 395 2.88 -1.44 19.01
C LEU A 395 1.91 -1.49 20.18
N ASN A 396 1.63 -0.34 20.81
CA ASN A 396 0.62 -0.33 21.86
C ASN A 396 -0.79 -0.18 21.30
N ARG A 397 -0.93 -0.24 19.97
CA ARG A 397 -2.25 -0.42 19.38
C ARG A 397 -2.60 -1.91 19.31
N ALA A 398 -1.66 -2.78 19.66
CA ALA A 398 -1.94 -4.21 19.69
C ALA A 398 -2.65 -4.61 20.97
N VAL A 399 -2.43 -3.86 22.06
CA VAL A 399 -3.11 -4.17 23.31
C VAL A 399 -4.54 -3.65 23.24
N SER A 400 -5.46 -4.41 23.83
CA SER A 400 -6.87 -4.01 23.81
C SER A 400 -7.14 -2.94 24.86
N SER A 401 -8.10 -2.07 24.57
CA SER A 401 -8.46 -0.97 25.46
C SER A 401 -9.39 -1.48 26.56
N ASP A 402 -8.81 -2.27 27.46
CA ASP A 402 -9.53 -2.87 28.57
C ASP A 402 -8.97 -2.35 29.89
N SER A 403 -9.85 -1.92 30.78
CA SER A 403 -9.40 -1.37 32.06
C SER A 403 -8.95 -2.48 33.00
N GLN A 404 -9.46 -3.70 32.81
CA GLN A 404 -8.98 -4.83 33.59
C GLN A 404 -7.57 -5.22 33.20
N ILE A 405 -7.19 -4.96 31.94
CA ILE A 405 -5.82 -5.17 31.51
C ILE A 405 -4.93 -4.02 31.97
N LEU A 406 -5.52 -2.84 32.17
CA LEU A 406 -4.73 -1.66 32.52
C LEU A 406 -4.44 -1.60 34.02
N GLY A 407 -5.41 -1.97 34.85
CA GLY A 407 -5.24 -1.82 36.28
C GLY A 407 -4.35 -2.88 36.91
N SER A 408 -4.31 -4.06 36.30
CA SER A 408 -3.58 -5.18 36.87
C SER A 408 -2.08 -5.06 36.59
N PRO A 409 -1.29 -6.03 37.06
CA PRO A 409 0.16 -6.00 36.79
C PRO A 409 0.53 -6.44 35.38
N GLU A 410 -0.45 -6.86 34.57
CA GLU A 410 -0.19 -7.27 33.20
C GLU A 410 0.30 -6.11 32.35
N ALA A 411 -0.27 -4.91 32.57
CA ALA A 411 0.18 -3.73 31.83
C ALA A 411 1.59 -3.32 32.22
N ALA A 412 1.94 -3.46 33.50
CA ALA A 412 3.29 -3.11 33.94
C ALA A 412 4.32 -4.11 33.41
N GLN A 413 3.98 -5.41 33.44
CA GLN A 413 4.91 -6.41 32.92
C GLN A 413 5.06 -6.31 31.41
N TRP A 414 3.95 -6.06 30.70
CA TRP A 414 3.96 -5.83 29.27
C TRP A 414 4.81 -4.63 28.91
N SER A 415 4.65 -3.52 29.64
CA SER A 415 5.44 -2.33 29.37
C SER A 415 6.91 -2.55 29.68
N GLN A 416 7.20 -3.41 30.68
CA GLN A 416 8.58 -3.69 31.05
C GLN A 416 9.31 -4.46 29.94
N GLU A 417 8.72 -5.57 29.48
CA GLU A 417 9.43 -6.34 28.46
C GLU A 417 9.33 -5.67 27.08
N LEU A 418 8.29 -4.88 26.85
CA LEU A 418 8.19 -4.09 25.63
C LEU A 418 9.28 -3.03 25.59
N SER A 419 9.52 -2.36 26.72
CA SER A 419 10.60 -1.39 26.77
C SER A 419 11.96 -2.07 26.72
N LYS A 420 12.04 -3.33 27.17
CA LYS A 420 13.30 -4.07 27.08
C LYS A 420 13.66 -4.39 25.62
N GLU A 421 12.70 -4.92 24.87
CA GLU A 421 12.96 -5.19 23.46
C GLU A 421 13.10 -3.91 22.66
N LEU A 422 12.44 -2.84 23.09
CA LEU A 422 12.65 -1.56 22.43
C LEU A 422 14.01 -0.95 22.77
N THR A 423 14.55 -1.28 23.96
CA THR A 423 15.91 -0.90 24.27
C THR A 423 16.90 -1.61 23.36
N MET A 424 16.64 -2.90 23.08
CA MET A 424 17.51 -3.65 22.17
C MET A 424 17.41 -3.11 20.74
N PHE A 425 16.19 -2.83 20.27
CA PHE A 425 15.97 -2.32 18.92
C PHE A 425 16.55 -0.92 18.76
N LYS A 426 16.38 -0.06 19.78
CA LYS A 426 16.92 1.29 19.70
C LYS A 426 18.43 1.27 19.82
N GLU A 427 19.00 0.32 20.56
CA GLU A 427 20.46 0.23 20.67
C GLU A 427 21.06 -0.28 19.37
N ILE A 428 20.32 -1.11 18.65
CA ILE A 428 20.74 -1.50 17.30
C ILE A 428 20.69 -0.29 16.36
N LEU A 429 19.64 0.53 16.46
CA LEU A 429 19.56 1.71 15.60
C LEU A 429 20.54 2.80 16.00
N GLU A 430 21.08 2.74 17.23
CA GLU A 430 22.02 3.76 17.69
C GLU A 430 23.32 3.71 16.90
N ASP A 431 23.91 2.53 16.77
CA ASP A 431 25.17 2.38 16.03
C ASP A 431 24.91 1.91 14.60
N GLU A 432 24.33 2.82 13.81
CA GLU A 432 24.11 2.64 12.39
C GLU A 432 25.27 3.18 11.55
N ARG A 433 26.23 3.86 12.18
CA ARG A 433 27.16 4.69 11.44
C ARG A 433 28.54 4.06 11.30
N ASP A 434 28.76 2.89 11.88
CA ASP A 434 30.05 2.20 11.75
C ASP A 434 30.18 1.54 10.38
N MET B 1 59.69 50.90 14.49
CA MET B 1 58.55 50.34 15.21
C MET B 1 58.99 49.33 16.25
N ASP B 2 59.45 49.81 17.39
CA ASP B 2 59.89 48.97 18.49
C ASP B 2 58.85 48.83 19.58
N HIS B 3 57.69 49.47 19.43
CA HIS B 3 56.63 49.43 20.42
C HIS B 3 55.45 48.62 19.89
N TYR B 4 54.73 47.97 20.81
CA TYR B 4 53.58 47.18 20.42
C TYR B 4 52.49 47.31 21.46
N LEU B 5 51.28 46.89 21.06
CA LEU B 5 50.11 46.85 21.94
C LEU B 5 49.22 45.70 21.50
N ASP B 6 49.10 44.69 22.35
CA ASP B 6 48.28 43.53 22.07
C ASP B 6 46.85 43.81 22.53
N ILE B 7 45.89 43.46 21.68
CA ILE B 7 44.48 43.64 21.97
C ILE B 7 43.84 42.27 21.93
N ARG B 8 43.58 41.70 23.10
CA ARG B 8 43.07 40.34 23.20
C ARG B 8 41.55 40.37 23.31
N LEU B 9 40.90 39.56 22.50
CA LEU B 9 39.45 39.42 22.58
C LEU B 9 39.05 38.69 23.84
N ARG B 10 38.13 39.28 24.59
CA ARG B 10 37.51 38.51 25.64
C ARG B 10 36.57 37.48 25.03
N PRO B 11 36.31 36.35 25.68
CA PRO B 11 35.23 35.49 25.21
C PRO B 11 33.90 36.11 25.55
N ASP B 12 32.90 35.81 24.73
CA ASP B 12 31.62 36.46 24.89
C ASP B 12 30.56 35.39 24.68
N PRO B 13 29.49 35.38 25.48
CA PRO B 13 28.40 34.44 25.21
C PRO B 13 27.63 34.79 23.97
N GLU B 14 27.68 36.06 23.55
CA GLU B 14 26.85 36.56 22.47
C GLU B 14 27.49 36.40 21.10
N PHE B 15 28.76 36.75 20.97
CA PHE B 15 29.39 36.91 19.65
C PHE B 15 30.57 35.95 19.53
N PRO B 16 30.86 35.44 18.33
CA PRO B 16 32.05 34.61 18.15
C PRO B 16 33.29 35.48 18.06
N PRO B 17 34.49 34.90 18.21
CA PRO B 17 35.70 35.73 18.10
C PRO B 17 35.98 36.26 16.70
N ALA B 18 35.48 35.56 15.68
CA ALA B 18 35.71 36.01 14.31
C ALA B 18 34.96 37.31 14.03
N GLN B 19 33.73 37.41 14.52
CA GLN B 19 32.93 38.61 14.31
C GLN B 19 33.44 39.79 15.11
N LEU B 20 33.92 39.53 16.33
CA LEU B 20 34.50 40.61 17.13
C LEU B 20 35.83 41.07 16.54
N MET B 21 36.58 40.14 15.94
CA MET B 21 37.81 40.53 15.23
C MET B 21 37.47 41.36 14.00
N SER B 22 36.36 41.03 13.32
CA SER B 22 35.90 41.82 12.19
C SER B 22 35.54 43.24 12.59
N VAL B 23 34.80 43.39 13.70
CA VAL B 23 34.41 44.70 14.18
C VAL B 23 35.63 45.50 14.65
N LEU B 24 36.58 44.83 15.31
CA LEU B 24 37.78 45.50 15.78
C LEU B 24 38.67 45.93 14.62
N PHE B 25 38.73 45.11 13.56
CA PHE B 25 39.54 45.47 12.40
C PHE B 25 38.89 46.61 11.62
N GLY B 26 37.56 46.64 11.55
CA GLY B 26 36.90 47.77 10.93
C GLY B 26 37.10 49.07 11.69
N LYS B 27 36.96 49.02 13.02
CA LYS B 27 37.19 50.21 13.83
C LYS B 27 38.64 50.65 13.78
N LEU B 28 39.57 49.70 13.67
CA LEU B 28 40.98 50.02 13.49
C LEU B 28 41.22 50.69 12.15
N HIS B 29 40.53 50.22 11.11
CA HIS B 29 40.60 50.83 9.78
C HIS B 29 40.15 52.28 9.80
N GLN B 30 39.01 52.56 10.48
CA GLN B 30 38.56 53.95 10.61
C GLN B 30 39.54 54.78 11.43
N ALA B 31 40.13 54.19 12.48
CA ALA B 31 41.07 54.93 13.30
C ALA B 31 42.37 55.23 12.54
N LEU B 32 42.72 54.39 11.57
CA LEU B 32 43.96 54.60 10.84
C LEU B 32 43.76 55.54 9.66
N VAL B 33 42.57 55.57 9.06
CA VAL B 33 42.26 56.64 8.11
C VAL B 33 42.18 57.98 8.84
N ALA B 34 41.68 57.97 10.07
CA ALA B 34 41.55 59.20 10.84
C ALA B 34 42.92 59.71 11.29
N GLN B 35 43.80 58.81 11.71
CA GLN B 35 45.12 59.24 12.18
C GLN B 35 46.03 59.61 11.03
N GLY B 36 46.01 58.82 9.96
CA GLY B 36 46.90 59.07 8.85
C GLY B 36 48.27 58.45 9.08
N GLY B 37 49.18 58.77 8.17
CA GLY B 37 50.51 58.20 8.20
C GLY B 37 50.55 56.79 7.66
N ASP B 38 51.71 56.16 7.81
CA ASP B 38 51.90 54.80 7.33
C ASP B 38 52.74 53.96 8.28
N ARG B 39 52.86 54.38 9.54
CA ARG B 39 53.74 53.74 10.50
C ARG B 39 53.00 52.88 11.51
N ILE B 40 51.84 52.34 11.15
CA ILE B 40 51.03 51.52 12.05
C ILE B 40 50.88 50.15 11.41
N GLY B 41 51.38 49.12 12.08
CA GLY B 41 51.28 47.79 11.53
C GLY B 41 50.56 46.83 12.46
N VAL B 42 49.99 45.75 11.91
CA VAL B 42 49.27 44.79 12.73
C VAL B 42 49.93 43.43 12.62
N SER B 43 49.53 42.53 13.51
CA SER B 43 49.90 41.12 13.48
C SER B 43 48.81 40.33 14.16
N PHE B 44 48.90 39.01 14.06
CA PHE B 44 47.94 38.10 14.69
C PHE B 44 48.73 37.03 15.43
N PRO B 45 49.09 37.30 16.69
CA PRO B 45 50.05 36.43 17.39
C PRO B 45 49.50 35.08 17.78
N ASP B 46 48.19 34.86 17.71
CA ASP B 46 47.63 33.55 17.94
C ASP B 46 47.15 32.88 16.66
N LEU B 47 47.89 33.04 15.56
CA LEU B 47 47.49 32.53 14.26
C LEU B 47 47.58 31.01 14.20
N ASP B 48 46.52 30.39 13.72
CA ASP B 48 46.47 28.95 13.45
C ASP B 48 46.47 28.81 11.93
N GLU B 49 47.64 28.50 11.37
CA GLU B 49 47.75 28.40 9.91
C GLU B 49 47.09 27.13 9.38
N SER B 50 46.88 26.15 10.26
CA SER B 50 46.31 24.87 9.81
C SER B 50 44.82 24.99 9.56
N ARG B 51 44.10 25.72 10.40
CA ARG B 51 42.66 25.89 10.28
C ARG B 51 42.27 27.23 9.68
N SER B 52 43.27 28.10 9.43
CA SER B 52 43.10 29.45 8.90
C SER B 52 42.17 30.29 9.79
N ARG B 53 42.54 30.37 11.06
CA ARG B 53 41.83 31.17 12.06
C ARG B 53 42.77 32.25 12.56
N LEU B 54 42.26 33.48 12.65
CA LEU B 54 43.13 34.61 12.93
C LEU B 54 43.51 34.71 14.40
N GLY B 55 42.96 33.84 15.25
CA GLY B 55 43.27 33.88 16.66
C GLY B 55 42.42 34.89 17.39
N GLU B 56 42.77 35.08 18.67
CA GLU B 56 42.04 35.98 19.54
C GLU B 56 42.90 37.13 20.05
N ARG B 57 43.98 37.44 19.35
CA ARG B 57 44.84 38.56 19.72
C ARG B 57 45.15 39.36 18.48
N LEU B 58 45.18 40.68 18.63
CA LEU B 58 45.59 41.60 17.57
C LEU B 58 46.64 42.52 18.15
N ARG B 59 47.83 42.48 17.57
CA ARG B 59 48.96 43.27 18.03
C ARG B 59 49.11 44.46 17.10
N ILE B 60 49.38 45.64 17.65
CA ILE B 60 49.51 46.87 16.88
C ILE B 60 50.93 47.39 17.01
N HIS B 61 51.66 47.44 15.89
CA HIS B 61 53.06 47.85 15.88
C HIS B 61 53.16 49.29 15.40
N ALA B 62 53.79 50.15 16.22
CA ALA B 62 53.88 51.56 15.91
C ALA B 62 54.99 52.26 16.68
N SER B 63 55.02 53.58 16.61
CA SER B 63 55.87 54.38 17.47
C SER B 63 55.18 54.57 18.82
N ALA B 64 55.89 55.22 19.75
CA ALA B 64 55.34 55.40 21.10
C ALA B 64 54.20 56.42 21.10
N ASP B 65 54.40 57.56 20.44
CA ASP B 65 53.41 58.63 20.45
C ASP B 65 52.17 58.25 19.66
N ASP B 66 52.32 57.40 18.64
CA ASP B 66 51.17 56.94 17.88
C ASP B 66 50.27 56.03 18.71
N LEU B 67 50.89 55.15 19.52
CA LEU B 67 50.08 54.30 20.38
C LEU B 67 49.49 55.08 21.55
N ARG B 68 50.18 56.10 22.05
CA ARG B 68 49.55 56.90 23.11
C ARG B 68 48.46 57.82 22.54
N ALA B 69 48.52 58.09 21.24
CA ALA B 69 47.40 58.78 20.60
C ALA B 69 46.24 57.83 20.35
N LEU B 70 46.54 56.57 20.02
CA LEU B 70 45.48 55.62 19.70
C LEU B 70 44.79 55.09 20.94
N LEU B 71 45.48 55.01 22.08
CA LEU B 71 44.86 54.42 23.26
C LEU B 71 43.81 55.33 23.89
N ALA B 72 43.87 56.64 23.63
CA ALA B 72 42.93 57.58 24.20
C ALA B 72 41.94 58.11 23.17
N ARG B 73 42.00 57.64 21.94
CA ARG B 73 41.08 58.01 20.88
C ARG B 73 39.79 57.22 21.03
N PRO B 74 38.63 57.82 20.70
CA PRO B 74 37.34 57.14 20.97
C PRO B 74 36.97 56.05 19.98
N TRP B 75 37.90 55.51 19.18
CA TRP B 75 37.56 54.41 18.30
C TRP B 75 37.26 53.12 19.05
N LEU B 76 37.66 53.02 20.31
CA LEU B 76 37.40 51.84 21.12
C LEU B 76 36.15 51.97 21.97
N GLU B 77 35.43 53.10 21.88
CA GLU B 77 34.16 53.26 22.59
C GLU B 77 33.12 52.31 22.01
N GLY B 78 32.51 51.51 22.87
CA GLY B 78 31.63 50.45 22.43
C GLY B 78 32.32 49.12 22.25
N LEU B 79 33.64 49.11 22.09
CA LEU B 79 34.40 47.87 21.97
C LEU B 79 35.09 47.45 23.26
N ARG B 80 35.09 48.31 24.28
CA ARG B 80 35.91 48.06 25.47
C ARG B 80 35.33 46.96 26.34
N ASP B 81 34.05 46.62 26.14
CA ASP B 81 33.45 45.54 26.91
C ASP B 81 33.71 44.18 26.28
N HIS B 82 34.46 44.12 25.19
CA HIS B 82 34.79 42.87 24.52
C HIS B 82 36.29 42.66 24.40
N LEU B 83 37.09 43.66 24.73
CA LEU B 83 38.54 43.59 24.62
C LEU B 83 39.19 43.82 25.97
N GLN B 84 40.47 43.52 26.03
CA GLN B 84 41.33 43.97 27.12
C GLN B 84 42.69 44.37 26.56
N PHE B 85 43.20 45.51 27.00
CA PHE B 85 44.44 46.04 26.49
C PHE B 85 45.57 45.77 27.48
N GLY B 86 46.78 45.64 26.95
CA GLY B 86 47.97 45.75 27.75
C GLY B 86 48.44 47.19 27.84
N GLU B 87 49.74 47.35 27.79
CA GLU B 87 50.33 48.68 27.73
C GLU B 87 51.11 48.82 26.42
N PRO B 88 51.44 50.03 25.98
CA PRO B 88 52.47 50.17 24.95
C PRO B 88 53.82 49.72 25.49
N ALA B 89 54.31 48.61 24.96
CA ALA B 89 55.48 47.94 25.49
C ALA B 89 56.52 47.79 24.39
N VAL B 90 57.79 47.74 24.79
CA VAL B 90 58.87 47.57 23.83
C VAL B 90 58.98 46.10 23.45
N VAL B 91 59.41 45.85 22.21
CA VAL B 91 59.48 44.50 21.67
C VAL B 91 60.74 43.82 22.21
N PRO B 92 60.76 42.49 22.31
CA PRO B 92 62.02 41.79 22.61
C PRO B 92 62.93 41.75 21.38
N HIS B 93 64.13 41.20 21.60
CA HIS B 93 65.09 40.94 20.53
C HIS B 93 65.99 39.82 20.99
N PRO B 94 66.35 38.86 20.12
CA PRO B 94 66.04 38.76 18.68
C PRO B 94 64.63 38.24 18.36
N THR B 95 63.99 38.89 17.39
CA THR B 95 62.64 38.55 16.98
C THR B 95 62.56 38.43 15.47
N PRO B 96 62.00 37.33 14.97
CA PRO B 96 61.82 37.19 13.53
C PRO B 96 60.72 38.11 13.02
N TYR B 97 60.84 38.46 11.74
CA TYR B 97 59.93 39.38 11.09
C TYR B 97 59.19 38.69 9.96
N ARG B 98 57.92 39.02 9.81
CA ARG B 98 57.15 38.49 8.70
C ARG B 98 56.24 39.57 8.14
N GLN B 99 55.83 39.37 6.90
CA GLN B 99 54.99 40.32 6.18
C GLN B 99 53.53 39.93 6.32
N VAL B 100 52.70 40.89 6.68
CA VAL B 100 51.26 40.70 6.83
C VAL B 100 50.56 41.47 5.70
N SER B 101 50.19 40.76 4.64
CA SER B 101 49.73 41.41 3.43
C SER B 101 48.27 41.09 3.17
N ARG B 102 47.59 42.00 2.48
CA ARG B 102 46.25 41.72 2.00
C ARG B 102 46.33 40.98 0.67
N VAL B 103 45.78 39.76 0.64
CA VAL B 103 45.75 38.94 -0.55
C VAL B 103 44.33 38.87 -1.05
N GLN B 104 44.10 39.37 -2.27
CA GLN B 104 42.80 39.31 -2.90
C GLN B 104 42.84 38.26 -4.00
N ALA B 105 41.67 37.77 -4.37
CA ALA B 105 41.57 36.72 -5.37
C ALA B 105 40.50 37.07 -6.40
N LYS B 106 40.62 36.49 -7.57
CA LYS B 106 39.56 36.57 -8.58
C LYS B 106 38.58 35.43 -8.35
N SER B 107 37.74 35.55 -7.32
CA SER B 107 36.79 34.51 -6.98
C SER B 107 35.44 34.70 -7.63
N ASN B 108 35.30 35.69 -8.51
CA ASN B 108 34.06 35.92 -9.25
C ASN B 108 34.39 36.15 -10.71
N PRO B 109 34.01 35.24 -11.61
CA PRO B 109 34.31 35.46 -13.03
C PRO B 109 33.42 36.50 -13.67
N GLU B 110 32.24 36.76 -13.12
CA GLU B 110 31.30 37.68 -13.73
C GLU B 110 31.77 39.13 -13.64
N ARG B 111 32.53 39.45 -12.59
CA ARG B 111 33.06 40.80 -12.46
C ARG B 111 34.18 41.05 -13.46
N LEU B 112 35.03 40.03 -13.69
CA LEU B 112 36.01 40.10 -14.77
C LEU B 112 35.33 40.15 -16.13
N ARG B 113 34.17 39.50 -16.26
CA ARG B 113 33.41 39.58 -17.50
C ARG B 113 32.90 41.00 -17.73
N ARG B 114 32.40 41.66 -16.69
CA ARG B 114 32.00 43.06 -16.80
C ARG B 114 33.19 43.96 -17.14
N ARG B 115 34.37 43.64 -16.60
CA ARG B 115 35.55 44.43 -16.90
C ARG B 115 35.99 44.28 -18.35
N LEU B 116 35.95 43.05 -18.88
CA LEU B 116 36.37 42.84 -20.27
C LEU B 116 35.33 43.37 -21.26
N MET B 117 34.04 43.31 -20.92
CA MET B 117 33.05 43.95 -21.79
C MET B 117 33.12 45.48 -21.69
N ARG B 118 33.65 46.01 -20.60
CA ARG B 118 33.85 47.45 -20.52
C ARG B 118 35.14 47.88 -21.21
N ARG B 119 36.14 47.00 -21.29
CA ARG B 119 37.46 47.36 -21.77
C ARG B 119 37.72 46.93 -23.22
N HIS B 120 36.93 46.01 -23.77
CA HIS B 120 37.16 45.58 -25.15
C HIS B 120 35.87 45.59 -25.98
N ASP B 121 34.77 46.08 -25.41
CA ASP B 121 33.45 46.22 -26.06
C ASP B 121 32.92 44.88 -26.56
N LEU B 122 33.22 43.81 -25.83
CA LEU B 122 32.82 42.48 -26.26
C LEU B 122 31.37 42.19 -25.89
N SER B 123 30.94 40.97 -26.18
CA SER B 123 29.61 40.51 -25.84
C SER B 123 29.65 39.71 -24.54
N GLU B 124 28.49 39.18 -24.16
CA GLU B 124 28.45 38.33 -22.97
C GLU B 124 29.03 36.96 -23.29
N GLU B 125 28.76 36.44 -24.49
CA GLU B 125 29.23 35.11 -24.83
C GLU B 125 30.71 35.09 -25.16
N GLU B 126 31.23 36.17 -25.76
CA GLU B 126 32.66 36.24 -26.03
C GLU B 126 33.46 36.39 -24.75
N ALA B 127 32.94 37.18 -23.80
CA ALA B 127 33.59 37.33 -22.50
C ALA B 127 33.51 36.05 -21.69
N ARG B 128 32.38 35.34 -21.77
CA ARG B 128 32.26 34.06 -21.11
C ARG B 128 33.12 32.99 -21.76
N LYS B 129 33.40 33.14 -23.06
CA LYS B 129 34.32 32.24 -23.74
C LYS B 129 35.75 32.48 -23.28
N ARG B 130 36.16 33.75 -23.23
CA ARG B 130 37.51 34.10 -22.80
C ARG B 130 37.73 33.87 -21.31
N ILE B 131 36.68 34.05 -20.51
CA ILE B 131 36.77 33.86 -19.05
C ILE B 131 35.88 32.69 -18.64
N PRO B 132 36.42 31.50 -18.46
CA PRO B 132 35.60 30.35 -18.04
C PRO B 132 35.23 30.45 -16.56
N ASP B 133 34.63 29.36 -16.07
CA ASP B 133 34.27 29.32 -14.66
C ASP B 133 35.38 28.69 -13.81
N THR B 134 36.47 28.24 -14.41
CA THR B 134 37.55 27.62 -13.66
C THR B 134 38.53 28.64 -13.09
N VAL B 135 38.44 29.91 -13.50
CA VAL B 135 39.38 30.91 -13.01
C VAL B 135 38.99 31.41 -11.62
N ALA B 136 37.80 31.04 -11.14
CA ALA B 136 37.41 31.39 -9.79
C ALA B 136 38.20 30.58 -8.78
N ARG B 137 39.26 31.18 -8.25
CA ARG B 137 40.13 30.52 -7.28
C ARG B 137 39.86 31.10 -5.90
N ALA B 138 39.63 30.21 -4.94
CA ALA B 138 39.39 30.58 -3.55
C ALA B 138 40.69 30.48 -2.78
N LEU B 139 40.78 31.22 -1.68
CA LEU B 139 41.98 31.24 -0.87
C LEU B 139 41.80 30.39 0.38
N ASP B 140 42.88 29.74 0.80
CA ASP B 140 42.91 28.98 2.05
C ASP B 140 43.49 29.84 3.17
N LEU B 141 42.85 30.97 3.39
CA LEU B 141 43.45 32.02 4.22
C LEU B 141 42.47 32.47 5.30
N PRO B 142 42.98 32.94 6.43
CA PRO B 142 42.12 33.61 7.40
C PRO B 142 41.81 35.02 6.96
N PHE B 143 40.71 35.57 7.49
CA PHE B 143 40.15 36.79 6.93
C PHE B 143 39.29 37.50 7.95
N VAL B 144 39.04 38.78 7.66
CA VAL B 144 38.04 39.57 8.36
C VAL B 144 36.97 39.99 7.36
N THR B 145 35.72 39.98 7.82
CA THR B 145 34.58 40.32 7.00
C THR B 145 34.20 41.76 7.25
N LEU B 146 34.60 42.65 6.36
CA LEU B 146 34.42 44.08 6.56
C LEU B 146 33.33 44.61 5.64
N ARG B 147 32.89 45.83 5.94
CA ARG B 147 31.91 46.54 5.15
C ARG B 147 32.45 47.94 4.91
N SER B 148 32.15 48.51 3.74
CA SER B 148 32.74 49.79 3.38
C SER B 148 31.77 50.93 3.65
N GLN B 149 32.32 52.14 3.76
CA GLN B 149 31.52 53.34 3.96
C GLN B 149 31.46 54.19 2.70
N SER B 150 32.48 54.09 1.84
CA SER B 150 32.44 54.77 0.54
C SER B 150 31.39 54.12 -0.35
N THR B 151 31.52 52.82 -0.62
CA THR B 151 30.42 52.07 -1.18
C THR B 151 29.67 51.39 -0.04
N GLY B 152 28.77 50.47 -0.38
CA GLY B 152 28.01 49.75 0.61
C GLY B 152 28.18 48.26 0.59
N GLN B 153 29.37 47.76 0.24
CA GLN B 153 29.55 46.34 0.01
C GLN B 153 30.26 45.68 1.18
N HIS B 154 29.97 44.40 1.36
CA HIS B 154 30.60 43.57 2.37
C HIS B 154 31.69 42.73 1.72
N PHE B 155 32.94 42.95 2.12
CA PHE B 155 34.05 42.22 1.54
C PHE B 155 34.80 41.45 2.60
N ARG B 156 35.34 40.31 2.19
CA ARG B 156 36.26 39.53 3.00
C ARG B 156 37.68 39.99 2.71
N LEU B 157 38.37 40.47 3.73
CA LEU B 157 39.74 40.94 3.61
C LEU B 157 40.65 39.83 4.10
N PHE B 158 41.22 39.08 3.17
CA PHE B 158 42.07 37.93 3.49
C PHE B 158 43.47 38.40 3.85
N ILE B 159 43.98 37.91 4.97
CA ILE B 159 45.27 38.31 5.52
C ILE B 159 46.20 37.10 5.47
N ARG B 160 47.38 37.29 4.88
CA ARG B 160 48.39 36.25 4.80
C ARG B 160 49.65 36.71 5.52
N HIS B 161 50.19 35.85 6.37
CA HIS B 161 51.44 36.12 7.08
C HIS B 161 52.58 35.57 6.25
N GLY B 162 53.59 36.42 5.98
CA GLY B 162 54.69 36.03 5.14
C GLY B 162 55.66 35.10 5.84
N PRO B 163 56.70 34.69 5.11
CA PRO B 163 57.72 33.83 5.71
C PRO B 163 58.61 34.62 6.65
N LEU B 164 59.15 33.92 7.64
CA LEU B 164 59.92 34.57 8.70
C LEU B 164 61.29 35.01 8.19
N GLN B 165 61.76 36.15 8.67
CA GLN B 165 63.03 36.73 8.27
C GLN B 165 63.88 37.05 9.49
N VAL B 166 65.14 37.38 9.24
CA VAL B 166 66.05 37.72 10.33
C VAL B 166 66.19 39.23 10.47
N THR B 167 65.84 39.98 9.42
CA THR B 167 65.89 41.42 9.45
C THR B 167 64.67 42.00 8.76
N ALA B 168 64.41 43.27 9.05
CA ALA B 168 63.30 43.99 8.43
C ALA B 168 63.81 44.97 7.38
N GLU B 169 62.96 45.23 6.40
CA GLU B 169 63.24 46.18 5.34
C GLU B 169 62.28 47.36 5.44
N GLU B 170 62.73 48.50 4.93
CA GLU B 170 61.98 49.74 5.06
C GLU B 170 60.75 49.72 4.16
N GLY B 171 59.76 50.52 4.51
CA GLY B 171 58.51 50.57 3.80
C GLY B 171 57.38 51.01 4.69
N GLY B 172 56.24 51.27 4.07
CA GLY B 172 55.09 51.74 4.80
C GLY B 172 54.02 50.68 5.00
N PHE B 173 52.87 51.11 5.51
CA PHE B 173 51.75 50.23 5.76
C PHE B 173 50.47 50.85 5.21
N THR B 174 49.52 49.99 4.87
CA THR B 174 48.23 50.45 4.40
C THR B 174 47.40 50.97 5.56
N CYS B 175 46.25 51.56 5.26
CA CYS B 175 45.37 52.11 6.28
CA CYS B 175 45.36 52.11 6.26
C CYS B 175 44.52 51.05 6.95
N TYR B 176 44.71 49.77 6.61
CA TYR B 176 44.13 48.67 7.35
C TYR B 176 45.13 48.10 8.33
N GLY B 177 46.28 48.74 8.49
CA GLY B 177 47.36 48.21 9.30
C GLY B 177 48.20 47.15 8.61
N LEU B 178 47.80 46.70 7.44
CA LEU B 178 48.55 45.66 6.73
C LEU B 178 49.64 46.30 5.88
N SER B 179 50.47 45.44 5.29
CA SER B 179 51.73 45.88 4.72
C SER B 179 51.59 46.21 3.25
N LYS B 180 52.21 47.31 2.83
CA LYS B 180 52.49 47.59 1.44
C LYS B 180 53.97 47.37 1.15
N GLY B 181 54.62 46.62 2.02
CA GLY B 181 56.05 46.33 1.91
C GLY B 181 56.77 46.26 3.23
N GLY B 182 56.23 46.94 4.25
CA GLY B 182 56.90 46.96 5.54
C GLY B 182 56.74 45.66 6.31
N PHE B 183 57.58 45.48 7.32
CA PHE B 183 57.59 44.28 8.12
C PHE B 183 57.34 44.60 9.59
N VAL B 184 56.76 43.64 10.29
CA VAL B 184 56.46 43.79 11.72
C VAL B 184 57.19 42.70 12.49
N PRO B 185 57.61 42.95 13.72
CA PRO B 185 58.22 41.88 14.51
C PRO B 185 57.20 40.84 14.93
N TRP B 186 57.62 39.58 14.88
CA TRP B 186 56.76 38.45 15.24
C TRP B 186 57.36 37.74 16.44
N PHE B 187 56.58 37.60 17.50
CA PHE B 187 57.03 36.94 18.71
C PHE B 187 55.85 36.43 19.53
N VAL C 5 33.83 -27.76 16.71
CA VAL C 5 35.22 -27.98 17.10
C VAL C 5 35.91 -26.66 17.49
N THR C 6 37.17 -26.47 17.07
CA THR C 6 38.01 -25.39 17.57
C THR C 6 37.48 -24.01 17.19
N ASP C 7 37.75 -23.03 18.04
CA ASP C 7 37.16 -21.71 17.89
C ASP C 7 37.85 -20.95 16.77
N PRO C 8 37.12 -20.13 16.02
CA PRO C 8 37.75 -19.37 14.94
C PRO C 8 38.53 -18.18 15.49
N GLU C 9 39.75 -18.02 14.99
CA GLU C 9 40.54 -16.85 15.35
C GLU C 9 40.02 -15.61 14.64
N ALA C 10 39.64 -15.76 13.38
CA ALA C 10 39.01 -14.70 12.61
C ALA C 10 37.71 -15.23 12.02
N LEU C 11 36.94 -14.32 11.44
CA LEU C 11 35.65 -14.65 10.85
C LEU C 11 35.56 -13.97 9.51
N LEU C 12 35.75 -14.72 8.44
CA LEU C 12 35.74 -14.18 7.09
C LEU C 12 34.31 -14.16 6.60
N LEU C 13 33.95 -13.14 5.85
CA LEU C 13 32.61 -13.00 5.28
C LEU C 13 32.72 -12.99 3.76
N LEU C 14 32.32 -14.08 3.13
CA LEU C 14 31.96 -14.01 1.74
C LEU C 14 30.61 -13.31 1.63
N PRO C 15 30.50 -12.25 0.84
CA PRO C 15 29.25 -11.50 0.75
C PRO C 15 28.21 -12.22 -0.08
N ARG C 16 27.17 -11.49 -0.48
CA ARG C 16 26.01 -12.12 -1.10
C ARG C 16 26.37 -12.77 -2.43
N LEU C 17 26.50 -14.09 -2.41
CA LEU C 17 26.85 -14.89 -3.57
C LEU C 17 25.57 -15.33 -4.24
N SER C 18 25.45 -15.13 -5.54
CA SER C 18 24.25 -15.52 -6.26
C SER C 18 24.49 -16.88 -6.89
N ILE C 19 23.68 -17.86 -6.51
CA ILE C 19 23.79 -19.23 -6.97
C ILE C 19 22.57 -19.47 -7.84
N GLN C 20 22.77 -20.02 -9.04
CA GLN C 20 21.66 -19.96 -9.95
C GLN C 20 20.85 -21.25 -10.03
N ASN C 21 21.47 -22.43 -9.96
CA ASN C 21 20.67 -23.65 -9.92
C ASN C 21 21.17 -24.52 -8.79
N ALA C 22 20.79 -24.16 -7.58
CA ALA C 22 21.22 -24.94 -6.44
C ALA C 22 20.26 -26.09 -6.25
N ASN C 23 20.68 -27.09 -5.47
CA ASN C 23 19.85 -28.26 -5.30
C ASN C 23 18.74 -27.95 -4.31
N ALA C 24 17.51 -27.87 -4.82
CA ALA C 24 16.37 -27.64 -3.95
C ALA C 24 16.02 -28.89 -3.15
N ILE C 25 16.28 -30.06 -3.70
CA ILE C 25 16.05 -31.32 -2.98
C ILE C 25 17.18 -31.44 -1.95
N SER C 26 16.91 -31.07 -0.70
CA SER C 26 17.92 -31.19 0.34
C SER C 26 18.19 -32.65 0.67
N SER C 27 17.17 -33.47 0.62
CA SER C 27 17.20 -34.81 1.21
C SER C 27 16.01 -35.58 0.66
N PRO C 28 15.88 -36.89 0.92
CA PRO C 28 14.67 -37.61 0.47
C PRO C 28 13.37 -37.16 1.11
N LEU C 29 13.39 -36.47 2.25
CA LEU C 29 12.15 -36.01 2.86
C LEU C 29 11.95 -34.51 2.79
N THR C 30 12.99 -33.72 2.55
CA THR C 30 12.91 -32.27 2.63
C THR C 30 13.30 -31.64 1.30
N TRP C 31 12.61 -30.58 0.94
CA TRP C 31 12.97 -29.72 -0.17
C TRP C 31 13.09 -28.30 0.32
N GLY C 32 13.65 -27.44 -0.53
CA GLY C 32 13.73 -26.05 -0.20
C GLY C 32 15.14 -25.53 -0.28
N PHE C 33 15.59 -24.93 0.79
CA PHE C 33 16.97 -24.52 0.89
C PHE C 33 17.85 -25.76 0.90
N PRO C 34 19.01 -25.73 0.23
CA PRO C 34 19.90 -26.89 0.21
C PRO C 34 20.46 -27.21 1.58
N SER C 35 21.03 -28.39 1.68
CA SER C 35 21.45 -28.92 2.96
C SER C 35 22.66 -28.15 3.46
N PRO C 36 22.89 -28.09 4.78
CA PRO C 36 24.10 -27.47 5.28
C PRO C 36 25.36 -28.27 4.99
N GLY C 37 25.21 -29.54 4.60
CA GLY C 37 26.32 -30.30 4.09
C GLY C 37 26.91 -29.76 2.82
N ALA C 38 26.06 -29.15 1.98
CA ALA C 38 26.55 -28.47 0.77
C ALA C 38 27.48 -27.33 1.12
N PHE C 39 27.13 -26.53 2.12
CA PHE C 39 27.93 -25.37 2.48
C PHE C 39 29.19 -25.77 3.21
N THR C 40 29.10 -26.79 4.08
CA THR C 40 30.31 -27.26 4.76
C THR C 40 31.26 -27.95 3.80
N GLY C 41 30.74 -28.66 2.80
CA GLY C 41 31.59 -29.25 1.78
C GLY C 41 32.19 -28.22 0.86
N PHE C 42 31.47 -27.12 0.62
CA PHE C 42 32.02 -26.01 -0.16
C PHE C 42 33.16 -25.33 0.58
N VAL C 43 33.02 -25.16 1.89
CA VAL C 43 34.09 -24.49 2.64
C VAL C 43 35.27 -25.42 2.83
N HIS C 44 35.03 -26.73 2.89
CA HIS C 44 36.17 -27.64 2.87
C HIS C 44 36.84 -27.68 1.50
N ALA C 45 36.09 -27.49 0.42
CA ALA C 45 36.73 -27.40 -0.89
C ALA C 45 37.48 -26.09 -1.06
N LEU C 46 37.00 -25.02 -0.42
CA LEU C 46 37.75 -23.76 -0.40
C LEU C 46 39.04 -23.91 0.38
N GLN C 47 38.99 -24.61 1.52
CA GLN C 47 40.21 -24.93 2.26
C GLN C 47 41.16 -25.77 1.44
N ARG C 48 40.65 -26.81 0.80
CA ARG C 48 41.40 -27.72 -0.04
C ARG C 48 41.99 -27.05 -1.27
N ARG C 49 41.41 -25.96 -1.73
CA ARG C 49 41.87 -25.32 -2.96
C ARG C 49 42.65 -24.04 -2.77
N VAL C 50 42.39 -23.26 -1.71
CA VAL C 50 43.14 -22.02 -1.53
C VAL C 50 43.67 -21.90 -0.10
N GLY C 51 43.10 -22.67 0.83
CA GLY C 51 43.48 -22.50 2.22
C GLY C 51 44.80 -23.16 2.56
N ILE C 52 45.19 -24.19 1.80
CA ILE C 52 46.46 -24.85 2.04
C ILE C 52 47.65 -24.08 1.48
N SER C 53 47.40 -22.97 0.78
CA SER C 53 48.46 -22.11 0.27
C SER C 53 48.60 -20.83 1.08
N LEU C 54 47.50 -20.32 1.64
CA LEU C 54 47.56 -19.17 2.53
C LEU C 54 47.94 -19.54 3.95
N ASP C 55 48.15 -20.84 4.22
CA ASP C 55 48.44 -21.39 5.55
C ASP C 55 47.38 -21.01 6.57
N ILE C 56 46.12 -21.19 6.20
CA ILE C 56 44.99 -20.98 7.09
C ILE C 56 44.10 -22.22 7.01
N GLU C 57 43.15 -22.31 7.94
CA GLU C 57 42.23 -23.43 8.02
C GLU C 57 40.81 -22.89 8.03
N LEU C 58 40.18 -22.86 6.87
CA LEU C 58 38.80 -22.43 6.72
C LEU C 58 37.90 -23.54 7.23
N ASP C 59 37.28 -23.34 8.38
CA ASP C 59 36.50 -24.37 9.04
C ASP C 59 35.28 -23.74 9.67
N GLY C 60 34.10 -24.26 9.32
CA GLY C 60 32.87 -23.73 9.85
C GLY C 60 32.26 -22.68 8.95
N VAL C 61 30.98 -22.82 8.63
CA VAL C 61 30.28 -21.89 7.74
C VAL C 61 28.96 -21.48 8.36
N GLY C 62 28.63 -20.18 8.25
CA GLY C 62 27.36 -19.68 8.67
C GLY C 62 26.55 -19.24 7.46
N ILE C 63 25.34 -19.78 7.36
CA ILE C 63 24.52 -19.67 6.16
C ILE C 63 23.44 -18.62 6.39
N VAL C 64 23.25 -17.70 5.43
CA VAL C 64 22.43 -16.52 5.71
C VAL C 64 21.20 -16.37 4.80
N CYS C 65 21.34 -16.63 3.50
CA CYS C 65 20.21 -16.68 2.55
C CYS C 65 19.38 -15.39 2.50
N HIS C 66 20.00 -14.35 1.91
CA HIS C 66 19.29 -13.10 1.72
C HIS C 66 18.07 -13.25 0.80
N ARG C 67 18.23 -13.99 -0.28
CA ARG C 67 17.15 -14.16 -1.24
C ARG C 67 17.08 -15.62 -1.66
N PHE C 68 15.87 -16.14 -1.77
CA PHE C 68 15.63 -17.51 -2.18
C PHE C 68 14.50 -17.54 -3.18
N GLU C 69 14.69 -18.20 -4.31
CA GLU C 69 13.63 -18.44 -5.27
C GLU C 69 13.74 -19.86 -5.79
N ALA C 70 12.75 -20.69 -5.49
CA ALA C 70 12.72 -22.05 -5.98
C ALA C 70 12.01 -22.09 -7.32
N GLN C 71 12.55 -22.89 -8.23
CA GLN C 71 11.94 -23.08 -9.54
C GLN C 71 10.85 -24.15 -9.42
N ILE C 72 9.79 -23.77 -8.71
CA ILE C 72 8.65 -24.63 -8.46
C ILE C 72 7.45 -24.02 -9.13
N SER C 73 6.36 -24.79 -9.16
CA SER C 73 5.10 -24.28 -9.65
C SER C 73 3.99 -25.00 -8.92
N GLN C 74 2.87 -24.32 -8.73
CA GLN C 74 1.73 -24.92 -8.05
C GLN C 74 0.70 -25.31 -9.09
N PRO C 75 0.46 -26.59 -9.31
CA PRO C 75 -0.45 -27.01 -10.38
C PRO C 75 -1.90 -26.64 -10.09
N ALA C 76 -2.70 -26.58 -11.15
CA ALA C 76 -4.07 -26.11 -11.04
C ALA C 76 -4.94 -27.14 -10.35
N GLY C 77 -5.70 -26.69 -9.37
CA GLY C 77 -6.49 -27.60 -8.57
C GLY C 77 -5.70 -28.45 -7.62
N LYS C 78 -4.45 -28.10 -7.35
CA LYS C 78 -3.62 -28.82 -6.40
C LYS C 78 -3.08 -27.87 -5.36
N ARG C 79 -2.95 -28.37 -4.14
CA ARG C 79 -2.49 -27.54 -3.03
C ARG C 79 -0.97 -27.54 -2.95
N THR C 80 -0.34 -28.63 -3.36
CA THR C 80 1.09 -28.83 -3.29
C THR C 80 1.77 -28.30 -4.54
N LYS C 81 3.09 -28.46 -4.58
CA LYS C 81 3.93 -27.91 -5.64
C LYS C 81 4.67 -29.01 -6.37
N VAL C 82 5.11 -28.71 -7.59
CA VAL C 82 5.94 -29.59 -8.39
C VAL C 82 7.13 -28.77 -8.85
N PHE C 83 8.10 -29.44 -9.46
CA PHE C 83 9.35 -28.80 -9.84
C PHE C 83 9.39 -28.53 -11.34
N ASN C 84 9.88 -27.35 -11.70
CA ASN C 84 10.12 -27.00 -13.09
C ASN C 84 11.45 -27.61 -13.50
N LEU C 85 11.45 -28.34 -14.61
CA LEU C 85 12.58 -29.17 -14.96
C LEU C 85 13.33 -28.60 -16.16
N THR C 86 14.36 -29.31 -16.58
CA THR C 86 15.15 -28.99 -17.74
C THR C 86 15.01 -30.11 -18.76
N ARG C 87 15.17 -29.77 -20.02
CA ARG C 87 14.99 -30.72 -21.12
C ARG C 87 16.36 -31.25 -21.50
N ASN C 88 16.63 -32.48 -21.12
CA ASN C 88 17.90 -33.14 -21.33
C ASN C 88 18.06 -33.47 -22.81
N PRO C 89 19.26 -33.83 -23.27
CA PRO C 89 19.40 -34.30 -24.63
C PRO C 89 18.75 -35.65 -24.84
N LEU C 90 18.59 -35.99 -26.11
CA LEU C 90 17.91 -37.22 -26.49
C LEU C 90 18.83 -38.42 -26.28
N ASN C 91 18.30 -39.60 -26.53
CA ASN C 91 19.11 -40.81 -26.53
C ASN C 91 19.81 -40.92 -27.88
N ARG C 92 20.52 -42.03 -28.09
CA ARG C 92 21.20 -42.22 -29.36
C ARG C 92 20.22 -42.66 -30.45
N ASP C 93 19.00 -43.05 -30.07
CA ASP C 93 18.02 -43.42 -31.08
C ASP C 93 17.06 -42.29 -31.42
N GLY C 94 17.09 -41.18 -30.68
CA GLY C 94 16.24 -40.05 -30.97
C GLY C 94 15.05 -39.89 -30.07
N SER C 95 14.90 -40.73 -29.05
CA SER C 95 13.76 -40.61 -28.15
C SER C 95 14.09 -39.68 -26.98
N THR C 96 13.04 -39.20 -26.32
CA THR C 96 13.21 -38.40 -25.12
C THR C 96 13.69 -39.28 -23.98
N ALA C 97 14.67 -38.78 -23.22
CA ALA C 97 15.19 -39.51 -22.08
C ALA C 97 14.16 -39.56 -20.97
N ALA C 98 14.33 -40.53 -20.07
CA ALA C 98 13.48 -40.62 -18.89
C ALA C 98 13.78 -39.46 -17.95
N ILE C 99 12.73 -38.77 -17.52
CA ILE C 99 12.88 -37.53 -16.77
C ILE C 99 13.24 -37.87 -15.32
N VAL C 100 14.33 -37.29 -14.84
CA VAL C 100 14.74 -37.40 -13.44
C VAL C 100 14.55 -36.04 -12.81
N GLU C 101 13.61 -35.95 -11.87
CA GLU C 101 13.19 -34.67 -11.32
C GLU C 101 14.24 -34.14 -10.36
N GLU C 102 14.88 -33.04 -10.73
CA GLU C 102 15.77 -32.31 -9.87
C GLU C 102 15.19 -30.94 -9.59
N GLY C 103 15.34 -30.46 -8.35
CA GLY C 103 14.87 -29.15 -7.99
C GLY C 103 15.99 -28.15 -8.11
N ARG C 104 15.71 -27.02 -8.74
CA ARG C 104 16.67 -25.95 -8.89
C ARG C 104 16.15 -24.73 -8.15
N ALA C 105 17.06 -23.99 -7.53
CA ALA C 105 16.67 -22.82 -6.76
C ALA C 105 17.73 -21.75 -6.89
N HIS C 106 17.29 -20.50 -7.00
CA HIS C 106 18.18 -19.36 -7.11
C HIS C 106 18.36 -18.76 -5.73
N LEU C 107 19.57 -18.84 -5.20
CA LEU C 107 19.86 -18.40 -3.86
C LEU C 107 20.58 -17.05 -3.90
N GLU C 108 20.70 -16.45 -2.73
CA GLU C 108 21.62 -15.34 -2.53
C GLU C 108 22.04 -15.44 -1.07
N VAL C 109 23.12 -16.17 -0.83
CA VAL C 109 23.59 -16.44 0.52
C VAL C 109 24.87 -15.65 0.74
N SER C 110 25.19 -15.39 1.99
CA SER C 110 26.48 -14.87 2.39
C SER C 110 27.03 -15.77 3.47
N LEU C 111 28.28 -16.15 3.35
CA LEU C 111 28.86 -17.18 4.20
C LEU C 111 29.83 -16.54 5.18
N LEU C 112 29.73 -16.93 6.44
CA LEU C 112 30.70 -16.55 7.46
C LEU C 112 31.60 -17.74 7.72
N LEU C 113 32.87 -17.60 7.39
CA LEU C 113 33.81 -18.71 7.43
C LEU C 113 34.70 -18.53 8.65
N GLY C 114 34.87 -19.60 9.41
CA GLY C 114 35.82 -19.55 10.51
C GLY C 114 37.22 -19.78 9.99
N VAL C 115 38.08 -18.81 10.18
CA VAL C 115 39.45 -18.88 9.70
C VAL C 115 40.36 -18.89 10.91
N HIS C 116 41.22 -19.90 11.00
CA HIS C 116 42.25 -19.95 12.03
C HIS C 116 43.51 -20.55 11.44
N GLY C 117 44.65 -20.05 11.88
CA GLY C 117 45.92 -20.51 11.36
C GLY C 117 47.01 -19.49 11.64
N ASP C 118 48.19 -19.79 11.12
CA ASP C 118 49.30 -18.84 11.18
C ASP C 118 49.37 -17.94 9.96
N GLY C 119 48.50 -18.16 8.98
CA GLY C 119 48.54 -17.32 7.79
C GLY C 119 47.80 -16.02 7.96
N LEU C 120 47.12 -15.86 9.10
CA LEU C 120 46.51 -14.57 9.43
C LEU C 120 47.56 -13.52 9.68
N ASP C 121 48.72 -13.93 10.20
CA ASP C 121 49.80 -12.99 10.48
C ASP C 121 50.64 -12.75 9.24
N ASP C 122 50.87 -13.78 8.43
CA ASP C 122 51.82 -13.67 7.33
C ASP C 122 51.25 -12.86 6.18
N HIS C 123 49.94 -12.77 6.08
CA HIS C 123 49.25 -12.09 5.00
C HIS C 123 48.35 -10.99 5.55
N PRO C 124 48.01 -9.99 4.73
CA PRO C 124 46.95 -9.05 5.12
C PRO C 124 45.60 -9.74 5.12
N ALA C 125 44.65 -9.13 5.84
CA ALA C 125 43.32 -9.71 5.94
C ALA C 125 42.56 -9.58 4.64
N GLN C 126 42.67 -8.41 3.99
CA GLN C 126 41.97 -8.20 2.72
C GLN C 126 42.56 -9.05 1.61
N GLU C 127 43.84 -9.41 1.72
CA GLU C 127 44.46 -10.26 0.71
C GLU C 127 43.89 -11.67 0.73
N ILE C 128 43.77 -12.27 1.91
CA ILE C 128 43.25 -13.62 1.97
C ILE C 128 41.74 -13.63 1.77
N ALA C 129 41.07 -12.54 2.15
CA ALA C 129 39.64 -12.41 1.85
C ALA C 129 39.41 -12.31 0.34
N ARG C 130 40.22 -11.52 -0.36
CA ARG C 130 40.15 -11.42 -1.81
C ARG C 130 40.51 -12.73 -2.48
N GLN C 131 41.47 -13.47 -1.92
CA GLN C 131 41.89 -14.71 -2.55
C GLN C 131 40.84 -15.80 -2.42
N VAL C 132 40.19 -15.89 -1.25
CA VAL C 132 39.13 -16.89 -1.13
C VAL C 132 37.90 -16.46 -1.92
N GLN C 133 37.69 -15.16 -2.14
CA GLN C 133 36.55 -14.78 -2.97
C GLN C 133 36.82 -15.00 -4.46
N GLU C 134 38.04 -14.72 -4.92
CA GLU C 134 38.39 -15.01 -6.30
C GLU C 134 38.50 -16.49 -6.57
N GLN C 135 38.72 -17.31 -5.54
CA GLN C 135 38.62 -18.75 -5.72
C GLN C 135 37.18 -19.24 -5.66
N ALA C 136 36.34 -18.59 -4.86
CA ALA C 136 34.94 -18.95 -4.77
C ALA C 136 34.16 -18.55 -6.01
N GLY C 137 34.64 -17.56 -6.75
CA GLY C 137 33.97 -17.16 -7.98
C GLY C 137 34.02 -18.19 -9.09
N ALA C 138 34.93 -19.16 -9.01
CA ALA C 138 35.06 -20.23 -10.00
C ALA C 138 34.44 -21.53 -9.50
N MET C 139 33.67 -21.47 -8.42
CA MET C 139 33.18 -22.66 -7.74
C MET C 139 31.68 -22.77 -7.85
N ARG C 140 31.09 -23.72 -7.13
CA ARG C 140 29.66 -23.92 -7.10
C ARG C 140 29.26 -24.38 -5.71
N LEU C 141 28.04 -24.03 -5.30
CA LEU C 141 27.70 -24.04 -3.88
C LEU C 141 26.68 -25.10 -3.48
N ALA C 142 25.75 -25.47 -4.34
CA ALA C 142 24.95 -26.65 -4.06
C ALA C 142 24.67 -27.39 -5.35
N GLY C 143 25.59 -27.30 -6.29
CA GLY C 143 25.33 -27.71 -7.64
C GLY C 143 25.06 -26.57 -8.58
N GLY C 144 25.06 -25.34 -8.09
CA GLY C 144 24.71 -24.18 -8.89
C GLY C 144 25.85 -23.18 -8.98
N SER C 145 25.93 -22.50 -10.12
CA SER C 145 27.04 -21.62 -10.41
C SER C 145 26.98 -20.36 -9.57
N ILE C 146 28.13 -19.91 -9.11
CA ILE C 146 28.23 -18.68 -8.35
C ILE C 146 28.34 -17.53 -9.34
N LEU C 147 27.26 -16.75 -9.45
CA LEU C 147 27.24 -15.61 -10.34
C LEU C 147 28.19 -14.52 -9.85
N PRO C 148 29.14 -14.10 -10.68
CA PRO C 148 30.29 -13.33 -10.20
C PRO C 148 30.17 -11.81 -10.24
N TRP C 149 28.97 -11.24 -10.37
CA TRP C 149 28.69 -9.81 -10.17
C TRP C 149 29.46 -8.91 -11.13
N CYS C 150 29.04 -8.94 -12.39
CA CYS C 150 29.58 -8.01 -13.37
C CYS C 150 28.61 -6.86 -13.64
N ASN C 151 29.14 -5.64 -13.53
CA ASN C 151 28.54 -4.41 -14.05
C ASN C 151 27.21 -4.03 -13.39
N GLU C 152 27.11 -4.25 -12.08
CA GLU C 152 26.08 -3.63 -11.27
C GLU C 152 26.60 -2.32 -10.70
N ARG C 153 25.94 -1.81 -9.65
CA ARG C 153 26.33 -0.54 -9.04
C ARG C 153 27.72 -0.60 -8.43
N PHE C 154 27.98 -1.58 -7.58
CA PHE C 154 29.32 -1.81 -7.04
C PHE C 154 29.41 -3.27 -6.63
N PRO C 155 30.60 -3.88 -6.75
CA PRO C 155 30.74 -5.27 -6.30
C PRO C 155 30.81 -5.37 -4.79
N ALA C 156 30.15 -6.36 -4.22
CA ALA C 156 30.16 -6.53 -2.78
C ALA C 156 31.50 -7.10 -2.35
N PRO C 157 32.30 -6.37 -1.57
CA PRO C 157 33.63 -6.87 -1.20
C PRO C 157 33.54 -7.77 0.03
N ASN C 158 34.68 -8.24 0.50
CA ASN C 158 34.71 -9.07 1.68
C ASN C 158 35.04 -8.25 2.92
N ALA C 159 35.10 -8.95 4.04
CA ALA C 159 35.62 -8.42 5.30
C ALA C 159 36.00 -9.60 6.15
N GLU C 160 37.29 -9.74 6.43
CA GLU C 160 37.75 -10.78 7.36
C GLU C 160 37.84 -10.14 8.73
N LEU C 161 36.89 -10.46 9.59
CA LEU C 161 36.82 -9.89 10.92
C LEU C 161 37.63 -10.76 11.87
N LEU C 162 38.71 -10.22 12.40
CA LEU C 162 39.47 -10.91 13.44
C LEU C 162 38.65 -10.94 14.72
N MET C 163 38.31 -12.16 15.17
CA MET C 163 37.44 -12.32 16.33
C MET C 163 38.16 -11.97 17.62
N LEU C 164 39.49 -11.96 17.60
CA LEU C 164 40.25 -11.50 18.76
C LEU C 164 40.08 -10.00 18.90
N GLY C 165 39.33 -9.60 19.91
CA GLY C 165 39.10 -8.19 20.19
C GLY C 165 39.95 -7.73 21.35
N GLY C 166 40.42 -6.49 21.25
CA GLY C 166 41.17 -5.90 22.34
C GLY C 166 40.30 -5.60 23.54
N SER C 167 39.01 -5.34 23.30
CA SER C 167 38.05 -5.11 24.35
C SER C 167 36.75 -5.77 23.97
N ASP C 168 35.89 -6.00 24.97
CA ASP C 168 34.61 -6.64 24.71
C ASP C 168 33.65 -5.68 24.02
N GLU C 169 33.83 -4.38 24.26
CA GLU C 169 32.98 -3.39 23.60
C GLU C 169 33.34 -3.27 22.11
N GLN C 170 34.63 -3.34 21.79
CA GLN C 170 35.04 -3.34 20.39
C GLN C 170 34.62 -4.62 19.68
N ARG C 171 34.65 -5.75 20.41
CA ARG C 171 34.20 -7.01 19.84
C ARG C 171 32.71 -6.99 19.57
N ARG C 172 31.92 -6.48 20.51
CA ARG C 172 30.47 -6.32 20.26
C ARG C 172 30.22 -5.31 19.16
N LYS C 173 31.09 -4.30 19.04
CA LYS C 173 30.95 -3.27 18.01
C LYS C 173 31.12 -3.84 16.62
N ASN C 174 32.14 -4.68 16.40
CA ASN C 174 32.32 -5.14 15.03
C ASN C 174 31.52 -6.42 14.76
N GLN C 175 31.03 -7.12 15.80
CA GLN C 175 29.95 -8.07 15.55
C GLN C 175 28.71 -7.37 15.06
N ARG C 176 28.41 -6.18 15.61
CA ARG C 176 27.30 -5.39 15.11
C ARG C 176 27.55 -4.88 13.70
N ARG C 177 28.81 -4.51 13.42
CA ARG C 177 29.18 -4.02 12.09
C ARG C 177 29.06 -5.11 11.04
N LEU C 178 29.27 -6.38 11.43
CA LEU C 178 29.13 -7.47 10.48
C LEU C 178 27.67 -7.91 10.36
N THR C 179 26.93 -7.90 11.48
CA THR C 179 25.52 -8.27 11.48
C THR C 179 24.68 -7.31 10.67
N ARG C 180 25.04 -6.02 10.69
CA ARG C 180 24.36 -5.05 9.86
C ARG C 180 24.62 -5.30 8.38
N ARG C 181 25.76 -5.89 8.06
CA ARG C 181 26.13 -6.17 6.69
C ARG C 181 25.45 -7.40 6.15
N LEU C 182 25.15 -8.38 6.99
CA LEU C 182 24.47 -9.59 6.54
C LEU C 182 23.04 -9.66 7.08
N LEU C 183 22.39 -8.50 7.17
CA LEU C 183 21.08 -8.37 7.82
C LEU C 183 19.84 -8.79 7.03
N PRO C 184 19.65 -8.49 5.69
CA PRO C 184 18.37 -8.85 5.06
C PRO C 184 18.04 -10.34 4.92
N GLY C 185 18.91 -11.21 5.42
CA GLY C 185 18.69 -12.64 5.40
C GLY C 185 18.30 -13.20 6.75
N PHE C 186 18.60 -14.48 6.94
CA PHE C 186 18.13 -15.23 8.10
C PHE C 186 19.12 -16.35 8.36
N ALA C 187 19.83 -16.33 9.48
CA ALA C 187 20.86 -17.32 9.69
C ALA C 187 20.27 -18.68 10.03
N LEU C 188 20.84 -19.73 9.46
CA LEU C 188 20.34 -21.10 9.63
C LEU C 188 21.19 -21.82 10.66
N VAL C 189 20.56 -22.23 11.75
CA VAL C 189 21.25 -22.95 12.82
C VAL C 189 20.59 -24.30 13.01
N SER C 190 21.10 -25.05 13.96
CA SER C 190 20.67 -26.39 14.26
C SER C 190 20.16 -26.45 15.69
N ARG C 191 18.91 -26.87 15.84
CA ARG C 191 18.28 -26.98 17.14
C ARG C 191 17.91 -28.45 17.32
N GLU C 192 18.86 -29.25 17.78
CA GLU C 192 18.61 -30.66 18.04
C GLU C 192 18.30 -30.93 19.49
N ALA C 193 18.74 -30.05 20.40
CA ALA C 193 18.29 -30.13 21.78
C ALA C 193 16.80 -29.82 21.89
N LEU C 194 16.31 -28.87 21.08
CA LEU C 194 14.88 -28.60 21.02
C LEU C 194 14.13 -29.78 20.45
N LEU C 195 14.70 -30.48 19.47
CA LEU C 195 14.07 -31.67 18.92
C LEU C 195 14.00 -32.80 19.94
N GLN C 196 15.06 -32.97 20.73
CA GLN C 196 15.06 -34.02 21.74
C GLN C 196 14.12 -33.71 22.88
N GLN C 197 14.06 -32.44 23.32
CA GLN C 197 13.14 -32.12 24.40
C GLN C 197 11.70 -32.10 23.94
N HIS C 198 11.45 -31.82 22.66
CA HIS C 198 10.10 -31.98 22.12
C HIS C 198 9.73 -33.45 22.02
N LEU C 199 10.70 -34.31 21.72
CA LEU C 199 10.47 -35.76 21.76
C LEU C 199 10.15 -36.22 23.17
N GLU C 200 10.84 -35.66 24.16
CA GLU C 200 10.59 -36.01 25.56
C GLU C 200 9.19 -35.57 25.99
N THR C 201 8.78 -34.37 25.57
CA THR C 201 7.42 -33.90 25.85
C THR C 201 6.37 -34.77 25.16
N LEU C 202 6.66 -35.19 23.93
CA LEU C 202 5.71 -36.03 23.20
C LEU C 202 5.68 -37.45 23.78
N ARG C 203 6.76 -37.85 24.44
CA ARG C 203 6.78 -39.16 25.09
C ARG C 203 6.07 -39.13 26.44
N THR C 204 6.12 -38.00 27.15
CA THR C 204 5.25 -37.86 28.33
C THR C 204 3.79 -37.75 27.92
N THR C 205 3.52 -37.25 26.70
CA THR C 205 2.17 -37.28 26.18
C THR C 205 1.74 -38.69 25.83
N LEU C 206 2.46 -39.34 24.90
CA LEU C 206 2.15 -40.68 24.47
C LEU C 206 3.43 -41.50 24.40
N PRO C 207 3.46 -42.69 25.00
CA PRO C 207 4.69 -43.49 24.99
C PRO C 207 4.91 -44.13 23.63
N GLU C 208 6.13 -44.66 23.46
CA GLU C 208 6.64 -45.17 22.19
C GLU C 208 6.47 -44.13 21.08
N ALA C 209 7.25 -43.06 21.18
CA ALA C 209 7.28 -42.02 20.16
C ALA C 209 8.67 -41.99 19.56
N THR C 210 8.73 -41.82 18.25
CA THR C 210 10.02 -41.66 17.60
C THR C 210 10.24 -40.17 17.34
N THR C 211 11.51 -39.78 17.21
CA THR C 211 11.81 -38.37 17.02
C THR C 211 11.67 -37.97 15.55
N LEU C 212 11.44 -38.94 14.67
CA LEU C 212 10.88 -38.61 13.36
C LEU C 212 9.49 -38.02 13.53
N ASP C 213 8.68 -38.59 14.42
CA ASP C 213 7.35 -38.07 14.68
C ASP C 213 7.43 -36.73 15.42
N ALA C 214 8.44 -36.54 16.28
CA ALA C 214 8.59 -35.26 16.95
C ALA C 214 9.07 -34.19 15.98
N LEU C 215 9.89 -34.59 15.01
CA LEU C 215 10.32 -33.67 13.96
C LEU C 215 9.15 -33.25 13.11
N LEU C 216 8.34 -34.21 12.70
CA LEU C 216 7.10 -33.91 11.99
C LEU C 216 6.19 -33.01 12.79
N ASP C 217 6.07 -33.25 14.10
CA ASP C 217 5.24 -32.42 14.98
C ASP C 217 5.76 -30.99 15.06
N LEU C 218 7.07 -30.81 14.95
CA LEU C 218 7.60 -29.46 14.87
C LEU C 218 7.45 -28.89 13.46
N CYS C 219 7.18 -29.74 12.47
CA CYS C 219 7.01 -29.24 11.11
C CYS C 219 5.59 -28.79 10.83
N ARG C 220 4.59 -29.54 11.30
CA ARG C 220 3.20 -29.28 10.96
C ARG C 220 2.70 -27.96 11.53
N ILE C 221 1.50 -27.59 11.11
CA ILE C 221 0.76 -26.60 11.86
C ILE C 221 -0.44 -27.29 12.47
N ASN C 222 -0.40 -27.53 13.77
CA ASN C 222 -1.42 -28.34 14.41
C ASN C 222 -2.60 -27.47 14.81
N PHE C 223 -3.79 -27.92 14.42
CA PHE C 223 -5.03 -27.26 14.82
C PHE C 223 -5.51 -27.88 16.11
N GLU C 224 -5.90 -27.04 17.07
CA GLU C 224 -6.24 -27.50 18.39
C GLU C 224 -7.70 -27.19 18.70
N PRO C 225 -8.40 -28.07 19.39
CA PRO C 225 -9.80 -27.81 19.73
C PRO C 225 -9.90 -26.80 20.85
N PRO C 226 -11.09 -26.22 21.09
CA PRO C 226 -11.17 -25.31 22.24
C PRO C 226 -11.29 -26.06 23.56
N TRP C 241 -11.40 -22.78 18.02
CA TRP C 241 -10.23 -23.45 17.48
C TRP C 241 -9.06 -22.51 17.37
N GLN C 242 -7.86 -23.01 17.65
CA GLN C 242 -6.64 -22.23 17.54
C GLN C 242 -5.52 -23.12 17.03
N VAL C 243 -4.56 -22.53 16.33
CA VAL C 243 -3.39 -23.27 15.89
C VAL C 243 -2.33 -23.26 17.00
N ARG C 244 -1.55 -24.33 17.06
CA ARG C 244 -0.50 -24.38 18.07
C ARG C 244 0.69 -23.55 17.62
N ASP C 245 1.03 -22.54 18.42
CA ASP C 245 2.15 -21.66 18.08
C ASP C 245 3.48 -22.40 18.20
N LYS C 246 4.48 -21.86 17.51
CA LYS C 246 5.83 -22.38 17.48
C LYS C 246 6.82 -21.32 17.92
N PRO C 247 7.97 -21.70 18.47
CA PRO C 247 8.95 -20.69 18.89
C PRO C 247 9.58 -19.94 17.72
N GLY C 248 9.98 -20.64 16.66
CA GLY C 248 10.64 -20.00 15.56
C GLY C 248 10.22 -20.58 14.23
N TRP C 249 11.11 -20.57 13.24
CA TRP C 249 10.72 -21.07 11.93
C TRP C 249 10.71 -22.59 11.89
N LEU C 250 11.75 -23.23 12.45
CA LEU C 250 11.77 -24.67 12.77
C LEU C 250 11.58 -25.57 11.54
N VAL C 251 12.57 -25.54 10.66
CA VAL C 251 12.54 -26.35 9.44
C VAL C 251 13.14 -27.73 9.67
N PRO C 252 12.79 -28.73 8.86
CA PRO C 252 13.54 -29.98 8.89
C PRO C 252 14.76 -29.93 7.99
N ILE C 253 15.92 -30.27 8.52
CA ILE C 253 17.11 -30.25 7.69
C ILE C 253 17.75 -31.64 7.73
N PRO C 254 18.46 -32.04 6.72
CA PRO C 254 19.26 -33.27 6.83
C PRO C 254 20.54 -33.01 7.60
N ALA C 255 20.59 -33.46 8.84
CA ALA C 255 21.75 -33.19 9.68
C ALA C 255 22.76 -34.33 9.62
N GLY C 256 23.12 -34.74 8.42
CA GLY C 256 24.21 -35.66 8.25
C GLY C 256 23.82 -37.00 7.66
N TYR C 257 24.67 -37.99 7.94
CA TYR C 257 24.50 -39.34 7.42
C TYR C 257 24.69 -40.37 8.53
N ASN C 258 24.09 -41.54 8.33
CA ASN C 258 24.21 -42.66 9.25
C ASN C 258 24.59 -43.89 8.44
N ALA C 259 25.40 -44.76 9.03
CA ALA C 259 25.99 -45.87 8.30
C ALA C 259 24.97 -46.95 8.00
N LEU C 260 25.05 -47.53 6.81
CA LEU C 260 24.27 -48.70 6.45
C LEU C 260 25.13 -49.93 6.24
N SER C 261 26.32 -49.76 5.71
CA SER C 261 27.27 -50.82 5.44
C SER C 261 28.47 -50.65 6.36
N PRO C 262 29.26 -51.70 6.57
CA PRO C 262 30.57 -51.52 7.18
C PRO C 262 31.51 -50.80 6.22
N LEU C 263 32.58 -50.26 6.79
CA LEU C 263 33.53 -49.49 6.01
C LEU C 263 34.30 -50.40 5.06
N TYR C 264 34.13 -50.16 3.76
CA TYR C 264 34.81 -50.93 2.73
C TYR C 264 36.18 -50.32 2.45
N LEU C 265 37.10 -51.17 2.04
CA LEU C 265 38.45 -50.74 1.74
C LEU C 265 38.47 -49.93 0.45
N PRO C 266 39.54 -49.11 0.23
CA PRO C 266 39.63 -48.29 -0.99
C PRO C 266 39.50 -49.01 -2.33
N GLY C 267 40.34 -50.00 -2.59
CA GLY C 267 40.21 -50.73 -3.83
C GLY C 267 39.37 -51.99 -3.71
N GLU C 268 38.24 -51.89 -3.01
CA GLU C 268 37.38 -53.05 -2.77
C GLU C 268 35.96 -52.85 -3.25
N VAL C 269 35.39 -51.70 -3.05
CA VAL C 269 34.05 -51.40 -3.53
C VAL C 269 34.15 -51.12 -5.02
N ARG C 270 33.06 -51.34 -5.73
CA ARG C 270 33.05 -51.21 -7.17
C ARG C 270 32.43 -49.87 -7.55
N ASN C 271 33.06 -49.21 -8.53
CA ASN C 271 32.58 -47.98 -9.18
C ASN C 271 32.53 -46.79 -8.22
N ALA C 272 33.53 -46.69 -7.35
CA ALA C 272 33.63 -45.57 -6.42
C ALA C 272 34.06 -44.30 -7.15
N ARG C 273 34.10 -43.19 -6.41
CA ARG C 273 34.66 -41.97 -6.99
C ARG C 273 36.16 -42.09 -7.17
N ASP C 274 36.88 -42.43 -6.10
CA ASP C 274 38.29 -42.70 -6.20
C ASP C 274 38.55 -44.05 -5.55
N ARG C 275 39.63 -44.71 -5.97
CA ARG C 275 40.04 -45.97 -5.39
C ARG C 275 41.13 -45.79 -4.35
N GLU C 276 41.10 -44.67 -3.62
CA GLU C 276 42.02 -44.43 -2.54
C GLU C 276 41.34 -43.93 -1.29
N THR C 277 40.02 -44.02 -1.20
CA THR C 277 39.23 -43.52 -0.09
C THR C 277 38.23 -44.59 0.33
N PRO C 278 38.08 -44.87 1.62
CA PRO C 278 37.16 -45.93 2.04
C PRO C 278 35.71 -45.52 1.85
N LEU C 279 34.94 -46.38 1.18
CA LEU C 279 33.55 -46.11 0.91
C LEU C 279 32.66 -46.84 1.91
N ARG C 280 31.53 -46.23 2.21
CA ARG C 280 30.57 -46.77 3.15
C ARG C 280 29.21 -46.26 2.76
N PHE C 281 28.26 -47.17 2.49
CA PHE C 281 26.92 -46.76 2.11
C PHE C 281 26.23 -46.13 3.31
N VAL C 282 25.73 -44.92 3.13
CA VAL C 282 25.13 -44.18 4.23
C VAL C 282 23.70 -43.82 3.92
N GLU C 283 23.07 -43.09 4.81
CA GLU C 283 21.65 -42.79 4.76
C GLU C 283 21.42 -41.56 5.62
N ASN C 284 20.50 -40.72 5.20
CA ASN C 284 20.31 -39.39 5.78
C ASN C 284 19.88 -39.45 7.24
N LEU C 285 20.14 -38.36 7.94
CA LEU C 285 19.78 -38.20 9.34
C LEU C 285 19.11 -36.85 9.49
N PHE C 286 17.80 -36.84 9.50
CA PHE C 286 17.02 -35.60 9.42
C PHE C 286 16.92 -35.02 10.81
N GLY C 287 17.45 -33.82 11.00
CA GLY C 287 17.38 -33.15 12.27
C GLY C 287 16.53 -31.92 12.15
N LEU C 288 16.63 -31.01 13.11
CA LEU C 288 15.81 -29.82 13.10
C LEU C 288 16.70 -28.61 12.92
N GLY C 289 16.22 -27.64 12.12
CA GLY C 289 16.89 -26.38 11.94
C GLY C 289 16.02 -25.26 12.48
N GLU C 290 16.53 -24.04 12.35
CA GLU C 290 15.78 -22.88 12.83
C GLU C 290 16.33 -21.66 12.12
N TRP C 291 15.52 -21.06 11.26
CA TRP C 291 15.91 -19.84 10.54
C TRP C 291 15.67 -18.66 11.45
N LEU C 292 16.74 -18.07 11.95
CA LEU C 292 16.64 -16.92 12.83
C LEU C 292 17.49 -15.79 12.27
N SER C 293 17.15 -14.58 12.66
CA SER C 293 17.85 -13.42 12.15
C SER C 293 19.22 -13.31 12.83
N PRO C 294 20.21 -12.73 12.16
CA PRO C 294 21.56 -12.78 12.71
C PRO C 294 21.82 -11.88 13.91
N HIS C 295 20.89 -11.00 14.29
CA HIS C 295 21.11 -10.27 15.53
C HIS C 295 20.40 -10.91 16.72
N ARG C 296 19.91 -12.13 16.58
CA ARG C 296 19.34 -12.84 17.72
C ARG C 296 20.37 -13.76 18.35
N VAL C 297 21.59 -13.78 17.82
CA VAL C 297 22.59 -14.72 18.33
C VAL C 297 23.53 -14.04 19.31
N ALA C 298 23.74 -12.73 19.15
CA ALA C 298 24.64 -11.84 19.91
C ALA C 298 26.12 -12.27 19.89
N ALA C 299 26.50 -13.26 19.09
CA ALA C 299 27.91 -13.59 18.82
C ALA C 299 27.94 -14.39 17.52
N LEU C 300 28.46 -13.79 16.46
CA LEU C 300 28.50 -14.43 15.16
C LEU C 300 29.57 -15.51 15.05
N SER C 301 30.45 -15.66 16.06
CA SER C 301 31.41 -16.75 16.05
C SER C 301 30.74 -18.07 16.41
N ASP C 302 29.51 -18.01 16.90
CA ASP C 302 28.61 -19.15 16.93
C ASP C 302 28.05 -19.33 15.51
N LEU C 303 26.90 -20.02 15.42
CA LEU C 303 26.10 -20.18 14.17
C LEU C 303 26.91 -20.67 12.96
N LEU C 304 28.07 -21.28 13.16
CA LEU C 304 28.92 -21.81 12.12
C LEU C 304 28.81 -23.32 12.09
N TRP C 305 28.64 -23.88 10.91
CA TRP C 305 28.34 -25.30 10.76
C TRP C 305 29.64 -26.07 10.55
N TYR C 306 29.94 -26.98 11.46
CA TYR C 306 31.12 -27.81 11.36
C TYR C 306 30.72 -29.24 11.05
N HIS C 307 31.70 -30.08 10.77
CA HIS C 307 31.50 -31.50 10.57
C HIS C 307 31.77 -32.24 11.88
N HIS C 308 31.08 -33.35 12.10
CA HIS C 308 31.41 -34.30 13.17
C HIS C 308 31.31 -35.70 12.60
N ALA C 309 32.42 -36.41 12.54
CA ALA C 309 32.41 -37.67 11.83
C ALA C 309 32.12 -38.85 12.75
N GLU C 310 33.00 -39.10 13.72
CA GLU C 310 33.05 -40.35 14.47
C GLU C 310 32.92 -41.61 13.58
N PRO C 311 33.88 -41.85 12.69
CA PRO C 311 33.65 -42.81 11.61
C PRO C 311 33.62 -44.27 12.04
N ASP C 312 34.02 -44.58 13.27
CA ASP C 312 33.99 -45.97 13.73
C ASP C 312 32.56 -46.44 14.00
N LYS C 313 31.66 -45.50 14.25
CA LYS C 313 30.26 -45.79 14.52
C LYS C 313 29.37 -45.56 13.30
N GLY C 314 29.85 -44.77 12.35
CA GLY C 314 28.97 -44.21 11.34
C GLY C 314 28.83 -42.75 11.66
N LEU C 315 27.60 -42.23 11.53
CA LEU C 315 27.17 -40.99 12.18
C LEU C 315 27.95 -39.77 11.68
N TYR C 316 28.20 -39.75 10.37
CA TYR C 316 28.82 -38.60 9.75
C TYR C 316 27.82 -37.48 9.71
N ARG C 317 28.09 -36.39 10.41
CA ARG C 317 27.06 -35.37 10.57
C ARG C 317 27.64 -33.99 10.71
N TRP C 318 26.79 -33.02 10.40
CA TRP C 318 27.10 -31.61 10.55
C TRP C 318 26.06 -30.97 11.45
N SER C 319 26.51 -30.00 12.23
CA SER C 319 25.64 -29.17 13.04
C SER C 319 26.39 -27.90 13.34
N THR C 320 25.74 -26.97 14.02
CA THR C 320 26.44 -25.83 14.59
C THR C 320 26.52 -26.00 16.10
N PRO C 321 27.57 -26.60 16.63
CA PRO C 321 27.78 -26.57 18.07
C PRO C 321 28.20 -25.18 18.49
N ARG C 322 28.24 -24.98 19.81
CA ARG C 322 28.42 -23.68 20.45
C ARG C 322 27.36 -22.67 19.99
N PHE C 323 26.14 -23.12 19.73
CA PHE C 323 25.08 -22.17 19.40
C PHE C 323 24.51 -21.53 20.67
N VAL C 324 23.96 -22.34 21.56
CA VAL C 324 23.48 -21.85 22.85
C VAL C 324 24.23 -22.56 23.96
N ILE D 7 -38.40 0.89 40.78
CA ILE D 7 -37.08 0.73 41.37
C ILE D 7 -36.26 1.97 41.02
N LEU D 8 -36.54 2.53 39.83
CA LEU D 8 -36.00 3.80 39.33
C LEU D 8 -34.47 3.78 39.28
N SER D 9 -33.95 2.95 38.39
CA SER D 9 -32.53 3.03 38.07
C SER D 9 -32.28 4.25 37.19
N THR D 10 -31.00 4.63 37.10
CA THR D 10 -30.65 5.80 36.31
C THR D 10 -30.68 5.45 34.83
N ALA D 11 -30.89 6.46 34.00
CA ALA D 11 -31.03 6.24 32.57
C ALA D 11 -29.67 5.96 31.95
N SER D 12 -29.67 5.12 30.90
CA SER D 12 -28.41 4.75 30.28
C SER D 12 -27.86 5.88 29.43
N VAL D 13 -28.74 6.73 28.90
CA VAL D 13 -28.29 7.94 28.22
C VAL D 13 -28.86 9.15 28.95
N LEU D 14 -28.05 10.20 29.00
CA LEU D 14 -28.47 11.49 29.49
C LEU D 14 -27.61 12.52 28.78
N ALA D 15 -28.19 13.23 27.85
CA ALA D 15 -27.48 14.25 27.12
C ALA D 15 -28.15 15.57 27.46
N PHE D 16 -27.43 16.44 28.15
CA PHE D 16 -27.91 17.78 28.44
C PHE D 16 -27.22 18.74 27.49
N GLU D 17 -28.01 19.59 26.84
CA GLU D 17 -27.42 20.59 25.97
C GLU D 17 -26.85 21.73 26.80
N ARG D 18 -25.83 22.36 26.25
CA ARG D 18 -25.08 23.39 26.96
C ARG D 18 -25.91 24.66 27.05
N LYS D 19 -26.24 25.05 28.26
CA LYS D 19 -26.72 26.39 28.51
C LYS D 19 -25.52 27.29 28.71
N LEU D 20 -25.75 28.60 28.66
CA LEU D 20 -24.71 29.63 28.61
C LEU D 20 -23.74 29.36 27.46
N ASP D 21 -24.24 29.50 26.23
CA ASP D 21 -23.44 29.30 25.03
C ASP D 21 -22.65 30.54 24.69
N PRO D 22 -21.32 30.54 24.79
CA PRO D 22 -20.55 31.69 24.33
C PRO D 22 -20.06 31.49 22.90
N SER D 23 -19.56 32.56 22.34
CA SER D 23 -18.97 32.54 21.02
C SER D 23 -17.45 32.53 21.18
N ASP D 24 -16.76 32.33 20.06
CA ASP D 24 -15.32 32.50 20.05
C ASP D 24 -14.99 33.96 20.29
N ALA D 25 -14.14 34.23 21.26
CA ALA D 25 -13.91 35.58 21.75
C ALA D 25 -12.83 36.23 20.92
N LEU D 26 -13.25 37.11 20.01
CA LEU D 26 -12.33 37.70 19.05
C LEU D 26 -11.52 38.82 19.68
N MET D 27 -10.20 38.70 19.57
CA MET D 27 -9.26 39.65 20.15
C MET D 27 -8.97 40.73 19.13
N SER D 28 -9.12 41.98 19.54
CA SER D 28 -8.74 43.14 18.75
C SER D 28 -7.88 44.05 19.62
N ALA D 29 -7.52 45.21 19.09
CA ALA D 29 -6.51 46.01 19.75
C ALA D 29 -6.71 47.49 19.49
N GLY D 30 -6.23 48.30 20.41
CA GLY D 30 -6.34 49.73 20.26
C GLY D 30 -5.84 50.43 21.50
N ALA D 31 -6.22 51.68 21.63
CA ALA D 31 -5.76 52.55 22.70
C ALA D 31 -6.84 52.76 23.74
N TRP D 32 -6.45 52.70 25.01
CA TRP D 32 -7.31 53.11 26.10
C TRP D 32 -7.63 54.59 25.99
N ALA D 33 -8.74 54.98 26.63
CA ALA D 33 -9.42 56.27 26.57
C ALA D 33 -9.97 56.59 25.18
N GLN D 34 -10.01 55.63 24.27
CA GLN D 34 -10.92 55.64 23.13
C GLN D 34 -11.55 54.26 22.98
N ARG D 35 -11.98 53.72 24.12
CA ARG D 35 -12.71 52.46 24.16
C ARG D 35 -14.18 52.64 23.83
N ASP D 36 -14.69 53.86 23.91
CA ASP D 36 -16.06 54.10 23.49
C ASP D 36 -16.19 54.05 21.97
N ALA D 37 -15.11 54.37 21.26
CA ALA D 37 -15.03 54.24 19.81
C ALA D 37 -14.32 52.97 19.40
N SER D 38 -14.56 51.87 20.11
CA SER D 38 -13.80 50.63 19.89
C SER D 38 -14.54 49.66 19.00
N GLN D 39 -15.31 50.16 18.05
CA GLN D 39 -16.02 49.29 17.12
C GLN D 39 -15.28 49.11 15.81
N GLU D 40 -14.31 49.97 15.51
CA GLU D 40 -13.45 49.83 14.34
C GLU D 40 -12.01 49.60 14.76
N TRP D 41 -11.80 49.02 15.94
CA TRP D 41 -10.46 48.68 16.38
C TRP D 41 -9.90 47.56 15.53
N PRO D 42 -8.65 47.65 15.10
CA PRO D 42 -8.08 46.61 14.26
C PRO D 42 -7.86 45.34 15.06
N ALA D 43 -8.04 44.21 14.39
CA ALA D 43 -7.93 42.93 15.04
C ALA D 43 -6.49 42.61 15.38
N VAL D 44 -6.32 41.70 16.32
CA VAL D 44 -5.00 41.17 16.65
C VAL D 44 -4.72 40.02 15.70
N THR D 45 -3.62 40.10 14.97
CA THR D 45 -3.29 39.12 13.96
C THR D 45 -2.32 38.09 14.51
N VAL D 46 -2.59 36.83 14.21
CA VAL D 46 -1.68 35.74 14.56
C VAL D 46 -0.60 35.69 13.48
N ARG D 47 0.62 36.08 13.84
CA ARG D 47 1.74 36.05 12.93
C ARG D 47 2.74 34.99 13.38
N GLU D 48 3.68 34.69 12.50
CA GLU D 48 4.69 33.67 12.75
C GLU D 48 6.03 34.33 13.04
N LYS D 49 6.77 33.72 13.95
CA LYS D 49 8.12 34.12 14.25
C LYS D 49 8.90 32.87 14.60
N SER D 50 10.22 32.94 14.48
CA SER D 50 11.06 31.77 14.66
C SER D 50 11.82 31.86 15.97
N VAL D 51 11.74 30.78 16.75
CA VAL D 51 12.41 30.71 18.04
C VAL D 51 13.51 29.65 17.95
N ARG D 52 14.56 29.84 18.73
CA ARG D 52 15.64 28.88 18.87
C ARG D 52 15.95 28.72 20.35
N GLY D 53 16.09 27.50 20.81
CA GLY D 53 16.38 27.27 22.21
C GLY D 53 17.57 26.35 22.39
N THR D 54 18.06 26.32 23.62
CA THR D 54 18.94 25.24 24.05
C THR D 54 18.08 24.12 24.61
N ILE D 55 18.72 23.08 25.10
CA ILE D 55 17.98 22.09 25.86
C ILE D 55 17.98 22.51 27.33
N SER D 56 16.80 22.59 27.90
CA SER D 56 16.65 23.00 29.29
C SER D 56 15.78 22.06 30.09
N ASN D 57 15.30 20.97 29.49
CA ASN D 57 14.53 19.98 30.24
C ASN D 57 15.45 19.11 31.07
N ARG D 58 14.86 18.39 32.02
CA ARG D 58 15.61 17.51 32.88
C ARG D 58 16.18 16.33 32.09
N LEU D 59 17.40 15.95 32.42
CA LEU D 59 18.04 14.80 31.82
C LEU D 59 17.87 13.59 32.73
N LYS D 60 17.85 12.40 32.12
CA LYS D 60 17.43 11.20 32.82
C LYS D 60 18.62 10.31 33.19
N THR D 61 19.74 10.92 33.60
CA THR D 61 20.93 10.31 34.22
C THR D 61 21.74 9.45 33.24
N LYS D 62 21.24 9.25 32.03
CA LYS D 62 22.05 8.69 30.96
C LYS D 62 22.52 9.76 29.98
N ASP D 63 21.88 10.93 30.01
CA ASP D 63 22.20 12.04 29.13
C ASP D 63 23.04 13.10 29.83
N ARG D 64 23.42 12.88 31.08
CA ARG D 64 24.12 13.87 31.89
C ARG D 64 25.63 13.82 31.74
N ASP D 65 26.14 13.17 30.70
CA ASP D 65 27.56 13.20 30.41
C ASP D 65 27.96 14.60 29.98
N PRO D 66 29.15 15.08 30.33
CA PRO D 66 29.54 16.44 29.94
C PRO D 66 29.72 16.62 28.44
N ALA D 67 30.42 15.69 27.78
CA ALA D 67 30.63 15.80 26.34
C ALA D 67 29.33 15.58 25.58
N LYS D 68 28.45 14.74 26.10
CA LYS D 68 27.17 14.52 25.45
C LYS D 68 26.24 15.70 25.64
N LEU D 69 26.29 16.36 26.79
CA LEU D 69 25.51 17.58 27.00
C LEU D 69 26.00 18.72 26.12
N ASP D 70 27.32 18.83 25.94
CA ASP D 70 27.84 19.86 25.04
C ASP D 70 27.51 19.55 23.59
N ALA D 71 27.52 18.28 23.21
CA ALA D 71 27.14 17.91 21.84
C ALA D 71 25.64 18.07 21.63
N SER D 72 24.85 18.03 22.71
CA SER D 72 23.42 18.28 22.59
C SER D 72 23.11 19.76 22.51
N ILE D 73 23.86 20.61 23.22
CA ILE D 73 23.64 22.05 23.06
C ILE D 73 24.37 22.62 21.85
N GLN D 74 25.20 21.84 21.17
CA GLN D 74 25.78 22.34 19.93
C GLN D 74 24.82 22.27 18.76
N SER D 75 23.70 21.57 18.91
CA SER D 75 22.66 21.47 17.88
C SER D 75 21.37 22.04 18.42
N PRO D 76 21.17 23.35 18.41
CA PRO D 76 19.98 23.94 19.01
C PRO D 76 18.75 23.74 18.13
N ASN D 77 17.62 23.51 18.79
CA ASN D 77 16.38 23.23 18.08
C ASN D 77 15.72 24.51 17.60
N LEU D 78 15.21 24.47 16.38
CA LEU D 78 14.59 25.61 15.73
C LEU D 78 13.10 25.36 15.55
N GLN D 79 12.29 26.26 16.07
CA GLN D 79 10.86 26.20 15.83
C GLN D 79 10.41 27.50 15.20
N THR D 80 9.21 27.47 14.62
CA THR D 80 8.49 28.67 14.24
C THR D 80 7.18 28.67 15.00
N VAL D 81 7.00 29.60 15.91
CA VAL D 81 5.81 29.68 16.72
C VAL D 81 4.86 30.67 16.09
N ASP D 82 3.56 30.45 16.30
CA ASP D 82 2.57 31.49 16.04
C ASP D 82 2.59 32.43 17.23
N VAL D 83 2.55 33.73 16.96
CA VAL D 83 2.60 34.72 18.02
C VAL D 83 1.56 35.80 17.73
N ALA D 84 0.77 36.12 18.75
CA ALA D 84 -0.17 37.22 18.69
C ALA D 84 0.28 38.28 19.67
N ASN D 85 0.54 39.48 19.18
CA ASN D 85 0.97 40.58 20.01
C ASN D 85 0.05 41.76 19.79
N LEU D 86 0.13 42.73 20.68
CA LEU D 86 -0.50 43.99 20.41
C LEU D 86 0.36 44.78 19.45
N PRO D 87 -0.23 45.69 18.69
CA PRO D 87 0.58 46.63 17.91
C PRO D 87 1.38 47.55 18.81
N SER D 88 2.43 48.13 18.24
CA SER D 88 3.36 48.96 18.98
C SER D 88 2.76 50.30 19.41
N ASP D 89 1.56 50.64 18.94
CA ASP D 89 0.89 51.87 19.32
C ASP D 89 -0.46 51.58 19.97
N ALA D 90 -0.61 50.40 20.57
CA ALA D 90 -1.86 49.99 21.17
C ALA D 90 -1.56 49.30 22.50
N ASP D 91 -2.16 49.81 23.57
CA ASP D 91 -1.91 49.29 24.91
C ASP D 91 -3.10 48.50 25.46
N THR D 92 -4.16 48.34 24.69
CA THR D 92 -5.39 47.76 25.20
C THR D 92 -5.81 46.59 24.33
N LEU D 93 -6.11 45.48 24.96
CA LEU D 93 -6.66 44.32 24.29
C LEU D 93 -8.16 44.27 24.51
N LYS D 94 -8.92 44.30 23.41
CA LYS D 94 -10.36 44.13 23.46
C LYS D 94 -10.68 42.68 23.15
N VAL D 95 -11.50 42.06 23.98
CA VAL D 95 -11.93 40.69 23.80
C VAL D 95 -13.45 40.69 23.81
N ARG D 96 -14.06 40.52 22.64
CA ARG D 96 -15.48 40.68 22.46
C ARG D 96 -16.11 39.35 22.06
N PHE D 97 -16.98 38.83 22.90
CA PHE D 97 -17.77 37.66 22.58
C PHE D 97 -19.23 37.96 22.90
N THR D 98 -20.09 37.02 22.58
CA THR D 98 -21.50 37.09 22.95
C THR D 98 -21.86 35.87 23.77
N LEU D 99 -22.98 35.97 24.50
CA LEU D 99 -23.37 34.94 25.45
C LEU D 99 -24.87 34.77 25.39
N ARG D 100 -25.32 33.56 25.09
CA ARG D 100 -26.72 33.21 25.09
C ARG D 100 -27.04 32.37 26.31
N VAL D 101 -27.73 32.97 27.27
CA VAL D 101 -28.20 32.26 28.46
C VAL D 101 -29.54 31.66 28.10
N LEU D 102 -29.61 30.32 28.08
CA LEU D 102 -30.70 29.65 27.35
C LEU D 102 -31.91 29.32 28.22
N GLY D 103 -31.73 28.49 29.21
CA GLY D 103 -32.90 28.15 30.00
C GLY D 103 -33.51 26.81 29.63
N GLY D 104 -34.14 26.18 30.61
CA GLY D 104 -34.63 24.83 30.44
C GLY D 104 -33.57 23.83 30.84
N ALA D 105 -32.99 24.02 32.02
CA ALA D 105 -31.75 23.34 32.39
C ALA D 105 -31.96 21.88 32.73
N GLY D 106 -33.06 21.55 33.39
CA GLY D 106 -33.27 20.18 33.80
C GLY D 106 -33.72 19.23 32.72
N THR D 107 -34.27 19.72 31.62
CA THR D 107 -34.73 18.86 30.54
C THR D 107 -33.53 18.30 29.78
N PRO D 108 -33.37 16.99 29.71
CA PRO D 108 -32.29 16.44 28.89
C PRO D 108 -32.69 16.35 27.43
N SER D 109 -31.70 16.55 26.57
CA SER D 109 -31.90 16.41 25.14
C SER D 109 -32.06 14.96 24.71
N ALA D 110 -31.57 14.02 25.51
CA ALA D 110 -31.71 12.60 25.22
C ALA D 110 -31.80 11.87 26.53
N CYS D 111 -32.76 10.95 26.64
CA CYS D 111 -33.01 10.24 27.88
C CYS D 111 -33.78 8.96 27.58
N ASN D 112 -33.20 7.82 27.94
CA ASN D 112 -33.81 6.52 27.75
C ASN D 112 -35.02 6.31 28.64
N ASP D 113 -34.86 6.49 29.94
CA ASP D 113 -35.90 6.19 30.91
C ASP D 113 -36.84 7.38 31.01
N ALA D 114 -38.13 7.14 30.79
CA ALA D 114 -39.11 8.21 30.91
C ALA D 114 -39.39 8.55 32.35
N ALA D 115 -39.44 7.55 33.24
CA ALA D 115 -39.72 7.79 34.64
C ALA D 115 -38.58 8.53 35.32
N TYR D 116 -37.34 8.19 34.96
CA TYR D 116 -36.19 8.92 35.48
C TYR D 116 -36.16 10.35 34.98
N ARG D 117 -36.60 10.57 33.75
CA ARG D 117 -36.65 11.92 33.21
C ARG D 117 -37.70 12.76 33.93
N ASP D 118 -38.85 12.17 34.22
CA ASP D 118 -39.88 12.91 34.96
C ASP D 118 -39.45 13.15 36.41
N LYS D 119 -38.74 12.20 37.01
CA LYS D 119 -38.25 12.39 38.37
C LYS D 119 -37.16 13.45 38.44
N LEU D 120 -36.26 13.48 37.45
CA LEU D 120 -35.21 14.50 37.42
C LEU D 120 -35.81 15.87 37.10
N LEU D 121 -36.88 15.91 36.31
CA LEU D 121 -37.55 17.17 36.05
C LEU D 121 -38.27 17.69 37.29
N GLN D 122 -38.86 16.78 38.08
CA GLN D 122 -39.47 17.20 39.34
C GLN D 122 -38.40 17.62 40.35
N THR D 123 -37.22 17.01 40.28
CA THR D 123 -36.11 17.39 41.16
C THR D 123 -35.61 18.79 40.83
N VAL D 124 -35.39 19.09 39.55
CA VAL D 124 -34.95 20.41 39.14
C VAL D 124 -36.03 21.45 39.38
N ALA D 125 -37.31 21.08 39.20
CA ALA D 125 -38.40 22.01 39.48
C ALA D 125 -38.53 22.30 40.96
N THR D 126 -38.24 21.30 41.81
CA THR D 126 -38.16 21.51 43.26
C THR D 126 -37.04 22.48 43.60
N TYR D 127 -35.88 22.32 42.94
CA TYR D 127 -34.74 23.22 43.17
C TYR D 127 -35.10 24.65 42.80
N VAL D 128 -35.68 24.86 41.62
CA VAL D 128 -35.99 26.19 41.14
C VAL D 128 -37.10 26.83 41.98
N ASN D 129 -38.06 26.03 42.45
CA ASN D 129 -39.12 26.58 43.28
C ASN D 129 -38.62 26.97 44.65
N ASP D 130 -37.80 26.14 45.30
CA ASP D 130 -37.24 26.51 46.59
C ASP D 130 -36.20 27.62 46.44
N GLN D 131 -35.26 27.44 45.53
CA GLN D 131 -34.17 28.40 45.36
C GLN D 131 -33.78 28.46 43.90
N GLY D 132 -34.32 29.44 43.18
CA GLY D 132 -34.13 29.52 41.75
C GLY D 132 -32.70 29.87 41.39
N PHE D 133 -32.47 30.05 40.09
CA PHE D 133 -31.11 30.29 39.60
C PHE D 133 -30.67 31.69 40.01
N ALA D 134 -30.39 31.86 41.29
CA ALA D 134 -30.01 33.14 41.86
C ALA D 134 -28.60 33.13 42.42
N GLU D 135 -28.18 32.03 43.03
CA GLU D 135 -26.78 31.87 43.40
C GLU D 135 -25.93 31.64 42.16
N LEU D 136 -26.37 30.73 41.30
CA LEU D 136 -25.61 30.38 40.10
C LEU D 136 -25.51 31.57 39.15
N ALA D 137 -26.61 32.31 38.98
CA ALA D 137 -26.58 33.46 38.09
C ALA D 137 -25.75 34.59 38.65
N ARG D 138 -25.70 34.72 39.98
CA ARG D 138 -24.83 35.71 40.60
C ARG D 138 -23.37 35.37 40.38
N ARG D 139 -23.04 34.09 40.44
CA ARG D 139 -21.67 33.68 40.21
C ARG D 139 -21.27 33.74 38.74
N TYR D 140 -22.19 33.43 37.82
CA TYR D 140 -21.92 33.62 36.39
C TYR D 140 -21.80 35.10 36.04
N ALA D 141 -22.63 35.95 36.66
CA ALA D 141 -22.52 37.38 36.50
C ALA D 141 -21.18 37.90 37.03
N HIS D 142 -20.67 37.28 38.10
CA HIS D 142 -19.33 37.61 38.56
C HIS D 142 -18.28 37.24 37.54
N ASN D 143 -18.34 36.02 37.01
CA ASN D 143 -17.31 35.58 36.06
C ASN D 143 -17.40 36.30 34.73
N LEU D 144 -18.52 36.96 34.44
CA LEU D 144 -18.48 37.98 33.39
C LEU D 144 -17.85 39.26 33.91
N ALA D 145 -18.21 39.68 35.13
CA ALA D 145 -17.82 40.98 35.67
C ALA D 145 -16.33 41.05 35.95
N ASN D 146 -15.79 40.11 36.71
CA ASN D 146 -14.35 39.93 36.71
C ASN D 146 -13.98 39.15 35.46
N ALA D 147 -13.02 39.66 34.70
CA ALA D 147 -12.76 39.14 33.36
C ALA D 147 -11.90 37.88 33.46
N ARG D 148 -12.51 36.82 33.97
CA ARG D 148 -11.81 35.55 34.07
C ARG D 148 -11.68 34.87 32.73
N PHE D 149 -12.53 35.23 31.77
CA PHE D 149 -12.42 34.70 30.42
C PHE D 149 -11.19 35.20 29.69
N LEU D 150 -10.66 36.34 30.10
CA LEU D 150 -9.29 36.74 29.86
C LEU D 150 -8.41 35.88 30.75
N TRP D 151 -7.78 34.86 30.18
CA TRP D 151 -7.12 33.87 31.03
C TRP D 151 -5.74 34.33 31.48
N ARG D 152 -4.82 34.47 30.54
CA ARG D 152 -3.51 35.03 30.84
C ARG D 152 -3.40 36.47 30.37
N ASN D 153 -4.37 36.94 29.60
CA ASN D 153 -4.43 38.35 29.20
C ASN D 153 -4.81 39.26 30.35
N ARG D 154 -5.22 38.70 31.49
CA ARG D 154 -5.63 39.42 32.67
C ARG D 154 -4.55 39.52 33.74
N VAL D 155 -3.55 38.62 33.71
CA VAL D 155 -2.73 38.38 34.89
C VAL D 155 -1.69 39.48 35.14
N GLY D 156 -1.46 40.35 34.18
CA GLY D 156 -0.54 41.44 34.42
C GLY D 156 -1.08 42.73 33.87
N ALA D 157 -2.40 42.87 33.92
CA ALA D 157 -3.06 43.99 33.27
C ALA D 157 -3.18 45.16 34.22
N GLU D 158 -2.98 46.36 33.69
CA GLU D 158 -3.03 47.56 34.53
C GLU D 158 -4.47 47.86 34.93
N ALA D 159 -5.39 47.80 33.97
CA ALA D 159 -6.80 48.04 34.24
C ALA D 159 -7.61 47.17 33.29
N VAL D 160 -8.50 46.36 33.84
CA VAL D 160 -9.46 45.60 33.06
C VAL D 160 -10.84 46.18 33.31
N GLU D 161 -11.59 46.40 32.25
CA GLU D 161 -12.96 46.88 32.34
C GLU D 161 -13.85 46.06 31.42
N VAL D 162 -14.90 45.49 31.98
CA VAL D 162 -15.85 44.66 31.24
C VAL D 162 -17.12 45.46 31.02
N ARG D 163 -17.57 45.51 29.76
CA ARG D 163 -18.82 46.14 29.38
C ARG D 163 -19.77 45.06 28.87
N ILE D 164 -20.91 44.92 29.52
CA ILE D 164 -21.89 43.90 29.20
C ILE D 164 -23.15 44.60 28.77
N ASN D 165 -23.59 44.34 27.54
CA ASN D 165 -24.79 44.95 26.98
C ASN D 165 -25.83 43.86 26.80
N HIS D 166 -27.03 44.10 27.29
CA HIS D 166 -28.14 43.21 27.01
C HIS D 166 -28.75 43.61 25.68
N ILE D 167 -28.56 42.76 24.67
CA ILE D 167 -29.00 43.06 23.33
C ILE D 167 -30.39 42.46 23.15
N ARG D 168 -31.38 43.35 23.14
CA ARG D 168 -32.75 43.06 22.79
C ARG D 168 -32.89 43.18 21.27
N GLN D 169 -34.11 43.40 20.78
CA GLN D 169 -34.60 43.24 19.40
C GLN D 169 -33.64 43.62 18.30
N GLY D 170 -32.89 44.69 18.47
CA GLY D 170 -31.73 44.87 17.63
C GLY D 170 -30.55 45.52 18.32
N GLU D 171 -30.72 45.90 19.59
CA GLU D 171 -29.80 46.83 20.20
C GLU D 171 -29.84 46.68 21.71
N VAL D 172 -29.09 47.56 22.37
CA VAL D 172 -28.81 47.45 23.79
C VAL D 172 -30.03 47.82 24.60
N ALA D 173 -30.56 46.87 25.35
CA ALA D 173 -31.64 47.15 26.29
C ALA D 173 -31.13 47.68 27.62
N ARG D 174 -29.96 47.22 28.04
CA ARG D 174 -29.41 47.57 29.35
C ARG D 174 -27.90 47.42 29.26
N ALA D 175 -27.18 48.42 29.74
CA ALA D 175 -25.73 48.49 29.61
C ALA D 175 -25.06 48.40 30.97
N TRP D 176 -24.03 47.57 31.07
CA TRP D 176 -23.22 47.44 32.27
C TRP D 176 -21.79 47.87 31.98
N ARG D 177 -21.06 48.16 33.04
CA ARG D 177 -19.67 48.60 32.93
C ARG D 177 -18.99 48.28 34.25
N PHE D 178 -18.17 47.24 34.26
CA PHE D 178 -17.59 46.72 35.48
C PHE D 178 -16.09 46.98 35.50
N ASP D 179 -15.53 47.06 36.70
CA ASP D 179 -14.09 47.07 36.92
C ASP D 179 -13.70 45.66 37.31
N ALA D 180 -13.03 44.96 36.40
CA ALA D 180 -12.79 43.54 36.57
C ALA D 180 -11.66 43.24 37.54
N LEU D 181 -10.94 44.25 38.00
CA LEU D 181 -9.88 44.02 38.98
C LEU D 181 -10.33 44.29 40.41
N ALA D 182 -11.30 45.17 40.62
CA ALA D 182 -11.88 45.34 41.94
C ALA D 182 -12.76 44.15 42.31
N ILE D 183 -13.54 43.66 41.36
CA ILE D 183 -14.26 42.40 41.51
C ILE D 183 -13.22 41.29 41.39
N GLY D 184 -13.00 40.55 42.47
CA GLY D 184 -11.90 39.63 42.52
C GLY D 184 -12.14 38.38 41.71
N LEU D 185 -11.12 37.54 41.64
CA LEU D 185 -11.27 36.21 41.06
C LEU D 185 -11.61 35.16 42.10
N ARG D 186 -11.87 35.54 43.36
CA ARG D 186 -12.19 34.52 44.36
C ARG D 186 -13.34 34.85 45.30
N ASP D 187 -13.85 36.08 45.33
CA ASP D 187 -14.94 36.43 46.22
C ASP D 187 -16.20 36.70 45.41
N PHE D 188 -17.29 36.05 45.80
CA PHE D 188 -18.60 36.30 45.21
C PHE D 188 -19.38 37.20 46.17
N LYS D 189 -19.09 38.50 46.08
CA LYS D 189 -19.69 39.48 46.96
C LYS D 189 -21.04 39.92 46.40
N ALA D 190 -21.57 41.03 46.92
CA ALA D 190 -22.84 41.56 46.47
C ALA D 190 -22.66 42.99 45.97
N ASP D 191 -23.25 43.28 44.82
CA ASP D 191 -23.16 44.60 44.20
C ASP D 191 -24.51 44.89 43.58
N ALA D 192 -24.85 46.18 43.49
CA ALA D 192 -26.15 46.61 42.99
C ALA D 192 -26.29 46.36 41.49
N GLU D 193 -25.23 46.56 40.72
CA GLU D 193 -25.26 46.27 39.30
C GLU D 193 -25.08 44.78 39.03
N LEU D 194 -24.27 44.12 39.83
CA LEU D 194 -24.10 42.68 39.70
C LEU D 194 -25.38 41.93 40.06
N ASP D 195 -26.21 42.50 40.94
CA ASP D 195 -27.51 41.89 41.21
C ASP D 195 -28.47 42.06 40.04
N ALA D 196 -28.37 43.17 39.31
CA ALA D 196 -29.19 43.35 38.11
C ALA D 196 -28.76 42.38 37.02
N LEU D 197 -27.45 42.19 36.84
CA LEU D 197 -26.97 41.22 35.86
C LEU D 197 -27.29 39.80 36.29
N ALA D 198 -27.25 39.53 37.59
CA ALA D 198 -27.65 38.24 38.13
C ALA D 198 -29.11 37.96 37.88
N GLU D 199 -29.97 38.98 38.02
CA GLU D 199 -31.39 38.78 37.75
C GLU D 199 -31.67 38.59 36.27
N LEU D 200 -30.88 39.24 35.42
CA LEU D 200 -31.04 39.01 33.97
C LEU D 200 -30.63 37.60 33.58
N ILE D 201 -29.47 37.15 34.06
CA ILE D 201 -29.02 35.79 33.77
C ILE D 201 -29.93 34.76 34.45
N ALA D 202 -30.56 35.13 35.57
CA ALA D 202 -31.58 34.30 36.21
C ALA D 202 -32.79 34.14 35.31
N SER D 203 -33.30 35.25 34.76
CA SER D 203 -34.45 35.19 33.87
C SER D 203 -34.12 34.49 32.57
N GLY D 204 -32.84 34.47 32.18
CA GLY D 204 -32.44 33.65 31.06
C GLY D 204 -32.45 32.17 31.40
N LEU D 205 -31.89 31.81 32.56
CA LEU D 205 -31.78 30.41 32.94
C LEU D 205 -33.12 29.81 33.34
N SER D 206 -34.05 30.63 33.80
CA SER D 206 -35.36 30.14 34.21
C SER D 206 -36.30 29.91 33.06
N GLY D 207 -35.97 30.40 31.87
CA GLY D 207 -36.88 30.34 30.75
C GLY D 207 -37.85 31.49 30.70
N SER D 208 -37.69 32.50 31.54
CA SER D 208 -38.62 33.60 31.64
C SER D 208 -38.37 34.70 30.61
N GLY D 209 -37.33 34.57 29.80
CA GLY D 209 -37.01 35.60 28.84
C GLY D 209 -35.82 35.26 27.98
N HIS D 210 -35.66 35.96 26.87
CA HIS D 210 -34.52 35.73 25.99
C HIS D 210 -33.38 36.65 26.40
N VAL D 211 -32.23 36.06 26.73
CA VAL D 211 -31.08 36.80 27.21
C VAL D 211 -29.92 36.55 26.27
N LEU D 212 -29.43 37.60 25.62
CA LEU D 212 -28.22 37.59 24.83
C LEU D 212 -27.38 38.77 25.27
N LEU D 213 -26.20 38.50 25.79
CA LEU D 213 -25.31 39.53 26.28
C LEU D 213 -24.16 39.70 25.32
N GLU D 214 -23.72 40.93 25.13
CA GLU D 214 -22.50 41.22 24.38
C GLU D 214 -21.44 41.63 25.39
N VAL D 215 -20.51 40.74 25.66
CA VAL D 215 -19.49 40.97 26.68
C VAL D 215 -18.22 41.43 25.99
N VAL D 216 -17.75 42.61 26.37
CA VAL D 216 -16.53 43.22 25.83
C VAL D 216 -15.61 43.48 27.01
N ALA D 217 -14.34 43.15 26.86
CA ALA D 217 -13.38 43.32 27.94
C ALA D 217 -12.11 43.98 27.44
N PHE D 218 -11.75 45.09 28.06
CA PHE D 218 -10.58 45.88 27.68
C PHE D 218 -9.50 45.70 28.73
N ALA D 219 -8.42 45.04 28.35
CA ALA D 219 -7.30 44.77 29.25
C ALA D 219 -6.13 45.66 28.89
N ARG D 220 -5.78 46.56 29.79
CA ARG D 220 -4.59 47.40 29.62
C ARG D 220 -3.37 46.53 29.83
N ILE D 221 -2.80 46.00 28.76
CA ILE D 221 -1.59 45.21 28.85
C ILE D 221 -0.35 46.07 28.68
N GLY D 222 -0.25 46.80 27.58
CA GLY D 222 0.91 47.60 27.30
C GLY D 222 1.19 47.71 25.83
N ASP D 223 1.97 48.69 25.41
CA ASP D 223 2.20 48.96 24.01
C ASP D 223 3.05 47.87 23.39
N GLY D 224 2.41 46.98 22.64
CA GLY D 224 3.17 46.00 21.89
C GLY D 224 3.31 44.66 22.56
N GLN D 225 2.69 44.46 23.71
CA GLN D 225 2.85 43.26 24.51
C GLN D 225 2.20 42.05 23.83
N GLU D 226 2.45 40.89 24.40
CA GLU D 226 1.92 39.65 23.87
C GLU D 226 0.55 39.39 24.45
N VAL D 227 -0.41 39.14 23.58
CA VAL D 227 -1.71 38.66 23.96
C VAL D 227 -1.74 37.17 23.74
N PHE D 228 -2.67 36.50 24.40
CA PHE D 228 -2.63 35.04 24.54
C PHE D 228 -3.92 34.44 24.05
N PRO D 229 -4.07 34.21 22.75
CA PRO D 229 -5.25 33.51 22.25
C PRO D 229 -5.14 32.03 22.50
N SER D 230 -6.16 31.32 22.05
CA SER D 230 -6.23 29.89 22.28
C SER D 230 -5.28 29.17 21.36
N GLN D 231 -4.88 27.98 21.79
CA GLN D 231 -3.83 27.24 21.13
C GLN D 231 -4.41 26.00 20.47
N GLU D 232 -4.14 25.84 19.19
CA GLU D 232 -4.55 24.68 18.44
C GLU D 232 -3.60 23.53 18.68
N LEU D 233 -3.84 22.42 17.99
CA LEU D 233 -2.92 21.30 18.02
C LEU D 233 -2.41 21.04 16.62
N ILE D 234 -1.15 20.60 16.56
CA ILE D 234 -0.40 20.57 15.32
C ILE D 234 -0.37 19.13 14.83
N LEU D 235 -0.45 18.95 13.50
CA LEU D 235 -0.34 17.66 12.85
C LEU D 235 1.02 17.00 13.10
N ASP D 236 2.10 17.80 13.03
CA ASP D 236 3.49 17.36 13.13
C ASP D 236 3.81 16.29 12.09
N LYS D 237 3.62 16.69 10.82
CA LYS D 237 3.91 15.85 9.68
C LYS D 237 5.17 16.26 8.93
N GLY D 238 5.82 17.36 9.34
CA GLY D 238 6.95 17.88 8.59
C GLY D 238 8.29 17.74 9.29
N ASP D 239 9.27 18.52 8.85
CA ASP D 239 10.63 18.43 9.34
C ASP D 239 10.77 19.11 10.70
N LYS D 240 12.00 19.12 11.21
CA LYS D 240 12.26 19.55 12.59
C LYS D 240 12.96 20.91 12.67
N LYS D 241 12.97 21.69 11.60
CA LYS D 241 13.37 23.09 11.69
C LYS D 241 12.21 24.04 11.45
N GLY D 242 11.36 23.74 10.48
CA GLY D 242 10.09 24.42 10.31
C GLY D 242 8.99 23.66 11.03
N GLN D 243 9.24 23.35 12.30
CA GLN D 243 8.44 22.36 13.01
C GLN D 243 7.03 22.84 13.31
N LYS D 244 6.84 24.16 13.42
CA LYS D 244 5.58 24.80 13.81
C LYS D 244 5.07 24.24 15.13
N SER D 245 5.82 24.53 16.18
CA SER D 245 5.54 23.98 17.49
C SER D 245 4.31 24.59 18.16
N LYS D 246 3.83 25.73 17.68
CA LYS D 246 2.72 26.42 18.32
C LYS D 246 1.84 27.06 17.29
N THR D 247 0.57 26.67 17.26
CA THR D 247 -0.44 27.27 16.41
C THR D 247 -1.50 27.92 17.28
N LEU D 248 -1.82 29.16 16.96
CA LEU D 248 -2.78 29.93 17.73
C LEU D 248 -4.07 30.09 16.94
N TYR D 249 -5.16 30.25 17.67
CA TYR D 249 -6.49 30.28 17.09
C TYR D 249 -6.82 31.65 16.54
N SER D 250 -7.47 31.67 15.39
CA SER D 250 -7.97 32.89 14.77
C SER D 250 -9.11 32.49 13.87
N VAL D 251 -10.15 33.33 13.78
CA VAL D 251 -11.30 32.90 12.99
C VAL D 251 -11.19 33.39 11.54
N ARG D 252 -10.78 34.64 11.31
CA ARG D 252 -10.39 35.08 9.97
C ARG D 252 -9.39 36.22 10.14
N ASP D 253 -8.11 35.85 10.19
CA ASP D 253 -6.98 36.78 10.38
C ASP D 253 -7.18 37.68 11.60
N ALA D 254 -7.67 37.08 12.68
CA ALA D 254 -8.10 37.83 13.87
C ALA D 254 -8.06 36.87 15.04
N ALA D 255 -7.08 37.05 15.93
CA ALA D 255 -6.80 36.10 17.00
C ALA D 255 -7.99 35.95 17.93
N ALA D 256 -8.20 34.73 18.42
CA ALA D 256 -9.43 34.48 19.14
C ALA D 256 -9.18 33.46 20.24
N ILE D 257 -9.95 33.59 21.31
CA ILE D 257 -10.05 32.60 22.36
C ILE D 257 -11.16 31.65 21.97
N HIS D 258 -10.97 30.35 22.25
CA HIS D 258 -11.97 29.34 21.96
C HIS D 258 -13.25 29.63 22.72
N SER D 259 -14.36 29.11 22.24
CA SER D 259 -15.62 29.31 22.94
C SER D 259 -15.68 28.49 24.21
N GLN D 260 -15.13 27.28 24.20
CA GLN D 260 -15.16 26.43 25.38
C GLN D 260 -14.19 26.89 26.45
N LYS D 261 -13.21 27.73 26.10
CA LYS D 261 -12.33 28.29 27.12
C LYS D 261 -13.01 29.42 27.88
N ILE D 262 -13.75 30.27 27.16
CA ILE D 262 -14.65 31.23 27.80
C ILE D 262 -15.69 30.52 28.63
N GLY D 263 -16.22 29.39 28.14
CA GLY D 263 -17.19 28.64 28.90
C GLY D 263 -16.64 28.02 30.17
N ASN D 264 -15.39 27.55 30.13
CA ASN D 264 -14.73 27.05 31.33
C ASN D 264 -14.47 28.16 32.32
N ALA D 265 -14.24 29.38 31.84
CA ALA D 265 -14.00 30.47 32.77
C ALA D 265 -15.28 31.01 33.37
N LEU D 266 -16.40 30.87 32.64
CA LEU D 266 -17.69 31.24 33.22
C LEU D 266 -18.15 30.25 34.27
N ARG D 267 -17.80 28.98 34.12
CA ARG D 267 -18.21 27.95 35.07
C ARG D 267 -17.35 27.89 36.32
N THR D 268 -16.44 28.83 36.52
CA THR D 268 -15.56 28.82 37.69
C THR D 268 -16.31 29.44 38.86
N ILE D 269 -17.33 28.72 39.30
CA ILE D 269 -18.24 29.17 40.36
C ILE D 269 -18.25 28.24 41.55
N ASP D 270 -17.54 27.12 41.49
CA ASP D 270 -17.62 26.02 42.44
C ASP D 270 -16.70 26.29 43.61
N THR D 271 -17.22 26.92 44.65
CA THR D 271 -16.51 27.04 45.91
C THR D 271 -17.08 26.13 46.98
N TRP D 272 -17.61 24.97 46.60
CA TRP D 272 -18.21 24.06 47.56
C TRP D 272 -17.53 22.70 47.55
N TYR D 273 -16.35 22.60 46.98
CA TYR D 273 -15.71 21.30 46.88
C TYR D 273 -15.08 20.94 48.23
N PRO D 274 -14.93 19.63 48.54
CA PRO D 274 -14.56 19.25 49.91
C PRO D 274 -13.15 19.63 50.33
N ASP D 275 -12.27 19.98 49.40
CA ASP D 275 -10.94 20.44 49.79
C ASP D 275 -11.00 21.93 50.12
N GLU D 276 -9.84 22.56 50.25
CA GLU D 276 -9.75 23.90 50.80
C GLU D 276 -10.31 24.95 49.85
N ASP D 277 -10.93 25.97 50.42
CA ASP D 277 -11.45 27.09 49.65
C ASP D 277 -10.46 28.23 49.53
N GLY D 278 -9.25 28.09 50.09
CA GLY D 278 -8.19 29.05 49.85
C GLY D 278 -7.71 29.11 48.43
N LEU D 279 -7.90 28.03 47.66
CA LEU D 279 -7.65 28.03 46.24
C LEU D 279 -8.78 28.68 45.46
N GLY D 280 -9.95 28.81 46.05
CA GLY D 280 -11.04 29.53 45.43
C GLY D 280 -11.83 28.65 44.49
N PRO D 281 -12.66 29.25 43.65
CA PRO D 281 -13.56 28.48 42.79
C PRO D 281 -12.82 27.71 41.70
N ILE D 282 -13.40 26.56 41.36
CA ILE D 282 -12.95 25.75 40.24
C ILE D 282 -14.10 25.65 39.25
N ALA D 283 -13.79 25.13 38.07
CA ALA D 283 -14.81 25.00 37.03
C ALA D 283 -15.75 23.85 37.38
N VAL D 284 -17.03 24.07 37.13
CA VAL D 284 -18.04 23.07 37.48
C VAL D 284 -17.93 21.92 36.50
N GLU D 285 -17.33 20.83 36.94
CA GLU D 285 -17.14 19.60 36.22
C GLU D 285 -17.58 18.45 37.09
N PRO D 286 -18.09 17.36 36.52
CA PRO D 286 -18.22 16.14 37.30
C PRO D 286 -16.84 15.61 37.60
N TYR D 287 -16.67 15.13 38.83
CA TYR D 287 -15.36 14.84 39.43
C TYR D 287 -14.47 16.08 39.33
N GLY D 288 -14.90 17.13 40.04
CA GLY D 288 -14.51 18.50 39.74
C GLY D 288 -13.04 18.77 39.74
N SER D 289 -12.51 18.88 38.54
CA SER D 289 -11.10 18.72 38.28
C SER D 289 -10.55 19.98 37.63
N VAL D 290 -9.30 20.28 37.93
CA VAL D 290 -8.57 21.34 37.24
C VAL D 290 -7.40 20.71 36.51
N THR D 291 -7.33 20.93 35.21
CA THR D 291 -6.28 20.35 34.38
C THR D 291 -4.95 21.08 34.55
N SER D 292 -4.95 22.27 35.14
CA SER D 292 -3.69 22.91 35.49
C SER D 292 -3.03 22.21 36.65
N GLN D 293 -3.84 21.70 37.59
CA GLN D 293 -3.32 21.17 38.82
C GLN D 293 -3.28 19.65 38.85
N GLY D 294 -3.87 18.99 37.86
CA GLY D 294 -3.74 17.55 37.75
C GLY D 294 -4.47 16.76 38.81
N LYS D 295 -5.35 17.41 39.57
CA LYS D 295 -6.02 16.80 40.69
C LYS D 295 -7.52 17.01 40.56
N ALA D 296 -8.25 15.92 40.67
CA ALA D 296 -9.70 15.95 40.70
C ALA D 296 -10.13 16.14 42.15
N TYR D 297 -10.66 17.32 42.46
CA TYR D 297 -11.50 17.42 43.63
C TYR D 297 -12.84 16.79 43.31
N ARG D 298 -13.64 16.57 44.36
CA ARG D 298 -14.90 15.83 44.29
C ARG D 298 -14.68 14.45 43.66
N GLN D 299 -13.67 13.76 44.18
CA GLN D 299 -13.44 12.38 43.83
C GLN D 299 -14.60 11.52 44.30
N PRO D 300 -14.93 10.45 43.57
CA PRO D 300 -16.09 9.64 43.96
C PRO D 300 -15.89 8.79 45.19
N LYS D 301 -14.68 8.73 45.76
CA LYS D 301 -14.52 8.07 47.05
C LYS D 301 -15.20 8.87 48.15
N GLN D 302 -14.99 10.18 48.16
CA GLN D 302 -15.88 11.06 48.90
C GLN D 302 -17.21 11.16 48.17
N LYS D 303 -18.27 11.48 48.90
CA LYS D 303 -19.60 11.44 48.29
C LYS D 303 -20.00 12.80 47.74
N LEU D 304 -19.15 13.41 46.93
CA LEU D 304 -19.42 14.77 46.48
C LEU D 304 -19.17 14.99 44.99
N ASP D 305 -19.07 13.96 44.18
CA ASP D 305 -19.02 14.16 42.75
C ASP D 305 -20.44 14.44 42.23
N PHE D 306 -20.55 14.80 40.96
CA PHE D 306 -21.85 15.12 40.40
C PHE D 306 -22.72 13.88 40.29
N TYR D 307 -22.10 12.72 40.08
CA TYR D 307 -22.86 11.54 39.75
C TYR D 307 -23.50 10.90 40.97
N THR D 308 -22.76 10.76 42.07
CA THR D 308 -23.38 10.23 43.28
C THR D 308 -24.35 11.22 43.90
N LEU D 309 -24.09 12.52 43.78
CA LEU D 309 -25.04 13.52 44.27
C LEU D 309 -26.33 13.49 43.47
N LEU D 310 -26.24 13.35 42.15
CA LEU D 310 -27.44 13.27 41.32
C LEU D 310 -28.18 11.95 41.54
N ASP D 311 -27.44 10.85 41.69
CA ASP D 311 -28.07 9.55 41.90
C ASP D 311 -28.63 9.39 43.30
N ASN D 312 -28.22 10.20 44.25
CA ASN D 312 -28.91 10.23 45.53
C ASN D 312 -30.05 11.23 45.55
N TRP D 313 -29.95 12.31 44.79
CA TRP D 313 -31.00 13.32 44.78
C TRP D 313 -32.21 12.85 43.98
N VAL D 314 -32.00 12.15 42.88
CA VAL D 314 -33.09 11.80 41.99
C VAL D 314 -33.62 10.40 42.26
N LEU D 315 -32.72 9.42 42.39
CA LEU D 315 -33.18 8.04 42.52
C LEU D 315 -33.73 7.74 43.91
N ARG D 316 -32.88 7.84 44.92
CA ARG D 316 -33.27 7.48 46.27
C ARG D 316 -33.63 8.69 47.13
N ASP D 317 -33.77 9.86 46.49
CA ASP D 317 -34.39 11.06 47.06
C ASP D 317 -33.65 11.59 48.28
N GLU D 318 -32.33 11.39 48.36
CA GLU D 318 -31.53 12.01 49.40
C GLU D 318 -31.03 13.35 48.87
N ALA D 319 -31.78 14.40 49.15
CA ALA D 319 -31.45 15.72 48.66
C ALA D 319 -30.25 16.27 49.42
N PRO D 320 -29.18 16.65 48.73
CA PRO D 320 -27.98 17.13 49.43
C PRO D 320 -28.14 18.52 50.04
N ALA D 321 -27.03 19.08 50.52
CA ALA D 321 -27.05 20.44 51.01
C ALA D 321 -27.31 21.41 49.86
N VAL D 322 -27.64 22.66 50.21
CA VAL D 322 -28.01 23.62 49.18
C VAL D 322 -26.80 24.00 48.34
N GLU D 323 -25.59 23.86 48.89
CA GLU D 323 -24.38 24.13 48.13
C GLU D 323 -24.09 23.03 47.12
N GLN D 324 -24.20 21.78 47.53
CA GLN D 324 -23.94 20.69 46.60
C GLN D 324 -25.04 20.56 45.56
N GLN D 325 -26.25 20.97 45.89
CA GLN D 325 -27.28 20.95 44.87
C GLN D 325 -27.21 22.17 43.95
N HIS D 326 -26.66 23.29 44.43
CA HIS D 326 -26.21 24.35 43.52
C HIS D 326 -25.20 23.81 42.52
N TYR D 327 -24.26 22.98 43.00
CA TYR D 327 -23.24 22.42 42.13
C TYR D 327 -23.84 21.44 41.12
N VAL D 328 -24.83 20.65 41.54
CA VAL D 328 -25.47 19.70 40.62
C VAL D 328 -26.24 20.44 39.53
N ILE D 329 -26.99 21.49 39.89
CA ILE D 329 -27.72 22.23 38.87
C ILE D 329 -26.76 23.04 38.01
N ALA D 330 -25.59 23.43 38.54
CA ALA D 330 -24.59 24.08 37.70
C ALA D 330 -24.00 23.11 36.69
N ASN D 331 -23.90 21.83 37.04
CA ASN D 331 -23.52 20.83 36.05
C ASN D 331 -24.61 20.59 35.01
N LEU D 332 -25.87 20.65 35.42
CA LEU D 332 -26.95 20.49 34.45
C LEU D 332 -27.02 21.68 33.50
N ILE D 333 -26.70 22.87 33.99
CA ILE D 333 -26.52 24.04 33.13
C ILE D 333 -25.32 23.84 32.21
N ARG D 334 -24.27 23.22 32.73
CA ARG D 334 -23.04 23.00 31.96
C ARG D 334 -23.24 22.00 30.82
N GLY D 335 -24.16 21.06 30.97
CA GLY D 335 -24.40 20.07 29.94
C GLY D 335 -23.39 18.96 29.96
N GLY D 336 -23.68 17.90 29.23
CA GLY D 336 -22.73 16.81 29.12
C GLY D 336 -23.38 15.51 28.75
N VAL D 337 -22.53 14.52 28.54
CA VAL D 337 -22.96 13.16 28.25
C VAL D 337 -22.91 12.36 29.54
N PHE D 338 -23.99 12.38 30.30
CA PHE D 338 -24.12 11.59 31.50
C PHE D 338 -24.81 10.28 31.14
N GLY D 339 -24.64 9.28 31.96
CA GLY D 339 -25.22 7.98 31.66
C GLY D 339 -24.13 7.00 31.29
N GLU D 340 -24.44 5.73 31.47
CA GLU D 340 -23.46 4.66 31.31
C GLU D 340 -23.45 4.15 29.87
N ALA D 341 -22.77 3.03 29.65
CA ALA D 341 -22.71 2.43 28.32
C ALA D 341 -23.45 1.10 28.28
N ILE E 7 7.20 11.71 51.20
CA ILE E 7 8.61 11.61 50.84
C ILE E 7 8.97 12.86 50.04
N LEU E 8 7.94 13.54 49.53
CA LEU E 8 8.03 14.81 48.80
C LEU E 8 8.92 14.66 47.57
N SER E 9 8.41 13.90 46.61
CA SER E 9 9.06 13.89 45.31
C SER E 9 8.71 15.15 44.54
N THR E 10 9.51 15.44 43.52
CA THR E 10 9.25 16.58 42.65
C THR E 10 8.02 16.27 41.80
N ALA E 11 7.15 17.28 41.64
CA ALA E 11 5.91 17.12 40.90
C ALA E 11 6.19 16.81 39.44
N SER E 12 5.29 16.04 38.83
CA SER E 12 5.53 15.56 37.48
C SER E 12 5.35 16.67 36.45
N VAL E 13 4.60 17.72 36.80
CA VAL E 13 4.55 18.92 35.97
C VAL E 13 4.95 20.12 36.81
N LEU E 14 5.72 20.99 36.20
CA LEU E 14 6.02 22.32 36.74
C LEU E 14 6.18 23.25 35.56
N ALA E 15 5.13 23.95 35.22
CA ALA E 15 5.19 24.98 34.21
C ALA E 15 5.15 26.31 34.96
N PHE E 16 6.23 27.05 34.91
CA PHE E 16 6.26 28.41 35.44
C PHE E 16 6.05 29.37 34.29
N GLU E 17 5.16 30.34 34.49
CA GLU E 17 5.00 31.38 33.50
C GLU E 17 6.17 32.33 33.54
N ARG E 18 6.39 33.00 32.43
CA ARG E 18 7.51 33.92 32.29
C ARG E 18 7.17 35.24 32.95
N LYS E 19 7.89 35.58 34.01
CA LYS E 19 7.91 36.97 34.44
C LYS E 19 8.95 37.69 33.62
N LEU E 20 8.93 39.03 33.68
CA LEU E 20 9.70 39.90 32.78
C LEU E 20 9.37 39.63 31.32
N ASP E 21 8.13 40.00 30.96
CA ASP E 21 7.60 39.91 29.60
C ASP E 21 8.05 41.08 28.74
N PRO E 22 8.92 40.90 27.76
CA PRO E 22 9.22 41.97 26.83
C PRO E 22 8.33 41.86 25.59
N SER E 23 8.40 42.90 24.77
CA SER E 23 7.74 42.90 23.49
C SER E 23 8.80 42.79 22.40
N ASP E 24 8.34 42.67 21.16
CA ASP E 24 9.24 42.71 20.01
C ASP E 24 9.84 44.12 19.92
N ALA E 25 11.13 44.18 19.66
CA ALA E 25 11.85 45.45 19.75
C ALA E 25 11.91 46.07 18.37
N LEU E 26 10.97 46.95 18.08
CA LEU E 26 10.88 47.65 16.81
C LEU E 26 12.05 48.58 16.64
N MET E 27 12.68 48.56 15.46
CA MET E 27 13.79 49.46 15.19
C MET E 27 13.40 50.47 14.13
N SER E 28 13.59 51.74 14.45
CA SER E 28 13.39 52.87 13.57
C SER E 28 14.74 53.52 13.28
N ALA E 29 14.70 54.68 12.63
CA ALA E 29 15.94 55.30 12.17
C ALA E 29 15.80 56.81 12.20
N GLY E 30 16.91 57.48 12.46
CA GLY E 30 16.89 58.92 12.50
C GLY E 30 18.25 59.47 12.85
N ALA E 31 18.25 60.72 13.28
CA ALA E 31 19.48 61.45 13.56
C ALA E 31 19.67 61.63 15.05
N TRP E 32 20.92 61.55 15.49
CA TRP E 32 21.31 61.98 16.82
C TRP E 32 21.10 63.49 16.96
N ALA E 33 21.07 63.95 18.22
CA ALA E 33 20.73 65.29 18.70
C ALA E 33 19.28 65.67 18.44
N GLN E 34 18.44 64.76 17.94
CA GLN E 34 17.00 64.84 18.05
C GLN E 34 16.44 63.50 18.51
N ARG E 35 17.07 62.92 19.52
CA ARG E 35 16.53 61.74 20.17
C ARG E 35 15.25 62.04 20.94
N ASP E 36 15.05 63.29 21.37
CA ASP E 36 13.84 63.64 22.09
C ASP E 36 12.65 63.81 21.19
N ALA E 37 12.85 64.05 19.89
CA ALA E 37 11.79 64.12 18.91
C ALA E 37 11.66 62.82 18.13
N SER E 38 11.96 61.70 18.78
CA SER E 38 11.97 60.40 18.11
C SER E 38 10.65 59.66 18.25
N GLN E 39 9.54 60.34 17.94
CA GLN E 39 8.25 59.68 17.87
C GLN E 39 7.73 59.51 16.46
N GLU E 40 8.23 60.29 15.51
CA GLU E 40 7.83 60.19 14.12
C GLU E 40 9.00 59.80 13.23
N TRP E 41 9.90 58.99 13.76
CA TRP E 41 11.07 58.57 13.00
C TRP E 41 10.68 57.48 12.01
N PRO E 42 11.24 57.48 10.81
CA PRO E 42 10.92 56.43 9.85
C PRO E 42 11.51 55.10 10.27
N ALA E 43 10.73 54.05 10.09
CA ALA E 43 11.15 52.74 10.53
C ALA E 43 12.23 52.17 9.62
N VAL E 44 12.97 51.21 10.16
CA VAL E 44 14.00 50.53 9.39
C VAL E 44 13.32 49.40 8.62
N THR E 45 13.45 49.44 7.30
CA THR E 45 12.78 48.48 6.45
C THR E 45 13.74 47.41 5.97
N VAL E 46 13.25 46.18 5.93
CA VAL E 46 14.03 45.04 5.46
C VAL E 46 13.91 44.98 3.95
N ARG E 47 14.98 45.32 3.24
CA ARG E 47 14.99 45.34 1.79
C ARG E 47 15.81 44.17 1.28
N GLU E 48 15.33 43.53 0.23
CA GLU E 48 16.02 42.39 -0.35
C GLU E 48 17.04 42.84 -1.38
N LYS E 49 18.27 42.35 -1.25
CA LYS E 49 19.33 42.64 -2.20
C LYS E 49 19.83 41.33 -2.79
N SER E 50 20.35 41.44 -4.02
CA SER E 50 20.76 40.27 -4.79
C SER E 50 22.27 40.10 -4.69
N VAL E 51 22.70 38.92 -4.28
CA VAL E 51 24.12 38.61 -4.23
C VAL E 51 24.45 37.44 -5.14
N GLN E 79 22.16 34.50 -5.21
CA GLN E 79 21.33 34.30 -4.03
C GLN E 79 20.64 35.60 -3.66
N THR E 80 19.54 35.49 -2.91
CA THR E 80 18.74 36.64 -2.50
C THR E 80 18.75 36.71 -0.98
N VAL E 81 19.25 37.82 -0.43
CA VAL E 81 19.35 37.99 1.01
C VAL E 81 18.49 39.17 1.44
N ASP E 82 17.90 39.05 2.62
CA ASP E 82 17.27 40.19 3.28
C ASP E 82 18.31 40.91 4.11
N VAL E 83 18.39 42.22 3.93
CA VAL E 83 19.34 43.04 4.65
C VAL E 83 18.65 44.34 5.06
N ALA E 84 18.94 44.79 6.28
CA ALA E 84 18.35 46.01 6.81
C ALA E 84 19.46 46.98 7.17
N ASN E 85 19.36 48.19 6.66
CA ASN E 85 20.26 49.28 7.02
C ASN E 85 19.44 50.48 7.43
N LEU E 86 20.13 51.49 7.93
CA LEU E 86 19.50 52.77 8.12
C LEU E 86 19.44 53.51 6.78
N PRO E 87 18.59 54.54 6.67
CA PRO E 87 18.69 55.46 5.54
C PRO E 87 20.02 56.20 5.52
N SER E 88 20.31 56.80 4.37
CA SER E 88 21.59 57.44 4.12
C SER E 88 21.75 58.78 4.83
N ASP E 89 20.72 59.25 5.53
CA ASP E 89 20.80 60.49 6.27
C ASP E 89 20.51 60.26 7.75
N ALA E 90 20.50 59.01 8.17
CA ALA E 90 20.17 58.62 9.53
C ALA E 90 21.35 57.86 10.13
N ASP E 91 21.82 58.30 11.29
CA ASP E 91 22.95 57.66 11.95
C ASP E 91 22.58 57.07 13.29
N THR E 92 21.31 57.10 13.66
CA THR E 92 20.88 56.70 14.99
C THR E 92 19.76 55.69 14.89
N LEU E 93 19.96 54.52 15.47
CA LEU E 93 19.00 53.43 15.45
C LEU E 93 18.22 53.43 16.76
N LYS E 94 16.94 53.77 16.69
CA LYS E 94 16.06 53.73 17.84
C LYS E 94 15.43 52.36 17.91
N VAL E 95 15.76 51.61 18.95
CA VAL E 95 15.15 50.31 19.21
C VAL E 95 14.27 50.44 20.44
N ARG E 96 12.97 50.22 20.26
CA ARG E 96 11.96 50.54 21.27
C ARG E 96 11.12 49.30 21.55
N PHE E 97 10.91 49.01 22.83
CA PHE E 97 10.05 47.92 23.26
C PHE E 97 9.52 48.24 24.64
N THR E 98 8.54 47.45 25.08
CA THR E 98 8.00 47.56 26.43
C THR E 98 8.33 46.32 27.24
N LEU E 99 8.31 46.47 28.55
CA LEU E 99 8.66 45.39 29.46
C LEU E 99 7.66 45.37 30.60
N ARG E 100 7.05 44.21 30.82
CA ARG E 100 6.16 43.99 31.95
C ARG E 100 6.84 43.12 32.98
N VAL E 101 7.09 43.69 34.15
CA VAL E 101 7.63 42.97 35.29
C VAL E 101 6.46 42.54 36.15
N LEU E 102 6.21 41.23 36.22
CA LEU E 102 4.89 40.75 36.64
C LEU E 102 4.77 40.50 38.14
N GLY E 103 5.55 39.57 38.66
CA GLY E 103 5.40 39.28 40.08
C GLY E 103 4.74 37.94 40.33
N GLY E 104 5.03 37.38 41.50
CA GLY E 104 4.56 36.06 41.84
C GLY E 104 5.44 34.99 41.23
N ALA E 105 6.73 35.05 41.55
CA ALA E 105 7.74 34.31 40.81
C ALA E 105 7.69 32.82 41.08
N GLY E 106 7.72 32.40 42.34
CA GLY E 106 7.77 30.99 42.65
C GLY E 106 6.47 30.25 42.55
N THR E 107 5.36 30.94 42.26
CA THR E 107 4.08 30.28 42.11
C THR E 107 3.98 29.67 40.72
N PRO E 108 3.79 28.36 40.60
CA PRO E 108 3.75 27.75 39.27
C PRO E 108 2.38 27.87 38.63
N SER E 109 2.39 27.82 37.31
CA SER E 109 1.16 27.82 36.53
C SER E 109 0.56 26.44 36.36
N ALA E 110 1.33 25.38 36.61
CA ALA E 110 0.83 24.03 36.54
C ALA E 110 1.69 23.18 37.46
N CYS E 111 1.05 22.40 38.33
CA CYS E 111 1.78 21.61 39.31
C CYS E 111 0.89 20.48 39.80
N ASN E 112 1.36 19.25 39.65
CA ASN E 112 0.60 18.08 40.08
C ASN E 112 0.54 17.95 41.59
N ASP E 113 1.69 17.81 42.24
CA ASP E 113 1.76 17.57 43.68
C ASP E 113 1.50 18.87 44.43
N ALA E 114 0.46 18.89 45.25
CA ALA E 114 0.14 20.09 46.01
C ALA E 114 1.11 20.30 47.16
N ALA E 115 1.61 19.21 47.76
CA ALA E 115 2.58 19.32 48.85
C ALA E 115 3.90 19.88 48.36
N TYR E 116 4.31 19.46 47.16
CA TYR E 116 5.50 20.03 46.52
C TYR E 116 5.30 21.51 46.23
N ARG E 117 4.10 21.88 45.78
CA ARG E 117 3.81 23.28 45.47
C ARG E 117 3.85 24.14 46.74
N ASP E 118 3.32 23.61 47.85
CA ASP E 118 3.35 24.37 49.10
C ASP E 118 4.77 24.47 49.65
N LYS E 119 5.57 23.42 49.53
CA LYS E 119 6.96 23.49 49.99
C LYS E 119 7.80 24.41 49.11
N LEU E 120 7.57 24.39 47.79
CA LEU E 120 8.26 25.30 46.89
C LEU E 120 7.87 26.73 47.14
N LEU E 121 6.60 26.99 47.45
CA LEU E 121 6.18 28.34 47.77
C LEU E 121 6.73 28.80 49.11
N GLN E 122 6.89 27.87 50.06
CA GLN E 122 7.53 28.22 51.32
C GLN E 122 9.00 28.54 51.14
N THR E 123 9.67 27.80 50.25
CA THR E 123 11.07 28.05 49.94
C THR E 123 11.27 29.40 49.26
N VAL E 124 10.44 29.71 48.26
CA VAL E 124 10.53 30.98 47.55
C VAL E 124 10.17 32.14 48.48
N ALA E 125 9.16 31.95 49.34
CA ALA E 125 8.80 33.00 50.29
C ALA E 125 9.87 33.20 51.35
N THR E 126 10.59 32.12 51.70
CA THR E 126 11.75 32.23 52.58
C THR E 126 12.85 33.06 51.93
N TYR E 127 13.07 32.84 50.63
CA TYR E 127 14.04 33.64 49.89
C TYR E 127 13.67 35.11 49.87
N VAL E 128 12.42 35.42 49.53
CA VAL E 128 11.98 36.81 49.42
C VAL E 128 11.93 37.50 50.79
N ASN E 129 11.59 36.76 51.85
CA ASN E 129 11.57 37.39 53.16
C ASN E 129 12.98 37.61 53.70
N ASP E 130 13.90 36.68 53.42
CA ASP E 130 15.28 36.88 53.82
C ASP E 130 15.95 37.95 52.98
N GLN E 131 15.78 37.87 51.67
CA GLN E 131 16.42 38.80 50.74
C GLN E 131 15.58 38.93 49.48
N GLY E 132 14.86 40.04 49.35
CA GLY E 132 13.95 40.22 48.25
C GLY E 132 14.68 40.40 46.93
N PHE E 133 13.91 40.67 45.90
CA PHE E 133 14.46 40.75 44.55
C PHE E 133 15.25 42.05 44.39
N ALA E 134 16.38 42.12 45.08
CA ALA E 134 17.20 43.32 45.12
C ALA E 134 18.54 43.13 44.46
N GLU E 135 19.00 41.89 44.34
CA GLU E 135 20.15 41.60 43.50
C GLU E 135 19.71 41.27 42.08
N LEU E 136 18.63 40.49 41.97
CA LEU E 136 18.12 40.08 40.66
C LEU E 136 17.61 41.27 39.88
N ALA E 137 16.79 42.11 40.50
CA ALA E 137 16.25 43.27 39.82
C ALA E 137 17.32 44.32 39.56
N ARG E 138 18.37 44.35 40.37
CA ARG E 138 19.52 45.21 40.08
C ARG E 138 20.25 44.76 38.83
N ARG E 139 20.42 43.46 38.66
CA ARG E 139 21.09 42.95 37.47
C ARG E 139 20.20 43.08 36.22
N TYR E 140 18.88 42.89 36.38
CA TYR E 140 17.95 43.12 35.28
C TYR E 140 17.92 44.59 34.89
N ALA E 141 18.00 45.49 35.87
CA ALA E 141 18.05 46.92 35.60
C ALA E 141 19.36 47.32 34.92
N HIS E 142 20.45 46.60 35.21
CA HIS E 142 21.67 46.81 34.45
C HIS E 142 21.51 46.40 33.01
N ASN E 143 20.92 45.22 32.78
CA ASN E 143 20.73 44.75 31.41
C ASN E 143 19.71 45.56 30.65
N LEU E 144 18.86 46.31 31.33
CA LEU E 144 18.09 47.34 30.66
C LEU E 144 18.93 48.58 30.41
N ALA E 145 19.80 48.94 31.36
CA ALA E 145 20.53 50.19 31.29
C ALA E 145 21.63 50.16 30.24
N ASN E 146 22.55 49.20 30.34
CA ASN E 146 23.40 48.94 29.21
C ASN E 146 22.59 48.16 28.19
N ALA E 147 22.70 48.55 26.92
CA ALA E 147 21.75 48.08 25.93
C ALA E 147 22.21 46.73 25.38
N ARG E 148 22.13 45.73 26.24
CA ARG E 148 22.42 44.38 25.77
C ARG E 148 21.33 43.87 24.84
N PHE E 149 20.12 44.42 24.96
CA PHE E 149 19.04 44.06 24.06
C PHE E 149 19.29 44.54 22.64
N LEU E 150 20.06 45.60 22.49
CA LEU E 150 20.74 45.88 21.23
C LEU E 150 21.87 44.88 21.11
N TRP E 151 21.69 43.85 20.30
CA TRP E 151 22.63 42.74 20.36
C TRP E 151 23.89 43.04 19.56
N ARG E 152 23.78 43.02 18.24
CA ARG E 152 24.91 43.27 17.38
C ARG E 152 24.96 44.71 16.92
N ASN E 153 23.92 45.47 17.21
CA ASN E 153 23.88 46.89 16.94
C ASN E 153 24.59 47.71 18.01
N ARG E 154 25.26 47.06 18.96
CA ARG E 154 25.90 47.71 20.06
C ARG E 154 27.42 47.68 19.98
N VAL E 155 27.99 46.83 19.13
CA VAL E 155 29.40 46.48 19.23
C VAL E 155 30.33 47.60 18.77
N GLY E 156 29.94 48.40 17.79
CA GLY E 156 30.80 49.46 17.35
C GLY E 156 30.09 50.79 17.36
N ALA E 157 29.05 50.89 18.19
CA ALA E 157 28.26 52.09 18.27
C ALA E 157 29.02 53.16 19.02
N GLU E 158 29.06 54.37 18.46
CA GLU E 158 29.82 55.46 19.06
C GLU E 158 29.17 55.92 20.35
N ALA E 159 27.85 55.90 20.41
CA ALA E 159 27.14 56.29 21.62
C ALA E 159 25.83 55.53 21.66
N VAL E 160 25.56 54.87 22.78
CA VAL E 160 24.27 54.22 23.04
C VAL E 160 23.66 54.90 24.25
N GLU E 161 22.36 55.18 24.17
CA GLU E 161 21.65 55.88 25.23
C GLU E 161 20.28 55.25 25.40
N VAL E 162 20.02 54.74 26.59
CA VAL E 162 18.80 54.01 26.89
C VAL E 162 17.91 54.87 27.77
N ARG E 163 16.67 55.08 27.32
CA ARG E 163 15.66 55.78 28.09
C ARG E 163 14.62 54.75 28.54
N ILE E 164 14.41 54.65 29.85
CA ILE E 164 13.40 53.76 30.41
C ILE E 164 12.40 54.63 31.13
N ASN E 165 11.15 54.59 30.67
CA ASN E 165 10.05 55.37 31.24
C ASN E 165 9.13 54.44 31.98
N HIS E 166 8.85 54.73 33.24
CA HIS E 166 7.82 53.99 33.96
C HIS E 166 6.45 54.51 33.57
N ILE E 167 5.71 53.70 32.83
CA ILE E 167 4.42 54.10 32.29
C ILE E 167 3.37 53.64 33.28
N ARG E 168 2.68 54.59 33.88
CA ARG E 168 1.60 54.32 34.82
C ARG E 168 0.43 55.20 34.45
N GLN E 169 -0.72 54.57 34.17
CA GLN E 169 -1.94 55.18 33.65
C GLN E 169 -1.71 55.95 32.36
N GLY E 170 -0.74 55.53 31.55
CA GLY E 170 -0.62 56.01 30.19
C GLY E 170 0.42 57.06 29.98
N GLU E 171 0.96 57.63 31.06
CA GLU E 171 2.00 58.64 30.97
C GLU E 171 3.20 58.20 31.78
N VAL E 172 4.28 58.95 31.64
CA VAL E 172 5.55 58.61 32.29
C VAL E 172 5.45 58.98 33.76
N ALA E 173 5.40 57.97 34.63
CA ALA E 173 5.42 58.23 36.06
C ALA E 173 6.83 58.56 36.54
N ARG E 174 7.84 57.95 35.92
CA ARG E 174 9.22 58.15 36.30
C ARG E 174 10.09 57.79 35.10
N ALA E 175 10.99 58.70 34.73
CA ALA E 175 11.79 58.57 33.52
C ALA E 175 13.26 58.41 33.87
N TRP E 176 13.91 57.45 33.24
CA TRP E 176 15.35 57.25 33.35
C TRP E 176 16.01 57.55 32.02
N ARG E 177 17.29 57.92 32.09
CA ARG E 177 18.06 58.22 30.89
C ARG E 177 19.50 57.84 31.15
N PHE E 178 19.95 56.78 30.51
CA PHE E 178 21.22 56.15 30.82
C PHE E 178 22.21 56.30 29.69
N ASP E 179 23.48 56.15 30.02
CA ASP E 179 24.55 56.00 29.04
C ASP E 179 24.91 54.52 29.03
N ALA E 180 24.49 53.81 27.98
CA ALA E 180 24.65 52.38 27.93
C ALA E 180 26.08 51.94 27.65
N LEU E 181 26.97 52.87 27.33
CA LEU E 181 28.38 52.54 27.15
C LEU E 181 29.22 52.84 28.38
N ALA E 182 28.78 53.76 29.24
CA ALA E 182 29.45 53.98 30.51
C ALA E 182 29.08 52.90 31.52
N ILE E 183 27.89 52.32 31.38
CA ILE E 183 27.52 51.13 32.13
C ILE E 183 27.96 49.96 31.26
N GLY E 184 28.85 49.14 31.79
CA GLY E 184 29.43 48.08 30.97
C GLY E 184 28.49 46.91 30.81
N LEU E 185 28.86 46.00 29.92
CA LEU E 185 28.16 44.72 29.85
C LEU E 185 28.73 43.73 30.84
N ARG E 186 29.92 44.02 31.39
CA ARG E 186 30.61 43.02 32.21
C ARG E 186 30.29 43.18 33.68
N ASP E 187 30.52 44.35 34.24
CA ASP E 187 30.47 44.57 35.67
C ASP E 187 29.12 45.17 36.07
N PHE E 188 28.66 44.83 37.27
CA PHE E 188 27.44 45.40 37.81
C PHE E 188 27.81 46.45 38.85
N LYS E 189 27.87 47.70 38.42
CA LYS E 189 28.32 48.82 39.25
C LYS E 189 27.10 49.49 39.89
N ALA E 190 27.28 49.97 41.12
CA ALA E 190 26.19 50.64 41.79
C ALA E 190 26.03 52.06 41.25
N ASP E 191 24.79 52.53 41.20
CA ASP E 191 24.47 53.87 40.76
C ASP E 191 23.35 54.40 41.64
N ALA E 192 22.84 55.58 41.31
CA ALA E 192 21.74 56.17 42.05
C ALA E 192 20.41 55.93 41.34
N GLU E 193 20.40 56.00 40.01
CA GLU E 193 19.18 55.77 39.26
C GLU E 193 19.01 54.30 38.91
N LEU E 194 20.12 53.56 38.79
CA LEU E 194 20.04 52.10 38.70
C LEU E 194 19.44 51.49 39.94
N ASP E 195 19.69 52.09 41.11
CA ASP E 195 19.05 51.59 42.33
C ASP E 195 17.57 51.90 42.35
N ALA E 196 17.16 53.05 41.80
CA ALA E 196 15.74 53.37 41.75
C ALA E 196 15.00 52.45 40.79
N LEU E 197 15.57 52.19 39.63
CA LEU E 197 15.00 51.19 38.72
C LEU E 197 15.06 49.79 39.31
N ALA E 198 16.07 49.51 40.13
CA ALA E 198 16.17 48.23 40.81
C ALA E 198 15.04 48.05 41.83
N GLU E 199 14.72 49.10 42.61
CA GLU E 199 13.57 48.98 43.50
C GLU E 199 12.26 48.95 42.76
N LEU E 200 12.19 49.58 41.58
CA LEU E 200 10.97 49.49 40.78
C LEU E 200 10.73 48.06 40.28
N ILE E 201 11.75 47.45 39.66
CA ILE E 201 11.64 46.07 39.20
C ILE E 201 11.54 45.11 40.39
N ALA E 202 12.02 45.52 41.57
CA ALA E 202 11.80 44.74 42.79
C ALA E 202 10.34 44.74 43.22
N SER E 203 9.71 45.92 43.21
CA SER E 203 8.30 46.01 43.58
C SER E 203 7.42 45.30 42.57
N GLY E 204 7.79 45.37 41.30
CA GLY E 204 7.04 44.64 40.29
C GLY E 204 7.26 43.14 40.39
N LEU E 205 8.46 42.73 40.78
CA LEU E 205 8.79 41.32 40.84
C LEU E 205 8.25 40.67 42.11
N SER E 206 8.09 41.45 43.18
CA SER E 206 7.51 40.95 44.41
C SER E 206 6.00 40.80 44.32
N GLY E 207 5.33 41.70 43.61
CA GLY E 207 3.89 41.72 43.54
C GLY E 207 3.26 42.95 44.13
N SER E 208 4.06 43.92 44.58
CA SER E 208 3.55 45.12 45.22
C SER E 208 3.33 46.26 44.24
N GLY E 209 3.17 45.98 42.95
CA GLY E 209 2.91 47.05 42.02
C GLY E 209 2.86 46.58 40.58
N HIS E 210 2.17 47.35 39.75
CA HIS E 210 2.19 47.10 38.31
C HIS E 210 3.32 47.88 37.69
N VAL E 211 4.36 47.18 37.25
CA VAL E 211 5.50 47.80 36.60
C VAL E 211 5.41 47.51 35.12
N LEU E 212 5.21 48.56 34.33
CA LEU E 212 5.42 48.51 32.89
C LEU E 212 6.40 49.60 32.55
N LEU E 213 7.42 49.23 31.79
CA LEU E 213 8.51 50.12 31.41
C LEU E 213 8.53 50.21 29.91
N GLU E 214 8.73 51.41 29.38
CA GLU E 214 8.98 51.59 27.95
C GLU E 214 10.46 51.86 27.77
N VAL E 215 11.15 50.96 27.08
CA VAL E 215 12.60 51.02 26.96
C VAL E 215 12.96 51.42 25.54
N VAL E 216 13.61 52.57 25.41
CA VAL E 216 13.99 53.17 24.14
C VAL E 216 15.50 53.31 24.13
N ALA E 217 16.15 52.85 23.07
CA ALA E 217 17.60 52.90 23.02
C ALA E 217 18.09 53.36 21.66
N PHE E 218 18.94 54.39 21.68
CA PHE E 218 19.46 55.02 20.48
C PHE E 218 20.91 54.65 20.24
N ALA E 219 21.16 53.85 19.21
CA ALA E 219 22.50 53.41 18.86
C ALA E 219 23.04 54.27 17.73
N ARG E 220 23.95 55.16 18.05
CA ARG E 220 24.62 55.97 17.04
C ARG E 220 25.65 55.09 16.34
N ILE E 221 25.22 54.40 15.29
CA ILE E 221 26.12 53.60 14.48
C ILE E 221 26.87 54.44 13.46
N GLY E 222 26.14 55.13 12.60
CA GLY E 222 26.71 55.88 11.50
C GLY E 222 25.70 55.96 10.37
N ASP E 223 25.93 56.86 9.42
CA ASP E 223 24.96 57.14 8.37
C ASP E 223 24.83 55.96 7.42
N GLY E 224 23.66 55.34 7.40
CA GLY E 224 23.40 54.27 6.46
C GLY E 224 24.05 52.95 6.80
N GLN E 225 24.56 52.80 8.03
CA GLN E 225 25.24 51.58 8.40
C GLN E 225 24.23 50.44 8.60
N GLU E 226 24.75 49.23 8.62
CA GLU E 226 23.91 48.05 8.67
C GLU E 226 23.40 47.87 10.09
N VAL E 227 22.11 47.62 10.21
CA VAL E 227 21.53 47.22 11.48
C VAL E 227 21.23 45.74 11.38
N PHE E 228 21.10 45.11 12.55
CA PHE E 228 20.99 43.66 12.64
C PHE E 228 19.72 43.31 13.38
N PRO E 229 18.59 43.24 12.69
CA PRO E 229 17.38 42.70 13.31
C PRO E 229 17.49 41.19 13.41
N SER E 230 16.56 40.62 14.15
CA SER E 230 16.56 39.19 14.36
C SER E 230 16.14 38.49 13.08
N GLN E 231 16.37 37.18 13.03
CA GLN E 231 16.51 36.49 11.77
C GLN E 231 15.67 35.22 11.75
N GLU E 232 15.07 34.94 10.62
CA GLU E 232 14.03 33.94 10.45
C GLU E 232 14.56 32.70 9.73
N LEU E 233 13.68 31.71 9.57
CA LEU E 233 13.99 30.53 8.80
C LEU E 233 12.93 30.26 7.75
N LYS E 244 16.44 32.36 -1.29
CA LYS E 244 16.29 33.13 -0.06
C LYS E 244 17.07 32.50 1.08
N SER E 245 18.35 32.86 1.18
CA SER E 245 19.21 32.29 2.21
C SER E 245 19.08 33.00 3.55
N LYS E 246 18.62 34.24 3.56
CA LYS E 246 18.47 34.99 4.80
C LYS E 246 17.15 35.74 4.79
N THR E 247 16.36 35.54 5.83
CA THR E 247 15.13 36.30 6.06
C THR E 247 15.28 37.03 7.38
N LEU E 248 14.90 38.31 7.40
CA LEU E 248 14.97 39.10 8.61
C LEU E 248 13.57 39.31 9.15
N TYR E 249 13.49 39.39 10.47
CA TYR E 249 12.21 39.49 11.15
C TYR E 249 11.71 40.93 11.10
N SER E 250 10.46 41.09 10.66
CA SER E 250 9.82 42.39 10.64
C SER E 250 8.36 42.17 10.97
N VAL E 251 7.73 43.16 11.60
CA VAL E 251 6.33 43.00 11.96
C VAL E 251 5.39 43.57 10.90
N ARG E 252 5.44 44.89 10.66
CA ARG E 252 4.60 45.50 9.63
C ARG E 252 5.46 46.49 8.84
N ASP E 253 6.20 45.96 7.86
CA ASP E 253 7.18 46.71 7.06
C ASP E 253 8.13 47.52 7.93
N ALA E 254 8.60 46.91 9.00
CA ALA E 254 9.46 47.59 9.97
C ALA E 254 10.25 46.52 10.69
N ALA E 255 11.58 46.62 10.64
CA ALA E 255 12.43 45.60 11.20
C ALA E 255 12.29 45.54 12.72
N ALA E 256 12.61 44.39 13.29
CA ALA E 256 12.44 44.20 14.72
C ALA E 256 13.33 43.06 15.19
N ILE E 257 13.71 43.11 16.46
CA ILE E 257 14.34 42.00 17.15
C ILE E 257 13.23 41.20 17.81
N HIS E 258 13.43 39.88 17.93
CA HIS E 258 12.47 39.02 18.58
C HIS E 258 12.37 39.37 20.06
N SER E 259 11.22 39.05 20.65
CA SER E 259 11.05 39.33 22.06
C SER E 259 11.88 38.40 22.92
N GLN E 260 12.12 37.18 22.46
CA GLN E 260 12.95 36.26 23.24
C GLN E 260 14.42 36.61 23.16
N LYS E 261 14.88 37.30 22.13
CA LYS E 261 16.26 37.75 22.09
C LYS E 261 16.49 38.90 23.05
N ILE E 262 15.52 39.81 23.13
CA ILE E 262 15.53 40.86 24.13
C ILE E 262 15.49 40.26 25.53
N GLY E 263 14.65 39.23 25.72
CA GLY E 263 14.54 38.61 27.03
C GLY E 263 15.77 37.82 27.42
N ASN E 264 16.46 37.24 26.44
CA ASN E 264 17.75 36.61 26.72
C ASN E 264 18.80 37.64 27.08
N ALA E 265 18.71 38.82 26.50
CA ALA E 265 19.67 39.84 26.84
C ALA E 265 19.39 40.47 28.20
N LEU E 266 18.13 40.40 28.65
CA LEU E 266 17.84 40.82 30.02
C LEU E 266 18.29 39.80 31.05
N ARG E 267 18.10 38.52 30.78
CA ARG E 267 18.46 37.45 31.70
C ARG E 267 19.95 37.21 31.80
N THR E 268 20.78 37.90 31.03
CA THR E 268 22.23 37.69 31.06
C THR E 268 22.78 38.35 32.32
N ILE E 269 22.57 37.65 33.44
CA ILE E 269 22.94 38.15 34.76
C ILE E 269 23.75 37.13 35.54
N ASP E 270 23.87 35.90 35.06
CA ASP E 270 24.45 34.78 35.78
C ASP E 270 25.97 34.90 35.77
N THR E 271 26.53 35.41 36.86
CA THR E 271 27.96 35.43 37.07
C THR E 271 28.40 34.47 38.15
N TRP E 272 27.47 33.77 38.78
CA TRP E 272 27.75 32.90 39.91
C TRP E 272 28.18 31.50 39.48
N TYR E 273 28.33 31.29 38.19
CA TYR E 273 28.73 30.00 37.65
C TYR E 273 30.23 29.81 37.84
N PRO E 274 30.74 28.55 37.76
CA PRO E 274 32.20 28.37 37.89
C PRO E 274 32.94 28.95 36.70
N ASP E 275 33.58 30.09 36.95
CA ASP E 275 34.04 30.99 35.90
C ASP E 275 35.52 30.76 35.64
N GLU E 276 35.82 30.07 34.54
CA GLU E 276 37.16 30.11 33.96
C GLU E 276 37.07 30.92 32.69
N ASP E 277 38.22 31.07 32.03
CA ASP E 277 38.35 31.61 30.66
C ASP E 277 38.04 33.10 30.55
N GLY E 278 37.59 33.75 31.62
CA GLY E 278 37.33 35.18 31.56
C GLY E 278 35.99 35.54 30.95
N LEU E 279 35.08 34.59 30.85
CA LEU E 279 33.76 34.86 30.32
C LEU E 279 32.93 35.60 31.37
N GLY E 280 32.10 36.52 30.90
CA GLY E 280 31.35 37.37 31.79
C GLY E 280 30.05 36.77 32.25
N PRO E 281 29.01 37.58 32.34
CA PRO E 281 27.68 37.05 32.67
C PRO E 281 27.12 36.26 31.50
N ILE E 282 26.44 35.16 31.82
CA ILE E 282 25.75 34.40 30.81
C ILE E 282 24.25 34.44 31.13
N ALA E 283 23.44 33.95 30.19
CA ALA E 283 22.00 33.92 30.39
C ALA E 283 21.63 32.85 31.38
N VAL E 284 20.61 33.13 32.19
CA VAL E 284 20.17 32.21 33.22
C VAL E 284 19.39 31.09 32.54
N GLU E 285 20.05 29.97 32.29
CA GLU E 285 19.42 28.80 31.73
C GLU E 285 19.66 27.62 32.66
N PRO E 286 18.76 26.65 32.69
CA PRO E 286 19.09 25.36 33.30
C PRO E 286 20.19 24.71 32.50
N TYR E 287 21.13 24.09 33.21
CA TYR E 287 22.40 23.59 32.67
C TYR E 287 23.10 24.71 31.89
N GLY E 288 23.46 25.77 32.62
CA GLY E 288 23.61 27.10 32.05
C GLY E 288 24.59 27.23 30.93
N SER E 289 24.03 27.26 29.73
CA SER E 289 24.75 26.91 28.51
C SER E 289 24.89 28.11 27.61
N VAL E 290 25.96 28.14 26.84
CA VAL E 290 26.13 29.11 25.77
C VAL E 290 26.30 28.32 24.48
N THR E 291 25.61 28.76 23.42
CA THR E 291 25.75 28.10 22.14
C THR E 291 26.87 28.70 21.30
N SER E 292 27.36 29.88 21.68
CA SER E 292 28.50 30.47 20.99
C SER E 292 29.75 29.68 21.27
N GLN E 293 29.83 29.06 22.44
CA GLN E 293 31.02 28.29 22.80
C GLN E 293 30.78 26.80 22.80
N GLY E 294 29.54 26.35 22.62
CA GLY E 294 29.25 24.94 22.57
C GLY E 294 29.44 24.22 23.88
N LYS E 295 29.46 24.96 24.98
CA LYS E 295 29.80 24.43 26.28
C LYS E 295 28.72 24.81 27.29
N ALA E 296 28.22 23.81 28.00
CA ALA E 296 27.23 24.01 29.05
C ALA E 296 27.99 24.20 30.36
N TYR E 297 28.11 25.44 30.81
CA TYR E 297 28.47 25.69 32.18
C TYR E 297 27.32 25.26 33.08
N ARG E 298 27.62 25.09 34.36
CA ARG E 298 26.72 24.47 35.34
C ARG E 298 26.26 23.11 34.85
N GLN E 299 27.23 22.22 34.65
CA GLN E 299 26.90 20.87 34.26
C GLN E 299 26.38 20.10 35.47
N PRO E 300 25.55 19.08 35.26
CA PRO E 300 25.06 18.29 36.40
C PRO E 300 26.10 17.39 37.05
N LYS E 301 27.30 17.26 36.49
CA LYS E 301 28.36 16.54 37.19
C LYS E 301 28.86 17.34 38.38
N GLN E 302 28.89 18.66 38.25
CA GLN E 302 28.93 19.52 39.41
C GLN E 302 27.52 19.69 39.96
N LYS E 303 27.42 20.13 41.20
CA LYS E 303 26.08 20.27 41.78
C LYS E 303 25.57 21.70 41.64
N LEU E 304 25.62 22.24 40.42
CA LEU E 304 25.36 23.66 40.23
C LEU E 304 24.37 23.99 39.14
N ASP E 305 23.73 23.00 38.52
CA ASP E 305 22.65 23.30 37.60
C ASP E 305 21.39 23.64 38.38
N PHE E 306 20.38 24.14 37.67
CA PHE E 306 19.16 24.60 38.33
C PHE E 306 18.40 23.47 38.97
N TYR E 307 18.41 22.29 38.35
CA TYR E 307 17.57 21.19 38.80
C TYR E 307 18.07 20.59 40.09
N THR E 308 19.38 20.33 40.18
CA THR E 308 19.95 19.79 41.41
C THR E 308 19.87 20.77 42.55
N LEU E 309 20.11 22.06 42.29
CA LEU E 309 19.99 23.07 43.34
C LEU E 309 18.55 23.23 43.80
N LEU E 310 17.59 23.14 42.88
CA LEU E 310 16.19 23.25 43.26
C LEU E 310 15.72 22.04 44.06
N ASP E 311 16.08 20.84 43.60
CA ASP E 311 15.69 19.62 44.31
C ASP E 311 16.39 19.47 45.65
N ASN E 312 17.58 20.02 45.81
CA ASN E 312 18.20 20.09 47.11
C ASN E 312 17.60 21.18 47.99
N TRP E 313 17.14 22.28 47.40
CA TRP E 313 16.61 23.38 48.19
C TRP E 313 15.23 23.06 48.73
N VAL E 314 14.34 22.52 47.91
CA VAL E 314 12.95 22.39 48.34
C VAL E 314 12.69 21.03 48.97
N LEU E 315 13.31 19.95 48.49
CA LEU E 315 12.96 18.64 49.04
C LEU E 315 13.71 18.34 50.32
N ARG E 316 15.03 18.24 50.23
CA ARG E 316 15.85 17.81 51.35
C ARG E 316 16.43 18.97 52.12
N ASP E 317 15.89 20.17 51.93
CA ASP E 317 16.15 21.38 52.73
C ASP E 317 17.61 21.83 52.67
N GLU E 318 18.38 21.33 51.70
CA GLU E 318 19.78 21.71 51.54
C GLU E 318 19.78 23.03 50.78
N ALA E 319 19.69 24.13 51.52
CA ALA E 319 19.66 25.44 50.90
C ALA E 319 21.04 25.78 50.36
N PRO E 320 21.15 26.10 49.08
CA PRO E 320 22.45 26.47 48.51
C PRO E 320 22.91 27.85 48.95
N ALA E 321 24.01 28.33 48.36
CA ALA E 321 24.51 29.65 48.71
C ALA E 321 23.55 30.74 48.21
N VAL E 322 23.81 31.95 48.68
CA VAL E 322 23.03 33.13 48.29
C VAL E 322 23.12 33.36 46.78
N GLU E 323 24.28 33.07 46.19
CA GLU E 323 24.47 33.24 44.76
C GLU E 323 23.69 32.21 43.96
N GLN E 324 23.79 30.95 44.32
CA GLN E 324 23.09 29.91 43.59
C GLN E 324 21.58 29.98 43.81
N GLN E 325 21.15 30.52 44.94
CA GLN E 325 19.71 30.67 45.13
C GLN E 325 19.17 31.91 44.45
N HIS E 326 19.99 32.95 44.28
CA HIS E 326 19.69 34.01 43.32
C HIS E 326 19.50 33.43 41.92
N TYR E 327 20.36 32.49 41.53
CA TYR E 327 20.27 31.89 40.20
C TYR E 327 19.02 31.03 40.05
N VAL E 328 18.65 30.30 41.10
CA VAL E 328 17.46 29.44 41.04
C VAL E 328 16.19 30.29 40.96
N ILE E 329 16.14 31.38 41.72
CA ILE E 329 14.99 32.29 41.62
C ILE E 329 14.99 33.03 40.28
N ALA E 330 16.17 33.27 39.68
CA ALA E 330 16.21 33.82 38.34
C ALA E 330 15.68 32.85 37.29
N ASN E 331 15.90 31.55 37.49
CA ASN E 331 15.26 30.55 36.62
C ASN E 331 13.77 30.43 36.87
N LEU E 332 13.30 30.79 38.06
CA LEU E 332 11.86 30.80 38.25
C LEU E 332 11.22 32.02 37.61
N ILE E 333 11.93 33.15 37.60
CA ILE E 333 11.48 34.33 36.88
C ILE E 333 11.54 34.10 35.37
N ARG E 334 12.53 33.32 34.91
CA ARG E 334 12.66 33.01 33.49
C ARG E 334 11.52 32.12 32.99
N GLY E 335 10.92 31.33 33.88
CA GLY E 335 9.88 30.43 33.47
C GLY E 335 10.45 29.17 32.87
N GLY E 336 9.56 28.25 32.54
CA GLY E 336 9.98 27.03 31.88
C GLY E 336 9.12 25.87 32.25
N VAL E 337 9.49 24.71 31.71
CA VAL E 337 8.81 23.47 32.01
C VAL E 337 9.75 22.58 32.79
N PHE E 338 9.65 22.63 34.11
CA PHE E 338 10.44 21.78 34.97
C PHE E 338 9.56 20.62 35.41
N GLY E 339 10.14 19.63 36.06
CA GLY E 339 9.39 18.46 36.45
C GLY E 339 9.64 17.33 35.47
N GLU E 340 9.58 16.11 35.98
CA GLU E 340 10.05 14.94 35.24
C GLU E 340 8.96 14.42 34.30
N ALA E 341 9.20 13.26 33.70
CA ALA E 341 8.26 12.67 32.78
C ALA E 341 8.14 11.17 33.05
N ILE F 7 -57.56 -14.79 -0.87
CA ILE F 7 -57.27 -14.77 0.56
C ILE F 7 -56.61 -13.42 0.89
N LEU F 8 -55.87 -12.89 -0.09
CA LEU F 8 -55.19 -11.59 -0.03
C LEU F 8 -54.21 -11.52 1.15
N SER F 9 -53.12 -12.28 0.98
CA SER F 9 -51.97 -12.08 1.85
C SER F 9 -51.22 -10.82 1.42
N THR F 10 -50.32 -10.38 2.30
CA THR F 10 -49.53 -9.17 2.07
C THR F 10 -48.53 -9.42 0.94
N ALA F 11 -48.32 -8.41 0.10
CA ALA F 11 -47.27 -8.46 -0.90
C ALA F 11 -45.91 -8.60 -0.25
N SER F 12 -45.02 -9.34 -0.89
CA SER F 12 -43.74 -9.65 -0.26
C SER F 12 -42.82 -8.45 -0.25
N VAL F 13 -42.79 -7.68 -1.34
CA VAL F 13 -42.06 -6.41 -1.33
C VAL F 13 -43.05 -5.29 -1.57
N LEU F 14 -42.81 -4.18 -0.90
CA LEU F 14 -43.57 -2.96 -1.12
C LEU F 14 -42.60 -1.83 -0.84
N ALA F 15 -42.12 -1.19 -1.89
CA ALA F 15 -41.25 -0.05 -1.74
C ALA F 15 -42.05 1.16 -2.19
N PHE F 16 -42.12 2.17 -1.35
CA PHE F 16 -42.82 3.40 -1.69
C PHE F 16 -41.78 4.48 -1.87
N GLU F 17 -41.89 5.22 -2.97
CA GLU F 17 -41.01 6.35 -3.18
C GLU F 17 -41.39 7.49 -2.24
N ARG F 18 -40.43 8.36 -2.01
CA ARG F 18 -40.60 9.42 -1.03
C ARG F 18 -41.29 10.60 -1.67
N LYS F 19 -42.48 10.94 -1.18
CA LYS F 19 -43.04 12.24 -1.49
C LYS F 19 -42.46 13.24 -0.50
N LEU F 20 -42.62 14.53 -0.80
CA LEU F 20 -42.03 15.62 -0.02
C LEU F 20 -40.50 15.48 0.06
N ASP F 21 -39.85 15.67 -1.09
CA ASP F 21 -38.39 15.67 -1.20
C ASP F 21 -37.81 17.03 -0.85
N PRO F 22 -37.09 17.18 0.25
CA PRO F 22 -36.34 18.41 0.47
C PRO F 22 -34.91 18.27 -0.05
N SER F 23 -34.19 19.38 -0.01
CA SER F 23 -32.80 19.40 -0.41
C SER F 23 -31.93 19.58 0.82
N ASP F 24 -30.62 19.59 0.61
CA ASP F 24 -29.71 19.91 1.70
C ASP F 24 -29.86 21.39 2.05
N ALA F 25 -30.17 21.68 3.29
CA ALA F 25 -30.57 23.02 3.70
C ALA F 25 -29.34 23.86 3.95
N LEU F 26 -28.97 24.66 2.94
CA LEU F 26 -27.77 25.47 3.00
C LEU F 26 -27.92 26.61 4.00
N MET F 27 -27.05 26.66 5.00
CA MET F 27 -27.11 27.72 6.00
C MET F 27 -26.09 28.80 5.66
N SER F 28 -26.57 30.04 5.55
CA SER F 28 -25.78 31.24 5.36
C SER F 28 -26.10 32.23 6.46
N ALA F 29 -25.41 33.37 6.42
CA ALA F 29 -25.42 34.28 7.56
C ALA F 29 -25.52 35.71 7.11
N GLY F 30 -25.96 36.55 8.02
CA GLY F 30 -26.15 37.96 7.74
C GLY F 30 -26.86 38.63 8.88
N ALA F 31 -27.42 39.80 8.62
CA ALA F 31 -28.04 40.58 9.65
C ALA F 31 -29.54 40.72 9.41
N TRP F 32 -30.30 40.73 10.50
CA TRP F 32 -31.71 41.07 10.49
C TRP F 32 -31.89 42.49 9.98
N ALA F 33 -33.07 42.74 9.40
CA ALA F 33 -33.51 43.91 8.63
C ALA F 33 -32.80 44.04 7.28
N GLN F 34 -31.84 43.17 6.97
CA GLN F 34 -31.37 42.95 5.62
C GLN F 34 -31.65 41.51 5.21
N ARG F 35 -32.76 40.97 5.73
CA ARG F 35 -33.28 39.69 5.30
C ARG F 35 -33.85 39.75 3.90
N ASP F 36 -34.33 40.91 3.47
CA ASP F 36 -34.96 41.02 2.17
C ASP F 36 -33.95 41.11 1.05
N ALA F 37 -32.70 41.41 1.38
CA ALA F 37 -31.60 41.38 0.43
C ALA F 37 -30.68 40.18 0.71
N SER F 38 -31.24 39.08 1.19
CA SER F 38 -30.44 37.94 1.60
C SER F 38 -30.28 36.92 0.48
N GLN F 39 -29.79 37.32 -0.68
CA GLN F 39 -29.44 36.36 -1.71
C GLN F 39 -27.97 36.36 -2.05
N GLU F 40 -27.20 37.29 -1.50
CA GLU F 40 -25.75 37.30 -1.64
C GLU F 40 -25.10 37.11 -0.28
N TRP F 41 -25.87 36.58 0.67
CA TRP F 41 -25.40 36.40 2.03
C TRP F 41 -24.30 35.36 2.08
N PRO F 42 -23.20 35.62 2.79
CA PRO F 42 -22.09 34.68 2.79
C PRO F 42 -22.44 33.43 3.59
N ALA F 43 -22.00 32.30 3.08
CA ALA F 43 -22.37 31.04 3.69
C ALA F 43 -21.64 30.83 5.00
N VAL F 44 -22.32 30.16 5.93
CA VAL F 44 -21.69 29.69 7.16
C VAL F 44 -20.73 28.59 6.76
N THR F 45 -19.46 28.77 7.07
CA THR F 45 -18.42 27.83 6.71
C THR F 45 -18.10 26.94 7.88
N VAL F 46 -17.86 25.66 7.60
CA VAL F 46 -17.46 24.70 8.60
C VAL F 46 -15.95 24.81 8.76
N ARG F 47 -15.51 25.13 9.96
CA ARG F 47 -14.09 25.25 10.27
C ARG F 47 -13.75 24.32 11.43
N GLU F 48 -12.46 24.18 11.68
CA GLU F 48 -11.94 23.28 12.70
C GLU F 48 -11.47 24.08 13.91
N LYS F 49 -11.59 23.46 15.08
CA LYS F 49 -11.01 24.02 16.29
C LYS F 49 -10.61 22.87 17.19
N SER F 50 -9.61 23.11 18.02
CA SER F 50 -9.03 22.07 18.85
C SER F 50 -9.57 22.16 20.26
N VAL F 51 -10.29 21.13 20.68
CA VAL F 51 -10.87 21.11 22.01
C VAL F 51 -10.06 20.17 22.88
N ARG F 52 -10.04 20.44 24.19
CA ARG F 52 -9.40 19.64 25.19
C ARG F 52 -10.26 19.62 26.43
N GLY F 53 -10.62 18.44 26.89
CA GLY F 53 -11.37 18.31 28.11
C GLY F 53 -10.71 17.30 29.02
N THR F 54 -11.00 17.41 30.30
CA THR F 54 -10.79 16.31 31.23
C THR F 54 -11.94 15.33 31.06
N ILE F 55 -11.85 14.21 31.76
CA ILE F 55 -12.91 13.23 31.64
C ILE F 55 -14.12 13.68 32.45
N SER F 56 -15.30 13.36 31.94
CA SER F 56 -16.54 13.72 32.58
C SER F 56 -17.50 12.56 32.68
N ASN F 57 -17.15 11.41 32.13
CA ASN F 57 -18.05 10.28 32.03
C ASN F 57 -18.07 9.49 33.33
N ARG F 58 -19.11 8.68 33.49
CA ARG F 58 -19.25 7.86 34.69
C ARG F 58 -18.19 6.77 34.73
N LEU F 59 -17.67 6.52 35.93
CA LEU F 59 -16.71 5.45 36.13
C LEU F 59 -17.43 4.21 36.66
N LYS F 60 -16.87 3.04 36.32
CA LYS F 60 -17.53 1.77 36.60
C LYS F 60 -16.89 1.02 37.76
N THR F 61 -16.48 1.75 38.81
CA THR F 61 -16.06 1.31 40.15
C THR F 61 -14.69 0.62 40.12
N LYS F 62 -14.14 0.41 38.92
CA LYS F 62 -12.76 -0.02 38.77
C LYS F 62 -11.82 1.16 38.56
N ASP F 63 -12.37 2.30 38.13
CA ASP F 63 -11.59 3.48 37.79
C ASP F 63 -11.79 4.61 38.78
N ARG F 64 -12.39 4.33 39.94
CA ARG F 64 -12.63 5.33 40.96
C ARG F 64 -11.50 5.42 41.98
N ASP F 65 -10.36 4.82 41.69
CA ASP F 65 -9.17 5.05 42.49
C ASP F 65 -8.72 6.49 42.32
N PRO F 66 -8.48 7.22 43.42
CA PRO F 66 -8.20 8.66 43.28
C PRO F 66 -6.86 8.96 42.62
N ALA F 67 -5.84 8.13 42.85
CA ALA F 67 -4.59 8.27 42.13
C ALA F 67 -4.77 7.96 40.65
N LYS F 68 -5.59 6.94 40.34
CA LYS F 68 -5.87 6.61 38.96
C LYS F 68 -6.73 7.67 38.29
N LEU F 69 -7.64 8.29 39.04
CA LEU F 69 -8.44 9.38 38.47
C LEU F 69 -7.59 10.62 38.21
N ASP F 70 -6.66 10.95 39.11
CA ASP F 70 -5.77 12.07 38.89
C ASP F 70 -4.82 11.80 37.72
N ALA F 71 -4.36 10.55 37.58
CA ALA F 71 -3.52 10.21 36.45
C ALA F 71 -4.31 10.17 35.15
N SER F 72 -5.61 9.91 35.23
CA SER F 72 -6.45 9.94 34.04
C SER F 72 -6.76 11.36 33.60
N ILE F 73 -6.92 12.30 34.53
CA ILE F 73 -7.09 13.69 34.14
C ILE F 73 -5.78 14.39 33.87
N GLN F 74 -4.64 13.75 34.16
CA GLN F 74 -3.36 14.35 33.84
C GLN F 74 -2.95 14.11 32.39
N SER F 75 -3.55 13.12 31.72
CA SER F 75 -3.32 12.86 30.30
C SER F 75 -4.67 12.98 29.61
N PRO F 76 -5.07 14.16 29.16
CA PRO F 76 -6.43 14.35 28.67
C PRO F 76 -6.56 14.00 27.21
N ASN F 77 -7.80 13.93 26.75
CA ASN F 77 -8.06 13.69 25.33
C ASN F 77 -8.06 15.00 24.57
N LEU F 78 -7.24 15.06 23.54
CA LEU F 78 -7.12 16.21 22.67
C LEU F 78 -7.78 15.92 21.35
N GLN F 79 -8.71 16.78 20.96
CA GLN F 79 -9.54 16.52 19.81
C GLN F 79 -9.50 17.74 18.90
N THR F 80 -9.93 17.54 17.66
CA THR F 80 -10.33 18.61 16.77
C THR F 80 -11.78 18.36 16.41
N VAL F 81 -12.58 19.41 16.38
CA VAL F 81 -13.98 19.30 16.01
C VAL F 81 -14.24 20.24 14.85
N ASP F 82 -15.12 19.83 13.94
CA ASP F 82 -15.67 20.76 12.97
C ASP F 82 -16.69 21.62 13.67
N VAL F 83 -16.57 22.94 13.52
CA VAL F 83 -17.45 23.87 14.18
C VAL F 83 -17.94 24.89 13.17
N ALA F 84 -19.21 25.23 13.24
CA ALA F 84 -19.80 26.24 12.39
C ALA F 84 -20.41 27.31 13.27
N ASN F 85 -19.98 28.55 13.09
CA ASN F 85 -20.51 29.68 13.81
C ASN F 85 -20.96 30.74 12.82
N LEU F 86 -21.80 31.65 13.31
CA LEU F 86 -22.04 32.88 12.58
C LEU F 86 -20.78 33.75 12.65
N PRO F 87 -20.61 34.67 11.71
CA PRO F 87 -19.54 35.65 11.86
C PRO F 87 -19.84 36.63 12.98
N SER F 88 -18.83 37.37 13.39
CA SER F 88 -18.95 38.30 14.50
C SER F 88 -19.64 39.60 14.13
N ASP F 89 -20.21 39.70 12.94
CA ASP F 89 -20.98 40.87 12.50
C ASP F 89 -22.32 40.44 11.93
N ALA F 90 -22.77 39.23 12.24
CA ALA F 90 -23.97 38.65 11.67
C ALA F 90 -24.72 37.86 12.73
N ASP F 91 -25.99 38.18 12.94
CA ASP F 91 -26.79 37.55 13.98
C ASP F 91 -27.94 36.73 13.42
N THR F 92 -28.11 36.70 12.10
CA THR F 92 -29.23 36.00 11.49
C THR F 92 -28.71 34.85 10.67
N LEU F 93 -29.24 33.66 10.92
CA LEU F 93 -28.90 32.46 10.18
C LEU F 93 -29.99 32.19 9.16
N LYS F 94 -29.63 32.19 7.89
CA LYS F 94 -30.56 31.87 6.81
C LYS F 94 -30.33 30.42 6.40
N VAL F 95 -31.31 29.56 6.68
CA VAL F 95 -31.30 28.17 6.26
C VAL F 95 -32.29 28.03 5.11
N ARG F 96 -31.79 27.72 3.92
CA ARG F 96 -32.60 27.69 2.71
C ARG F 96 -32.60 26.31 2.09
N PHE F 97 -33.78 25.77 1.83
CA PHE F 97 -33.90 24.53 1.08
C PHE F 97 -35.09 24.66 0.15
N THR F 98 -35.24 23.68 -0.73
CA THR F 98 -36.38 23.62 -1.62
C THR F 98 -37.14 22.32 -1.35
N LEU F 99 -38.46 22.41 -1.31
CA LEU F 99 -39.28 21.25 -1.02
C LEU F 99 -40.16 20.96 -2.21
N ARG F 100 -40.16 19.71 -2.65
CA ARG F 100 -40.91 19.28 -3.81
C ARG F 100 -41.95 18.25 -3.38
N VAL F 101 -43.21 18.65 -3.39
CA VAL F 101 -44.33 17.81 -3.00
C VAL F 101 -44.79 17.06 -4.24
N LEU F 102 -44.67 15.74 -4.23
CA LEU F 102 -44.77 14.97 -5.48
C LEU F 102 -46.19 14.52 -5.79
N GLY F 103 -46.77 13.72 -4.93
CA GLY F 103 -48.11 13.29 -5.24
C GLY F 103 -48.15 11.94 -5.92
N GLY F 104 -49.23 11.20 -5.68
CA GLY F 104 -49.29 9.82 -6.07
C GLY F 104 -48.79 8.94 -4.94
N ALA F 105 -49.35 9.16 -3.75
CA ALA F 105 -48.77 8.63 -2.52
C ALA F 105 -48.95 7.12 -2.38
N GLY F 106 -50.13 6.60 -2.67
CA GLY F 106 -50.38 5.19 -2.45
C GLY F 106 -49.78 4.24 -3.45
N THR F 107 -49.26 4.73 -4.56
CA THR F 107 -48.68 3.86 -5.58
C THR F 107 -47.29 3.41 -5.17
N PRO F 108 -47.05 2.11 -5.03
CA PRO F 108 -45.71 1.64 -4.66
C PRO F 108 -44.76 1.69 -5.84
N SER F 109 -43.47 1.78 -5.51
CA SER F 109 -42.44 1.70 -6.54
C SER F 109 -42.09 0.28 -6.90
N ALA F 110 -42.49 -0.70 -6.08
CA ALA F 110 -42.28 -2.11 -6.34
C ALA F 110 -43.31 -2.87 -5.54
N CYS F 111 -43.96 -3.86 -6.16
CA CYS F 111 -44.95 -4.67 -5.49
C CYS F 111 -45.17 -5.94 -6.29
N ASN F 112 -45.03 -7.09 -5.63
CA ASN F 112 -45.21 -8.37 -6.29
C ASN F 112 -46.67 -8.73 -6.50
N ASP F 113 -47.43 -8.78 -5.41
CA ASP F 113 -48.82 -9.23 -5.45
C ASP F 113 -49.67 -8.14 -6.08
N ALA F 114 -50.15 -8.39 -7.31
CA ALA F 114 -50.91 -7.38 -8.03
C ALA F 114 -52.29 -7.16 -7.42
N ALA F 115 -52.88 -8.20 -6.83
CA ALA F 115 -54.17 -8.05 -6.15
C ALA F 115 -54.01 -7.20 -4.90
N TYR F 116 -52.88 -7.33 -4.21
CA TYR F 116 -52.58 -6.45 -3.09
C TYR F 116 -52.41 -5.01 -3.55
N ARG F 117 -51.77 -4.81 -4.70
CA ARG F 117 -51.57 -3.45 -5.20
C ARG F 117 -52.90 -2.81 -5.58
N ASP F 118 -53.82 -3.59 -6.16
CA ASP F 118 -55.15 -3.09 -6.48
C ASP F 118 -55.92 -2.74 -5.21
N LYS F 119 -55.86 -3.61 -4.19
CA LYS F 119 -56.56 -3.34 -2.94
C LYS F 119 -55.96 -2.15 -2.19
N LEU F 120 -54.64 -1.99 -2.23
CA LEU F 120 -54.00 -0.88 -1.55
C LEU F 120 -54.29 0.44 -2.25
N LEU F 121 -54.30 0.45 -3.58
CA LEU F 121 -54.67 1.65 -4.31
C LEU F 121 -56.13 2.01 -4.10
N GLN F 122 -57.00 0.99 -4.00
CA GLN F 122 -58.40 1.24 -3.71
C GLN F 122 -58.60 1.79 -2.30
N THR F 123 -57.81 1.31 -1.34
CA THR F 123 -57.91 1.79 0.04
C THR F 123 -57.43 3.23 0.17
N VAL F 124 -56.31 3.56 -0.48
CA VAL F 124 -55.81 4.94 -0.42
C VAL F 124 -56.74 5.89 -1.18
N ALA F 125 -57.31 5.43 -2.30
CA ALA F 125 -58.28 6.27 -3.03
C ALA F 125 -59.57 6.45 -2.24
N THR F 126 -59.97 5.44 -1.47
CA THR F 126 -61.11 5.57 -0.57
C THR F 126 -60.83 6.61 0.50
N TYR F 127 -59.60 6.62 1.04
CA TYR F 127 -59.20 7.63 2.00
C TYR F 127 -59.28 9.03 1.41
N VAL F 128 -58.71 9.20 0.21
CA VAL F 128 -58.64 10.52 -0.43
C VAL F 128 -60.02 11.03 -0.81
N ASN F 129 -60.91 10.14 -1.25
CA ASN F 129 -62.26 10.57 -1.58
C ASN F 129 -63.05 10.89 -0.31
N ASP F 130 -62.86 10.12 0.76
CA ASP F 130 -63.52 10.45 2.02
C ASP F 130 -62.89 11.68 2.66
N GLN F 131 -61.57 11.70 2.79
CA GLN F 131 -60.89 12.86 3.35
C GLN F 131 -59.52 13.00 2.69
N GLY F 132 -59.37 14.00 1.84
CA GLY F 132 -58.15 14.17 1.10
C GLY F 132 -57.00 14.60 2.00
N PHE F 133 -55.86 14.87 1.37
CA PHE F 133 -54.65 15.20 2.13
C PHE F 133 -54.75 16.62 2.69
N ALA F 134 -55.69 16.81 3.62
CA ALA F 134 -55.98 18.12 4.18
C ALA F 134 -55.46 18.27 5.59
N GLU F 135 -55.63 17.24 6.43
CA GLU F 135 -55.02 17.23 7.75
C GLU F 135 -53.50 17.11 7.66
N LEU F 136 -53.04 16.19 6.82
CA LEU F 136 -51.61 15.96 6.65
C LEU F 136 -50.93 17.20 6.09
N ALA F 137 -51.56 17.86 5.12
CA ALA F 137 -50.93 19.04 4.55
C ALA F 137 -51.00 20.22 5.49
N ARG F 138 -52.01 20.26 6.35
CA ARG F 138 -52.06 21.27 7.40
C ARG F 138 -50.89 21.11 8.36
N ARG F 139 -50.58 19.88 8.72
CA ARG F 139 -49.48 19.67 9.65
C ARG F 139 -48.11 19.78 8.99
N TYR F 140 -47.98 19.38 7.71
CA TYR F 140 -46.73 19.60 6.98
C TYR F 140 -46.49 21.09 6.75
N ALA F 141 -47.56 21.85 6.48
CA ALA F 141 -47.44 23.29 6.35
C ALA F 141 -47.12 23.95 7.68
N HIS F 142 -47.54 23.34 8.79
CA HIS F 142 -47.12 23.84 10.09
C HIS F 142 -45.64 23.62 10.30
N ASN F 143 -45.15 22.41 10.02
CA ASN F 143 -43.74 22.11 10.22
C ASN F 143 -42.84 22.82 9.21
N LEU F 144 -43.40 23.36 8.13
CA LEU F 144 -42.68 24.38 7.36
C LEU F 144 -42.80 25.74 8.04
N ALA F 145 -43.97 26.07 8.58
CA ALA F 145 -44.26 27.41 9.07
C ALA F 145 -43.53 27.73 10.36
N ASN F 146 -43.67 26.89 11.39
CA ASN F 146 -42.70 26.92 12.46
C ASN F 146 -41.45 26.24 11.95
N ALA F 147 -40.30 26.83 12.19
CA ALA F 147 -39.06 26.33 11.61
C ALA F 147 -38.54 25.17 12.43
N ARG F 148 -39.26 24.05 12.36
CA ARG F 148 -38.80 22.85 13.05
C ARG F 148 -37.58 22.26 12.38
N PHE F 149 -37.40 22.50 11.09
CA PHE F 149 -36.22 22.03 10.36
C PHE F 149 -34.96 22.71 10.84
N LEU F 150 -35.07 23.91 11.40
CA LEU F 150 -34.06 24.46 12.29
C LEU F 150 -34.13 23.63 13.57
N TRP F 151 -33.20 22.72 13.78
CA TRP F 151 -33.35 21.81 14.91
C TRP F 151 -32.86 22.44 16.20
N ARG F 152 -31.57 22.69 16.30
CA ARG F 152 -31.00 23.33 17.48
C ARG F 152 -30.69 24.79 17.22
N ASN F 153 -30.81 25.24 15.98
CA ASN F 153 -30.73 26.65 15.65
C ASN F 153 -32.00 27.42 16.04
N ARG F 154 -33.02 26.71 16.52
CA ARG F 154 -34.29 27.29 16.89
C ARG F 154 -34.50 27.36 18.40
N VAL F 155 -33.66 26.68 19.19
CA VAL F 155 -33.97 26.48 20.60
C VAL F 155 -33.68 27.69 21.45
N GLY F 156 -32.95 28.66 20.93
CA GLY F 156 -32.70 29.85 21.72
C GLY F 156 -32.72 31.09 20.86
N ALA F 157 -33.40 31.00 19.73
CA ALA F 157 -33.43 32.10 18.79
C ALA F 157 -34.38 33.18 19.27
N GLU F 158 -33.99 34.42 19.05
CA GLU F 158 -34.80 35.54 19.49
C GLU F 158 -36.02 35.70 18.62
N ALA F 159 -35.84 35.60 17.31
CA ALA F 159 -36.94 35.73 16.36
C ALA F 159 -36.63 34.81 15.19
N VAL F 160 -37.58 33.93 14.86
CA VAL F 160 -37.49 33.08 13.68
C VAL F 160 -38.57 33.51 12.72
N GLU F 161 -38.21 33.67 11.45
CA GLU F 161 -39.15 34.03 10.40
C GLU F 161 -38.92 33.12 9.21
N VAL F 162 -39.99 32.46 8.78
CA VAL F 162 -39.93 31.52 7.67
C VAL F 162 -40.63 32.16 6.48
N ARG F 163 -39.95 32.20 5.35
CA ARG F 163 -40.51 32.67 4.10
C ARG F 163 -40.60 31.48 3.16
N ILE F 164 -41.81 31.18 2.72
CA ILE F 164 -42.07 30.05 1.83
C ILE F 164 -42.60 30.60 0.52
N ASN F 165 -41.93 30.25 -0.58
CA ASN F 165 -42.28 30.76 -1.90
C ASN F 165 -42.66 29.58 -2.79
N HIS F 166 -43.86 29.60 -3.32
CA HIS F 166 -44.27 28.61 -4.31
C HIS F 166 -43.70 29.01 -5.66
N ILE F 167 -42.91 28.13 -6.25
CA ILE F 167 -42.15 28.45 -7.46
C ILE F 167 -42.82 27.80 -8.66
N ARG F 168 -43.39 28.65 -9.50
CA ARG F 168 -43.97 28.30 -10.78
C ARG F 168 -42.86 28.36 -11.83
N GLN F 169 -43.24 28.58 -13.10
CA GLN F 169 -42.43 28.50 -14.32
C GLN F 169 -40.99 28.98 -14.19
N GLY F 170 -40.75 30.11 -13.55
CA GLY F 170 -39.43 30.31 -13.01
C GLY F 170 -39.36 31.12 -11.73
N GLU F 171 -40.49 31.66 -11.28
CA GLU F 171 -40.49 32.68 -10.26
C GLU F 171 -41.54 32.36 -9.21
N VAL F 172 -41.70 33.29 -8.27
CA VAL F 172 -42.60 33.11 -7.13
C VAL F 172 -44.03 33.29 -7.59
N ALA F 173 -44.81 32.20 -7.54
CA ALA F 173 -46.23 32.29 -7.81
C ALA F 173 -47.02 32.83 -6.63
N ARG F 174 -46.60 32.48 -5.41
CA ARG F 174 -47.28 32.93 -4.20
C ARG F 174 -46.29 32.83 -3.06
N ALA F 175 -46.14 33.91 -2.30
CA ALA F 175 -45.12 34.01 -1.26
C ALA F 175 -45.77 34.10 0.11
N TRP F 176 -45.38 33.19 1.00
CA TRP F 176 -45.78 33.24 2.40
C TRP F 176 -44.66 33.78 3.26
N ARG F 177 -45.03 34.31 4.41
CA ARG F 177 -44.07 34.87 5.36
C ARG F 177 -44.62 34.69 6.75
N PHE F 178 -43.92 33.92 7.59
CA PHE F 178 -44.45 33.44 8.85
C PHE F 178 -43.58 33.89 10.01
N ASP F 179 -44.18 33.87 11.19
CA ASP F 179 -43.48 34.06 12.46
C ASP F 179 -43.42 32.71 13.13
N ALA F 180 -42.24 32.11 13.16
CA ALA F 180 -42.12 30.72 13.55
C ALA F 180 -42.08 30.53 15.06
N LEU F 181 -42.08 31.60 15.84
CA LEU F 181 -42.17 31.46 17.28
C LEU F 181 -43.58 31.69 17.81
N ALA F 182 -44.42 32.43 17.08
CA ALA F 182 -45.84 32.47 17.40
C ALA F 182 -46.51 31.16 17.03
N ILE F 183 -46.21 30.61 15.86
CA ILE F 183 -46.61 29.27 15.49
C ILE F 183 -45.75 28.31 16.29
N GLY F 184 -46.34 27.65 17.28
CA GLY F 184 -45.58 26.82 18.17
C GLY F 184 -45.16 25.50 17.54
N LEU F 185 -44.37 24.75 18.30
CA LEU F 185 -43.95 23.43 17.89
C LEU F 185 -44.89 22.33 18.33
N ARG F 186 -46.05 22.66 18.92
CA ARG F 186 -46.90 21.60 19.45
C ARG F 186 -48.39 21.71 19.17
N ASP F 187 -48.91 22.85 18.72
CA ASP F 187 -50.33 23.00 18.44
C ASP F 187 -50.54 23.24 16.97
N PHE F 188 -51.29 22.35 16.32
CA PHE F 188 -51.64 22.50 14.92
C PHE F 188 -52.96 23.26 14.86
N LYS F 189 -52.88 24.55 15.12
CA LYS F 189 -54.05 25.43 15.17
C LYS F 189 -54.49 25.80 13.75
N ALA F 190 -55.47 26.69 13.65
CA ALA F 190 -55.97 27.14 12.36
C ALA F 190 -55.46 28.55 12.09
N ASP F 191 -55.33 28.88 10.81
CA ASP F 191 -54.87 30.21 10.40
C ASP F 191 -55.51 30.54 9.06
N ALA F 192 -55.11 31.67 8.48
CA ALA F 192 -55.60 32.05 7.17
C ALA F 192 -54.57 31.75 6.08
N GLU F 193 -53.29 32.00 6.38
CA GLU F 193 -52.24 31.75 5.40
C GLU F 193 -51.75 30.32 5.45
N LEU F 194 -51.76 29.70 6.64
CA LEU F 194 -51.43 28.28 6.75
C LEU F 194 -52.45 27.42 6.03
N ASP F 195 -53.71 27.86 5.96
CA ASP F 195 -54.69 27.11 5.19
C ASP F 195 -54.43 27.24 3.70
N ALA F 196 -53.91 28.37 3.24
CA ALA F 196 -53.56 28.52 1.83
C ALA F 196 -52.37 27.64 1.46
N LEU F 197 -51.34 27.65 2.30
CA LEU F 197 -50.20 26.76 2.11
C LEU F 197 -50.60 25.30 2.23
N ALA F 198 -51.56 24.99 3.10
CA ALA F 198 -52.03 23.62 3.25
C ALA F 198 -52.83 23.16 2.03
N GLU F 199 -53.63 24.05 1.44
CA GLU F 199 -54.33 23.68 0.20
C GLU F 199 -53.34 23.51 -0.95
N LEU F 200 -52.26 24.28 -0.95
CA LEU F 200 -51.22 24.09 -1.96
C LEU F 200 -50.55 22.73 -1.83
N ILE F 201 -50.11 22.37 -0.62
CA ILE F 201 -49.48 21.08 -0.39
C ILE F 201 -50.48 19.94 -0.57
N ALA F 202 -51.76 20.20 -0.30
CA ALA F 202 -52.81 19.22 -0.54
C ALA F 202 -52.99 18.93 -2.02
N SER F 203 -52.97 19.99 -2.85
CA SER F 203 -53.06 19.77 -4.29
C SER F 203 -51.80 19.15 -4.84
N GLY F 204 -50.67 19.40 -4.18
CA GLY F 204 -49.44 18.73 -4.59
C GLY F 204 -49.45 17.25 -4.29
N LEU F 205 -50.00 16.87 -3.14
CA LEU F 205 -50.01 15.46 -2.75
C LEU F 205 -51.07 14.68 -3.52
N SER F 206 -52.11 15.35 -4.01
CA SER F 206 -53.13 14.69 -4.80
C SER F 206 -52.73 14.50 -6.25
N GLY F 207 -51.70 15.19 -6.71
CA GLY F 207 -51.33 15.18 -8.10
C GLY F 207 -51.97 16.28 -8.92
N SER F 208 -52.73 17.16 -8.29
CA SER F 208 -53.46 18.22 -8.98
C SER F 208 -52.58 19.38 -9.41
N GLY F 209 -51.28 19.32 -9.16
CA GLY F 209 -50.39 20.38 -9.59
C GLY F 209 -48.95 20.11 -9.25
N HIS F 210 -48.04 20.82 -9.90
CA HIS F 210 -46.64 20.78 -9.53
C HIS F 210 -46.39 21.76 -8.40
N VAL F 211 -45.92 21.26 -7.27
CA VAL F 211 -45.63 22.09 -6.10
C VAL F 211 -44.15 21.99 -5.81
N LEU F 212 -43.43 23.09 -6.04
CA LEU F 212 -42.05 23.23 -5.64
C LEU F 212 -41.94 24.46 -4.76
N LEU F 213 -41.74 24.25 -3.47
CA LEU F 213 -41.65 25.33 -2.51
C LEU F 213 -40.20 25.69 -2.29
N GLU F 214 -39.94 26.93 -1.92
CA GLU F 214 -38.61 27.36 -1.51
C GLU F 214 -38.72 27.89 -0.09
N VAL F 215 -38.28 27.11 0.89
CA VAL F 215 -38.46 27.44 2.29
C VAL F 215 -37.17 28.05 2.81
N VAL F 216 -37.24 29.31 3.19
CA VAL F 216 -36.12 30.09 3.71
C VAL F 216 -36.47 30.51 5.13
N ALA F 217 -35.60 30.20 6.09
CA ALA F 217 -35.87 30.55 7.48
C ALA F 217 -34.73 31.38 8.03
N PHE F 218 -35.07 32.45 8.72
CA PHE F 218 -34.11 33.38 9.29
C PHE F 218 -34.23 33.34 10.80
N ALA F 219 -33.12 33.08 11.49
CA ALA F 219 -33.15 32.96 12.94
C ALA F 219 -32.19 33.97 13.57
N ARG F 220 -32.74 34.86 14.39
CA ARG F 220 -31.93 35.73 15.24
C ARG F 220 -31.30 34.89 16.32
N ILE F 221 -30.05 34.49 16.13
CA ILE F 221 -29.33 33.79 17.17
C ILE F 221 -28.45 34.74 17.97
N GLY F 222 -27.56 35.46 17.31
CA GLY F 222 -26.66 36.37 17.97
C GLY F 222 -25.34 36.37 17.24
N ASP F 223 -24.57 37.43 17.38
CA ASP F 223 -23.31 37.59 16.64
C ASP F 223 -22.31 36.54 17.07
N GLY F 224 -21.81 35.76 16.14
CA GLY F 224 -20.76 34.82 16.45
C GLY F 224 -21.22 33.52 17.05
N GLN F 225 -22.51 33.35 17.26
CA GLN F 225 -23.02 32.19 17.95
C GLN F 225 -22.90 30.96 17.06
N GLU F 226 -22.89 29.80 17.71
CA GLU F 226 -22.75 28.54 17.02
C GLU F 226 -24.06 28.19 16.36
N VAL F 227 -23.99 27.83 15.09
CA VAL F 227 -25.11 27.22 14.42
C VAL F 227 -24.77 25.77 14.23
N PHE F 228 -25.78 24.97 13.96
CA PHE F 228 -25.70 23.52 14.12
C PHE F 228 -26.11 22.85 12.82
N PRO F 229 -25.18 22.68 11.88
CA PRO F 229 -25.46 21.86 10.71
C PRO F 229 -25.47 20.40 11.11
N SER F 230 -25.92 19.58 10.18
CA SER F 230 -26.02 18.17 10.48
C SER F 230 -24.63 17.55 10.49
N GLN F 231 -24.53 16.43 11.17
CA GLN F 231 -23.25 15.91 11.62
C GLN F 231 -22.97 14.59 10.93
N GLU F 232 -21.72 14.42 10.52
CA GLU F 232 -21.29 13.25 9.77
C GLU F 232 -20.78 12.18 10.72
N LEU F 233 -20.29 11.09 10.15
CA LEU F 233 -19.60 10.10 10.94
C LEU F 233 -18.14 10.05 10.53
N ILE F 234 -17.32 9.49 11.41
CA ILE F 234 -15.90 9.72 11.40
C ILE F 234 -15.16 8.51 10.86
N LEU F 235 -13.90 8.72 10.49
CA LEU F 235 -13.05 7.73 9.84
C LEU F 235 -12.25 6.88 10.83
N ASP F 236 -11.56 7.53 11.79
CA ASP F 236 -10.92 6.89 12.95
C ASP F 236 -9.86 5.86 12.53
N LYS F 237 -8.80 6.36 11.89
CA LYS F 237 -7.68 5.53 11.50
C LYS F 237 -6.39 5.83 12.27
N GLY F 238 -6.17 7.08 12.68
CA GLY F 238 -4.88 7.46 13.22
C GLY F 238 -4.81 7.67 14.73
N ASP F 239 -4.03 8.66 15.14
CA ASP F 239 -3.77 8.89 16.55
C ASP F 239 -4.98 9.56 17.23
N LYS F 240 -4.98 9.48 18.56
CA LYS F 240 -6.06 10.03 19.36
C LYS F 240 -5.91 11.51 19.68
N LYS F 241 -4.85 12.16 19.17
CA LYS F 241 -4.70 13.60 19.30
C LYS F 241 -5.25 14.35 18.10
N GLY F 242 -4.97 13.87 16.89
CA GLY F 242 -5.58 14.40 15.69
C GLY F 242 -6.84 13.63 15.35
N GLN F 243 -7.76 13.54 16.31
CA GLN F 243 -8.81 12.54 16.24
C GLN F 243 -9.91 12.89 15.25
N LYS F 244 -10.22 14.18 15.09
CA LYS F 244 -11.43 14.66 14.41
C LYS F 244 -12.67 14.00 15.02
N SER F 245 -12.92 14.42 16.26
CA SER F 245 -14.04 13.88 17.03
C SER F 245 -15.40 14.29 16.50
N LYS F 246 -15.49 15.35 15.71
CA LYS F 246 -16.78 15.78 15.17
C LYS F 246 -16.60 16.31 13.76
N THR F 247 -17.35 15.75 12.83
CA THR F 247 -17.40 16.19 11.45
C THR F 247 -18.77 16.78 11.17
N LEU F 248 -18.80 17.90 10.46
CA LEU F 248 -20.05 18.55 10.11
C LEU F 248 -20.27 18.48 8.61
N TYR F 249 -21.53 18.49 8.22
CA TYR F 249 -21.90 18.41 6.82
C TYR F 249 -21.65 19.74 6.13
N SER F 250 -21.22 19.67 4.87
CA SER F 250 -21.07 20.85 4.03
C SER F 250 -21.10 20.36 2.59
N VAL F 251 -21.87 21.05 1.74
CA VAL F 251 -21.94 20.59 0.35
C VAL F 251 -20.73 21.05 -0.45
N ARG F 252 -20.44 22.37 -0.48
CA ARG F 252 -19.21 22.86 -1.08
C ARG F 252 -18.81 24.13 -0.33
N ASP F 253 -17.99 23.95 0.70
CA ASP F 253 -17.45 25.03 1.54
C ASP F 253 -18.56 25.91 2.10
N ALA F 254 -19.64 25.26 2.55
CA ALA F 254 -20.85 25.94 2.97
C ALA F 254 -21.64 24.97 3.81
N ALA F 255 -21.87 25.31 5.08
CA ALA F 255 -22.51 24.38 6.00
C ALA F 255 -23.93 24.10 5.58
N ALA F 256 -24.43 22.92 5.95
CA ALA F 256 -25.69 22.46 5.42
C ALA F 256 -26.25 21.39 6.33
N ILE F 257 -27.54 21.41 6.53
CA ILE F 257 -28.27 20.33 7.18
C ILE F 257 -28.58 19.29 6.13
N HIS F 258 -28.50 18.01 6.50
CA HIS F 258 -28.82 16.92 5.60
C HIS F 258 -30.28 17.02 5.17
N SER F 259 -30.58 16.45 3.99
CA SER F 259 -31.95 16.54 3.48
C SER F 259 -32.91 15.72 4.30
N GLN F 260 -32.48 14.57 4.81
CA GLN F 260 -33.39 13.73 5.57
C GLN F 260 -33.61 14.24 6.98
N LYS F 261 -32.75 15.12 7.49
CA LYS F 261 -33.03 15.77 8.75
C LYS F 261 -34.15 16.78 8.60
N ILE F 262 -34.14 17.52 7.49
CA ILE F 262 -35.26 18.40 7.14
C ILE F 262 -36.52 17.59 6.92
N GLY F 263 -36.40 16.44 6.26
CA GLY F 263 -37.56 15.61 6.03
C GLY F 263 -38.14 15.01 7.29
N ASN F 264 -37.28 14.67 8.26
CA ASN F 264 -37.76 14.20 9.55
C ASN F 264 -38.44 15.30 10.33
N ALA F 265 -37.95 16.53 10.21
CA ALA F 265 -38.60 17.61 10.93
C ALA F 265 -39.91 18.02 10.28
N LEU F 266 -40.04 17.77 8.98
CA LEU F 266 -41.30 18.02 8.30
C LEU F 266 -42.35 16.99 8.67
N ARG F 267 -41.94 15.75 8.87
CA ARG F 267 -42.82 14.64 9.19
C ARG F 267 -43.39 14.70 10.60
N THR F 268 -42.91 15.60 11.45
CA THR F 268 -43.29 15.59 12.87
C THR F 268 -44.72 16.10 13.01
N ILE F 269 -45.64 15.23 12.64
CA ILE F 269 -47.06 15.54 12.55
C ILE F 269 -47.89 14.60 13.42
N ASP F 270 -47.28 13.58 14.01
CA ASP F 270 -47.96 12.44 14.60
C ASP F 270 -48.28 12.75 16.05
N THR F 271 -49.45 13.35 16.28
CA THR F 271 -49.98 13.55 17.61
C THR F 271 -50.96 12.46 18.01
N TRP F 272 -50.97 11.34 17.32
CA TRP F 272 -52.02 10.34 17.46
C TRP F 272 -51.55 9.07 18.13
N TYR F 273 -50.34 9.06 18.66
CA TYR F 273 -49.81 7.85 19.27
C TYR F 273 -50.52 7.59 20.61
N PRO F 274 -50.60 6.33 21.06
CA PRO F 274 -51.38 6.02 22.26
C PRO F 274 -50.83 6.61 23.55
N ASP F 275 -49.57 7.03 23.59
CA ASP F 275 -49.02 7.62 24.79
C ASP F 275 -49.46 9.08 24.89
N GLU F 276 -48.95 9.82 25.88
CA GLU F 276 -49.55 11.10 26.26
C GLU F 276 -49.28 12.18 25.22
N ASP F 277 -50.24 13.11 25.12
CA ASP F 277 -50.16 14.27 24.25
C ASP F 277 -49.42 15.45 24.87
N GLY F 278 -48.90 15.29 26.09
CA GLY F 278 -48.11 16.34 26.69
C GLY F 278 -46.72 16.49 26.14
N LEU F 279 -46.24 15.49 25.41
CA LEU F 279 -44.90 15.54 24.83
C LEU F 279 -44.90 16.11 23.41
N GLY F 280 -46.06 16.13 22.75
CA GLY F 280 -46.18 16.76 21.45
C GLY F 280 -46.11 15.77 20.31
N PRO F 281 -46.01 16.27 19.08
CA PRO F 281 -45.91 15.39 17.93
C PRO F 281 -44.55 14.75 17.79
N ILE F 282 -44.55 13.54 17.23
CA ILE F 282 -43.33 12.84 16.87
C ILE F 282 -43.31 12.65 15.37
N ALA F 283 -42.18 12.21 14.86
CA ALA F 283 -42.05 12.00 13.43
C ALA F 283 -42.73 10.70 13.02
N VAL F 284 -43.39 10.75 11.87
CA VAL F 284 -44.14 9.60 11.37
C VAL F 284 -43.14 8.54 10.92
N GLU F 285 -43.03 7.48 11.71
CA GLU F 285 -42.23 6.31 11.41
C GLU F 285 -43.08 5.08 11.68
N PRO F 286 -42.82 3.97 10.99
CA PRO F 286 -43.39 2.70 11.44
C PRO F 286 -42.73 2.30 12.74
N TYR F 287 -43.53 1.80 13.67
CA TYR F 287 -43.17 1.60 15.07
C TYR F 287 -42.65 2.91 15.65
N GLY F 288 -43.56 3.89 15.72
CA GLY F 288 -43.21 5.29 15.72
C GLY F 288 -42.27 5.73 16.81
N SER F 289 -41.02 5.94 16.41
CA SER F 289 -39.89 5.96 17.32
C SER F 289 -39.20 7.32 17.27
N VAL F 290 -38.82 7.81 18.44
CA VAL F 290 -38.00 9.01 18.53
C VAL F 290 -36.62 8.58 19.03
N THR F 291 -35.58 9.02 18.32
CA THR F 291 -34.21 8.60 18.59
C THR F 291 -33.66 9.17 19.88
N SER F 292 -33.98 10.42 20.20
CA SER F 292 -33.45 11.06 21.39
C SER F 292 -33.98 10.41 22.66
N GLN F 293 -35.28 10.11 22.69
CA GLN F 293 -35.87 9.50 23.86
C GLN F 293 -35.67 7.99 23.92
N GLY F 294 -35.18 7.36 22.86
CA GLY F 294 -34.89 5.94 22.88
C GLY F 294 -36.10 5.05 22.98
N LYS F 295 -37.29 5.59 22.80
CA LYS F 295 -38.54 4.90 23.05
C LYS F 295 -39.32 4.78 21.76
N ALA F 296 -39.75 3.57 21.45
CA ALA F 296 -40.64 3.34 20.33
C ALA F 296 -42.06 3.43 20.86
N TYR F 297 -42.74 4.53 20.53
CA TYR F 297 -44.19 4.54 20.59
C TYR F 297 -44.72 3.73 19.43
N ARG F 298 -46.03 3.47 19.46
CA ARG F 298 -46.74 2.64 18.48
C ARG F 298 -46.06 1.28 18.35
N GLN F 299 -45.79 0.67 19.48
CA GLN F 299 -45.21 -0.65 19.51
C GLN F 299 -46.22 -1.66 18.99
N PRO F 300 -45.76 -2.76 18.37
CA PRO F 300 -46.71 -3.73 17.80
C PRO F 300 -47.44 -4.57 18.83
N LYS F 301 -47.10 -4.47 20.12
CA LYS F 301 -47.92 -5.14 21.13
C LYS F 301 -49.29 -4.50 21.23
N GLN F 302 -49.34 -3.17 21.34
CA GLN F 302 -50.56 -2.46 21.03
C GLN F 302 -50.83 -2.55 19.53
N LYS F 303 -52.09 -2.47 19.16
CA LYS F 303 -52.42 -2.66 17.74
C LYS F 303 -52.38 -1.34 16.98
N LEU F 304 -51.28 -0.58 17.11
CA LEU F 304 -51.24 0.76 16.53
C LEU F 304 -49.92 1.11 15.85
N ASP F 305 -49.14 0.14 15.38
CA ASP F 305 -48.01 0.47 14.53
C ASP F 305 -48.50 0.70 13.10
N PHE F 306 -47.58 0.97 12.18
CA PHE F 306 -47.98 1.15 10.80
C PHE F 306 -48.42 -0.18 10.18
N TYR F 307 -47.85 -1.27 10.66
CA TYR F 307 -48.01 -2.54 9.97
C TYR F 307 -49.32 -3.23 10.29
N THR F 308 -49.69 -3.34 11.57
CA THR F 308 -50.98 -3.94 11.88
C THR F 308 -52.14 -3.03 11.47
N LEU F 309 -51.94 -1.72 11.48
CA LEU F 309 -52.97 -0.81 10.99
C LEU F 309 -53.15 -0.94 9.49
N LEU F 310 -52.03 -1.00 8.74
CA LEU F 310 -52.12 -1.15 7.29
C LEU F 310 -52.66 -2.51 6.90
N ASP F 311 -52.28 -3.54 7.63
CA ASP F 311 -52.75 -4.89 7.34
C ASP F 311 -54.21 -5.09 7.71
N ASN F 312 -54.68 -4.48 8.80
CA ASN F 312 -56.10 -4.49 9.07
C ASN F 312 -56.90 -3.65 8.10
N TRP F 313 -56.32 -2.58 7.58
CA TRP F 313 -57.05 -1.72 6.66
C TRP F 313 -57.15 -2.34 5.28
N VAL F 314 -56.09 -2.95 4.78
CA VAL F 314 -56.04 -3.38 3.39
C VAL F 314 -56.49 -4.83 3.23
N LEU F 315 -55.95 -5.73 4.05
CA LEU F 315 -56.24 -7.15 3.89
C LEU F 315 -57.66 -7.48 4.34
N ARG F 316 -58.02 -7.10 5.55
CA ARG F 316 -59.27 -7.52 6.15
C ARG F 316 -60.19 -6.37 6.51
N ASP F 317 -59.98 -5.19 5.91
CA ASP F 317 -60.95 -4.10 5.83
C ASP F 317 -61.31 -3.49 7.19
N GLU F 318 -60.50 -3.76 8.22
CA GLU F 318 -60.71 -3.11 9.52
C GLU F 318 -60.10 -1.72 9.41
N ALA F 319 -60.90 -0.78 8.93
CA ALA F 319 -60.44 0.58 8.77
C ALA F 319 -60.30 1.23 10.14
N PRO F 320 -59.15 1.79 10.48
CA PRO F 320 -58.97 2.38 11.81
C PRO F 320 -59.69 3.71 11.98
N ALA F 321 -59.43 4.37 13.10
CA ALA F 321 -59.92 5.72 13.30
C ALA F 321 -59.28 6.67 12.29
N VAL F 322 -59.91 7.84 12.12
CA VAL F 322 -59.45 8.79 11.12
C VAL F 322 -58.07 9.33 11.48
N GLU F 323 -57.74 9.36 12.76
CA GLU F 323 -56.40 9.73 13.20
C GLU F 323 -55.36 8.69 12.81
N GLN F 324 -55.67 7.41 13.04
CA GLN F 324 -54.70 6.37 12.73
C GLN F 324 -54.56 6.16 11.23
N GLN F 325 -55.59 6.48 10.46
CA GLN F 325 -55.40 6.39 9.03
C GLN F 325 -54.73 7.63 8.46
N HIS F 326 -54.84 8.79 9.12
CA HIS F 326 -53.92 9.88 8.85
C HIS F 326 -52.48 9.45 9.06
N TYR F 327 -52.22 8.71 10.12
CA TYR F 327 -50.87 8.20 10.40
C TYR F 327 -50.40 7.23 9.32
N VAL F 328 -51.29 6.34 8.86
CA VAL F 328 -50.93 5.35 7.85
C VAL F 328 -50.62 6.02 6.51
N ILE F 329 -51.46 6.96 6.10
CA ILE F 329 -51.19 7.66 4.84
C ILE F 329 -49.99 8.58 4.97
N ALA F 330 -49.68 9.06 6.18
CA ALA F 330 -48.46 9.82 6.38
C ALA F 330 -47.23 8.94 6.24
N ASN F 331 -47.33 7.66 6.62
CA ASN F 331 -46.25 6.74 6.36
C ASN F 331 -46.12 6.40 4.88
N LEU F 332 -47.23 6.34 4.16
CA LEU F 332 -47.14 6.08 2.72
C LEU F 332 -46.53 7.27 1.98
N ILE F 333 -46.83 8.49 2.42
CA ILE F 333 -46.15 9.68 1.92
C ILE F 333 -44.67 9.62 2.29
N ARG F 334 -44.35 9.12 3.48
CA ARG F 334 -42.97 9.01 3.93
C ARG F 334 -42.16 8.02 3.10
N GLY F 335 -42.78 6.95 2.63
CA GLY F 335 -42.07 5.96 1.85
C GLY F 335 -41.43 4.93 2.75
N GLY F 336 -40.73 3.99 2.14
CA GLY F 336 -40.02 2.99 2.89
C GLY F 336 -39.91 1.70 2.14
N VAL F 337 -39.26 0.73 2.79
CA VAL F 337 -39.26 -0.63 2.30
C VAL F 337 -40.08 -1.46 3.27
N PHE F 338 -41.37 -1.58 3.02
CA PHE F 338 -42.26 -2.38 3.84
C PHE F 338 -42.39 -3.75 3.20
N GLY F 339 -42.01 -4.79 3.90
CA GLY F 339 -42.13 -6.11 3.31
C GLY F 339 -41.24 -7.14 3.96
N GLU F 340 -41.72 -8.38 3.92
CA GLU F 340 -41.07 -9.51 4.57
C GLU F 340 -39.95 -10.06 3.70
N ALA F 341 -39.43 -11.22 4.06
CA ALA F 341 -38.42 -11.91 3.26
C ALA F 341 -38.87 -13.33 2.93
N ILE G 7 -35.71 -31.49 -41.00
CA ILE G 7 -36.70 -31.40 -39.93
C ILE G 7 -36.62 -30.00 -39.31
N LEU G 8 -35.47 -29.35 -39.51
CA LEU G 8 -35.19 -27.97 -39.09
C LEU G 8 -35.37 -27.80 -37.59
N SER G 9 -34.49 -28.44 -36.85
CA SER G 9 -34.45 -28.24 -35.42
C SER G 9 -33.81 -26.89 -35.10
N THR G 10 -34.02 -26.42 -33.88
CA THR G 10 -33.54 -25.11 -33.47
C THR G 10 -32.02 -25.15 -33.30
N ALA G 11 -31.38 -24.02 -33.59
CA ALA G 11 -29.94 -23.92 -33.40
C ALA G 11 -29.61 -23.91 -31.92
N SER G 12 -28.57 -24.64 -31.55
CA SER G 12 -28.23 -24.76 -30.14
C SER G 12 -27.59 -23.48 -29.62
N VAL G 13 -26.89 -22.75 -30.47
CA VAL G 13 -26.42 -21.43 -30.08
C VAL G 13 -27.11 -20.40 -30.98
N LEU G 14 -27.46 -19.27 -30.38
CA LEU G 14 -28.10 -18.17 -31.11
C LEU G 14 -27.80 -16.89 -30.36
N ALA G 15 -26.80 -16.16 -30.81
CA ALA G 15 -26.40 -14.94 -30.13
C ALA G 15 -26.62 -13.79 -31.10
N PHE G 16 -27.49 -12.87 -30.74
CA PHE G 16 -27.75 -11.69 -31.55
C PHE G 16 -27.05 -10.50 -30.93
N GLU G 17 -26.31 -9.77 -31.74
CA GLU G 17 -25.70 -8.55 -31.26
C GLU G 17 -26.76 -7.49 -31.05
N ARG G 18 -26.53 -6.64 -30.05
CA ARG G 18 -27.46 -5.60 -29.69
C ARG G 18 -27.46 -4.52 -30.77
N LYS G 19 -28.60 -4.32 -31.40
CA LYS G 19 -28.87 -3.11 -32.15
C LYS G 19 -29.42 -2.08 -31.18
N LEU G 20 -29.43 -0.81 -31.59
CA LEU G 20 -29.72 0.33 -30.72
C LEU G 20 -28.77 0.36 -29.52
N ASP G 21 -27.49 0.64 -29.79
CA ASP G 21 -26.47 0.86 -28.77
C ASP G 21 -26.53 2.25 -28.19
N PRO G 22 -26.95 2.44 -26.94
CA PRO G 22 -26.78 3.75 -26.31
C PRO G 22 -25.44 3.80 -25.57
N SER G 23 -25.10 4.98 -25.12
CA SER G 23 -23.92 5.16 -24.30
C SER G 23 -24.37 5.49 -22.89
N ASP G 24 -23.41 5.61 -21.98
CA ASP G 24 -23.74 6.03 -20.63
C ASP G 24 -24.23 7.46 -20.64
N ALA G 25 -25.21 7.75 -19.80
CA ALA G 25 -25.92 9.02 -19.90
C ALA G 25 -25.35 9.99 -18.89
N LEU G 26 -24.45 10.86 -19.35
CA LEU G 26 -23.77 11.82 -18.49
C LEU G 26 -24.74 12.90 -18.04
N MET G 27 -24.93 13.03 -16.73
CA MET G 27 -25.84 14.05 -16.22
C MET G 27 -25.05 15.23 -15.68
N SER G 28 -25.24 16.39 -16.28
CA SER G 28 -24.72 17.67 -15.83
C SER G 28 -25.88 18.57 -15.46
N ALA G 29 -25.58 19.73 -14.87
CA ALA G 29 -26.60 20.56 -14.27
C ALA G 29 -26.39 22.02 -14.62
N GLY G 30 -27.46 22.79 -14.46
CA GLY G 30 -27.41 24.20 -14.78
C GLY G 30 -28.77 24.81 -14.61
N ALA G 31 -28.94 26.01 -15.15
CA ALA G 31 -30.20 26.73 -15.03
C ALA G 31 -30.96 26.67 -16.34
N TRP G 32 -32.29 26.54 -16.24
CA TRP G 32 -33.18 26.64 -17.38
C TRP G 32 -33.12 28.03 -18.00
N ALA G 33 -33.58 28.12 -19.24
CA ALA G 33 -33.54 29.25 -20.17
C ALA G 33 -32.13 29.59 -20.63
N GLN G 34 -31.11 28.86 -20.18
CA GLN G 34 -29.86 28.76 -20.89
C GLN G 34 -29.53 27.30 -21.13
N ARG G 35 -30.53 26.56 -21.61
CA ARG G 35 -30.32 25.25 -22.20
C ARG G 35 -29.54 25.33 -23.49
N ASP G 36 -29.61 26.44 -24.21
CA ASP G 36 -28.93 26.52 -25.49
C ASP G 36 -27.45 26.84 -25.34
N ALA G 37 -27.02 27.24 -24.16
CA ALA G 37 -25.60 27.40 -23.85
C ALA G 37 -25.10 26.28 -22.94
N SER G 38 -25.76 25.13 -23.00
CA SER G 38 -25.45 24.02 -22.12
C SER G 38 -24.45 23.06 -22.72
N GLN G 39 -23.31 23.55 -23.20
CA GLN G 39 -22.22 22.68 -23.58
C GLN G 39 -21.07 22.73 -22.59
N GLU G 40 -21.05 23.71 -21.71
CA GLU G 40 -20.06 23.82 -20.65
C GLU G 40 -20.73 23.84 -19.29
N TRP G 41 -21.88 23.17 -19.19
CA TRP G 41 -22.54 23.04 -17.90
C TRP G 41 -21.70 22.15 -16.99
N PRO G 42 -21.57 22.50 -15.72
CA PRO G 42 -20.77 21.67 -14.82
C PRO G 42 -21.49 20.37 -14.53
N ALA G 43 -20.71 19.32 -14.31
CA ALA G 43 -21.29 18.00 -14.12
C ALA G 43 -21.95 17.89 -12.76
N VAL G 44 -22.83 16.89 -12.64
CA VAL G 44 -23.37 16.51 -11.34
C VAL G 44 -22.41 15.52 -10.71
N THR G 45 -21.92 15.83 -9.53
CA THR G 45 -20.91 15.01 -8.87
C THR G 45 -21.53 14.18 -7.76
N VAL G 46 -21.03 12.97 -7.60
CA VAL G 46 -21.56 12.00 -6.66
C VAL G 46 -20.80 12.14 -5.35
N ARG G 47 -21.37 12.84 -4.39
CA ARG G 47 -20.72 13.07 -3.12
C ARG G 47 -21.39 12.22 -2.04
N GLU G 48 -20.73 12.11 -0.91
CA GLU G 48 -21.17 11.24 0.17
C GLU G 48 -21.84 12.06 1.26
N LYS G 49 -22.80 11.45 1.93
CA LYS G 49 -23.41 12.03 3.11
C LYS G 49 -23.72 10.90 4.07
N SER G 50 -23.82 11.26 5.34
CA SER G 50 -24.09 10.29 6.39
C SER G 50 -25.57 10.26 6.71
N VAL G 51 -26.09 9.07 6.95
CA VAL G 51 -27.49 8.89 7.31
C VAL G 51 -27.57 8.04 8.56
N ARG G 52 -28.48 8.41 9.46
CA ARG G 52 -28.85 7.59 10.60
C ARG G 52 -30.36 7.45 10.59
N GLY G 53 -30.83 6.23 10.77
CA GLY G 53 -32.26 6.00 10.88
C GLY G 53 -32.54 4.88 11.86
N THR G 54 -33.73 4.90 12.40
CA THR G 54 -34.19 3.79 13.22
C THR G 54 -34.71 2.68 12.32
N ILE G 55 -35.15 1.59 12.93
CA ILE G 55 -35.65 0.47 12.15
C ILE G 55 -37.06 0.76 11.68
N SER G 56 -37.32 0.44 10.41
CA SER G 56 -38.64 0.57 9.85
C SER G 56 -39.14 -0.69 9.18
N ASN G 57 -38.31 -1.72 9.04
CA ASN G 57 -38.73 -2.95 8.40
C ASN G 57 -39.61 -3.75 9.35
N ARG G 58 -40.29 -4.75 8.78
CA ARG G 58 -41.23 -5.55 9.54
C ARG G 58 -40.49 -6.46 10.52
N LEU G 59 -41.14 -6.76 11.63
CA LEU G 59 -40.62 -7.71 12.59
C LEU G 59 -41.36 -9.04 12.44
N LYS G 60 -40.71 -10.12 12.87
CA LYS G 60 -41.18 -11.48 12.60
C LYS G 60 -41.75 -12.16 13.83
N THR G 61 -42.41 -11.40 14.73
CA THR G 61 -43.17 -11.84 15.90
C THR G 61 -42.25 -12.40 17.00
N LYS G 62 -40.95 -12.49 16.73
CA LYS G 62 -39.96 -12.86 17.73
C LYS G 62 -39.24 -11.65 18.28
N ASP G 63 -39.11 -10.61 17.46
CA ASP G 63 -38.47 -9.35 17.85
C ASP G 63 -39.47 -8.30 18.28
N ARG G 64 -40.69 -8.70 18.60
CA ARG G 64 -41.74 -7.77 19.00
C ARG G 64 -41.80 -7.55 20.50
N ASP G 65 -40.77 -7.95 21.24
CA ASP G 65 -40.68 -7.56 22.63
C ASP G 65 -40.44 -6.05 22.71
N PRO G 66 -41.21 -5.33 23.53
CA PRO G 66 -41.04 -3.86 23.59
C PRO G 66 -39.70 -3.42 24.14
N ALA G 67 -39.13 -4.17 25.08
CA ALA G 67 -37.79 -3.87 25.57
C ALA G 67 -36.76 -4.08 24.47
N LYS G 68 -36.93 -5.13 23.67
CA LYS G 68 -36.01 -5.41 22.58
C LYS G 68 -36.14 -4.38 21.45
N LEU G 69 -37.37 -3.92 21.21
CA LEU G 69 -37.59 -2.88 20.19
C LEU G 69 -36.97 -1.55 20.61
N ASP G 70 -37.16 -1.17 21.88
CA ASP G 70 -36.52 0.05 22.39
C ASP G 70 -35.00 -0.08 22.38
N ALA G 71 -34.49 -1.25 22.74
CA ALA G 71 -33.04 -1.45 22.77
C ALA G 71 -32.45 -1.49 21.38
N SER G 72 -33.24 -1.87 20.37
CA SER G 72 -32.74 -1.84 19.01
C SER G 72 -32.80 -0.44 18.41
N ILE G 73 -33.80 0.36 18.77
CA ILE G 73 -33.80 1.74 18.30
C ILE G 73 -32.88 2.64 19.11
N GLN G 74 -32.35 2.18 20.25
CA GLN G 74 -31.29 2.92 20.91
C GLN G 74 -29.95 2.76 20.22
N SER G 75 -29.78 1.73 19.40
CA SER G 75 -28.60 1.56 18.57
C SER G 75 -29.04 1.59 17.11
N PRO G 76 -29.18 2.76 16.50
CA PRO G 76 -29.65 2.83 15.12
C PRO G 76 -28.49 2.73 14.15
N ASN G 77 -28.79 2.32 12.93
CA ASN G 77 -27.73 1.97 12.01
C ASN G 77 -27.18 3.21 11.31
N LEU G 78 -25.86 3.29 11.25
CA LEU G 78 -25.17 4.41 10.65
C LEU G 78 -24.64 4.01 9.29
N GLN G 79 -25.00 4.77 8.27
CA GLN G 79 -24.52 4.52 6.93
C GLN G 79 -23.86 5.78 6.39
N THR G 80 -23.10 5.61 5.31
CA THR G 80 -22.80 6.69 4.39
C THR G 80 -23.38 6.27 3.06
N VAL G 81 -23.98 7.20 2.34
CA VAL G 81 -24.59 6.90 1.06
C VAL G 81 -24.04 7.86 0.03
N ASP G 82 -23.77 7.36 -1.18
CA ASP G 82 -23.48 8.24 -2.29
C ASP G 82 -24.79 8.90 -2.70
N VAL G 83 -24.78 10.22 -2.79
CA VAL G 83 -25.95 10.99 -3.15
C VAL G 83 -25.55 12.01 -4.19
N ALA G 84 -26.37 12.16 -5.22
CA ALA G 84 -26.13 13.15 -6.26
C ALA G 84 -27.25 14.17 -6.19
N ASN G 85 -26.87 15.44 -6.09
CA ASN G 85 -27.82 16.53 -6.07
C ASN G 85 -27.46 17.52 -7.17
N LEU G 86 -28.45 18.30 -7.58
CA LEU G 86 -28.15 19.49 -8.35
C LEU G 86 -27.46 20.50 -7.44
N PRO G 87 -26.71 21.44 -8.01
CA PRO G 87 -26.22 22.56 -7.21
C PRO G 87 -27.35 23.40 -6.66
N SER G 88 -27.05 24.16 -5.63
CA SER G 88 -28.06 24.96 -4.96
C SER G 88 -28.48 26.20 -5.74
N ASP G 89 -27.91 26.43 -6.93
CA ASP G 89 -28.31 27.53 -7.80
C ASP G 89 -28.61 27.02 -9.20
N ALA G 90 -29.06 25.77 -9.32
CA ALA G 90 -29.33 25.17 -10.62
C ALA G 90 -30.59 24.34 -10.51
N ASP G 91 -31.52 24.50 -11.45
CA ASP G 91 -32.80 23.81 -11.37
C ASP G 91 -33.05 22.90 -12.55
N THR G 92 -32.03 22.55 -13.32
CA THR G 92 -32.22 21.77 -14.54
C THR G 92 -31.16 20.70 -14.61
N LEU G 93 -31.57 19.48 -14.89
CA LEU G 93 -30.66 18.35 -15.06
C LEU G 93 -30.56 18.00 -16.54
N LYS G 94 -29.35 18.02 -17.08
CA LYS G 94 -29.10 17.72 -18.47
C LYS G 94 -28.52 16.32 -18.59
N VAL G 95 -29.30 15.38 -19.12
CA VAL G 95 -28.87 14.01 -19.29
C VAL G 95 -28.55 13.80 -20.77
N ARG G 96 -27.29 13.53 -21.07
CA ARG G 96 -26.80 13.55 -22.44
C ARG G 96 -26.13 12.23 -22.80
N PHE G 97 -26.60 11.60 -23.85
CA PHE G 97 -25.98 10.38 -24.35
C PHE G 97 -26.08 10.37 -25.87
N THR G 98 -25.40 9.42 -26.49
CA THR G 98 -25.51 9.20 -27.93
C THR G 98 -26.01 7.79 -28.19
N LEU G 99 -26.70 7.62 -29.31
CA LEU G 99 -27.36 6.37 -29.63
C LEU G 99 -27.03 5.99 -31.06
N ARG G 100 -26.56 4.75 -31.26
CA ARG G 100 -26.25 4.21 -32.57
C ARG G 100 -27.30 3.18 -32.95
N VAL G 101 -27.90 3.34 -34.13
CA VAL G 101 -28.84 2.38 -34.67
C VAL G 101 -28.15 1.65 -35.80
N LEU G 102 -28.00 0.33 -35.67
CA LEU G 102 -27.03 -0.40 -36.49
C LEU G 102 -27.63 -0.99 -37.76
N GLY G 103 -28.59 -1.87 -37.62
CA GLY G 103 -29.08 -2.51 -38.83
C GLY G 103 -28.47 -3.88 -39.04
N GLY G 104 -29.26 -4.76 -39.65
CA GLY G 104 -28.90 -6.16 -39.73
C GLY G 104 -29.47 -6.92 -38.57
N ALA G 105 -30.78 -6.78 -38.35
CA ALA G 105 -31.41 -7.22 -37.11
C ALA G 105 -31.56 -8.72 -37.02
N GLY G 106 -31.76 -9.40 -38.15
CA GLY G 106 -31.96 -10.83 -38.12
C GLY G 106 -30.72 -11.67 -38.19
N THR G 107 -29.58 -11.10 -38.57
CA THR G 107 -28.35 -11.86 -38.67
C THR G 107 -27.79 -12.13 -37.28
N PRO G 108 -27.63 -13.37 -36.87
CA PRO G 108 -27.05 -13.65 -35.56
C PRO G 108 -25.53 -13.61 -35.59
N SER G 109 -24.95 -13.32 -34.44
CA SER G 109 -23.50 -13.28 -34.29
C SER G 109 -22.91 -14.66 -34.03
N ALA G 110 -23.74 -15.64 -33.69
CA ALA G 110 -23.31 -17.02 -33.51
C ALA G 110 -24.52 -17.90 -33.73
N CYS G 111 -24.41 -18.88 -34.62
CA CYS G 111 -25.49 -19.80 -34.89
C CYS G 111 -24.93 -21.06 -35.52
N ASN G 112 -25.22 -22.22 -34.90
CA ASN G 112 -24.73 -23.49 -35.38
C ASN G 112 -25.40 -23.93 -36.67
N ASP G 113 -26.71 -24.13 -36.62
CA ASP G 113 -27.45 -24.74 -37.72
C ASP G 113 -27.58 -23.73 -38.84
N ALA G 114 -26.95 -24.02 -39.99
CA ALA G 114 -26.99 -23.09 -41.09
C ALA G 114 -28.35 -23.09 -41.79
N ALA G 115 -29.08 -24.20 -41.73
CA ALA G 115 -30.44 -24.21 -42.27
C ALA G 115 -31.37 -23.37 -41.41
N TYR G 116 -31.19 -23.42 -40.10
CA TYR G 116 -31.94 -22.53 -39.22
C TYR G 116 -31.58 -21.07 -39.45
N ARG G 117 -30.30 -20.79 -39.68
CA ARG G 117 -29.89 -19.41 -39.94
C ARG G 117 -30.46 -18.90 -41.25
N ASP G 118 -30.53 -19.78 -42.26
CA ASP G 118 -31.13 -19.41 -43.54
C ASP G 118 -32.63 -19.17 -43.39
N LYS G 119 -33.31 -20.04 -42.65
CA LYS G 119 -34.75 -19.88 -42.44
C LYS G 119 -35.06 -18.65 -41.58
N LEU G 120 -34.21 -18.35 -40.61
CA LEU G 120 -34.39 -17.16 -39.78
C LEU G 120 -34.18 -15.89 -40.58
N LEU G 121 -33.14 -15.85 -41.41
CA LEU G 121 -32.89 -14.68 -42.24
C LEU G 121 -34.01 -14.49 -43.27
N GLN G 122 -34.53 -15.58 -43.81
CA GLN G 122 -35.66 -15.49 -44.74
C GLN G 122 -36.92 -15.01 -44.03
N THR G 123 -37.13 -15.43 -42.78
CA THR G 123 -38.28 -15.01 -41.99
C THR G 123 -38.22 -13.51 -41.66
N VAL G 124 -37.06 -13.05 -41.19
CA VAL G 124 -36.89 -11.63 -40.88
C VAL G 124 -36.98 -10.79 -42.14
N ALA G 125 -36.41 -11.26 -43.26
CA ALA G 125 -36.50 -10.51 -44.51
C ALA G 125 -37.92 -10.46 -45.05
N THR G 126 -38.70 -11.53 -44.84
CA THR G 126 -40.12 -11.52 -45.20
C THR G 126 -40.88 -10.51 -44.35
N TYR G 127 -40.52 -10.40 -43.06
CA TYR G 127 -41.12 -9.38 -42.20
C TYR G 127 -40.82 -7.98 -42.72
N VAL G 128 -39.54 -7.69 -42.99
CA VAL G 128 -39.13 -6.34 -43.38
C VAL G 128 -39.68 -5.96 -44.75
N ASN G 129 -39.80 -6.95 -45.65
CA ASN G 129 -40.44 -6.68 -46.94
C ASN G 129 -41.94 -6.44 -46.77
N ASP G 130 -42.59 -7.21 -45.91
CA ASP G 130 -44.02 -7.01 -45.67
C ASP G 130 -44.28 -5.71 -44.90
N GLN G 131 -43.62 -5.56 -43.75
CA GLN G 131 -43.77 -4.35 -42.95
C GLN G 131 -42.43 -4.03 -42.30
N GLY G 132 -41.81 -2.94 -42.72
CA GLY G 132 -40.46 -2.63 -42.30
C GLY G 132 -40.42 -2.22 -40.84
N PHE G 133 -39.26 -1.72 -40.44
CA PHE G 133 -39.09 -1.24 -39.06
C PHE G 133 -39.76 0.13 -38.92
N ALA G 134 -41.08 0.15 -39.08
CA ALA G 134 -41.84 1.39 -39.10
C ALA G 134 -42.67 1.59 -37.86
N GLU G 135 -43.21 0.50 -37.29
CA GLU G 135 -43.84 0.58 -35.99
C GLU G 135 -42.80 0.58 -34.89
N LEU G 136 -41.78 -0.26 -35.03
CA LEU G 136 -40.74 -0.38 -34.02
C LEU G 136 -39.96 0.90 -33.88
N ALA G 137 -39.58 1.52 -35.00
CA ALA G 137 -38.85 2.78 -34.93
C ALA G 137 -39.74 3.91 -34.45
N ARG G 138 -41.04 3.83 -34.70
CA ARG G 138 -41.97 4.84 -34.18
C ARG G 138 -42.03 4.78 -32.68
N ARG G 139 -42.06 3.57 -32.12
CA ARG G 139 -42.09 3.46 -30.68
C ARG G 139 -40.72 3.75 -30.03
N TYR G 140 -39.62 3.42 -30.72
CA TYR G 140 -38.30 3.83 -30.23
C TYR G 140 -38.14 5.33 -30.26
N ALA G 141 -38.69 5.97 -31.30
CA ALA G 141 -38.66 7.43 -31.40
C ALA G 141 -39.52 8.07 -30.33
N HIS G 142 -40.60 7.41 -29.92
CA HIS G 142 -41.37 7.91 -28.79
C HIS G 142 -40.59 7.80 -27.49
N ASN G 143 -39.96 6.65 -27.24
CA ASN G 143 -39.23 6.49 -25.99
C ASN G 143 -37.94 7.30 -25.96
N LEU G 144 -37.49 7.82 -27.10
CA LEU G 144 -36.52 8.90 -27.09
C LEU G 144 -37.20 10.24 -26.84
N ALA G 145 -38.38 10.45 -27.42
CA ALA G 145 -39.01 11.76 -27.41
C ALA G 145 -39.60 12.10 -26.05
N ASN G 146 -40.40 11.22 -25.47
CA ASN G 146 -40.67 11.35 -24.05
C ASN G 146 -39.45 10.85 -23.30
N ALA G 147 -38.99 11.60 -22.32
CA ALA G 147 -37.72 11.27 -21.68
C ALA G 147 -37.93 10.13 -20.70
N ARG G 148 -38.12 8.93 -21.25
CA ARG G 148 -38.27 7.78 -20.39
C ARG G 148 -36.94 7.36 -19.79
N PHE G 149 -35.83 7.67 -20.45
CA PHE G 149 -34.52 7.36 -19.91
C PHE G 149 -34.16 8.22 -18.72
N LEU G 150 -34.82 9.34 -18.54
CA LEU G 150 -34.90 10.02 -17.25
C LEU G 150 -35.81 9.15 -16.41
N TRP G 151 -35.24 8.32 -15.53
CA TRP G 151 -36.08 7.30 -14.92
C TRP G 151 -36.85 7.84 -13.73
N ARG G 152 -36.16 8.21 -12.67
CA ARG G 152 -36.78 8.86 -11.53
C ARG G 152 -36.51 10.35 -11.52
N ASN G 153 -35.71 10.84 -12.46
CA ASN G 153 -35.50 12.27 -12.65
C ASN G 153 -36.65 12.92 -13.39
N ARG G 154 -37.63 12.14 -13.83
CA ARG G 154 -38.73 12.61 -14.63
C ARG G 154 -40.04 12.72 -13.84
N VAL G 155 -40.16 12.00 -12.72
CA VAL G 155 -41.46 11.82 -12.08
C VAL G 155 -41.95 13.07 -11.37
N GLY G 156 -41.07 13.97 -11.00
CA GLY G 156 -41.52 15.18 -10.35
C GLY G 156 -41.00 16.39 -11.07
N ALA G 157 -40.58 16.18 -12.30
CA ALA G 157 -39.99 17.25 -13.09
C ALA G 157 -41.08 18.21 -13.56
N GLU G 158 -40.79 19.49 -13.46
CA GLU G 158 -41.78 20.50 -13.81
C GLU G 158 -41.96 20.60 -15.31
N ALA G 159 -40.87 20.55 -16.07
CA ALA G 159 -40.94 20.66 -17.51
C ALA G 159 -39.74 19.93 -18.10
N VAL G 160 -39.99 18.96 -18.97
CA VAL G 160 -38.94 18.15 -19.59
C VAL G 160 -38.92 18.45 -21.07
N GLU G 161 -37.74 18.67 -21.63
CA GLU G 161 -37.56 18.93 -23.05
C GLU G 161 -36.42 18.09 -23.57
N VAL G 162 -36.66 17.32 -24.63
CA VAL G 162 -35.67 16.42 -25.22
C VAL G 162 -35.22 17.00 -26.55
N ARG G 163 -33.91 17.06 -26.76
CA ARG G 163 -33.32 17.52 -28.01
C ARG G 163 -32.52 16.37 -28.61
N ILE G 164 -32.90 15.93 -29.80
CA ILE G 164 -32.24 14.83 -30.49
C ILE G 164 -31.60 15.40 -31.75
N ASN G 165 -30.29 15.18 -31.90
CA ASN G 165 -29.54 15.68 -33.04
C ASN G 165 -28.98 14.50 -33.81
N HIS G 166 -29.32 14.41 -35.09
CA HIS G 166 -28.70 13.42 -35.96
C HIS G 166 -27.31 13.91 -36.31
N ILE G 167 -26.30 13.10 -36.07
CA ILE G 167 -24.91 13.49 -36.28
C ILE G 167 -24.40 12.80 -37.54
N ARG G 168 -24.21 13.59 -38.57
CA ARG G 168 -23.55 13.18 -39.80
C ARG G 168 -22.06 13.45 -39.65
N GLN G 169 -21.34 13.58 -40.78
CA GLN G 169 -19.89 13.58 -40.93
C GLN G 169 -19.10 14.37 -39.90
N GLY G 170 -19.63 15.48 -39.40
CA GLY G 170 -19.08 15.97 -38.16
C GLY G 170 -20.04 16.69 -37.22
N GLU G 171 -21.29 16.88 -37.65
CA GLU G 171 -22.14 17.87 -37.04
C GLU G 171 -23.61 17.50 -37.25
N VAL G 172 -24.48 18.38 -36.76
CA VAL G 172 -25.91 18.12 -36.74
C VAL G 172 -26.48 18.17 -38.14
N ALA G 173 -26.86 17.02 -38.68
CA ALA G 173 -27.54 17.00 -39.96
C ALA G 173 -29.02 17.31 -39.83
N ARG G 174 -29.61 17.01 -38.68
CA ARG G 174 -31.03 17.26 -38.45
C ARG G 174 -31.26 17.29 -36.95
N ALA G 175 -31.92 18.33 -36.46
CA ALA G 175 -32.11 18.57 -35.04
C ALA G 175 -33.59 18.54 -34.70
N TRP G 176 -33.96 17.70 -33.75
CA TRP G 176 -35.31 17.68 -33.20
C TRP G 176 -35.34 18.40 -31.87
N ARG G 177 -36.56 18.67 -31.42
CA ARG G 177 -36.78 19.24 -30.08
C ARG G 177 -38.20 18.87 -29.68
N PHE G 178 -38.33 18.14 -28.59
CA PHE G 178 -39.61 17.62 -28.16
C PHE G 178 -39.97 18.18 -26.80
N ASP G 179 -41.27 18.18 -26.50
CA ASP G 179 -41.79 18.50 -25.18
C ASP G 179 -42.20 17.18 -24.56
N ALA G 180 -41.34 16.63 -23.70
CA ALA G 180 -41.46 15.25 -23.26
C ALA G 180 -42.59 15.00 -22.28
N LEU G 181 -43.29 16.04 -21.83
CA LEU G 181 -44.46 15.82 -20.99
C LEU G 181 -45.75 15.87 -21.78
N ALA G 182 -45.76 16.50 -22.96
CA ALA G 182 -46.89 16.38 -23.85
C ALA G 182 -46.96 14.99 -24.47
N ILE G 183 -45.82 14.46 -24.90
CA ILE G 183 -45.72 13.07 -25.33
C ILE G 183 -45.72 12.22 -24.06
N GLY G 184 -46.81 11.52 -23.82
CA GLY G 184 -46.95 10.77 -22.59
C GLY G 184 -46.07 9.54 -22.53
N LEU G 185 -46.08 8.90 -21.38
CA LEU G 185 -45.29 7.69 -21.18
C LEU G 185 -46.01 6.43 -21.60
N ARG G 186 -47.24 6.52 -22.11
CA ARG G 186 -48.00 5.31 -22.38
C ARG G 186 -48.73 5.28 -23.72
N ASP G 187 -48.87 6.39 -24.41
CA ASP G 187 -49.58 6.43 -25.69
C ASP G 187 -48.59 6.69 -26.81
N PHE G 188 -48.60 5.81 -27.80
CA PHE G 188 -47.74 5.95 -28.97
C PHE G 188 -48.58 6.58 -30.07
N LYS G 189 -48.73 7.90 -29.98
CA LYS G 189 -49.57 8.67 -30.89
C LYS G 189 -48.75 9.04 -32.12
N ALA G 190 -49.25 9.95 -32.95
CA ALA G 190 -48.59 10.33 -34.19
C ALA G 190 -48.26 11.81 -34.18
N ASP G 191 -47.15 12.16 -34.85
CA ASP G 191 -46.72 13.54 -34.95
C ASP G 191 -46.00 13.69 -36.29
N ALA G 192 -45.64 14.92 -36.63
CA ALA G 192 -44.91 15.18 -37.87
C ALA G 192 -43.41 15.12 -37.65
N GLU G 193 -42.95 15.47 -36.44
CA GLU G 193 -41.52 15.38 -36.14
C GLU G 193 -41.15 14.01 -35.59
N LEU G 194 -42.06 13.40 -34.81
CA LEU G 194 -41.86 12.02 -34.38
C LEU G 194 -41.82 11.05 -35.55
N ASP G 195 -42.59 11.33 -36.60
CA ASP G 195 -42.53 10.43 -37.74
C ASP G 195 -41.25 10.64 -38.54
N ALA G 196 -40.67 11.83 -38.52
CA ALA G 196 -39.37 12.03 -39.15
C ALA G 196 -38.27 11.32 -38.37
N LEU G 197 -38.34 11.36 -37.04
CA LEU G 197 -37.41 10.58 -36.22
C LEU G 197 -37.64 9.09 -36.41
N ALA G 198 -38.87 8.68 -36.66
CA ALA G 198 -39.17 7.28 -36.92
C ALA G 198 -38.59 6.83 -38.26
N GLU G 199 -38.69 7.66 -39.30
CA GLU G 199 -38.05 7.31 -40.57
C GLU G 199 -36.53 7.29 -40.48
N LEU G 200 -35.94 8.13 -39.62
CA LEU G 200 -34.50 8.06 -39.43
C LEU G 200 -34.08 6.77 -38.73
N ILE G 201 -34.75 6.42 -37.63
CA ILE G 201 -34.45 5.18 -36.93
C ILE G 201 -34.80 3.96 -37.79
N ALA G 202 -35.79 4.09 -38.68
CA ALA G 202 -36.11 3.02 -39.61
C ALA G 202 -35.04 2.85 -40.66
N SER G 203 -34.46 3.94 -41.15
CA SER G 203 -33.35 3.83 -42.09
C SER G 203 -32.11 3.30 -41.42
N GLY G 204 -31.98 3.51 -40.11
CA GLY G 204 -30.86 2.91 -39.39
C GLY G 204 -31.04 1.42 -39.18
N LEU G 205 -32.24 1.01 -38.75
CA LEU G 205 -32.49 -0.40 -38.43
C LEU G 205 -32.54 -1.26 -39.67
N SER G 206 -32.84 -0.69 -40.83
CA SER G 206 -32.88 -1.44 -42.07
C SER G 206 -31.51 -1.60 -42.70
N GLY G 207 -30.50 -0.93 -42.17
CA GLY G 207 -29.18 -0.99 -42.75
C GLY G 207 -28.96 -0.08 -43.93
N SER G 208 -29.92 0.79 -44.23
CA SER G 208 -29.82 1.68 -45.38
C SER G 208 -29.05 2.96 -45.09
N GLY G 209 -28.56 3.14 -43.87
CA GLY G 209 -27.84 4.35 -43.55
C GLY G 209 -27.30 4.37 -42.14
N HIS G 210 -26.17 5.04 -41.93
CA HIS G 210 -25.56 5.13 -40.61
C HIS G 210 -26.30 6.17 -39.79
N VAL G 211 -26.83 5.75 -38.63
CA VAL G 211 -27.58 6.63 -37.75
C VAL G 211 -26.86 6.71 -36.42
N LEU G 212 -26.51 7.94 -36.02
CA LEU G 212 -25.98 8.23 -34.70
C LEU G 212 -26.67 9.49 -34.18
N LEU G 213 -27.46 9.34 -33.12
CA LEU G 213 -28.23 10.43 -32.56
C LEU G 213 -27.66 10.83 -31.22
N GLU G 214 -27.45 12.13 -31.01
CA GLU G 214 -27.07 12.66 -29.71
C GLU G 214 -28.33 13.12 -29.00
N VAL G 215 -28.75 12.40 -27.97
CA VAL G 215 -29.99 12.68 -27.27
C VAL G 215 -29.65 13.43 -25.99
N VAL G 216 -30.27 14.60 -25.83
CA VAL G 216 -30.12 15.45 -24.65
C VAL G 216 -31.49 15.70 -24.07
N ALA G 217 -31.66 15.49 -22.77
CA ALA G 217 -32.92 15.78 -22.12
C ALA G 217 -32.69 16.65 -20.90
N PHE G 218 -33.41 17.75 -20.82
CA PHE G 218 -33.37 18.67 -19.70
C PHE G 218 -34.62 18.47 -18.86
N ALA G 219 -34.51 18.62 -17.55
CA ALA G 219 -35.65 18.42 -16.66
C ALA G 219 -35.64 19.46 -15.55
N ARG G 220 -36.69 20.26 -15.47
CA ARG G 220 -36.84 21.23 -14.38
C ARG G 220 -37.17 20.48 -13.11
N ILE G 221 -36.18 20.27 -12.27
CA ILE G 221 -36.38 19.57 -11.02
C ILE G 221 -36.56 20.54 -9.87
N GLY G 222 -35.67 21.49 -9.71
CA GLY G 222 -35.72 22.44 -8.61
C GLY G 222 -34.31 22.76 -8.17
N ASP G 223 -34.11 23.79 -7.37
CA ASP G 223 -32.76 24.17 -6.97
C ASP G 223 -32.25 23.18 -5.95
N GLY G 224 -31.20 22.45 -6.29
CA GLY G 224 -30.53 21.63 -5.31
C GLY G 224 -31.19 20.32 -5.02
N GLN G 225 -32.18 19.91 -5.81
CA GLN G 225 -32.90 18.69 -5.53
C GLN G 225 -32.06 17.47 -5.88
N GLU G 226 -32.56 16.32 -5.50
CA GLU G 226 -31.84 15.07 -5.70
C GLU G 226 -32.09 14.56 -7.12
N VAL G 227 -31.01 14.30 -7.83
CA VAL G 227 -31.09 13.57 -9.07
C VAL G 227 -30.68 12.14 -8.78
N PHE G 228 -31.02 11.25 -9.69
CA PHE G 228 -30.91 9.82 -9.43
C PHE G 228 -30.12 9.17 -10.56
N PRO G 229 -28.81 9.07 -10.42
CA PRO G 229 -28.02 8.26 -11.33
C PRO G 229 -28.22 6.78 -11.02
N SER G 230 -27.71 5.95 -11.90
CA SER G 230 -27.89 4.53 -11.71
C SER G 230 -26.93 4.05 -10.64
N GLN G 231 -27.36 3.01 -9.95
CA GLN G 231 -26.78 2.62 -8.67
C GLN G 231 -25.90 1.39 -8.85
N GLU G 232 -24.72 1.43 -8.26
CA GLU G 232 -23.78 0.32 -8.32
C GLU G 232 -24.06 -0.66 -7.19
N LEU G 233 -23.30 -1.75 -7.18
CA LEU G 233 -23.34 -2.69 -6.07
C LEU G 233 -22.04 -2.61 -5.30
N ILE G 234 -22.14 -2.91 -4.01
CA ILE G 234 -21.11 -2.57 -3.06
C ILE G 234 -20.31 -3.81 -2.68
N LEU G 235 -19.23 -3.61 -1.93
CA LEU G 235 -18.20 -4.60 -1.68
C LEU G 235 -18.51 -5.51 -0.50
N ASP G 236 -19.03 -4.94 0.59
CA ASP G 236 -19.41 -5.66 1.83
C ASP G 236 -18.22 -6.41 2.44
N LYS G 237 -17.23 -5.64 2.89
CA LYS G 237 -16.03 -6.22 3.49
C LYS G 237 -15.73 -5.72 4.89
N GLY G 238 -16.51 -4.79 5.44
CA GLY G 238 -16.16 -4.21 6.72
C GLY G 238 -17.28 -4.05 7.73
N ASP G 239 -17.23 -2.95 8.47
CA ASP G 239 -18.14 -2.71 9.57
C ASP G 239 -19.50 -2.23 9.06
N LYS G 240 -20.37 -1.90 10.01
CA LYS G 240 -21.72 -1.43 9.70
C LYS G 240 -21.96 0.02 10.10
N LYS G 241 -20.91 0.77 10.43
CA LYS G 241 -21.05 2.20 10.71
C LYS G 241 -20.53 3.06 9.57
N GLY G 242 -19.40 2.68 8.97
CA GLY G 242 -18.89 3.34 7.79
C GLY G 242 -19.25 2.52 6.57
N GLN G 243 -20.51 2.09 6.53
CA GLN G 243 -20.95 0.95 5.73
C GLN G 243 -20.78 1.17 4.23
N LYS G 244 -20.98 2.41 3.76
CA LYS G 244 -21.13 2.75 2.35
C LYS G 244 -22.21 1.88 1.70
N SER G 245 -23.43 2.09 2.19
CA SER G 245 -24.53 1.24 1.80
C SER G 245 -25.08 1.54 0.42
N LYS G 246 -24.71 2.67 -0.17
CA LYS G 246 -25.18 3.03 -1.49
C LYS G 246 -24.07 3.72 -2.27
N THR G 247 -23.73 3.18 -3.43
CA THR G 247 -22.85 3.84 -4.37
C THR G 247 -23.65 4.20 -5.61
N LEU G 248 -23.16 5.16 -6.39
CA LEU G 248 -23.82 5.55 -7.61
C LEU G 248 -22.81 5.54 -8.75
N TYR G 249 -23.31 5.40 -9.97
CA TYR G 249 -22.45 5.29 -11.14
C TYR G 249 -21.93 6.66 -11.52
N SER G 250 -20.66 6.70 -11.92
CA SER G 250 -20.03 7.93 -12.38
C SER G 250 -18.86 7.54 -13.25
N VAL G 251 -18.69 8.20 -14.39
CA VAL G 251 -17.63 7.81 -15.31
C VAL G 251 -16.30 8.47 -14.96
N ARG G 252 -16.27 9.80 -14.81
CA ARG G 252 -15.07 10.47 -14.32
C ARG G 252 -15.52 11.73 -13.58
N ASP G 253 -15.72 11.57 -12.27
CA ASP G 253 -16.17 12.64 -11.36
C ASP G 253 -17.45 13.31 -11.86
N ALA G 254 -18.36 12.51 -12.38
CA ALA G 254 -19.54 13.01 -13.09
C ALA G 254 -20.57 11.92 -13.10
N ALA G 255 -21.71 12.15 -12.45
CA ALA G 255 -22.76 11.15 -12.31
C ALA G 255 -23.29 10.71 -13.65
N ALA G 256 -23.81 9.49 -13.72
CA ALA G 256 -24.21 8.93 -14.99
C ALA G 256 -25.22 7.83 -14.75
N ILE G 257 -26.01 7.56 -15.77
CA ILE G 257 -26.89 6.40 -15.82
C ILE G 257 -26.20 5.36 -16.68
N HIS G 258 -26.33 4.08 -16.31
CA HIS G 258 -25.76 2.99 -17.09
C HIS G 258 -26.37 2.96 -18.48
N SER G 259 -25.62 2.41 -19.44
CA SER G 259 -26.13 2.38 -20.80
C SER G 259 -27.26 1.38 -20.95
N GLN G 260 -27.27 0.32 -20.16
CA GLN G 260 -28.35 -0.64 -20.27
C GLN G 260 -29.63 -0.15 -19.63
N LYS G 261 -29.56 0.84 -18.73
CA LYS G 261 -30.78 1.43 -18.20
C LYS G 261 -31.44 2.35 -19.22
N ILE G 262 -30.62 3.12 -19.95
CA ILE G 262 -31.11 3.91 -21.07
C ILE G 262 -31.66 3.00 -22.15
N GLY G 263 -30.98 1.88 -22.42
CA GLY G 263 -31.49 0.93 -23.39
C GLY G 263 -32.76 0.24 -22.97
N ASN G 264 -32.93 0.00 -21.66
CA ASN G 264 -34.17 -0.58 -21.16
C ASN G 264 -35.32 0.40 -21.25
N ALA G 265 -35.03 1.69 -21.11
CA ALA G 265 -36.06 2.68 -21.31
C ALA G 265 -36.44 2.78 -22.77
N LEU G 266 -35.46 2.67 -23.67
CA LEU G 266 -35.74 2.80 -25.09
C LEU G 266 -36.49 1.58 -25.63
N ARG G 267 -36.31 0.42 -25.01
CA ARG G 267 -36.99 -0.80 -25.41
C ARG G 267 -38.41 -0.87 -24.89
N THR G 268 -38.86 0.07 -24.07
CA THR G 268 -40.19 0.02 -23.49
C THR G 268 -41.22 0.38 -24.55
N ILE G 269 -41.44 -0.58 -25.46
CA ILE G 269 -42.36 -0.43 -26.57
C ILE G 269 -43.46 -1.46 -26.56
N ASP G 270 -43.45 -2.39 -25.62
CA ASP G 270 -44.27 -3.60 -25.69
C ASP G 270 -45.64 -3.32 -25.08
N THR G 271 -46.57 -2.89 -25.93
CA THR G 271 -47.97 -2.80 -25.57
C THR G 271 -48.79 -3.93 -26.13
N TRP G 272 -48.19 -5.10 -26.35
CA TRP G 272 -48.89 -6.22 -26.97
C TRP G 272 -48.92 -7.46 -26.08
N TYR G 273 -48.54 -7.32 -24.81
CA TYR G 273 -48.52 -8.48 -23.94
C TYR G 273 -49.95 -8.87 -23.57
N PRO G 274 -50.20 -10.15 -23.29
CA PRO G 274 -51.58 -10.64 -23.17
C PRO G 274 -52.33 -10.13 -21.96
N ASP G 275 -51.66 -9.52 -20.98
CA ASP G 275 -52.36 -8.93 -19.84
C ASP G 275 -52.91 -7.57 -20.24
N GLU G 276 -53.37 -6.81 -19.26
CA GLU G 276 -54.08 -5.57 -19.54
C GLU G 276 -53.12 -4.47 -20.00
N ASP G 277 -53.49 -3.79 -21.07
CA ASP G 277 -52.70 -2.72 -21.66
C ASP G 277 -52.92 -1.38 -20.97
N GLY G 278 -53.80 -1.32 -19.98
CA GLY G 278 -53.91 -0.17 -19.10
C GLY G 278 -52.85 -0.09 -18.04
N LEU G 279 -51.97 -1.08 -17.99
CA LEU G 279 -50.77 -1.04 -17.16
C LEU G 279 -49.59 -0.44 -17.89
N GLY G 280 -49.73 -0.12 -19.17
CA GLY G 280 -48.72 0.59 -19.92
C GLY G 280 -47.76 -0.32 -20.63
N PRO G 281 -46.85 0.26 -21.41
CA PRO G 281 -45.82 -0.53 -22.09
C PRO G 281 -44.75 -1.02 -21.14
N ILE G 282 -44.25 -2.21 -21.42
CA ILE G 282 -43.14 -2.81 -20.69
C ILE G 282 -41.96 -2.94 -21.64
N ALA G 283 -40.81 -3.29 -21.09
CA ALA G 283 -39.62 -3.43 -21.91
C ALA G 283 -39.68 -4.76 -22.66
N VAL G 284 -39.14 -4.77 -23.88
CA VAL G 284 -39.17 -5.96 -24.70
C VAL G 284 -38.12 -6.93 -24.17
N GLU G 285 -38.57 -8.00 -23.53
CA GLU G 285 -37.74 -9.08 -23.04
C GLU G 285 -38.39 -10.39 -23.44
N PRO G 286 -37.62 -11.45 -23.66
CA PRO G 286 -38.21 -12.77 -23.71
C PRO G 286 -38.73 -13.11 -22.33
N TYR G 287 -39.92 -13.70 -22.29
CA TYR G 287 -40.73 -13.89 -21.08
C TYR G 287 -40.93 -12.55 -20.38
N GLY G 288 -41.64 -11.64 -21.08
CA GLY G 288 -41.56 -10.21 -20.83
C GLY G 288 -41.90 -9.75 -19.44
N SER G 289 -40.87 -9.41 -18.69
CA SER G 289 -40.91 -9.34 -17.24
C SER G 289 -40.43 -8.01 -16.73
N VAL G 290 -41.26 -7.35 -15.94
CA VAL G 290 -40.82 -6.24 -15.12
C VAL G 290 -40.42 -6.79 -13.76
N THR G 291 -39.18 -6.54 -13.37
CA THR G 291 -38.69 -7.09 -12.12
C THR G 291 -39.13 -6.28 -10.91
N SER G 292 -39.51 -5.01 -11.12
CA SER G 292 -40.03 -4.21 -10.02
C SER G 292 -41.40 -4.70 -9.59
N GLN G 293 -42.23 -5.07 -10.54
CA GLN G 293 -43.53 -5.63 -10.22
C GLN G 293 -43.46 -7.12 -9.95
N GLY G 294 -42.29 -7.74 -10.10
CA GLY G 294 -42.08 -9.13 -9.74
C GLY G 294 -42.81 -10.12 -10.61
N LYS G 295 -43.26 -9.70 -11.79
CA LYS G 295 -44.17 -10.48 -12.61
C LYS G 295 -43.54 -10.75 -13.96
N ALA G 296 -43.98 -11.83 -14.58
CA ALA G 296 -43.67 -12.13 -15.98
C ALA G 296 -44.99 -12.09 -16.74
N TYR G 297 -45.19 -11.05 -17.52
CA TYR G 297 -46.14 -11.14 -18.62
C TYR G 297 -45.49 -11.95 -19.73
N ARG G 298 -46.32 -12.36 -20.68
CA ARG G 298 -45.94 -13.30 -21.75
C ARG G 298 -45.30 -14.56 -21.16
N GLN G 299 -46.04 -15.19 -20.26
CA GLN G 299 -45.60 -16.45 -19.70
C GLN G 299 -45.69 -17.54 -20.77
N PRO G 300 -44.84 -18.57 -20.70
CA PRO G 300 -44.81 -19.56 -21.79
C PRO G 300 -46.02 -20.48 -21.88
N LYS G 301 -46.94 -20.49 -20.92
CA LYS G 301 -48.14 -21.32 -21.08
C LYS G 301 -49.08 -20.72 -22.10
N GLN G 302 -49.38 -19.45 -21.99
CA GLN G 302 -49.91 -18.70 -23.10
C GLN G 302 -48.85 -18.67 -24.19
N LYS G 303 -49.28 -18.75 -25.44
CA LYS G 303 -48.30 -18.96 -26.51
C LYS G 303 -47.67 -17.64 -26.95
N LEU G 304 -47.15 -16.84 -26.02
CA LEU G 304 -46.79 -15.47 -26.36
C LEU G 304 -45.44 -15.01 -25.81
N ASP G 305 -44.58 -15.90 -25.35
CA ASP G 305 -43.21 -15.51 -25.07
C ASP G 305 -42.44 -15.41 -26.38
N PHE G 306 -41.18 -14.97 -26.30
CA PHE G 306 -40.40 -14.81 -27.51
C PHE G 306 -40.04 -16.15 -28.12
N TYR G 307 -39.87 -17.17 -27.28
CA TYR G 307 -39.33 -18.42 -27.76
C TYR G 307 -40.36 -19.26 -28.49
N THR G 308 -41.58 -19.37 -27.97
CA THR G 308 -42.59 -20.14 -28.70
C THR G 308 -43.05 -19.41 -29.95
N LEU G 309 -43.03 -18.08 -29.94
CA LEU G 309 -43.34 -17.34 -31.15
C LEU G 309 -42.26 -17.51 -32.21
N LEU G 310 -40.98 -17.48 -31.81
CA LEU G 310 -39.90 -17.67 -32.76
C LEU G 310 -39.85 -19.10 -33.27
N ASP G 311 -40.09 -20.07 -32.39
CA ASP G 311 -40.10 -21.48 -32.78
C ASP G 311 -41.33 -21.85 -33.58
N ASN G 312 -42.40 -21.08 -33.53
CA ASN G 312 -43.50 -21.31 -34.45
C ASN G 312 -43.37 -20.50 -35.72
N TRP G 313 -42.59 -19.42 -35.72
CA TRP G 313 -42.45 -18.60 -36.90
C TRP G 313 -41.38 -19.15 -37.83
N VAL G 314 -40.26 -19.62 -37.27
CA VAL G 314 -39.14 -20.05 -38.09
C VAL G 314 -39.25 -21.53 -38.43
N LEU G 315 -39.52 -22.38 -37.44
CA LEU G 315 -39.47 -23.82 -37.67
C LEU G 315 -40.68 -24.30 -38.45
N ARG G 316 -41.87 -24.11 -37.90
CA ARG G 316 -43.09 -24.69 -38.46
C ARG G 316 -43.96 -23.67 -39.16
N ASP G 317 -43.45 -22.46 -39.38
CA ASP G 317 -44.01 -21.45 -40.29
C ASP G 317 -45.42 -21.02 -39.89
N GLU G 318 -45.70 -20.99 -38.60
CA GLU G 318 -46.94 -20.40 -38.09
C GLU G 318 -46.61 -18.98 -37.65
N ALA G 319 -46.73 -18.05 -38.57
CA ALA G 319 -46.46 -16.66 -38.25
C ALA G 319 -47.58 -16.12 -37.35
N PRO G 320 -47.25 -15.48 -36.24
CA PRO G 320 -48.30 -14.91 -35.39
C PRO G 320 -48.91 -13.64 -35.96
N ALA G 321 -49.74 -12.97 -35.17
CA ALA G 321 -50.27 -11.67 -35.56
C ALA G 321 -49.13 -10.65 -35.64
N VAL G 322 -49.44 -9.51 -36.27
CA VAL G 322 -48.39 -8.55 -36.59
C VAL G 322 -47.82 -7.90 -35.34
N GLU G 323 -48.60 -7.86 -34.25
CA GLU G 323 -48.10 -7.33 -32.99
C GLU G 323 -47.06 -8.25 -32.37
N GLN G 324 -47.31 -9.55 -32.41
CA GLN G 324 -46.38 -10.49 -31.81
C GLN G 324 -45.11 -10.62 -32.63
N GLN G 325 -45.20 -10.42 -33.94
CA GLN G 325 -43.96 -10.42 -34.69
C GLN G 325 -43.24 -9.09 -34.61
N HIS G 326 -43.94 -7.99 -34.32
CA HIS G 326 -43.25 -6.78 -33.88
C HIS G 326 -42.46 -7.02 -32.61
N TYR G 327 -43.04 -7.78 -31.68
CA TYR G 327 -42.35 -8.13 -30.44
C TYR G 327 -41.16 -9.03 -30.69
N VAL G 328 -41.28 -9.97 -31.64
CA VAL G 328 -40.18 -10.88 -31.97
C VAL G 328 -39.01 -10.12 -32.59
N ILE G 329 -39.31 -9.24 -33.55
CA ILE G 329 -38.24 -8.46 -34.17
C ILE G 329 -37.68 -7.44 -33.20
N ALA G 330 -38.48 -6.97 -32.24
CA ALA G 330 -37.94 -6.09 -31.20
C ALA G 330 -37.01 -6.85 -30.26
N ASN G 331 -37.24 -8.15 -30.08
CA ASN G 331 -36.27 -8.95 -29.34
C ASN G 331 -35.01 -9.22 -30.13
N LEU G 332 -35.11 -9.36 -31.46
CA LEU G 332 -33.91 -9.55 -32.25
C LEU G 332 -33.09 -8.26 -32.34
N ILE G 333 -33.75 -7.11 -32.33
CA ILE G 333 -33.07 -5.83 -32.22
C ILE G 333 -32.50 -5.66 -30.83
N ARG G 334 -33.19 -6.20 -29.82
CA ARG G 334 -32.73 -6.14 -28.44
C ARG G 334 -31.43 -6.92 -28.23
N GLY G 335 -31.23 -7.98 -29.00
CA GLY G 335 -30.09 -8.85 -28.80
C GLY G 335 -30.43 -9.94 -27.82
N GLY G 336 -29.42 -10.71 -27.45
CA GLY G 336 -29.59 -11.73 -26.44
C GLY G 336 -28.81 -12.98 -26.78
N VAL G 337 -28.75 -13.87 -25.79
CA VAL G 337 -28.13 -15.17 -25.98
C VAL G 337 -29.24 -16.21 -25.92
N PHE G 338 -29.73 -16.58 -27.09
CA PHE G 338 -30.82 -17.55 -27.19
C PHE G 338 -30.22 -18.90 -27.56
N GLY G 339 -30.96 -19.96 -27.34
CA GLY G 339 -30.45 -21.27 -27.66
C GLY G 339 -30.17 -22.07 -26.41
N GLU G 340 -30.29 -23.39 -26.54
CA GLU G 340 -30.23 -24.31 -25.42
C GLU G 340 -28.79 -24.78 -25.22
N ALA G 341 -28.61 -25.82 -24.40
CA ALA G 341 -27.29 -26.39 -24.19
C ALA G 341 -27.26 -27.85 -24.65
N ILE H 7 9.09 -45.16 -48.98
CA ILE H 7 7.65 -44.99 -48.90
C ILE H 7 7.32 -43.51 -48.73
N LEU H 8 8.16 -42.80 -47.97
CA LEU H 8 8.01 -41.38 -47.64
C LEU H 8 6.68 -41.11 -46.95
N SER H 9 6.57 -41.62 -45.74
CA SER H 9 5.46 -41.26 -44.88
C SER H 9 5.72 -39.91 -44.22
N THR H 10 4.67 -39.34 -43.64
CA THR H 10 4.77 -38.00 -43.06
C THR H 10 5.46 -38.05 -41.71
N ALA H 11 5.97 -36.91 -41.28
CA ALA H 11 6.75 -36.85 -40.06
C ALA H 11 5.85 -36.90 -38.83
N SER H 12 6.45 -37.23 -37.70
CA SER H 12 5.68 -37.31 -36.46
C SER H 12 5.70 -35.99 -35.71
N VAL H 13 6.70 -35.15 -35.91
CA VAL H 13 6.66 -33.77 -35.47
C VAL H 13 6.76 -32.88 -36.70
N LEU H 14 6.01 -31.77 -36.68
CA LEU H 14 6.08 -30.74 -37.70
C LEU H 14 5.58 -29.46 -37.07
N ALA H 15 6.48 -28.55 -36.79
CA ALA H 15 6.14 -27.32 -36.08
C ALA H 15 6.57 -26.16 -36.95
N PHE H 16 5.61 -25.46 -37.52
CA PHE H 16 5.90 -24.29 -38.32
C PHE H 16 5.79 -23.06 -37.44
N GLU H 17 6.78 -22.20 -37.52
CA GLU H 17 6.70 -20.91 -36.85
C GLU H 17 5.63 -20.07 -37.51
N ARG H 18 5.10 -19.14 -36.75
CA ARG H 18 4.07 -18.26 -37.27
C ARG H 18 4.71 -17.11 -38.01
N LYS H 19 4.40 -17.00 -39.29
CA LYS H 19 4.72 -15.80 -40.05
C LYS H 19 3.56 -14.84 -39.88
N LEU H 20 3.80 -13.56 -40.20
CA LEU H 20 2.86 -12.46 -39.96
C LEU H 20 2.52 -12.35 -38.47
N ASP H 21 3.51 -11.92 -37.69
CA ASP H 21 3.39 -11.69 -36.25
C ASP H 21 2.80 -10.33 -35.94
N PRO H 22 1.58 -10.23 -35.42
CA PRO H 22 1.08 -8.95 -34.95
C PRO H 22 1.33 -8.78 -33.45
N SER H 23 1.17 -7.55 -33.00
CA SER H 23 1.27 -7.22 -31.60
C SER H 23 -0.14 -7.12 -31.01
N ASP H 24 -0.20 -6.90 -29.70
CA ASP H 24 -1.48 -6.60 -29.07
C ASP H 24 -1.94 -5.22 -29.53
N ALA H 25 -3.12 -5.17 -30.14
CA ALA H 25 -3.60 -3.94 -30.75
C ALA H 25 -4.14 -3.01 -29.68
N LEU H 26 -3.33 -2.03 -29.31
CA LEU H 26 -3.68 -1.05 -28.29
C LEU H 26 -4.72 -0.09 -28.84
N MET H 27 -5.76 0.18 -28.05
CA MET H 27 -6.80 1.10 -28.50
C MET H 27 -6.77 2.39 -27.68
N SER H 28 -6.59 3.51 -28.39
CA SER H 28 -6.66 4.87 -27.86
C SER H 28 -7.96 5.52 -28.34
N ALA H 29 -8.14 6.78 -27.98
CA ALA H 29 -9.43 7.42 -28.20
C ALA H 29 -9.31 8.93 -28.29
N GLY H 30 -9.79 9.49 -29.38
CA GLY H 30 -9.78 10.91 -29.55
C GLY H 30 -10.84 11.33 -30.53
N ALA H 31 -10.66 12.50 -31.10
CA ALA H 31 -11.62 13.07 -32.03
C ALA H 31 -11.09 12.94 -33.45
N TRP H 32 -12.00 12.64 -34.38
CA TRP H 32 -11.69 12.70 -35.79
C TRP H 32 -11.37 14.13 -36.20
N ALA H 33 -10.68 14.25 -37.34
CA ALA H 33 -10.07 15.43 -37.97
C ALA H 33 -8.82 15.88 -37.24
N GLN H 34 -8.46 15.28 -36.12
CA GLN H 34 -7.10 15.31 -35.61
C GLN H 34 -6.57 13.90 -35.46
N ARG H 35 -6.88 13.05 -36.44
CA ARG H 35 -6.23 11.76 -36.56
C ARG H 35 -4.75 11.87 -36.88
N ASP H 36 -4.33 12.99 -37.45
CA ASP H 36 -2.94 13.14 -37.85
C ASP H 36 -2.03 13.41 -36.66
N ALA H 37 -2.56 14.00 -35.60
CA ALA H 37 -1.83 14.24 -34.37
C ALA H 37 -2.24 13.26 -33.28
N SER H 38 -2.51 12.02 -33.66
CA SER H 38 -3.05 11.03 -32.75
C SER H 38 -1.97 10.17 -32.11
N GLN H 39 -0.96 10.80 -31.51
CA GLN H 39 0.05 10.05 -30.78
C GLN H 39 0.04 10.31 -29.30
N GLU H 40 -0.71 11.31 -28.85
CA GLU H 40 -0.88 11.62 -27.44
C GLU H 40 -2.32 11.33 -27.00
N TRP H 41 -3.07 10.62 -27.84
CA TRP H 41 -4.45 10.29 -27.57
C TRP H 41 -4.55 9.40 -26.35
N PRO H 42 -5.40 9.70 -25.38
CA PRO H 42 -5.47 8.89 -24.18
C PRO H 42 -6.12 7.56 -24.47
N ALA H 43 -5.60 6.53 -23.81
CA ALA H 43 -6.01 5.17 -24.13
C ALA H 43 -7.36 4.86 -23.53
N VAL H 44 -8.07 3.95 -24.18
CA VAL H 44 -9.37 3.50 -23.68
C VAL H 44 -9.11 2.64 -22.46
N THR H 45 -9.69 3.03 -21.33
CA THR H 45 -9.53 2.29 -20.10
C THR H 45 -10.67 1.32 -19.91
N VAL H 46 -10.35 0.12 -19.48
CA VAL H 46 -11.35 -0.87 -19.12
C VAL H 46 -11.77 -0.58 -17.68
N ARG H 47 -13.07 -0.40 -17.48
CA ARG H 47 -13.59 -0.11 -16.15
C ARG H 47 -14.79 -1.01 -15.87
N GLU H 48 -15.31 -0.91 -14.67
CA GLU H 48 -16.32 -1.82 -14.16
C GLU H 48 -17.63 -1.09 -14.00
N LYS H 49 -18.71 -1.72 -14.46
CA LYS H 49 -20.05 -1.26 -14.16
C LYS H 49 -20.87 -2.45 -13.75
N SER H 50 -21.84 -2.23 -12.87
CA SER H 50 -22.70 -3.31 -12.41
C SER H 50 -23.91 -3.43 -13.30
N VAL H 51 -24.19 -4.64 -13.76
CA VAL H 51 -25.37 -4.90 -14.58
C VAL H 51 -26.31 -5.78 -13.80
N ARG H 52 -27.54 -5.84 -14.27
CA ARG H 52 -28.60 -6.63 -13.66
C ARG H 52 -29.60 -6.97 -14.73
N GLY H 53 -29.76 -8.24 -15.02
CA GLY H 53 -30.65 -8.70 -16.07
C GLY H 53 -31.71 -9.64 -15.53
N THR H 54 -32.90 -9.55 -16.10
CA THR H 54 -33.91 -10.56 -15.84
C THR H 54 -33.54 -11.83 -16.60
N ILE H 55 -34.25 -12.91 -16.35
CA ILE H 55 -33.93 -14.17 -17.01
C ILE H 55 -34.47 -14.15 -18.42
N SER H 56 -33.62 -14.52 -19.37
CA SER H 56 -33.95 -14.43 -20.78
C SER H 56 -33.56 -15.66 -21.57
N ASN H 57 -32.90 -16.63 -20.97
CA ASN H 57 -32.55 -17.85 -21.66
C ASN H 57 -33.75 -18.77 -21.78
N ARG H 58 -33.57 -19.85 -22.54
CA ARG H 58 -34.65 -20.81 -22.71
C ARG H 58 -34.87 -21.60 -21.43
N LEU H 59 -36.13 -21.76 -21.05
CA LEU H 59 -36.47 -22.59 -19.92
C LEU H 59 -36.57 -24.04 -20.35
N LYS H 60 -36.17 -24.94 -19.46
CA LYS H 60 -35.92 -26.34 -19.81
C LYS H 60 -37.13 -27.22 -19.54
N THR H 61 -38.34 -26.67 -19.72
CA THR H 61 -39.67 -27.29 -19.62
C THR H 61 -40.04 -27.63 -18.16
N LYS H 62 -39.12 -27.44 -17.22
CA LYS H 62 -39.42 -27.57 -15.80
C LYS H 62 -39.53 -26.22 -15.10
N ASP H 63 -38.88 -25.19 -15.63
CA ASP H 63 -38.92 -23.86 -15.04
C ASP H 63 -40.05 -23.01 -15.58
N ARG H 64 -40.97 -23.61 -16.34
CA ARG H 64 -42.15 -22.92 -16.84
C ARG H 64 -43.31 -22.96 -15.86
N ASP H 65 -43.07 -23.44 -14.64
CA ASP H 65 -43.99 -23.22 -13.52
C ASP H 65 -44.06 -21.71 -13.26
N PRO H 66 -45.25 -21.12 -13.14
CA PRO H 66 -45.31 -19.66 -13.05
C PRO H 66 -44.82 -19.12 -11.72
N ALA H 67 -44.98 -19.88 -10.63
CA ALA H 67 -44.42 -19.46 -9.35
C ALA H 67 -42.91 -19.52 -9.38
N LYS H 68 -42.34 -20.53 -10.04
CA LYS H 68 -40.89 -20.62 -10.17
C LYS H 68 -40.34 -19.53 -11.08
N LEU H 69 -41.05 -19.22 -12.16
CA LEU H 69 -40.63 -18.17 -13.08
C LEU H 69 -40.68 -16.80 -12.41
N ASP H 70 -41.77 -16.52 -11.69
CA ASP H 70 -41.86 -15.24 -11.00
C ASP H 70 -40.90 -15.15 -9.82
N ALA H 71 -40.60 -16.27 -9.17
CA ALA H 71 -39.66 -16.23 -8.06
C ALA H 71 -38.22 -16.13 -8.54
N SER H 72 -37.94 -16.57 -9.77
CA SER H 72 -36.63 -16.33 -10.35
C SER H 72 -36.51 -14.91 -10.90
N ILE H 73 -37.63 -14.31 -11.28
CA ILE H 73 -37.59 -12.94 -11.79
C ILE H 73 -37.51 -11.94 -10.65
N GLN H 74 -38.11 -12.28 -9.49
CA GLN H 74 -38.06 -11.38 -8.33
C GLN H 74 -36.64 -11.25 -7.78
N SER H 75 -35.82 -12.27 -7.94
CA SER H 75 -34.43 -12.20 -7.50
C SER H 75 -33.50 -12.40 -8.69
N PRO H 76 -33.29 -11.37 -9.51
CA PRO H 76 -32.44 -11.55 -10.69
C PRO H 76 -30.98 -11.46 -10.32
N ASN H 77 -30.14 -11.95 -11.23
CA ASN H 77 -28.71 -12.03 -10.98
C ASN H 77 -28.04 -10.67 -11.16
N LEU H 78 -27.36 -10.22 -10.12
CA LEU H 78 -26.48 -9.08 -10.21
C LEU H 78 -25.14 -9.53 -10.76
N GLN H 79 -24.45 -8.62 -11.43
CA GLN H 79 -23.13 -8.92 -11.98
C GLN H 79 -22.30 -7.66 -11.94
N THR H 80 -21.08 -7.74 -12.47
CA THR H 80 -20.21 -6.59 -12.60
C THR H 80 -19.33 -6.82 -13.82
N VAL H 81 -19.73 -6.29 -14.96
CA VAL H 81 -19.00 -6.54 -16.18
C VAL H 81 -17.86 -5.54 -16.28
N ASP H 82 -16.89 -5.88 -17.11
CA ASP H 82 -15.88 -4.92 -17.56
C ASP H 82 -16.39 -4.27 -18.82
N VAL H 83 -16.47 -2.95 -18.83
CA VAL H 83 -16.89 -2.21 -20.00
C VAL H 83 -15.75 -1.29 -20.41
N ALA H 84 -15.60 -1.09 -21.72
CA ALA H 84 -14.66 -0.13 -22.26
C ALA H 84 -15.44 0.76 -23.21
N ASN H 85 -15.46 2.05 -22.92
CA ASN H 85 -16.15 3.03 -23.74
C ASN H 85 -15.16 4.09 -24.19
N LEU H 86 -15.49 4.74 -25.30
CA LEU H 86 -14.85 5.98 -25.65
C LEU H 86 -15.26 7.04 -24.62
N PRO H 87 -14.46 8.08 -24.42
CA PRO H 87 -14.91 9.19 -23.59
C PRO H 87 -16.04 9.94 -24.28
N SER H 88 -16.78 10.71 -23.49
CA SER H 88 -17.96 11.37 -24.03
C SER H 88 -17.64 12.54 -24.94
N ASP H 89 -16.37 12.95 -25.04
CA ASP H 89 -15.96 14.01 -25.95
C ASP H 89 -15.05 13.50 -27.05
N ALA H 90 -15.04 12.19 -27.30
CA ALA H 90 -14.16 11.58 -28.27
C ALA H 90 -14.94 10.54 -29.05
N ASP H 91 -14.93 10.65 -30.37
CA ASP H 91 -15.77 9.80 -31.21
C ASP H 91 -14.98 8.84 -32.10
N THR H 92 -13.67 8.77 -31.93
CA THR H 92 -12.82 7.98 -32.81
C THR H 92 -12.02 6.99 -31.98
N LEU H 93 -11.91 5.77 -32.47
CA LEU H 93 -11.12 4.74 -31.82
C LEU H 93 -9.87 4.48 -32.65
N LYS H 94 -8.70 4.71 -32.06
CA LYS H 94 -7.44 4.45 -32.74
C LYS H 94 -6.91 3.12 -32.22
N VAL H 95 -6.89 2.12 -33.08
CA VAL H 95 -6.37 0.81 -32.76
C VAL H 95 -5.02 0.68 -33.46
N ARG H 96 -3.95 0.47 -32.69
CA ARG H 96 -2.61 0.54 -33.23
C ARG H 96 -1.83 -0.70 -32.86
N PHE H 97 -1.38 -1.44 -33.87
CA PHE H 97 -0.46 -2.54 -33.66
C PHE H 97 0.64 -2.45 -34.71
N THR H 98 1.62 -3.33 -34.59
CA THR H 98 2.65 -3.52 -35.59
C THR H 98 2.58 -4.95 -36.08
N LEU H 99 2.98 -5.17 -37.32
CA LEU H 99 2.89 -6.48 -37.92
C LEU H 99 4.20 -6.78 -38.62
N ARG H 100 4.86 -7.86 -38.21
CA ARG H 100 6.15 -8.22 -38.74
C ARG H 100 5.99 -9.43 -39.65
N VAL H 101 6.30 -9.26 -40.92
CA VAL H 101 6.19 -10.31 -41.93
C VAL H 101 7.56 -10.96 -42.03
N LEU H 102 7.63 -12.27 -41.83
CA LEU H 102 8.93 -12.89 -41.54
C LEU H 102 9.56 -13.56 -42.76
N GLY H 103 8.88 -14.53 -43.36
CA GLY H 103 9.44 -15.20 -44.49
C GLY H 103 10.20 -16.46 -44.11
N GLY H 104 10.33 -17.36 -45.07
CA GLY H 104 10.84 -18.69 -44.82
C GLY H 104 9.70 -19.62 -44.48
N ALA H 105 8.67 -19.60 -45.33
CA ALA H 105 7.37 -20.12 -44.93
C ALA H 105 7.34 -21.64 -44.91
N GLY H 106 7.97 -22.28 -45.89
CA GLY H 106 7.93 -23.73 -45.96
C GLY H 106 8.86 -24.44 -44.99
N THR H 107 9.83 -23.74 -44.43
CA THR H 107 10.76 -24.36 -43.51
C THR H 107 10.07 -24.62 -42.17
N PRO H 108 10.12 -25.84 -41.64
CA PRO H 108 9.60 -26.08 -40.30
C PRO H 108 10.64 -25.83 -39.23
N SER H 109 10.17 -25.48 -38.05
CA SER H 109 11.04 -25.30 -36.90
C SER H 109 11.38 -26.62 -36.21
N ALA H 110 10.66 -27.69 -36.53
CA ALA H 110 10.90 -28.99 -35.94
C ALA H 110 10.37 -30.03 -36.91
N CYS H 111 11.16 -31.07 -37.17
CA CYS H 111 10.77 -32.11 -38.10
C CYS H 111 11.64 -33.34 -37.85
N ASN H 112 10.99 -34.49 -37.63
CA ASN H 112 11.72 -35.73 -37.45
C ASN H 112 12.40 -36.18 -38.74
N ASP H 113 11.62 -36.40 -39.79
CA ASP H 113 12.15 -36.94 -41.03
C ASP H 113 12.91 -35.86 -41.80
N ALA H 114 14.11 -36.21 -42.27
CA ALA H 114 14.87 -35.27 -43.09
C ALA H 114 14.43 -35.33 -44.54
N ALA H 115 14.07 -36.51 -45.03
CA ALA H 115 13.64 -36.65 -46.41
C ALA H 115 12.28 -36.02 -46.63
N TYR H 116 11.38 -36.12 -45.64
CA TYR H 116 10.10 -35.44 -45.73
C TYR H 116 10.28 -33.93 -45.71
N ARG H 117 11.21 -33.44 -44.88
CA ARG H 117 11.48 -32.01 -44.84
C ARG H 117 12.04 -31.51 -46.16
N ASP H 118 12.90 -32.32 -46.80
CA ASP H 118 13.44 -31.97 -48.11
C ASP H 118 12.36 -31.98 -49.17
N LYS H 119 11.46 -32.97 -49.14
CA LYS H 119 10.36 -33.05 -50.09
C LYS H 119 9.39 -31.89 -49.92
N LEU H 120 9.08 -31.54 -48.67
CA LEU H 120 8.21 -30.41 -48.37
C LEU H 120 8.83 -29.09 -48.82
N LEU H 121 10.14 -28.94 -48.63
CA LEU H 121 10.82 -27.72 -49.05
C LEU H 121 10.88 -27.61 -50.56
N GLN H 122 11.06 -28.73 -51.26
CA GLN H 122 11.04 -28.72 -52.71
C GLN H 122 9.64 -28.42 -53.24
N THR H 123 8.60 -28.91 -52.55
CA THR H 123 7.22 -28.63 -52.92
C THR H 123 6.87 -27.15 -52.77
N VAL H 124 7.22 -26.57 -51.62
CA VAL H 124 6.97 -25.15 -51.40
C VAL H 124 7.83 -24.29 -52.33
N ALA H 125 9.03 -24.75 -52.66
CA ALA H 125 9.88 -24.01 -53.57
C ALA H 125 9.34 -24.02 -54.99
N THR H 126 8.76 -25.15 -55.42
CA THR H 126 8.12 -25.18 -56.73
C THR H 126 6.87 -24.32 -56.76
N TYR H 127 6.15 -24.23 -55.63
CA TYR H 127 5.03 -23.30 -55.53
C TYR H 127 5.50 -21.87 -55.74
N VAL H 128 6.49 -21.44 -54.95
CA VAL H 128 6.98 -20.06 -54.99
C VAL H 128 7.62 -19.71 -56.32
N ASN H 129 8.27 -20.68 -56.97
CA ASN H 129 8.84 -20.42 -58.29
C ASN H 129 7.77 -20.32 -59.36
N ASP H 130 6.73 -21.16 -59.28
CA ASP H 130 5.62 -21.02 -60.22
C ASP H 130 4.81 -19.78 -59.91
N GLN H 131 4.55 -19.51 -58.64
CA GLN H 131 3.73 -18.38 -58.23
C GLN H 131 4.13 -17.95 -56.83
N GLY H 132 4.58 -16.72 -56.70
CA GLY H 132 5.10 -16.28 -55.43
C GLY H 132 3.99 -16.05 -54.43
N PHE H 133 4.37 -15.38 -53.34
CA PHE H 133 3.36 -14.94 -52.38
C PHE H 133 2.75 -13.64 -52.89
N ALA H 134 2.03 -13.74 -54.00
CA ALA H 134 1.41 -12.60 -54.65
C ALA H 134 -0.10 -12.63 -54.57
N GLU H 135 -0.71 -13.81 -54.59
CA GLU H 135 -2.13 -13.91 -54.27
C GLU H 135 -2.34 -13.84 -52.77
N LEU H 136 -1.46 -14.48 -52.00
CA LEU H 136 -1.59 -14.50 -50.55
C LEU H 136 -1.37 -13.13 -49.96
N ALA H 137 -0.31 -12.44 -50.38
CA ALA H 137 0.00 -11.14 -49.82
C ALA H 137 -0.98 -10.08 -50.27
N ARG H 138 -1.64 -10.29 -51.40
CA ARG H 138 -2.72 -9.39 -51.82
C ARG H 138 -3.88 -9.44 -50.85
N ARG H 139 -4.25 -10.64 -50.43
CA ARG H 139 -5.37 -10.79 -49.51
C ARG H 139 -5.00 -10.41 -48.08
N TYR H 140 -3.76 -10.67 -47.68
CA TYR H 140 -3.28 -10.18 -46.39
C TYR H 140 -3.22 -8.66 -46.35
N ALA H 141 -2.83 -8.04 -47.47
CA ALA H 141 -2.83 -6.59 -47.57
C ALA H 141 -4.24 -6.04 -47.58
N HIS H 142 -5.19 -6.80 -48.09
CA HIS H 142 -6.59 -6.38 -48.01
C HIS H 142 -7.07 -6.40 -46.58
N ASN H 143 -6.79 -7.49 -45.86
CA ASN H 143 -7.21 -7.60 -44.46
C ASN H 143 -6.48 -6.64 -43.55
N LEU H 144 -5.35 -6.09 -43.99
CA LEU H 144 -4.82 -4.90 -43.33
C LEU H 144 -5.58 -3.65 -43.76
N ALA H 145 -5.96 -3.57 -45.05
CA ALA H 145 -6.54 -2.36 -45.60
C ALA H 145 -7.99 -2.16 -45.19
N ASN H 146 -8.83 -3.18 -45.38
CA ASN H 146 -10.11 -3.16 -44.69
C ASN H 146 -9.88 -3.61 -43.27
N ALA H 147 -10.29 -2.81 -42.31
CA ALA H 147 -9.91 -3.03 -40.92
C ALA H 147 -10.75 -4.15 -40.33
N ARG H 148 -10.45 -5.38 -40.76
CA ARG H 148 -11.12 -6.53 -40.22
C ARG H 148 -10.64 -6.88 -38.82
N PHE H 149 -9.46 -6.40 -38.44
CA PHE H 149 -8.94 -6.61 -37.10
C PHE H 149 -9.67 -5.77 -36.07
N LEU H 150 -10.36 -4.73 -36.53
CA LEU H 150 -11.41 -4.08 -35.75
C LEU H 150 -12.61 -5.01 -35.86
N TRP H 151 -12.87 -5.80 -34.83
CA TRP H 151 -13.82 -6.88 -35.03
C TRP H 151 -15.26 -6.42 -34.91
N ARG H 152 -15.66 -5.99 -33.72
CA ARG H 152 -16.96 -5.36 -33.51
C ARG H 152 -16.83 -3.87 -33.37
N ASN H 153 -15.61 -3.34 -33.43
CA ASN H 153 -15.35 -1.92 -33.49
C ASN H 153 -15.59 -1.35 -34.87
N ARG H 154 -15.93 -2.19 -35.83
CA ARG H 154 -16.09 -1.84 -37.22
C ARG H 154 -17.54 -1.83 -37.69
N VAL H 155 -18.44 -2.50 -36.99
CA VAL H 155 -19.73 -2.85 -37.58
C VAL H 155 -20.70 -1.70 -37.69
N GLY H 156 -20.52 -0.64 -36.91
CA GLY H 156 -21.43 0.48 -37.01
C GLY H 156 -20.69 1.77 -37.14
N ALA H 157 -19.43 1.67 -37.53
CA ALA H 157 -18.57 2.84 -37.61
C ALA H 157 -18.97 3.67 -38.82
N GLU H 158 -18.90 4.99 -38.65
CA GLU H 158 -19.26 5.89 -39.73
C GLU H 158 -18.23 5.86 -40.84
N ALA H 159 -16.96 5.94 -40.47
CA ALA H 159 -15.88 5.95 -41.44
C ALA H 159 -14.65 5.35 -40.77
N VAL H 160 -14.16 4.25 -41.32
CA VAL H 160 -12.95 3.59 -40.86
C VAL H 160 -11.82 3.98 -41.79
N GLU H 161 -10.66 4.31 -41.22
CA GLU H 161 -9.49 4.71 -41.98
C GLU H 161 -8.26 4.00 -41.43
N VAL H 162 -7.53 3.30 -42.31
CA VAL H 162 -6.36 2.54 -41.90
C VAL H 162 -5.12 3.23 -42.46
N ARG H 163 -4.12 3.42 -41.61
CA ARG H 163 -2.84 4.00 -41.99
C ARG H 163 -1.74 2.98 -41.71
N ILE H 164 -1.15 2.45 -42.77
CA ILE H 164 -0.15 1.40 -42.68
C ILE H 164 1.20 1.99 -43.05
N ASN H 165 2.16 1.92 -42.14
CA ASN H 165 3.48 2.49 -42.33
C ASN H 165 4.51 1.38 -42.34
N HIS H 166 5.26 1.28 -43.43
CA HIS H 166 6.42 0.40 -43.48
C HIS H 166 7.58 1.08 -42.78
N ILE H 167 8.16 0.39 -41.81
CA ILE H 167 9.19 0.97 -40.97
C ILE H 167 10.52 0.32 -41.31
N ARG H 168 11.34 1.02 -42.10
CA ARG H 168 12.76 0.72 -42.19
C ARG H 168 13.47 1.41 -41.04
N GLN H 169 14.79 1.15 -41.05
CA GLN H 169 15.87 1.55 -40.10
C GLN H 169 15.22 1.77 -38.74
N GLY H 170 14.71 2.98 -38.57
CA GLY H 170 13.92 3.36 -37.42
C GLY H 170 12.74 4.25 -37.78
N GLU H 171 12.56 4.51 -39.07
CA GLU H 171 11.66 5.55 -39.54
C GLU H 171 10.71 4.98 -40.58
N VAL H 172 9.76 5.81 -41.02
CA VAL H 172 8.74 5.37 -41.96
C VAL H 172 9.33 5.39 -43.38
N ALA H 173 9.36 4.23 -44.02
CA ALA H 173 9.88 4.13 -45.38
C ALA H 173 8.81 4.49 -46.39
N ARG H 174 7.67 3.81 -46.36
CA ARG H 174 6.59 4.05 -47.30
C ARG H 174 5.28 3.92 -46.55
N ALA H 175 4.43 4.93 -46.65
CA ALA H 175 3.23 5.04 -45.84
C ALA H 175 2.00 4.96 -46.73
N TRP H 176 1.09 4.05 -46.38
CA TRP H 176 -0.19 3.92 -47.04
C TRP H 176 -1.27 4.54 -46.17
N ARG H 177 -2.42 4.78 -46.78
CA ARG H 177 -3.57 5.34 -46.08
C ARG H 177 -4.82 4.91 -46.84
N PHE H 178 -5.61 4.04 -46.24
CA PHE H 178 -6.74 3.43 -46.93
C PHE H 178 -8.05 3.91 -46.32
N ASP H 179 -9.10 3.74 -47.13
CA ASP H 179 -10.47 3.86 -46.67
C ASP H 179 -11.00 2.45 -46.48
N ALA H 180 -11.13 2.03 -45.22
CA ALA H 180 -11.47 0.64 -44.92
C ALA H 180 -12.93 0.31 -45.17
N LEU H 181 -13.76 1.27 -45.53
CA LEU H 181 -15.15 0.98 -45.86
C LEU H 181 -15.41 0.94 -47.35
N ALA H 182 -14.58 1.61 -48.15
CA ALA H 182 -14.64 1.41 -49.59
C ALA H 182 -14.05 0.06 -49.97
N ILE H 183 -12.92 -0.31 -49.37
CA ILE H 183 -12.39 -1.66 -49.47
C ILE H 183 -13.28 -2.56 -48.62
N GLY H 184 -14.04 -3.42 -49.28
CA GLY H 184 -15.02 -4.23 -48.59
C GLY H 184 -14.38 -5.34 -47.77
N LEU H 185 -15.24 -6.13 -47.13
CA LEU H 185 -14.80 -7.25 -46.34
C LEU H 185 -14.84 -8.57 -47.10
N ARG H 186 -15.27 -8.59 -48.36
CA ARG H 186 -15.47 -9.87 -49.04
C ARG H 186 -14.97 -9.93 -50.47
N ASP H 187 -14.63 -8.81 -51.10
CA ASP H 187 -14.06 -8.82 -52.44
C ASP H 187 -12.62 -8.38 -52.37
N PHE H 188 -11.73 -9.16 -52.97
CA PHE H 188 -10.32 -8.80 -53.08
C PHE H 188 -10.14 -8.21 -54.48
N LYS H 189 -10.31 -6.90 -54.59
CA LYS H 189 -10.16 -6.18 -55.83
C LYS H 189 -8.70 -5.76 -56.01
N ALA H 190 -8.44 -4.86 -56.96
CA ALA H 190 -7.10 -4.41 -57.27
C ALA H 190 -7.01 -2.89 -57.12
N ASP H 191 -5.97 -2.44 -56.44
CA ASP H 191 -5.67 -1.03 -56.29
C ASP H 191 -4.17 -0.86 -56.44
N ALA H 192 -3.73 0.36 -56.71
CA ALA H 192 -2.29 0.60 -56.82
C ALA H 192 -1.61 0.51 -55.46
N GLU H 193 -2.22 1.11 -54.44
CA GLU H 193 -1.61 1.10 -53.11
C GLU H 193 -1.75 -0.25 -52.44
N LEU H 194 -2.86 -0.96 -52.68
CA LEU H 194 -2.98 -2.34 -52.22
C LEU H 194 -1.97 -3.24 -52.89
N ASP H 195 -1.65 -3.00 -54.15
CA ASP H 195 -0.63 -3.81 -54.80
C ASP H 195 0.77 -3.46 -54.32
N ALA H 196 1.01 -2.19 -53.97
CA ALA H 196 2.30 -1.83 -53.36
C ALA H 196 2.48 -2.50 -52.00
N LEU H 197 1.42 -2.51 -51.19
CA LEU H 197 1.46 -3.21 -49.91
C LEU H 197 1.59 -4.71 -50.10
N ALA H 198 0.97 -5.24 -51.16
CA ALA H 198 1.06 -6.66 -51.43
C ALA H 198 2.45 -7.06 -51.90
N GLU H 199 3.10 -6.22 -52.69
CA GLU H 199 4.48 -6.52 -53.08
C GLU H 199 5.44 -6.37 -51.91
N LEU H 200 5.13 -5.49 -50.96
CA LEU H 200 5.93 -5.44 -49.75
C LEU H 200 5.76 -6.68 -48.88
N ILE H 201 4.52 -7.14 -48.70
CA ILE H 201 4.28 -8.36 -47.93
C ILE H 201 4.81 -9.58 -48.68
N ALA H 202 4.84 -9.52 -50.02
CA ALA H 202 5.49 -10.55 -50.82
C ALA H 202 6.98 -10.60 -50.58
N SER H 203 7.63 -9.44 -50.58
CA SER H 203 9.07 -9.36 -50.31
C SER H 203 9.40 -9.79 -48.90
N GLY H 204 8.47 -9.58 -47.97
CA GLY H 204 8.68 -10.09 -46.63
C GLY H 204 8.52 -11.59 -46.54
N LEU H 205 7.48 -12.13 -47.17
CA LEU H 205 7.18 -13.56 -47.06
C LEU H 205 8.13 -14.42 -47.88
N SER H 206 8.85 -13.84 -48.82
CA SER H 206 9.84 -14.57 -49.59
C SER H 206 11.23 -14.52 -48.98
N GLY H 207 11.41 -13.76 -47.91
CA GLY H 207 12.71 -13.62 -47.31
C GLY H 207 13.60 -12.61 -47.98
N SER H 208 13.09 -11.90 -48.99
CA SER H 208 13.88 -10.95 -49.77
C SER H 208 13.87 -9.55 -49.17
N GLY H 209 13.62 -9.43 -47.87
CA GLY H 209 13.62 -8.13 -47.24
C GLY H 209 13.07 -8.25 -45.83
N HIS H 210 13.34 -7.23 -45.05
CA HIS H 210 12.78 -7.14 -43.70
C HIS H 210 11.58 -6.21 -43.74
N VAL H 211 10.41 -6.74 -43.34
CA VAL H 211 9.17 -5.99 -43.40
C VAL H 211 8.61 -5.89 -41.99
N LEU H 212 8.55 -4.66 -41.47
CA LEU H 212 7.83 -4.36 -40.24
C LEU H 212 6.84 -3.24 -40.54
N LEU H 213 5.57 -3.60 -40.64
CA LEU H 213 4.50 -2.66 -40.85
C LEU H 213 3.97 -2.19 -39.51
N GLU H 214 3.43 -0.99 -39.48
CA GLU H 214 2.74 -0.46 -38.31
C GLU H 214 1.35 -0.04 -38.74
N VAL H 215 0.34 -0.72 -38.22
CA VAL H 215 -1.02 -0.59 -38.73
C VAL H 215 -1.84 0.18 -37.72
N VAL H 216 -2.25 1.38 -38.09
CA VAL H 216 -3.10 2.23 -37.27
C VAL H 216 -4.45 2.34 -37.95
N ALA H 217 -5.52 2.03 -37.22
CA ALA H 217 -6.86 2.08 -37.80
C ALA H 217 -7.73 2.97 -36.93
N PHE H 218 -8.27 4.02 -37.51
CA PHE H 218 -9.22 4.90 -36.86
C PHE H 218 -10.62 4.50 -37.26
N ALA H 219 -11.51 4.41 -36.27
CA ALA H 219 -12.90 4.06 -36.51
C ALA H 219 -13.77 5.11 -35.87
N ARG H 220 -14.55 5.81 -36.69
CA ARG H 220 -15.40 6.88 -36.19
C ARG H 220 -16.71 6.27 -35.70
N ILE H 221 -16.77 5.99 -34.41
CA ILE H 221 -17.91 5.30 -33.83
C ILE H 221 -18.99 6.27 -33.37
N GLY H 222 -18.64 7.16 -32.45
CA GLY H 222 -19.56 8.11 -31.88
C GLY H 222 -19.07 8.55 -30.52
N ASP H 223 -19.64 9.64 -30.02
CA ASP H 223 -19.20 10.19 -28.74
C ASP H 223 -19.63 9.27 -27.61
N GLY H 224 -18.67 8.81 -26.83
CA GLY H 224 -18.97 8.05 -25.65
C GLY H 224 -19.42 6.63 -25.89
N GLN H 225 -19.38 6.15 -27.12
CA GLN H 225 -19.89 4.84 -27.47
C GLN H 225 -19.01 3.74 -26.94
N GLU H 226 -19.51 2.52 -27.02
CA GLU H 226 -18.82 1.36 -26.47
C GLU H 226 -17.86 0.80 -27.51
N VAL H 227 -16.63 0.55 -27.09
CA VAL H 227 -15.67 -0.18 -27.91
C VAL H 227 -15.53 -1.57 -27.35
N PHE H 228 -14.94 -2.45 -28.14
CA PHE H 228 -14.94 -3.87 -27.85
C PHE H 228 -13.52 -4.42 -27.92
N PRO H 229 -12.77 -4.33 -26.82
CA PRO H 229 -11.45 -4.98 -26.79
C PRO H 229 -11.58 -6.48 -26.68
N SER H 230 -10.46 -7.18 -26.64
CA SER H 230 -10.51 -8.62 -26.47
C SER H 230 -10.95 -8.97 -25.05
N GLN H 231 -11.37 -10.19 -24.89
CA GLN H 231 -12.05 -10.63 -23.70
C GLN H 231 -11.35 -11.84 -23.12
N GLU H 232 -11.17 -11.83 -21.81
CA GLU H 232 -10.48 -12.88 -21.10
C GLU H 232 -11.47 -13.93 -20.64
N LEU H 233 -10.96 -15.10 -20.31
CA LEU H 233 -11.75 -16.07 -19.59
C LEU H 233 -11.70 -15.73 -18.11
N ILE H 234 -12.80 -16.02 -17.41
CA ILE H 234 -12.99 -15.56 -16.05
C ILE H 234 -12.66 -16.68 -15.08
N LEU H 235 -11.88 -16.36 -14.06
CA LEU H 235 -11.56 -17.30 -12.99
C LEU H 235 -12.81 -17.61 -12.17
N LYS H 241 -23.55 -12.26 -6.80
CA LYS H 241 -23.75 -10.83 -6.60
C LYS H 241 -22.74 -10.05 -7.42
N GLY H 242 -21.50 -9.97 -6.95
CA GLY H 242 -20.44 -9.43 -7.78
C GLY H 242 -19.80 -10.54 -8.59
N GLN H 243 -20.55 -11.11 -9.52
CA GLN H 243 -20.11 -12.35 -10.17
C GLN H 243 -19.01 -12.11 -11.19
N LYS H 244 -18.85 -10.89 -11.70
CA LYS H 244 -17.84 -10.52 -12.70
C LYS H 244 -17.99 -11.38 -13.96
N SER H 245 -19.09 -11.13 -14.66
CA SER H 245 -19.42 -11.97 -15.80
C SER H 245 -18.56 -11.70 -17.02
N LYS H 246 -17.84 -10.59 -17.06
CA LYS H 246 -17.03 -10.25 -18.24
C LYS H 246 -15.74 -9.58 -17.79
N THR H 247 -14.62 -10.08 -18.29
CA THR H 247 -13.31 -9.49 -18.05
C THR H 247 -12.71 -9.15 -19.41
N LEU H 248 -12.25 -7.92 -19.57
CA LEU H 248 -11.72 -7.45 -20.83
C LEU H 248 -10.20 -7.40 -20.80
N TYR H 249 -9.60 -7.51 -21.97
CA TYR H 249 -8.14 -7.47 -22.09
C TYR H 249 -7.65 -6.05 -21.97
N SER H 250 -6.46 -5.89 -21.40
CA SER H 250 -5.76 -4.63 -21.31
C SER H 250 -4.31 -4.95 -20.97
N VAL H 251 -3.37 -4.20 -21.54
CA VAL H 251 -1.98 -4.43 -21.22
C VAL H 251 -1.58 -3.74 -19.92
N ARG H 252 -1.66 -2.41 -19.86
CA ARG H 252 -1.35 -1.66 -18.65
C ARG H 252 -2.30 -0.46 -18.58
N ASP H 253 -3.48 -0.69 -18.00
CA ASP H 253 -4.56 0.29 -17.87
C ASP H 253 -4.90 0.93 -19.21
N ALA H 254 -4.94 0.10 -20.25
CA ALA H 254 -5.17 0.53 -21.62
C ALA H 254 -5.73 -0.65 -22.36
N ALA H 255 -6.96 -0.55 -22.84
CA ALA H 255 -7.64 -1.68 -23.45
C ALA H 255 -6.91 -2.14 -24.71
N ALA H 256 -7.06 -3.41 -25.05
CA ALA H 256 -6.29 -3.96 -26.14
C ALA H 256 -7.00 -5.17 -26.71
N ILE H 257 -6.64 -5.50 -27.94
CA ILE H 257 -7.07 -6.71 -28.62
C ILE H 257 -5.92 -7.69 -28.59
N HIS H 258 -6.21 -8.97 -28.36
CA HIS H 258 -5.19 -10.00 -28.36
C HIS H 258 -4.55 -10.09 -29.74
N SER H 259 -3.30 -10.54 -29.77
CA SER H 259 -2.59 -10.60 -31.04
C SER H 259 -3.08 -11.73 -31.91
N GLN H 260 -3.55 -12.83 -31.31
CA GLN H 260 -4.09 -13.92 -32.10
C GLN H 260 -5.44 -13.58 -32.70
N LYS H 261 -6.16 -12.61 -32.13
CA LYS H 261 -7.39 -12.12 -32.75
C LYS H 261 -7.09 -11.29 -33.99
N ILE H 262 -6.09 -10.43 -33.90
CA ILE H 262 -5.63 -9.65 -35.05
C ILE H 262 -5.14 -10.56 -36.15
N GLY H 263 -4.35 -11.58 -35.79
CA GLY H 263 -3.88 -12.53 -36.77
C GLY H 263 -4.98 -13.37 -37.37
N ASN H 264 -6.02 -13.70 -36.60
CA ASN H 264 -7.16 -14.42 -37.16
C ASN H 264 -7.93 -13.56 -38.13
N ALA H 265 -7.97 -12.25 -37.90
CA ALA H 265 -8.60 -11.38 -38.89
C ALA H 265 -7.73 -11.21 -40.11
N LEU H 266 -6.41 -11.29 -39.95
CA LEU H 266 -5.52 -11.18 -41.09
C LEU H 266 -5.52 -12.44 -41.94
N ARG H 267 -5.79 -13.59 -41.34
CA ARG H 267 -5.88 -14.84 -42.09
C ARG H 267 -7.22 -15.04 -42.75
N THR H 268 -8.14 -14.07 -42.69
CA THR H 268 -9.45 -14.22 -43.32
C THR H 268 -9.29 -13.96 -44.82
N ILE H 269 -8.66 -14.93 -45.48
CA ILE H 269 -8.38 -14.86 -46.90
C ILE H 269 -8.94 -16.05 -47.65
N ASP H 270 -9.40 -17.08 -46.96
CA ASP H 270 -9.80 -18.35 -47.54
C ASP H 270 -11.17 -18.21 -48.18
N THR H 271 -11.18 -17.86 -49.46
CA THR H 271 -12.41 -17.82 -50.25
C THR H 271 -12.63 -19.09 -51.03
N TRP H 272 -11.85 -20.14 -50.77
CA TRP H 272 -11.76 -21.28 -51.66
C TRP H 272 -12.39 -22.55 -51.08
N TYR H 273 -13.15 -22.42 -50.00
CA TYR H 273 -13.72 -23.62 -49.37
C TYR H 273 -14.87 -24.16 -50.22
N PRO H 274 -15.14 -25.46 -50.17
CA PRO H 274 -16.09 -26.08 -51.12
C PRO H 274 -17.53 -25.63 -50.99
N ASP H 275 -17.91 -24.96 -49.90
CA ASP H 275 -19.29 -24.53 -49.74
C ASP H 275 -19.55 -23.26 -50.55
N GLU H 276 -20.69 -22.64 -50.30
CA GLU H 276 -21.11 -21.44 -51.02
C GLU H 276 -20.18 -20.27 -50.71
N ASP H 277 -20.07 -19.35 -51.66
CA ASP H 277 -19.31 -18.13 -51.48
C ASP H 277 -20.19 -16.98 -51.00
N GLY H 278 -21.33 -17.29 -50.38
CA GLY H 278 -22.16 -16.26 -49.77
C GLY H 278 -21.59 -15.73 -48.48
N LEU H 279 -20.84 -16.55 -47.75
CA LEU H 279 -20.22 -16.07 -46.52
C LEU H 279 -19.02 -15.18 -46.80
N GLY H 280 -18.30 -15.44 -47.89
CA GLY H 280 -17.09 -14.72 -48.18
C GLY H 280 -15.90 -15.44 -47.59
N PRO H 281 -14.81 -14.72 -47.35
CA PRO H 281 -13.61 -15.36 -46.82
C PRO H 281 -13.77 -15.78 -45.37
N ILE H 282 -13.15 -16.91 -45.04
CA ILE H 282 -13.01 -17.37 -43.67
C ILE H 282 -11.54 -17.40 -43.36
N ALA H 283 -11.23 -17.69 -42.09
CA ALA H 283 -9.84 -17.74 -41.67
C ALA H 283 -9.18 -19.02 -42.14
N VAL H 284 -7.89 -18.93 -42.46
CA VAL H 284 -7.14 -20.09 -42.89
C VAL H 284 -6.83 -20.92 -41.66
N GLU H 285 -7.61 -21.98 -41.48
CA GLU H 285 -7.39 -22.98 -40.45
C GLU H 285 -7.47 -24.36 -41.09
N PRO H 286 -6.73 -25.34 -40.58
CA PRO H 286 -6.95 -26.71 -41.02
C PRO H 286 -8.31 -27.17 -40.52
N TYR H 287 -9.02 -27.90 -41.37
CA TYR H 287 -10.44 -28.23 -41.22
C TYR H 287 -11.24 -26.95 -41.03
N GLY H 288 -11.26 -26.12 -42.09
CA GLY H 288 -11.46 -24.68 -41.97
C GLY H 288 -12.73 -24.25 -41.29
N SER H 289 -12.55 -23.82 -40.05
CA SER H 289 -13.62 -23.76 -39.08
C SER H 289 -13.82 -22.33 -38.62
N VAL H 290 -15.09 -21.98 -38.42
CA VAL H 290 -15.46 -20.70 -37.85
C VAL H 290 -16.14 -20.96 -36.51
N THR H 291 -15.67 -20.29 -35.46
CA THR H 291 -16.21 -20.51 -34.13
C THR H 291 -17.59 -19.89 -33.98
N SER H 292 -17.86 -18.79 -34.69
CA SER H 292 -19.17 -18.17 -34.63
C SER H 292 -20.24 -19.06 -35.24
N GLN H 293 -20.02 -19.53 -36.45
CA GLN H 293 -21.02 -20.31 -37.16
C GLN H 293 -21.03 -21.77 -36.76
N GLY H 294 -20.08 -22.22 -35.93
CA GLY H 294 -20.10 -23.56 -35.40
C GLY H 294 -19.91 -24.67 -36.42
N LYS H 295 -19.41 -24.33 -37.59
CA LYS H 295 -19.32 -25.23 -38.73
C LYS H 295 -17.88 -25.29 -39.21
N ALA H 296 -17.44 -26.48 -39.57
CA ALA H 296 -16.13 -26.68 -40.14
C ALA H 296 -16.32 -26.87 -41.63
N TYR H 297 -16.00 -25.84 -42.42
CA TYR H 297 -15.77 -26.05 -43.83
C TYR H 297 -14.45 -26.77 -44.00
N ARG H 298 -14.22 -27.29 -45.20
CA ARG H 298 -13.08 -28.16 -45.50
C ARG H 298 -13.00 -29.32 -44.51
N GLN H 299 -14.11 -30.05 -44.43
CA GLN H 299 -14.13 -31.29 -43.65
C GLN H 299 -13.19 -32.30 -44.29
N PRO H 300 -12.67 -33.25 -43.51
CA PRO H 300 -11.81 -34.28 -44.10
C PRO H 300 -12.55 -35.32 -44.92
N LYS H 301 -13.88 -35.37 -44.88
CA LYS H 301 -14.59 -36.36 -45.68
C LYS H 301 -14.62 -35.98 -47.14
N GLN H 302 -14.82 -34.70 -47.43
CA GLN H 302 -14.39 -34.20 -48.72
C GLN H 302 -12.87 -34.01 -48.68
N LYS H 303 -12.24 -34.08 -49.84
CA LYS H 303 -10.78 -34.18 -49.82
C LYS H 303 -10.14 -32.80 -49.95
N LEU H 304 -10.50 -31.87 -49.06
CA LEU H 304 -10.11 -30.48 -49.22
C LEU H 304 -9.63 -29.81 -47.95
N ASP H 305 -9.37 -30.54 -46.88
CA ASP H 305 -8.76 -29.92 -45.72
C ASP H 305 -7.25 -29.80 -45.95
N PHE H 306 -6.56 -29.21 -44.97
CA PHE H 306 -5.15 -28.92 -45.15
C PHE H 306 -4.30 -30.18 -45.13
N TYR H 307 -4.70 -31.17 -44.33
CA TYR H 307 -3.85 -32.34 -44.16
C TYR H 307 -3.91 -33.28 -45.35
N THR H 308 -5.09 -33.51 -45.92
CA THR H 308 -5.16 -34.34 -47.11
C THR H 308 -4.50 -33.66 -48.31
N LEU H 309 -4.67 -32.35 -48.42
CA LEU H 309 -4.03 -31.61 -49.51
C LEU H 309 -2.52 -31.61 -49.36
N LEU H 310 -2.02 -31.48 -48.13
CA LEU H 310 -0.58 -31.50 -47.91
C LEU H 310 0.01 -32.89 -48.11
N ASP H 311 -0.65 -33.92 -47.57
CA ASP H 311 -0.19 -35.28 -47.69
C ASP H 311 -0.39 -35.85 -49.09
N ASN H 312 -1.16 -35.20 -49.95
CA ASN H 312 -1.16 -35.57 -51.35
C ASN H 312 -0.20 -34.74 -52.16
N TRP H 313 0.03 -33.50 -51.77
CA TRP H 313 0.93 -32.62 -52.52
C TRP H 313 2.38 -33.01 -52.30
N VAL H 314 2.72 -33.44 -51.09
CA VAL H 314 4.10 -33.69 -50.71
C VAL H 314 4.46 -35.16 -50.83
N LEU H 315 3.64 -36.05 -50.26
CA LEU H 315 3.99 -37.48 -50.25
C LEU H 315 3.82 -38.11 -51.62
N ARG H 316 2.60 -38.10 -52.14
CA ARG H 316 2.31 -38.80 -53.39
C ARG H 316 2.17 -37.86 -54.58
N ASP H 317 2.64 -36.61 -54.44
CA ASP H 317 2.89 -35.69 -55.55
C ASP H 317 1.62 -35.31 -56.31
N GLU H 318 0.47 -35.40 -55.66
CA GLU H 318 -0.79 -34.96 -56.25
C GLU H 318 -0.94 -33.48 -55.93
N ALA H 319 -0.50 -32.65 -56.86
CA ALA H 319 -0.61 -31.21 -56.67
C ALA H 319 -2.06 -30.79 -56.77
N PRO H 320 -2.61 -30.10 -55.77
CA PRO H 320 -4.02 -29.71 -55.81
C PRO H 320 -4.29 -28.59 -56.80
N ALA H 321 -5.50 -28.04 -56.75
CA ALA H 321 -5.80 -26.85 -57.51
C ALA H 321 -4.97 -25.68 -57.01
N VAL H 322 -4.87 -24.64 -57.85
CA VAL H 322 -4.03 -23.50 -57.57
C VAL H 322 -4.52 -22.75 -56.34
N GLU H 323 -5.83 -22.64 -56.20
CA GLU H 323 -6.41 -22.01 -55.02
C GLU H 323 -6.24 -22.88 -53.78
N GLN H 324 -6.25 -24.20 -53.95
CA GLN H 324 -6.06 -25.07 -52.80
C GLN H 324 -4.62 -25.09 -52.33
N GLN H 325 -3.66 -24.93 -53.24
CA GLN H 325 -2.30 -24.79 -52.76
C GLN H 325 -1.99 -23.39 -52.25
N HIS H 326 -2.75 -22.37 -52.70
CA HIS H 326 -2.76 -21.09 -52.00
C HIS H 326 -3.20 -21.27 -50.56
N TYR H 327 -4.24 -22.08 -50.34
CA TYR H 327 -4.73 -22.36 -48.99
C TYR H 327 -3.69 -23.10 -48.14
N VAL H 328 -3.00 -24.07 -48.75
CA VAL H 328 -2.00 -24.86 -48.04
C VAL H 328 -0.81 -24.01 -47.63
N ILE H 329 -0.31 -23.16 -48.54
CA ILE H 329 0.81 -22.30 -48.18
C ILE H 329 0.35 -21.19 -47.24
N ALA H 330 -0.94 -20.82 -47.25
CA ALA H 330 -1.46 -19.93 -46.23
C ALA H 330 -1.47 -20.57 -44.86
N ASN H 331 -1.71 -21.89 -44.79
CA ASN H 331 -1.55 -22.60 -43.51
C ASN H 331 -0.10 -22.70 -43.07
N LEU H 332 0.83 -22.85 -44.01
CA LEU H 332 2.23 -22.90 -43.62
C LEU H 332 2.73 -21.54 -43.16
N ILE H 333 2.18 -20.46 -43.72
CA ILE H 333 2.43 -19.12 -43.20
C ILE H 333 1.74 -18.95 -41.85
N ARG H 334 0.59 -19.61 -41.67
CA ARG H 334 -0.20 -19.47 -40.46
C ARG H 334 0.48 -20.08 -39.25
N GLY H 335 1.16 -21.20 -39.42
CA GLY H 335 1.74 -21.91 -38.31
C GLY H 335 0.91 -23.11 -37.93
N GLY H 336 1.38 -23.82 -36.93
CA GLY H 336 0.62 -24.92 -36.38
C GLY H 336 1.51 -26.06 -35.95
N VAL H 337 0.89 -27.01 -35.27
CA VAL H 337 1.54 -28.22 -34.80
C VAL H 337 0.98 -29.37 -35.62
N PHE H 338 1.64 -29.69 -36.72
CA PHE H 338 1.22 -30.77 -37.61
C PHE H 338 2.04 -32.00 -37.28
N GLY H 339 1.58 -33.15 -37.72
CA GLY H 339 2.25 -34.39 -37.44
C GLY H 339 1.45 -35.21 -36.44
N GLU H 340 1.52 -36.54 -36.59
CA GLU H 340 0.74 -37.45 -35.78
C GLU H 340 1.49 -37.81 -34.50
N ALA H 341 1.00 -38.82 -33.79
CA ALA H 341 1.65 -39.30 -32.58
C ALA H 341 2.67 -40.40 -32.91
N ILE I 7 45.98 -53.11 -18.18
CA ILE I 7 45.44 -53.24 -19.53
C ILE I 7 44.81 -51.93 -19.98
N LEU I 8 44.76 -50.99 -19.03
CA LEU I 8 44.20 -49.64 -19.21
C LEU I 8 42.73 -49.72 -19.64
N SER I 9 41.91 -50.21 -18.72
CA SER I 9 40.47 -50.15 -18.92
C SER I 9 39.98 -48.73 -18.68
N THR I 10 38.75 -48.47 -19.12
CA THR I 10 38.16 -47.16 -18.96
C THR I 10 37.75 -46.96 -17.50
N ALA I 11 37.73 -45.70 -17.07
CA ALA I 11 37.29 -45.38 -15.73
C ALA I 11 35.79 -45.65 -15.60
N SER I 12 35.41 -46.28 -14.49
CA SER I 12 34.00 -46.59 -14.28
C SER I 12 33.22 -45.36 -13.85
N VAL I 13 33.89 -44.35 -13.31
CA VAL I 13 33.30 -43.06 -13.02
C VAL I 13 34.10 -42.00 -13.74
N LEU I 14 33.46 -41.33 -14.71
CA LEU I 14 34.02 -40.15 -15.35
C LEU I 14 33.01 -39.02 -15.24
N ALA I 15 33.51 -37.84 -14.92
CA ALA I 15 32.63 -36.70 -14.76
C ALA I 15 33.45 -35.46 -14.99
N PHE I 16 33.11 -34.71 -16.03
CA PHE I 16 33.77 -33.45 -16.33
C PHE I 16 32.83 -32.32 -15.96
N GLU I 17 33.37 -31.29 -15.33
CA GLU I 17 32.55 -30.15 -14.99
C GLU I 17 32.27 -29.31 -16.22
N ARG I 18 31.28 -28.45 -16.10
CA ARG I 18 30.89 -27.56 -17.19
C ARG I 18 31.82 -26.35 -17.19
N LYS I 19 32.71 -26.30 -18.15
CA LYS I 19 33.34 -25.05 -18.51
C LYS I 19 32.37 -24.30 -19.41
N LEU I 20 32.61 -22.99 -19.56
CA LEU I 20 31.70 -22.07 -20.26
C LEU I 20 30.31 -22.10 -19.62
N ASP I 21 30.25 -21.55 -18.41
CA ASP I 21 29.10 -21.63 -17.54
C ASP I 21 28.31 -20.33 -17.57
N PRO I 22 27.26 -20.22 -18.39
CA PRO I 22 26.52 -18.97 -18.48
C PRO I 22 25.46 -18.87 -17.38
N SER I 23 24.80 -17.73 -17.34
CA SER I 23 23.72 -17.50 -16.42
C SER I 23 22.44 -17.25 -17.20
N ASP I 24 21.38 -16.94 -16.49
CA ASP I 24 20.09 -16.72 -17.12
C ASP I 24 20.10 -15.40 -17.88
N ALA I 25 19.72 -15.46 -19.14
CA ALA I 25 19.77 -14.31 -20.01
C ALA I 25 18.59 -13.41 -19.74
N LEU I 26 18.82 -12.37 -18.94
CA LEU I 26 17.77 -11.42 -18.58
C LEU I 26 17.39 -10.58 -19.77
N MET I 27 16.11 -10.59 -20.14
CA MET I 27 15.66 -9.75 -21.23
C MET I 27 14.89 -8.55 -20.70
N SER I 28 15.31 -7.37 -21.13
CA SER I 28 14.70 -6.07 -20.86
C SER I 28 14.46 -5.38 -22.20
N ALA I 29 13.94 -4.16 -22.15
CA ALA I 29 13.35 -3.58 -23.34
C ALA I 29 13.53 -2.08 -23.39
N GLY I 30 13.72 -1.57 -24.60
CA GLY I 30 13.79 -0.14 -24.79
C GLY I 30 13.87 0.17 -26.26
N ALA I 31 14.45 1.33 -26.56
CA ALA I 31 14.54 1.83 -27.92
C ALA I 31 15.98 1.78 -28.41
N TRP I 32 16.14 1.41 -29.68
CA TRP I 32 17.42 1.49 -30.36
C TRP I 32 17.86 2.95 -30.47
N ALA I 33 19.16 3.12 -30.69
CA ALA I 33 19.90 4.38 -30.65
C ALA I 33 19.87 5.05 -29.28
N GLN I 34 19.49 4.32 -28.23
CA GLN I 34 19.95 4.59 -26.88
C GLN I 34 20.29 3.27 -26.21
N ARG I 35 20.88 2.35 -26.98
CA ARG I 35 21.43 1.12 -26.45
C ARG I 35 22.61 1.39 -25.52
N ASP I 36 23.27 2.52 -25.67
CA ASP I 36 24.41 2.85 -24.84
C ASP I 36 24.01 3.26 -23.44
N ALA I 37 22.74 3.58 -23.22
CA ALA I 37 22.21 3.91 -21.91
C ALA I 37 21.24 2.85 -21.42
N SER I 38 21.49 1.60 -21.78
CA SER I 38 20.59 0.49 -21.48
C SER I 38 20.92 -0.19 -20.17
N GLN I 39 21.07 0.59 -19.12
CA GLN I 39 21.29 0.04 -17.79
C GLN I 39 20.09 0.26 -16.88
N GLU I 40 19.15 1.09 -17.28
CA GLU I 40 17.90 1.29 -16.57
C GLU I 40 16.72 0.99 -17.48
N TRP I 41 16.94 0.17 -18.50
CA TRP I 41 15.86 -0.27 -19.36
C TRP I 41 14.93 -1.17 -18.54
N PRO I 42 13.63 -0.97 -18.63
CA PRO I 42 12.71 -1.77 -17.83
C PRO I 42 12.65 -3.19 -18.35
N ALA I 43 12.43 -4.12 -17.43
CA ALA I 43 12.49 -5.52 -17.76
C ALA I 43 11.27 -5.95 -18.54
N VAL I 44 11.46 -6.90 -19.46
CA VAL I 44 10.33 -7.53 -20.10
C VAL I 44 9.66 -8.42 -19.08
N THR I 45 8.41 -8.14 -18.77
CA THR I 45 7.67 -8.89 -17.77
C THR I 45 6.81 -9.93 -18.48
N VAL I 46 6.60 -11.05 -17.81
CA VAL I 46 5.81 -12.15 -18.34
C VAL I 46 4.42 -12.02 -17.75
N ARG I 47 3.44 -11.85 -18.59
CA ARG I 47 2.06 -11.71 -18.16
C ARG I 47 1.23 -12.85 -18.73
N GLU I 48 -0.01 -12.92 -18.30
CA GLU I 48 -0.96 -13.92 -18.77
C GLU I 48 -1.87 -13.30 -19.80
N LYS I 49 -2.21 -14.08 -20.82
CA LYS I 49 -3.32 -13.70 -21.68
C LYS I 49 -4.13 -14.96 -21.95
N SER I 50 -5.37 -14.76 -22.34
CA SER I 50 -6.27 -15.86 -22.64
C SER I 50 -6.29 -16.11 -24.13
N VAL I 51 -6.18 -17.37 -24.51
CA VAL I 51 -6.36 -17.75 -25.91
C VAL I 51 -7.54 -18.69 -25.99
N ARG I 52 -8.23 -18.65 -27.12
CA ARG I 52 -9.25 -19.62 -27.48
C ARG I 52 -8.96 -20.06 -28.90
N GLY I 53 -8.82 -21.35 -29.09
CA GLY I 53 -8.45 -21.89 -30.38
C GLY I 53 -9.42 -22.96 -30.81
N THR I 54 -9.43 -23.24 -32.10
CA THR I 54 -10.21 -24.33 -32.62
C THR I 54 -9.30 -25.56 -32.62
N ILE I 55 -9.80 -26.70 -33.05
CA ILE I 55 -8.94 -27.86 -33.19
C ILE I 55 -8.21 -27.77 -34.53
N SER I 56 -6.93 -28.11 -34.51
CA SER I 56 -6.12 -28.08 -35.70
C SER I 56 -5.27 -29.32 -35.87
N ASN I 57 -5.17 -30.18 -34.86
CA ASN I 57 -4.36 -31.38 -34.95
C ASN I 57 -5.05 -32.41 -35.83
N ARG I 58 -4.28 -33.41 -36.24
CA ARG I 58 -4.77 -34.41 -37.17
C ARG I 58 -5.78 -35.32 -36.49
N LEU I 59 -6.89 -35.55 -37.18
CA LEU I 59 -7.86 -36.53 -36.72
C LEU I 59 -7.36 -37.93 -37.03
N LYS I 60 -7.74 -38.88 -36.17
CA LYS I 60 -7.15 -40.22 -36.14
C LYS I 60 -7.99 -41.23 -36.89
N THR I 61 -8.59 -40.83 -38.01
CA THR I 61 -9.31 -41.62 -39.05
C THR I 61 -10.55 -42.35 -38.56
N LYS I 62 -10.84 -42.26 -37.26
CA LYS I 62 -12.09 -42.72 -36.70
C LYS I 62 -12.96 -41.59 -36.19
N ASP I 63 -12.36 -40.42 -35.95
CA ASP I 63 -13.08 -39.23 -35.52
C ASP I 63 -13.12 -38.17 -36.61
N ARG I 64 -13.13 -38.57 -37.88
CA ARG I 64 -13.16 -37.66 -39.00
C ARG I 64 -14.57 -37.30 -39.44
N ASP I 65 -15.59 -37.92 -38.84
CA ASP I 65 -16.96 -37.71 -39.30
C ASP I 65 -17.42 -36.29 -38.95
N PRO I 66 -18.25 -35.67 -39.80
CA PRO I 66 -18.52 -34.24 -39.64
C PRO I 66 -19.32 -33.87 -38.40
N ALA I 67 -20.09 -34.80 -37.83
CA ALA I 67 -20.85 -34.48 -36.63
C ALA I 67 -19.94 -34.26 -35.43
N LYS I 68 -18.98 -35.16 -35.21
CA LYS I 68 -18.07 -35.02 -34.08
C LYS I 68 -17.12 -33.85 -34.27
N LEU I 69 -16.68 -33.60 -35.49
CA LEU I 69 -15.80 -32.46 -35.75
C LEU I 69 -16.53 -31.14 -35.57
N ASP I 70 -17.73 -31.02 -36.13
CA ASP I 70 -18.51 -29.78 -35.97
C ASP I 70 -18.96 -29.56 -34.55
N ALA I 71 -19.20 -30.63 -33.80
CA ALA I 71 -19.53 -30.48 -32.39
C ALA I 71 -18.29 -30.26 -31.54
N SER I 72 -17.11 -30.57 -32.07
CA SER I 72 -15.87 -30.33 -31.35
C SER I 72 -15.30 -28.94 -31.64
N ILE I 73 -15.75 -28.27 -32.69
CA ILE I 73 -15.35 -26.87 -32.80
C ILE I 73 -16.30 -25.97 -32.02
N GLN I 74 -17.44 -26.50 -31.57
CA GLN I 74 -18.34 -25.77 -30.70
C GLN I 74 -17.92 -25.84 -29.24
N SER I 75 -16.94 -26.66 -28.91
CA SER I 75 -16.38 -26.78 -27.56
C SER I 75 -14.89 -26.55 -27.66
N PRO I 76 -14.43 -25.30 -27.64
CA PRO I 76 -13.02 -25.03 -27.90
C PRO I 76 -12.19 -25.14 -26.63
N ASN I 77 -10.89 -25.33 -26.82
CA ASN I 77 -9.97 -25.33 -25.69
C ASN I 77 -9.63 -23.90 -25.34
N LEU I 78 -9.62 -23.61 -24.05
CA LEU I 78 -9.49 -22.27 -23.54
C LEU I 78 -8.28 -22.25 -22.61
N GLN I 79 -7.24 -21.57 -23.04
CA GLN I 79 -5.97 -21.63 -22.34
C GLN I 79 -5.59 -20.24 -21.85
N THR I 80 -4.92 -20.22 -20.72
CA THR I 80 -4.22 -19.04 -20.23
C THR I 80 -2.75 -19.31 -20.48
N VAL I 81 -2.14 -18.57 -21.37
CA VAL I 81 -0.74 -18.76 -21.71
C VAL I 81 0.04 -17.61 -21.13
N ASP I 82 1.32 -17.85 -20.88
CA ASP I 82 2.22 -16.76 -20.53
C ASP I 82 2.75 -16.13 -21.79
N VAL I 83 2.81 -14.81 -21.80
CA VAL I 83 3.25 -14.08 -22.98
C VAL I 83 4.17 -12.96 -22.53
N ALA I 84 5.31 -12.85 -23.18
CA ALA I 84 6.25 -11.77 -22.96
C ALA I 84 6.31 -10.98 -24.25
N ASN I 85 6.03 -9.70 -24.16
CA ASN I 85 6.06 -8.79 -25.30
C ASN I 85 6.93 -7.59 -24.94
N LEU I 86 7.47 -6.95 -25.96
CA LEU I 86 8.03 -5.64 -25.76
C LEU I 86 6.90 -4.64 -25.49
N PRO I 87 7.20 -3.51 -24.86
CA PRO I 87 6.18 -2.47 -24.73
C PRO I 87 5.88 -1.85 -26.08
N SER I 88 4.78 -1.11 -26.12
CA SER I 88 4.34 -0.50 -27.36
C SER I 88 5.14 0.73 -27.74
N ASP I 89 6.09 1.16 -26.92
CA ASP I 89 6.99 2.25 -27.24
C ASP I 89 8.44 1.81 -27.23
N ALA I 90 8.68 0.51 -27.42
CA ALA I 90 10.02 -0.05 -27.36
C ALA I 90 10.15 -1.07 -28.46
N ASP I 91 11.14 -0.90 -29.33
CA ASP I 91 11.34 -1.79 -30.46
C ASP I 91 12.58 -2.65 -30.33
N THR I 92 13.31 -2.54 -29.23
CA THR I 92 14.59 -3.21 -29.08
C THR I 92 14.56 -4.09 -27.84
N LEU I 93 14.97 -5.34 -28.02
CA LEU I 93 15.05 -6.29 -26.92
C LEU I 93 16.50 -6.45 -26.50
N LYS I 94 16.79 -6.14 -25.24
CA LYS I 94 18.13 -6.28 -24.68
C LYS I 94 18.17 -7.56 -23.87
N VAL I 95 18.96 -8.53 -24.32
CA VAL I 95 19.14 -9.80 -23.63
C VAL I 95 20.55 -9.84 -23.07
N ARG I 96 20.68 -9.96 -21.76
CA ARG I 96 21.94 -9.81 -21.06
C ARG I 96 22.21 -11.00 -20.17
N PHE I 97 23.42 -11.55 -20.22
CA PHE I 97 23.83 -12.58 -19.30
C PHE I 97 25.32 -12.44 -19.03
N THR I 98 25.84 -13.29 -18.14
CA THR I 98 27.24 -13.32 -17.79
C THR I 98 27.77 -14.71 -18.13
N LEU I 99 29.02 -14.79 -18.56
CA LEU I 99 29.62 -16.05 -18.94
C LEU I 99 30.94 -16.23 -18.20
N ARG I 100 31.07 -17.33 -17.48
CA ARG I 100 32.30 -17.71 -16.82
C ARG I 100 32.98 -18.80 -17.64
N VAL I 101 34.19 -18.54 -18.08
CA VAL I 101 35.01 -19.50 -18.81
C VAL I 101 36.03 -20.03 -17.83
N LEU I 102 35.80 -21.22 -17.29
CA LEU I 102 36.39 -21.60 -16.01
C LEU I 102 37.84 -22.04 -16.14
N GLY I 103 38.11 -23.07 -16.92
CA GLY I 103 39.51 -23.40 -17.09
C GLY I 103 39.97 -24.57 -16.24
N GLY I 104 40.84 -25.39 -16.82
CA GLY I 104 41.05 -26.73 -16.35
C GLY I 104 40.17 -27.65 -17.17
N ALA I 105 40.26 -27.52 -18.49
CA ALA I 105 39.23 -28.06 -19.36
C ALA I 105 39.35 -29.57 -19.57
N GLY I 106 40.51 -30.14 -19.33
CA GLY I 106 40.66 -31.56 -19.52
C GLY I 106 40.69 -32.33 -18.22
N THR I 107 40.78 -31.64 -17.10
CA THR I 107 40.84 -32.29 -15.79
C THR I 107 39.46 -32.75 -15.38
N PRO I 108 39.24 -34.06 -15.19
CA PRO I 108 37.92 -34.53 -14.79
C PRO I 108 37.63 -34.25 -13.33
N SER I 109 36.35 -33.98 -13.06
CA SER I 109 35.90 -33.79 -11.69
C SER I 109 35.84 -35.10 -10.91
N ALA I 110 35.73 -36.22 -11.61
CA ALA I 110 35.75 -37.53 -10.99
C ALA I 110 36.39 -38.50 -11.95
N CYS I 111 37.37 -39.25 -11.47
CA CYS I 111 38.01 -40.29 -12.28
C CYS I 111 38.48 -41.38 -11.34
N ASN I 112 38.06 -42.62 -11.62
CA ASN I 112 38.51 -43.75 -10.81
C ASN I 112 39.99 -44.02 -11.01
N ASP I 113 40.38 -44.40 -12.22
CA ASP I 113 41.72 -44.90 -12.47
C ASP I 113 42.70 -43.74 -12.51
N ALA I 114 43.76 -43.83 -11.71
CA ALA I 114 44.84 -42.87 -11.82
C ALA I 114 45.62 -43.06 -13.11
N ALA I 115 45.63 -44.28 -13.64
CA ALA I 115 46.25 -44.53 -14.93
C ALA I 115 45.48 -43.86 -16.06
N TYR I 116 44.15 -44.04 -16.07
CA TYR I 116 43.32 -43.37 -17.06
C TYR I 116 43.32 -41.86 -16.87
N ARG I 117 43.40 -41.40 -15.63
CA ARG I 117 43.44 -39.95 -15.38
C ARG I 117 44.72 -39.34 -15.90
N ASP I 118 45.86 -40.00 -15.65
CA ASP I 118 47.14 -39.49 -16.12
C ASP I 118 47.23 -39.57 -17.63
N LYS I 119 46.66 -40.63 -18.23
CA LYS I 119 46.70 -40.76 -19.68
C LYS I 119 45.78 -39.75 -20.35
N LEU I 120 44.64 -39.44 -19.73
CA LEU I 120 43.74 -38.43 -20.28
C LEU I 120 44.32 -37.03 -20.14
N LEU I 121 45.01 -36.75 -19.02
CA LEU I 121 45.67 -35.45 -18.90
C LEU I 121 46.84 -35.33 -19.86
N GLN I 122 47.56 -36.44 -20.11
CA GLN I 122 48.63 -36.44 -21.10
C GLN I 122 48.08 -36.22 -22.50
N THR I 123 46.92 -36.82 -22.79
CA THR I 123 46.29 -36.68 -24.10
C THR I 123 45.77 -35.26 -24.32
N VAL I 124 45.12 -34.69 -23.30
CA VAL I 124 44.63 -33.31 -23.37
C VAL I 124 45.79 -32.32 -23.51
N ALA I 125 46.89 -32.56 -22.78
CA ALA I 125 48.04 -31.65 -22.90
C ALA I 125 48.73 -31.80 -24.25
N THR I 126 48.75 -33.01 -24.81
CA THR I 126 49.25 -33.22 -26.17
C THR I 126 48.42 -32.44 -27.18
N TYR I 127 47.10 -32.46 -27.01
CA TYR I 127 46.20 -31.66 -27.85
C TYR I 127 46.51 -30.18 -27.71
N VAL I 128 46.56 -29.69 -26.46
CA VAL I 128 46.65 -28.25 -26.20
C VAL I 128 47.98 -27.69 -26.66
N ASN I 129 49.06 -28.47 -26.54
CA ASN I 129 50.34 -28.03 -27.09
C ASN I 129 50.34 -28.14 -28.61
N ASP I 130 49.73 -29.20 -29.16
CA ASP I 130 49.71 -29.37 -30.61
C ASP I 130 48.77 -28.38 -31.27
N GLN I 131 47.59 -28.20 -30.70
CA GLN I 131 46.63 -27.21 -31.18
C GLN I 131 45.75 -26.80 -30.01
N GLY I 132 45.92 -25.56 -29.53
CA GLY I 132 45.27 -25.15 -28.32
C GLY I 132 43.77 -24.94 -28.50
N PHE I 133 43.19 -24.28 -27.52
CA PHE I 133 41.77 -23.95 -27.65
C PHE I 133 41.60 -22.77 -28.60
N ALA I 134 41.94 -22.93 -29.87
CA ALA I 134 41.87 -21.84 -30.82
C ALA I 134 40.89 -22.08 -31.93
N GLU I 135 40.58 -23.34 -32.21
CA GLU I 135 39.45 -23.64 -33.08
C GLU I 135 38.16 -23.72 -32.31
N LEU I 136 38.21 -24.26 -31.09
CA LEU I 136 37.02 -24.33 -30.26
C LEU I 136 36.58 -22.95 -29.81
N ALA I 137 37.52 -22.16 -29.28
CA ALA I 137 37.14 -20.87 -28.72
C ALA I 137 36.81 -19.85 -29.79
N ARG I 138 37.30 -20.06 -31.02
CA ARG I 138 36.86 -19.24 -32.15
C ARG I 138 35.39 -19.47 -32.43
N ARG I 139 34.94 -20.71 -32.33
CA ARG I 139 33.54 -21.01 -32.59
C ARG I 139 32.65 -20.62 -31.41
N TYR I 140 33.17 -20.73 -30.17
CA TYR I 140 32.45 -20.21 -29.01
C TYR I 140 32.33 -18.70 -29.08
N ALA I 141 33.37 -18.02 -29.56
CA ALA I 141 33.32 -16.58 -29.74
C ALA I 141 32.40 -16.18 -30.88
N HIS I 142 32.26 -17.05 -31.89
CA HIS I 142 31.27 -16.81 -32.93
C HIS I 142 29.87 -16.89 -32.37
N ASN I 143 29.56 -17.96 -31.62
CA ASN I 143 28.23 -18.13 -31.06
C ASN I 143 27.93 -17.13 -29.97
N LEU I 144 28.94 -16.48 -29.40
CA LEU I 144 28.69 -15.26 -28.66
C LEU I 144 28.41 -14.10 -29.61
N ALA I 145 29.21 -13.97 -30.66
CA ALA I 145 29.23 -12.76 -31.49
C ALA I 145 27.99 -12.67 -32.36
N ASN I 146 27.65 -13.73 -33.07
CA ASN I 146 26.29 -13.83 -33.58
C ASN I 146 25.41 -14.29 -32.43
N ALA I 147 24.27 -13.65 -32.26
CA ALA I 147 23.44 -13.92 -31.11
C ALA I 147 22.60 -15.17 -31.37
N ARG I 148 23.29 -16.31 -31.33
CA ARG I 148 22.58 -17.57 -31.41
C ARG I 148 21.80 -17.87 -30.14
N PHE I 149 22.19 -17.25 -29.03
CA PHE I 149 21.48 -17.40 -27.77
C PHE I 149 20.17 -16.65 -27.76
N LEU I 150 20.01 -15.69 -28.67
CA LEU I 150 18.71 -15.17 -29.04
C LEU I 150 18.11 -16.20 -29.98
N TRP I 151 17.25 -17.07 -29.46
CA TRP I 151 16.90 -18.24 -30.25
C TRP I 151 15.82 -17.94 -31.28
N ARG I 152 14.62 -17.59 -30.82
CA ARG I 152 13.57 -17.11 -31.68
C ARG I 152 13.48 -15.60 -31.66
N ASN I 153 14.28 -14.95 -30.83
CA ASN I 153 14.36 -13.50 -30.76
C ASN I 153 15.27 -12.92 -31.83
N ARG I 154 15.82 -13.77 -32.69
CA ARG I 154 16.74 -13.39 -33.74
C ARG I 154 16.14 -13.55 -35.13
N VAL I 155 15.07 -14.33 -35.26
CA VAL I 155 14.63 -14.82 -36.58
C VAL I 155 13.91 -13.78 -37.42
N GLY I 156 13.68 -12.59 -36.90
CA GLY I 156 13.06 -11.57 -37.71
C GLY I 156 13.55 -10.19 -37.38
N ALA I 157 14.67 -10.11 -36.69
CA ALA I 157 15.15 -8.84 -36.18
C ALA I 157 15.73 -8.00 -37.31
N GLU I 158 15.48 -6.70 -37.24
CA GLU I 158 16.03 -5.79 -38.23
C GLU I 158 17.53 -5.64 -38.06
N ALA I 159 18.01 -5.66 -36.81
CA ALA I 159 19.41 -5.52 -36.53
C ALA I 159 19.68 -6.11 -35.16
N VAL I 160 20.61 -7.06 -35.08
CA VAL I 160 21.09 -7.60 -33.83
C VAL I 160 22.50 -7.06 -33.62
N GLU I 161 22.79 -6.66 -32.39
CA GLU I 161 24.11 -6.12 -32.05
C GLU I 161 24.54 -6.66 -30.70
N VAL I 162 25.65 -7.39 -30.68
CA VAL I 162 26.14 -8.06 -29.49
C VAL I 162 27.32 -7.30 -28.92
N ARG I 163 27.26 -6.97 -27.63
CA ARG I 163 28.35 -6.32 -26.92
C ARG I 163 28.87 -7.23 -25.84
N ILE I 164 30.17 -7.49 -25.85
CA ILE I 164 30.84 -8.41 -24.94
C ILE I 164 31.91 -7.65 -24.21
N ASN I 165 31.88 -7.70 -22.88
CA ASN I 165 32.82 -6.95 -22.04
C ASN I 165 33.58 -7.92 -21.15
N HIS I 166 34.90 -7.95 -21.30
CA HIS I 166 35.75 -8.71 -20.40
C HIS I 166 35.78 -7.99 -19.06
N ILE I 167 35.10 -8.56 -18.07
CA ILE I 167 35.00 -7.96 -16.76
C ILE I 167 36.16 -8.46 -15.91
N ARG I 168 37.10 -7.56 -15.63
CA ARG I 168 38.21 -7.82 -14.72
C ARG I 168 37.73 -7.50 -13.30
N GLN I 169 38.67 -7.29 -12.37
CA GLN I 169 38.48 -7.19 -10.93
C GLN I 169 37.35 -6.27 -10.49
N GLY I 170 37.14 -5.16 -11.19
CA GLY I 170 35.95 -4.38 -10.91
C GLY I 170 35.28 -3.73 -12.09
N GLU I 171 35.81 -3.89 -13.30
CA GLU I 171 35.37 -3.06 -14.40
C GLU I 171 35.73 -3.73 -15.72
N VAL I 172 35.33 -3.08 -16.81
CA VAL I 172 35.51 -3.61 -18.16
C VAL I 172 36.98 -3.51 -18.54
N ALA I 173 37.63 -4.65 -18.72
CA ALA I 173 39.02 -4.65 -19.13
C ALA I 173 39.17 -4.50 -20.64
N ARG I 174 38.26 -5.08 -21.41
CA ARG I 174 38.30 -5.02 -22.86
C ARG I 174 36.91 -5.28 -23.39
N ALA I 175 36.42 -4.40 -24.25
CA ALA I 175 35.04 -4.43 -24.72
C ALA I 175 34.99 -4.71 -26.21
N TRP I 176 34.04 -5.56 -26.61
CA TRP I 176 33.79 -5.88 -28.00
C TRP I 176 32.40 -5.40 -28.38
N ARG I 177 32.13 -5.37 -29.69
CA ARG I 177 30.85 -4.93 -30.22
C ARG I 177 30.72 -5.46 -31.63
N PHE I 178 29.69 -6.28 -31.87
CA PHE I 178 29.56 -7.02 -33.11
C PHE I 178 28.24 -6.73 -33.79
N ASP I 179 28.24 -6.82 -35.11
CA ASP I 179 27.02 -6.87 -35.89
C ASP I 179 26.68 -8.34 -36.05
N ALA I 180 25.70 -8.80 -35.27
CA ALA I 180 25.43 -10.23 -35.19
C ALA I 180 24.72 -10.79 -36.40
N LEU I 181 24.23 -9.95 -37.31
CA LEU I 181 23.59 -10.44 -38.51
C LEU I 181 24.55 -10.57 -39.68
N ALA I 182 25.69 -9.87 -39.64
CA ALA I 182 26.74 -10.12 -40.62
C ALA I 182 27.45 -11.42 -40.33
N ILE I 183 27.79 -11.65 -39.06
CA ILE I 183 28.32 -12.93 -38.60
C ILE I 183 27.19 -13.95 -38.67
N GLY I 184 27.29 -14.88 -39.59
CA GLY I 184 26.19 -15.79 -39.82
C GLY I 184 26.07 -16.86 -38.77
N LEU I 185 24.95 -17.58 -38.82
CA LEU I 185 24.75 -18.70 -37.94
C LEU I 185 25.34 -20.00 -38.46
N ARG I 186 26.10 -19.96 -39.55
CA ARG I 186 26.67 -21.19 -40.08
C ARG I 186 28.11 -21.11 -40.57
N ASP I 187 28.75 -19.96 -40.55
CA ASP I 187 30.12 -19.84 -41.05
C ASP I 187 31.02 -19.37 -39.93
N PHE I 188 32.01 -20.19 -39.59
CA PHE I 188 32.99 -19.86 -38.56
C PHE I 188 34.22 -19.30 -39.27
N LYS I 189 34.10 -18.04 -39.70
CA LYS I 189 35.14 -17.39 -40.47
C LYS I 189 36.18 -16.77 -39.54
N ALA I 190 37.01 -15.88 -40.08
CA ALA I 190 38.05 -15.23 -39.30
C ALA I 190 37.79 -13.73 -39.24
N ASP I 191 38.22 -13.12 -38.14
CA ASP I 191 38.02 -11.71 -37.87
C ASP I 191 38.99 -11.33 -36.77
N ALA I 192 39.41 -10.06 -36.76
CA ALA I 192 40.43 -9.64 -35.79
C ALA I 192 39.85 -9.59 -34.38
N GLU I 193 38.68 -8.96 -34.22
CA GLU I 193 38.07 -8.86 -32.90
C GLU I 193 37.56 -10.21 -32.41
N LEU I 194 37.05 -11.04 -33.32
CA LEU I 194 36.70 -12.41 -32.97
C LEU I 194 37.92 -13.21 -32.56
N ASP I 195 39.07 -12.96 -33.18
CA ASP I 195 40.28 -13.66 -32.76
C ASP I 195 40.77 -13.18 -31.41
N ALA I 196 40.57 -11.90 -31.08
CA ALA I 196 40.91 -11.42 -29.74
C ALA I 196 40.00 -12.04 -28.68
N LEU I 197 38.70 -12.11 -28.96
CA LEU I 197 37.76 -12.75 -28.03
C LEU I 197 38.03 -14.25 -27.91
N ALA I 198 38.44 -14.87 -29.02
CA ALA I 198 38.78 -16.30 -29.00
C ALA I 198 40.05 -16.55 -28.20
N GLU I 199 41.03 -15.65 -28.31
CA GLU I 199 42.24 -15.79 -27.50
C GLU I 199 41.95 -15.56 -26.02
N LEU I 200 40.97 -14.71 -25.71
CA LEU I 200 40.57 -14.54 -24.31
C LEU I 200 39.85 -15.78 -23.78
N ILE I 201 38.95 -16.35 -24.56
CA ILE I 201 38.27 -17.57 -24.14
C ILE I 201 39.25 -18.74 -24.06
N ALA I 202 40.27 -18.73 -24.91
CA ALA I 202 41.34 -19.73 -24.84
C ALA I 202 42.17 -19.57 -23.58
N SER I 203 42.55 -18.35 -23.24
CA SER I 203 43.31 -18.10 -22.03
C SER I 203 42.48 -18.35 -20.78
N GLY I 204 41.17 -18.28 -20.90
CA GLY I 204 40.33 -18.72 -19.80
C GLY I 204 40.27 -20.22 -19.69
N LEU I 205 40.05 -20.91 -20.81
CA LEU I 205 39.95 -22.37 -20.82
C LEU I 205 41.27 -23.06 -20.51
N SER I 206 42.39 -22.38 -20.67
CA SER I 206 43.70 -22.94 -20.36
C SER I 206 44.11 -22.67 -18.92
N GLY I 207 43.87 -21.45 -18.42
CA GLY I 207 44.37 -21.06 -17.13
C GLY I 207 43.64 -21.72 -15.97
N SER I 208 44.15 -21.45 -14.78
CA SER I 208 43.59 -22.05 -13.57
C SER I 208 42.43 -21.25 -13.01
N GLY I 209 42.22 -20.03 -13.48
CA GLY I 209 41.12 -19.21 -13.03
C GLY I 209 40.14 -18.88 -14.15
N HIS I 210 39.02 -18.30 -13.76
CA HIS I 210 37.92 -18.04 -14.68
C HIS I 210 38.08 -16.69 -15.37
N VAL I 211 37.57 -16.62 -16.59
CA VAL I 211 37.40 -15.39 -17.35
C VAL I 211 35.92 -15.06 -17.38
N LEU I 212 35.57 -13.87 -16.92
CA LEU I 212 34.18 -13.44 -16.86
C LEU I 212 33.91 -12.44 -17.97
N LEU I 213 32.89 -12.71 -18.77
CA LEU I 213 32.42 -11.84 -19.83
C LEU I 213 31.00 -11.41 -19.53
N GLU I 214 30.61 -10.26 -20.07
CA GLU I 214 29.24 -9.76 -19.95
C GLU I 214 28.70 -9.58 -21.36
N VAL I 215 27.82 -10.50 -21.78
CA VAL I 215 27.32 -10.51 -23.14
C VAL I 215 25.95 -9.86 -23.14
N VAL I 216 25.81 -8.76 -23.89
CA VAL I 216 24.56 -8.04 -24.06
C VAL I 216 24.23 -8.01 -25.55
N ALA I 217 23.02 -8.44 -25.90
CA ALA I 217 22.61 -8.48 -27.30
C ALA I 217 21.30 -7.75 -27.48
N PHE I 218 21.32 -6.68 -28.26
CA PHE I 218 20.13 -5.90 -28.57
C PHE I 218 19.58 -6.31 -29.92
N ALA I 219 18.29 -6.62 -29.98
CA ALA I 219 17.64 -7.05 -31.21
C ALA I 219 16.49 -6.11 -31.52
N ARG I 220 16.57 -5.41 -32.65
CA ARG I 220 15.55 -4.46 -33.05
C ARG I 220 14.41 -5.22 -33.70
N ILE I 221 13.44 -5.63 -32.88
CA ILE I 221 12.34 -6.45 -33.36
C ILE I 221 11.24 -5.56 -33.93
N GLY I 222 10.69 -4.70 -33.09
CA GLY I 222 9.59 -3.85 -33.47
C GLY I 222 8.80 -3.47 -32.23
N ASP I 223 7.96 -2.46 -32.40
CA ASP I 223 7.16 -1.95 -31.30
C ASP I 223 6.13 -2.98 -30.88
N GLY I 224 6.19 -3.39 -29.62
CA GLY I 224 5.15 -4.22 -29.05
C GLY I 224 5.19 -5.67 -29.46
N GLN I 225 6.21 -6.09 -30.21
CA GLN I 225 6.27 -7.44 -30.74
C GLN I 225 6.55 -8.43 -29.63
N GLU I 226 6.35 -9.70 -29.96
CA GLU I 226 6.56 -10.77 -28.99
C GLU I 226 8.03 -11.11 -28.90
N VAL I 227 8.53 -11.19 -27.68
CA VAL I 227 9.81 -11.78 -27.41
C VAL I 227 9.55 -13.18 -26.89
N PHE I 228 10.56 -14.03 -27.00
CA PHE I 228 10.39 -15.46 -26.75
C PHE I 228 11.37 -15.90 -25.68
N PRO I 229 11.06 -15.72 -24.41
CA PRO I 229 11.88 -16.28 -23.34
C PRO I 229 11.68 -17.78 -23.26
N SER I 230 12.47 -18.41 -22.40
CA SER I 230 12.43 -19.85 -22.30
C SER I 230 11.15 -20.28 -21.61
N GLN I 231 10.64 -21.43 -22.01
CA GLN I 231 9.40 -21.98 -21.49
C GLN I 231 9.77 -23.06 -20.50
N GLU I 232 8.99 -23.19 -19.43
CA GLU I 232 9.39 -24.05 -18.34
C GLU I 232 8.83 -25.45 -18.53
N LEU I 233 9.67 -26.45 -18.28
CA LEU I 233 9.27 -27.84 -18.39
C LEU I 233 8.53 -28.20 -17.12
N ILE I 234 7.21 -28.09 -17.17
CA ILE I 234 6.35 -28.35 -16.04
C ILE I 234 5.48 -29.55 -16.41
N LEU I 235 5.85 -30.71 -15.90
CA LEU I 235 4.91 -31.81 -15.89
C LEU I 235 3.90 -31.59 -14.76
N ASP I 236 2.73 -32.21 -14.91
CA ASP I 236 1.59 -32.06 -13.99
C ASP I 236 1.16 -30.60 -13.88
N LYS I 237 0.59 -30.11 -14.98
CA LYS I 237 0.01 -28.77 -14.95
C LYS I 237 -1.26 -28.71 -14.13
N GLY I 238 -1.96 -29.84 -13.97
CA GLY I 238 -3.11 -29.88 -13.08
C GLY I 238 -4.43 -30.07 -13.78
N ASP I 239 -5.53 -29.77 -13.09
CA ASP I 239 -6.85 -29.84 -13.69
C ASP I 239 -7.01 -28.79 -14.76
N LYS I 240 -7.79 -29.12 -15.79
CA LYS I 240 -7.84 -28.33 -17.02
C LYS I 240 -8.58 -27.00 -16.87
N LYS I 241 -9.23 -26.74 -15.74
CA LYS I 241 -9.99 -25.51 -15.59
C LYS I 241 -9.07 -24.31 -15.42
N GLY I 242 -8.26 -24.29 -14.38
CA GLY I 242 -7.39 -23.16 -14.14
C GLY I 242 -5.98 -23.43 -14.61
N GLN I 243 -5.84 -24.34 -15.56
CA GLN I 243 -4.54 -24.77 -16.04
C GLN I 243 -3.91 -23.69 -16.90
N LYS I 244 -2.66 -23.36 -16.61
CA LYS I 244 -1.88 -22.45 -17.45
C LYS I 244 -1.10 -23.30 -18.44
N SER I 245 -1.48 -23.22 -19.72
CA SER I 245 -0.98 -24.19 -20.68
C SER I 245 0.43 -23.87 -21.15
N LYS I 246 0.94 -22.69 -20.81
CA LYS I 246 2.30 -22.33 -21.18
C LYS I 246 2.84 -21.37 -20.13
N THR I 247 3.96 -21.72 -19.54
CA THR I 247 4.60 -20.92 -18.51
C THR I 247 5.94 -20.45 -19.02
N LEU I 248 6.16 -19.15 -19.04
CA LEU I 248 7.42 -18.58 -19.52
C LEU I 248 8.33 -18.30 -18.34
N TYR I 249 9.62 -18.49 -18.54
CA TYR I 249 10.57 -18.40 -17.45
C TYR I 249 10.91 -16.95 -17.19
N SER I 250 11.00 -16.60 -15.91
CA SER I 250 11.33 -15.26 -15.48
C SER I 250 11.97 -15.35 -14.12
N VAL I 251 13.10 -14.67 -13.92
CA VAL I 251 13.79 -14.80 -12.64
C VAL I 251 13.12 -13.95 -11.56
N ARG I 252 13.15 -12.62 -11.66
CA ARG I 252 12.49 -11.86 -10.60
C ARG I 252 11.64 -10.76 -11.27
N ASP I 253 10.42 -11.14 -11.65
CA ASP I 253 9.49 -10.30 -12.40
C ASP I 253 10.16 -9.71 -13.64
N ALA I 254 10.89 -10.57 -14.36
CA ALA I 254 11.76 -10.14 -15.44
C ALA I 254 12.03 -11.36 -16.29
N ALA I 255 11.58 -11.35 -17.54
CA ALA I 255 11.64 -12.54 -18.39
C ALA I 255 13.07 -12.94 -18.64
N ALA I 256 13.29 -14.22 -18.88
CA ALA I 256 14.64 -14.71 -19.00
C ALA I 256 14.69 -15.94 -19.88
N ILE I 257 15.87 -16.20 -20.41
CA ILE I 257 16.20 -17.45 -21.06
C ILE I 257 17.00 -18.28 -20.08
N HIS I 258 16.72 -19.58 -20.05
CA HIS I 258 17.41 -20.51 -19.16
C HIS I 258 18.90 -20.52 -19.45
N SER I 259 19.69 -20.84 -18.43
CA SER I 259 21.13 -20.88 -18.60
C SER I 259 21.57 -22.04 -19.46
N GLN I 260 20.84 -23.15 -19.42
CA GLN I 260 21.22 -24.29 -20.24
C GLN I 260 20.82 -24.08 -21.69
N LYS I 261 19.86 -23.19 -21.95
CA LYS I 261 19.54 -22.82 -23.33
C LYS I 261 20.63 -21.94 -23.92
N ILE I 262 21.15 -20.99 -23.13
CA ILE I 262 22.27 -20.17 -23.56
C ILE I 262 23.51 -21.01 -23.78
N GLY I 263 23.75 -21.96 -22.87
CA GLY I 263 24.87 -22.88 -23.06
C GLY I 263 24.72 -23.76 -24.27
N ASN I 264 23.49 -24.19 -24.56
CA ASN I 264 23.23 -25.01 -25.74
C ASN I 264 23.46 -24.21 -27.02
N ALA I 265 23.19 -22.92 -26.98
CA ALA I 265 23.50 -22.09 -28.14
C ALA I 265 25.00 -21.87 -28.28
N LEU I 266 25.70 -21.71 -27.16
CA LEU I 266 27.14 -21.50 -27.20
C LEU I 266 27.90 -22.72 -27.70
N ARG I 267 27.41 -23.91 -27.39
CA ARG I 267 28.07 -25.13 -27.79
C ARG I 267 27.87 -25.49 -29.25
N THR I 268 27.02 -24.75 -29.98
CA THR I 268 26.67 -25.10 -31.35
C THR I 268 27.87 -24.75 -32.23
N ILE I 269 28.84 -25.66 -32.23
CA ILE I 269 30.11 -25.45 -32.91
C ILE I 269 30.39 -26.65 -33.80
N ASP I 270 29.58 -27.69 -33.67
CA ASP I 270 29.90 -28.99 -34.25
C ASP I 270 29.51 -29.03 -35.72
N THR I 271 30.45 -28.67 -36.58
CA THR I 271 30.33 -28.86 -38.01
C THR I 271 31.13 -30.06 -38.49
N TRP I 272 31.38 -31.01 -37.62
CA TRP I 272 32.28 -32.13 -37.91
C TRP I 272 31.56 -33.47 -37.95
N TYR I 273 30.26 -33.49 -37.79
CA TYR I 273 29.52 -34.73 -37.73
C TYR I 273 29.34 -35.30 -39.14
N PRO I 274 29.33 -36.64 -39.28
CA PRO I 274 29.51 -37.25 -40.61
C PRO I 274 28.35 -37.04 -41.56
N ASP I 275 27.15 -36.80 -41.06
CA ASP I 275 26.02 -36.53 -41.94
C ASP I 275 26.21 -35.16 -42.60
N GLU I 276 25.50 -34.96 -43.71
CA GLU I 276 25.65 -33.73 -44.46
C GLU I 276 25.14 -32.53 -43.67
N ASP I 277 25.74 -31.38 -43.94
CA ASP I 277 25.49 -30.19 -43.13
C ASP I 277 24.39 -29.33 -43.77
N GLY I 278 23.22 -29.96 -43.92
CA GLY I 278 22.03 -29.20 -44.18
C GLY I 278 21.63 -28.35 -42.99
N LEU I 279 22.00 -28.79 -41.78
CA LEU I 279 21.76 -27.98 -40.59
C LEU I 279 22.89 -27.01 -40.33
N GLY I 280 24.11 -27.37 -40.69
CA GLY I 280 25.27 -26.61 -40.33
C GLY I 280 25.79 -27.08 -39.00
N PRO I 281 26.11 -26.15 -38.10
CA PRO I 281 26.56 -26.55 -36.77
C PRO I 281 25.41 -27.06 -35.91
N ILE I 282 25.69 -28.12 -35.16
CA ILE I 282 24.80 -28.61 -34.11
C ILE I 282 25.54 -28.47 -32.78
N ALA I 283 24.83 -28.75 -31.70
CA ALA I 283 25.42 -28.64 -30.37
C ALA I 283 26.30 -29.84 -30.09
N VAL I 284 27.35 -29.61 -29.32
CA VAL I 284 28.30 -30.67 -28.99
C VAL I 284 27.69 -31.54 -27.90
N GLU I 285 27.39 -32.78 -28.25
CA GLU I 285 26.81 -33.77 -27.35
C GLU I 285 27.43 -35.12 -27.67
N PRO I 286 27.56 -35.99 -26.68
CA PRO I 286 27.86 -37.39 -27.00
C PRO I 286 26.65 -38.01 -27.68
N TYR I 287 26.91 -38.75 -28.76
CA TYR I 287 25.91 -39.17 -29.73
C TYR I 287 25.09 -37.98 -30.21
N GLY I 288 25.74 -37.13 -31.00
CA GLY I 288 25.31 -35.76 -31.22
C GLY I 288 23.91 -35.60 -31.77
N SER I 289 23.01 -35.22 -30.88
CA SER I 289 21.58 -35.41 -31.05
C SER I 289 20.86 -34.08 -30.98
N VAL I 290 20.19 -33.72 -32.06
CA VAL I 290 19.46 -32.47 -32.12
C VAL I 290 18.05 -32.72 -31.60
N THR I 291 17.66 -32.00 -30.55
CA THR I 291 16.33 -32.18 -29.98
C THR I 291 15.25 -31.63 -30.89
N SER I 292 15.58 -30.67 -31.75
CA SER I 292 14.60 -30.16 -32.70
C SER I 292 14.46 -31.07 -33.90
N GLN I 293 15.52 -31.78 -34.27
CA GLN I 293 15.44 -32.70 -35.40
C GLN I 293 14.95 -34.07 -34.98
N GLY I 294 15.07 -34.42 -33.71
CA GLY I 294 14.67 -35.74 -33.26
C GLY I 294 15.55 -36.86 -33.76
N LYS I 295 16.76 -36.55 -34.20
CA LYS I 295 17.67 -37.51 -34.79
C LYS I 295 19.03 -37.34 -34.14
N ALA I 296 19.63 -38.46 -33.74
CA ALA I 296 20.96 -38.46 -33.16
C ALA I 296 21.97 -38.76 -34.26
N TYR I 297 22.68 -37.72 -34.71
CA TYR I 297 23.90 -37.92 -35.47
C TYR I 297 24.99 -38.39 -34.53
N ARG I 298 26.14 -38.75 -35.13
CA ARG I 298 27.27 -39.37 -34.43
C ARG I 298 26.85 -40.61 -33.66
N GLN I 299 26.34 -41.58 -34.40
CA GLN I 299 25.86 -42.80 -33.78
C GLN I 299 27.02 -43.70 -33.42
N PRO I 300 26.83 -44.65 -32.50
CA PRO I 300 27.89 -45.62 -32.22
C PRO I 300 27.99 -46.74 -33.24
N LYS I 301 27.04 -46.86 -34.17
CA LYS I 301 27.22 -47.81 -35.27
C LYS I 301 28.32 -47.36 -36.21
N GLN I 302 28.53 -46.05 -36.32
CA GLN I 302 29.76 -45.49 -36.85
C GLN I 302 30.71 -45.24 -35.70
N LYS I 303 31.99 -45.07 -36.01
CA LYS I 303 32.96 -44.84 -34.94
C LYS I 303 33.21 -43.35 -34.74
N LEU I 304 32.15 -42.57 -34.55
CA LEU I 304 32.29 -41.12 -34.51
C LEU I 304 31.49 -40.47 -33.40
N ASP I 305 31.21 -41.20 -32.32
CA ASP I 305 30.65 -40.56 -31.15
C ASP I 305 31.78 -40.28 -30.16
N PHE I 306 31.44 -39.64 -29.04
CA PHE I 306 32.45 -39.16 -28.11
C PHE I 306 33.11 -40.30 -27.35
N TYR I 307 32.36 -41.37 -27.05
CA TYR I 307 32.91 -42.46 -26.25
C TYR I 307 33.91 -43.28 -27.04
N THR I 308 33.57 -43.62 -28.28
CA THR I 308 34.49 -44.40 -29.10
C THR I 308 35.74 -43.60 -29.44
N LEU I 309 35.58 -42.30 -29.72
CA LEU I 309 36.74 -41.48 -30.03
C LEU I 309 37.62 -41.25 -28.81
N LEU I 310 37.04 -41.07 -27.64
CA LEU I 310 37.84 -40.89 -26.44
C LEU I 310 38.52 -42.19 -26.02
N ASP I 311 37.86 -43.33 -26.19
CA ASP I 311 38.50 -44.61 -25.93
C ASP I 311 39.65 -44.87 -26.89
N ASN I 312 39.47 -44.59 -28.18
CA ASN I 312 40.55 -44.78 -29.15
C ASN I 312 41.70 -43.81 -28.89
N TRP I 313 41.40 -42.59 -28.47
CA TRP I 313 42.45 -41.60 -28.29
C TRP I 313 43.23 -41.84 -27.00
N VAL I 314 42.55 -42.12 -25.90
CA VAL I 314 43.23 -42.24 -24.62
C VAL I 314 43.73 -43.66 -24.38
N LEU I 315 42.88 -44.65 -24.63
CA LEU I 315 43.24 -46.03 -24.30
C LEU I 315 44.31 -46.57 -25.24
N ARG I 316 44.00 -46.66 -26.53
CA ARG I 316 44.88 -47.32 -27.47
C ARG I 316 45.60 -46.34 -28.40
N ASP I 317 45.55 -45.05 -28.07
CA ASP I 317 46.34 -43.98 -28.73
C ASP I 317 46.04 -43.83 -30.21
N GLU I 318 44.91 -44.35 -30.69
CA GLU I 318 44.46 -44.06 -32.04
C GLU I 318 43.87 -42.66 -32.00
N ALA I 319 44.71 -41.67 -32.22
CA ALA I 319 44.24 -40.30 -32.24
C ALA I 319 43.39 -40.08 -33.49
N PRO I 320 42.24 -39.47 -33.37
CA PRO I 320 41.43 -39.19 -34.56
C PRO I 320 41.97 -38.05 -35.39
N ALA I 321 41.21 -37.61 -36.38
CA ALA I 321 41.54 -36.38 -37.08
C ALA I 321 41.40 -35.19 -36.15
N VAL I 322 41.88 -34.03 -36.62
CA VAL I 322 41.88 -32.84 -35.78
C VAL I 322 40.46 -32.36 -35.52
N GLU I 323 39.54 -32.65 -36.43
CA GLU I 323 38.16 -32.24 -36.27
C GLU I 323 37.45 -33.06 -35.20
N GLN I 324 37.62 -34.37 -35.22
CA GLN I 324 36.99 -35.19 -34.21
C GLN I 324 37.64 -35.02 -32.85
N GLN I 325 38.91 -34.64 -32.81
CA GLN I 325 39.48 -34.36 -31.50
C GLN I 325 39.13 -32.96 -31.01
N HIS I 326 38.82 -32.03 -31.91
CA HIS I 326 38.09 -30.81 -31.51
C HIS I 326 36.76 -31.16 -30.88
N TYR I 327 36.04 -32.12 -31.45
CA TYR I 327 34.75 -32.52 -30.90
C TYR I 327 34.89 -33.18 -29.53
N VAL I 328 35.95 -33.97 -29.36
CA VAL I 328 36.21 -34.63 -28.08
C VAL I 328 36.52 -33.61 -26.99
N ILE I 329 37.44 -32.68 -27.29
CA ILE I 329 37.79 -31.66 -26.30
C ILE I 329 36.62 -30.69 -26.07
N ALA I 330 35.76 -30.51 -27.08
CA ALA I 330 34.55 -29.72 -26.89
C ALA I 330 33.57 -30.40 -25.97
N ASN I 331 33.51 -31.74 -25.99
CA ASN I 331 32.72 -32.46 -25.00
C ASN I 331 33.31 -32.35 -23.61
N LEU I 332 34.64 -32.36 -23.51
CA LEU I 332 35.27 -32.20 -22.20
C LEU I 332 35.05 -30.81 -21.63
N ILE I 333 34.95 -29.81 -22.50
CA ILE I 333 34.54 -28.48 -22.07
C ILE I 333 33.05 -28.46 -21.75
N ARG I 334 32.27 -29.27 -22.45
CA ARG I 334 30.83 -29.31 -22.27
C ARG I 334 30.43 -29.93 -20.95
N GLY I 335 31.22 -30.88 -20.46
CA GLY I 335 30.86 -31.61 -19.28
C GLY I 335 30.11 -32.87 -19.61
N GLY I 336 29.80 -33.63 -18.58
CA GLY I 336 29.02 -34.84 -18.73
C GLY I 336 29.39 -35.85 -17.68
N VAL I 337 28.50 -36.82 -17.48
CA VAL I 337 28.71 -37.91 -16.54
C VAL I 337 28.80 -39.19 -17.36
N PHE I 338 30.01 -39.68 -17.52
CA PHE I 338 30.32 -40.85 -18.33
C PHE I 338 30.70 -41.99 -17.41
N GLY I 339 30.77 -43.20 -17.95
CA GLY I 339 31.19 -44.31 -17.12
C GLY I 339 30.27 -45.51 -17.24
N GLU I 340 30.84 -46.69 -17.30
CA GLU I 340 30.08 -47.92 -17.41
C GLU I 340 29.91 -48.54 -16.02
N ALA I 341 29.28 -49.70 -15.96
CA ALA I 341 29.01 -50.36 -14.70
C ALA I 341 30.22 -51.16 -14.23
N THR J 3 -19.89 -38.33 -6.28
CA THR J 3 -20.75 -38.47 -5.11
C THR J 3 -20.08 -37.91 -3.86
N ILE J 4 -19.08 -37.06 -4.05
CA ILE J 4 -18.38 -36.40 -2.95
C ILE J 4 -19.24 -35.22 -2.50
N SER J 5 -19.65 -35.23 -1.24
CA SER J 5 -20.64 -34.28 -0.76
C SER J 5 -20.00 -32.93 -0.48
N LYS J 6 -20.82 -31.99 -0.03
CA LYS J 6 -20.34 -30.62 0.14
C LYS J 6 -19.57 -30.46 1.44
N THR J 7 -20.00 -31.12 2.51
CA THR J 7 -19.29 -30.94 3.78
C THR J 7 -17.95 -31.67 3.80
N ASP J 8 -17.76 -32.67 2.94
CA ASP J 8 -16.44 -33.27 2.83
C ASP J 8 -15.49 -32.37 2.05
N ILE J 9 -16.01 -31.53 1.17
CA ILE J 9 -15.20 -30.50 0.55
C ILE J 9 -14.94 -29.37 1.53
N ASP J 10 -15.92 -29.06 2.38
CA ASP J 10 -15.72 -28.07 3.44
C ASP J 10 -14.69 -28.51 4.47
N CYS J 11 -14.50 -29.82 4.64
CA CYS J 11 -13.46 -30.38 5.52
C CYS J 11 -12.07 -29.88 5.18
N TYR J 12 -11.78 -29.73 3.89
CA TYR J 12 -10.49 -29.25 3.46
C TYR J 12 -10.53 -27.80 3.02
N LEU J 13 -11.72 -27.23 2.86
CA LEU J 13 -11.86 -25.81 2.62
C LEU J 13 -11.76 -24.98 3.89
N GLN J 14 -12.02 -25.56 5.06
CA GLN J 14 -11.98 -24.78 6.30
C GLN J 14 -10.57 -24.40 6.72
N THR J 15 -9.55 -25.05 6.16
CA THR J 15 -8.20 -24.63 6.48
C THR J 15 -7.81 -23.34 5.79
N TYR J 16 -8.57 -22.91 4.80
CA TYR J 16 -8.31 -21.68 4.09
C TYR J 16 -8.93 -20.46 4.75
N VAL J 17 -9.72 -20.64 5.80
CA VAL J 17 -10.33 -19.51 6.47
C VAL J 17 -9.58 -19.26 7.78
N VAL J 18 -9.75 -18.07 8.34
CA VAL J 18 -9.20 -17.75 9.65
C VAL J 18 -10.25 -16.95 10.41
N ILE J 19 -10.52 -17.34 11.65
CA ILE J 19 -11.55 -16.68 12.44
C ILE J 19 -10.88 -15.88 13.54
N ASP J 20 -10.61 -14.62 13.29
CA ASP J 20 -9.92 -13.82 14.27
C ASP J 20 -10.89 -13.38 15.37
N PRO J 21 -10.44 -13.34 16.62
CA PRO J 21 -11.31 -12.85 17.71
C PRO J 21 -11.16 -11.34 17.86
N VAL J 22 -12.29 -10.64 17.77
CA VAL J 22 -12.36 -9.25 18.18
C VAL J 22 -13.24 -9.18 19.43
N SER J 23 -13.28 -8.00 20.06
CA SER J 23 -14.03 -7.87 21.30
C SER J 23 -15.54 -7.90 21.05
N ASN J 24 -15.98 -7.51 19.86
CA ASN J 24 -17.41 -7.57 19.54
C ASN J 24 -17.83 -9.01 19.26
N GLY J 25 -17.11 -9.70 18.39
CA GLY J 25 -17.48 -11.04 17.98
C GLY J 25 -16.34 -11.75 17.28
N TRP J 26 -16.66 -12.46 16.19
CA TRP J 26 -15.68 -13.23 15.44
C TRP J 26 -15.73 -12.82 13.98
N GLN J 27 -14.62 -12.29 13.48
CA GLN J 27 -14.53 -11.82 12.11
C GLN J 27 -13.74 -12.82 11.29
N TRP J 28 -14.37 -13.42 10.29
CA TRP J 28 -13.67 -14.41 9.49
C TRP J 28 -12.78 -13.72 8.46
N GLY J 29 -11.85 -14.51 7.91
CA GLY J 29 -10.93 -14.04 6.90
C GLY J 29 -10.58 -15.19 5.98
N ILE J 30 -9.63 -14.95 5.08
CA ILE J 30 -9.18 -15.94 4.12
C ILE J 30 -7.68 -16.09 4.25
N ASP J 31 -7.23 -17.34 4.45
CA ASP J 31 -5.82 -17.67 4.47
C ASP J 31 -5.45 -18.24 3.11
N GLU J 32 -4.58 -17.55 2.39
CA GLU J 32 -4.25 -17.98 1.03
C GLU J 32 -3.33 -19.19 1.02
N ASN J 33 -2.56 -19.42 2.07
CA ASN J 33 -1.66 -20.55 2.16
C ASN J 33 -2.34 -21.79 2.74
N GLY J 34 -3.58 -21.68 3.17
CA GLY J 34 -4.36 -22.85 3.53
C GLY J 34 -4.03 -23.46 4.87
N VAL J 35 -3.60 -22.67 5.84
CA VAL J 35 -3.21 -23.22 7.13
C VAL J 35 -3.94 -22.52 8.27
N GLY J 36 -5.08 -21.92 7.98
CA GLY J 36 -5.89 -21.32 9.03
C GLY J 36 -5.29 -20.08 9.66
N GLY J 37 -4.43 -19.37 8.95
CA GLY J 37 -3.83 -18.18 9.52
C GLY J 37 -2.75 -18.50 10.54
N ALA J 38 -1.84 -19.39 10.21
CA ALA J 38 -0.72 -19.71 11.08
C ALA J 38 0.23 -18.52 11.16
N LEU J 39 1.08 -18.54 12.19
CA LEU J 39 1.90 -17.36 12.47
C LEU J 39 3.05 -17.26 11.48
N HIS J 40 3.65 -18.39 11.11
CA HIS J 40 4.81 -18.36 10.24
C HIS J 40 4.50 -18.83 8.83
N HIS J 41 3.82 -19.97 8.68
CA HIS J 41 3.49 -20.49 7.36
C HIS J 41 2.20 -19.94 6.80
N GLY J 42 1.63 -18.91 7.41
CA GLY J 42 0.32 -18.43 7.02
C GLY J 42 0.31 -17.16 6.22
N ARG J 43 0.05 -17.25 4.92
CA ARG J 43 -0.12 -16.08 4.08
C ARG J 43 -1.58 -15.70 4.11
N VAL J 44 -1.97 -14.91 5.10
CA VAL J 44 -3.36 -14.50 5.22
C VAL J 44 -3.66 -13.43 4.19
N GLU J 45 -4.90 -13.41 3.70
CA GLU J 45 -5.32 -12.42 2.72
C GLU J 45 -5.91 -11.23 3.48
N MET J 46 -5.21 -10.11 3.44
CA MET J 46 -5.70 -8.86 3.96
C MET J 46 -6.18 -8.01 2.79
N VAL J 47 -7.15 -7.14 3.06
CA VAL J 47 -7.88 -6.49 2.00
C VAL J 47 -8.01 -5.01 2.31
N GLU J 48 -8.17 -4.20 1.27
CA GLU J 48 -8.33 -2.77 1.39
C GLU J 48 -9.81 -2.40 1.22
N GLY J 49 -10.35 -1.69 2.20
CA GLY J 49 -11.76 -1.36 2.20
C GLY J 49 -12.06 0.07 1.79
N GLU J 50 -13.03 0.68 2.48
CA GLU J 50 -13.49 2.01 2.07
C GLU J 50 -12.56 3.10 2.57
N ASN J 51 -12.43 3.23 3.89
CA ASN J 51 -11.67 4.31 4.51
C ASN J 51 -10.62 3.73 5.45
N GLY J 52 -9.47 3.37 4.89
CA GLY J 52 -8.35 2.87 5.67
C GLY J 52 -8.58 1.52 6.32
N TYR J 53 -9.45 0.68 5.75
CA TYR J 53 -9.74 -0.63 6.29
C TYR J 53 -8.69 -1.60 5.79
N PHE J 54 -7.86 -2.11 6.70
CA PHE J 54 -6.89 -3.16 6.40
C PHE J 54 -7.06 -4.22 7.46
N GLY J 55 -7.99 -5.13 7.22
CA GLY J 55 -8.25 -6.22 8.13
C GLY J 55 -8.70 -7.42 7.35
N LEU J 56 -9.34 -8.37 8.01
CA LEU J 56 -9.85 -9.54 7.32
C LEU J 56 -11.12 -9.17 6.56
N ARG J 57 -11.22 -9.71 5.34
CA ARG J 57 -12.48 -9.68 4.60
C ARG J 57 -13.47 -10.54 5.37
N GLY J 58 -14.46 -9.91 5.99
CA GLY J 58 -15.41 -10.68 6.76
C GLY J 58 -16.22 -9.86 7.73
N ALA J 59 -17.51 -10.16 7.82
CA ALA J 59 -18.38 -9.45 8.75
C ALA J 59 -18.15 -9.93 10.17
N THR J 60 -18.23 -9.02 11.12
CA THR J 60 -18.11 -9.37 12.53
C THR J 60 -19.38 -10.06 12.98
N HIS J 61 -19.33 -11.37 13.04
CA HIS J 61 -20.46 -12.22 13.41
C HIS J 61 -20.49 -12.45 14.90
N PRO J 62 -21.65 -12.79 15.48
CA PRO J 62 -21.70 -13.03 16.94
C PRO J 62 -21.02 -14.32 17.36
N THR J 63 -21.18 -15.40 16.61
CA THR J 63 -20.62 -16.69 16.98
C THR J 63 -19.67 -17.16 15.89
N GLU J 64 -18.76 -18.07 16.28
CA GLU J 64 -17.82 -18.63 15.32
C GLU J 64 -18.54 -19.55 14.33
N LYS J 65 -19.66 -20.14 14.75
CA LYS J 65 -20.43 -21.02 13.88
C LYS J 65 -20.99 -20.30 12.67
N GLU J 66 -21.28 -19.00 12.82
CA GLU J 66 -21.82 -18.21 11.73
C GLU J 66 -20.75 -17.48 10.94
N ALA J 67 -19.65 -17.09 11.59
CA ALA J 67 -18.53 -16.50 10.85
C ALA J 67 -17.87 -17.52 9.94
N MET J 68 -17.68 -18.76 10.44
CA MET J 68 -17.15 -19.82 9.60
C MET J 68 -18.10 -20.17 8.47
N ALA J 69 -19.41 -20.10 8.73
CA ALA J 69 -20.40 -20.40 7.70
C ALA J 69 -20.42 -19.33 6.62
N ALA J 70 -20.28 -18.06 7.01
CA ALA J 70 -20.18 -16.99 6.03
C ALA J 70 -18.88 -17.07 5.24
N ALA J 71 -17.81 -17.53 5.89
CA ALA J 71 -16.53 -17.74 5.20
C ALA J 71 -16.65 -18.83 4.15
N LEU J 72 -17.26 -19.96 4.52
CA LEU J 72 -17.45 -21.07 3.59
C LEU J 72 -18.39 -20.68 2.45
N GLY J 73 -19.40 -19.86 2.75
CA GLY J 73 -20.29 -19.38 1.71
C GLY J 73 -19.61 -18.43 0.74
N TYR J 74 -18.72 -17.57 1.26
CA TYR J 74 -17.95 -16.70 0.38
C TYR J 74 -17.01 -17.51 -0.49
N LEU J 75 -16.35 -18.51 0.09
CA LEU J 75 -15.42 -19.34 -0.66
C LEU J 75 -16.15 -20.13 -1.75
N TRP J 76 -17.36 -20.59 -1.45
CA TRP J 76 -18.12 -21.32 -2.45
C TRP J 76 -18.67 -20.42 -3.53
N LYS J 77 -19.02 -19.17 -3.20
CA LYS J 77 -19.55 -18.27 -4.22
C LYS J 77 -18.46 -17.74 -5.13
N CYS J 78 -17.38 -17.23 -4.57
CA CYS J 78 -16.44 -16.40 -5.34
C CYS J 78 -15.14 -17.11 -5.72
N ARG J 79 -14.43 -17.68 -4.76
CA ARG J 79 -13.10 -18.23 -5.00
C ARG J 79 -13.22 -19.73 -5.24
N GLN J 80 -13.35 -20.12 -6.50
CA GLN J 80 -13.54 -21.52 -6.87
C GLN J 80 -12.24 -22.27 -7.10
N ASP J 81 -11.09 -21.60 -7.05
CA ASP J 81 -9.83 -22.30 -7.14
C ASP J 81 -9.50 -23.02 -5.84
N LEU J 82 -9.74 -22.36 -4.70
CA LEU J 82 -9.60 -23.01 -3.41
C LEU J 82 -10.66 -24.10 -3.24
N VAL J 83 -11.81 -23.93 -3.87
CA VAL J 83 -12.83 -24.97 -3.87
C VAL J 83 -12.38 -26.17 -4.70
N ALA J 84 -11.66 -25.94 -5.80
CA ALA J 84 -11.13 -27.06 -6.58
C ALA J 84 -10.00 -27.77 -5.83
N ILE J 85 -9.20 -27.01 -5.07
CA ILE J 85 -8.20 -27.59 -4.18
C ILE J 85 -8.84 -28.51 -3.16
N ALA J 86 -9.90 -28.02 -2.49
CA ALA J 86 -10.59 -28.82 -1.49
C ALA J 86 -11.34 -29.98 -2.11
N ARG J 87 -11.78 -29.84 -3.36
CA ARG J 87 -12.45 -30.93 -4.07
C ARG J 87 -11.49 -32.08 -4.33
N ASN J 88 -10.29 -31.75 -4.84
CA ASN J 88 -9.31 -32.80 -5.10
C ASN J 88 -8.79 -33.41 -3.81
N ASP J 89 -8.69 -32.62 -2.73
CA ASP J 89 -8.34 -33.16 -1.42
C ASP J 89 -9.38 -34.15 -0.92
N ALA J 90 -10.67 -33.81 -1.09
CA ALA J 90 -11.74 -34.70 -0.66
C ALA J 90 -11.80 -35.97 -1.50
N ILE J 91 -11.49 -35.86 -2.80
CA ILE J 91 -11.47 -37.04 -3.66
C ILE J 91 -10.32 -37.97 -3.29
N GLU J 92 -9.15 -37.40 -3.00
CA GLU J 92 -8.03 -38.22 -2.55
C GLU J 92 -8.27 -38.83 -1.18
N ALA J 93 -9.04 -38.15 -0.31
CA ALA J 93 -9.37 -38.73 0.98
C ALA J 93 -10.35 -39.88 0.84
N GLU J 94 -11.31 -39.76 -0.07
CA GLU J 94 -12.25 -40.85 -0.31
C GLU J 94 -11.55 -42.06 -0.93
N LYS J 95 -10.60 -41.80 -1.84
CA LYS J 95 -9.82 -42.90 -2.41
C LYS J 95 -8.91 -43.54 -1.37
N TYR J 96 -8.42 -42.75 -0.42
CA TYR J 96 -7.60 -43.30 0.66
C TYR J 96 -8.41 -44.21 1.56
N ARG J 97 -9.65 -43.83 1.88
CA ARG J 97 -10.46 -44.71 2.72
C ARG J 97 -10.97 -45.90 1.92
N ALA J 98 -11.07 -45.77 0.60
CA ALA J 98 -11.28 -46.95 -0.23
C ALA J 98 -10.07 -47.87 -0.23
N LYS J 99 -8.87 -47.32 -0.07
CA LYS J 99 -7.65 -48.12 0.01
C LYS J 99 -7.33 -48.52 1.46
N ALA J 100 -7.14 -47.53 2.33
CA ALA J 100 -6.78 -47.78 3.71
C ALA J 100 -7.69 -47.03 4.67
#